data_6FP6
#
_entry.id   6FP6
#
_cell.length_a   181.054
_cell.length_b   181.054
_cell.length_c   141.102
_cell.angle_alpha   90.00
_cell.angle_beta   90.00
_cell.angle_gamma   120.00
#
_symmetry.space_group_name_H-M   'P 32'
#
loop_
_entity.id
_entity.type
_entity.pdbx_description
1 polymer 'Superoxide dismutase [Cu-Zn]'
2 polymer 'Copper chaperone for superoxide dismutase'
3 non-polymer 'ZINC ION'
4 non-polymer 'PROPANOIC ACID'
5 non-polymer GLYCEROL
6 water water
#
loop_
_entity_poly.entity_id
_entity_poly.type
_entity_poly.pdbx_seq_one_letter_code
_entity_poly.pdbx_strand_id
1 'polypeptide(L)'
;ATKAVCVLKGDGPVQGIINFEQKESNGPVKVWGSIKGLTEGLHGFHVHEFGDNTAGATSAGPHFNPLSRKHGGPKDEERH
VGDLGNVTADKDGVADVSIEDSVISLSGDHCIIGRTLVVHEKADDLGKGGNEESTKTGNAGSRLAAGVIGIAQ
;
A,C,E,G,I,K,M,O,Q,S,U,W
2 'polypeptide(L)'
;MASDSGNQGTLATLEFAVQMTAQSAVDAVRKSLQGVAGVQDVEVHLEDQMVLVHTTLPSQEVQALLEGTGRQAVLKGMGS
GQLQNLGAAVAILGGPGTVQGVVRFLQLTPERCLIEGTIDGLEPGLHGLHVHQYGDLTNNCNSCGNHFNPDGASHGGPQD
SDRHRGDLGNVRADADGRAIFRMEDEQLKVWDVIGRSLIIDEGEDDLGRGGHPLSKITGNSGERLACGIIARSAGLFQNP
KQICSCDGLTIWEERGRPIAGKGRKESAQPPAHL
;
B,D,F,H,J,L,N,P,R,T,V,X
#
loop_
_chem_comp.id
_chem_comp.type
_chem_comp.name
_chem_comp.formula
GOL non-polymer GLYCEROL 'C3 H8 O3'
PPI non-polymer 'PROPANOIC ACID' 'C3 H6 O2'
ZN non-polymer 'ZINC ION' 'Zn 2'
#
# COMPACT_ATOMS: atom_id res chain seq x y z
N ALA A 1 -25.56 0.64 -3.61
CA ALA A 1 -26.27 1.88 -3.15
C ALA A 1 -25.41 2.65 -2.13
N THR A 2 -25.46 3.97 -2.23
CA THR A 2 -24.68 4.85 -1.36
C THR A 2 -25.36 5.18 -0.01
N LYS A 3 -26.69 5.16 0.04
CA LYS A 3 -27.45 5.31 1.29
C LYS A 3 -28.49 4.22 1.47
N ALA A 4 -28.92 4.03 2.72
CA ALA A 4 -29.95 3.06 3.07
C ALA A 4 -30.68 3.47 4.34
N VAL A 5 -31.90 2.94 4.52
CA VAL A 5 -32.75 3.34 5.65
C VAL A 5 -33.60 2.18 6.13
N CYS A 6 -33.90 2.15 7.42
CA CYS A 6 -34.73 1.09 8.03
C CYS A 6 -35.73 1.69 9.01
N VAL A 7 -36.97 1.24 8.95
CA VAL A 7 -38.06 1.71 9.81
C VAL A 7 -38.44 0.56 10.75
N LEU A 8 -38.01 0.66 12.00
CA LEU A 8 -38.21 -0.37 13.00
C LEU A 8 -39.59 -0.24 13.62
N LYS A 9 -40.38 -1.33 13.57
CA LYS A 9 -41.73 -1.38 14.13
C LYS A 9 -41.93 -2.66 14.92
N GLY A 10 -42.88 -2.64 15.85
CA GLY A 10 -43.20 -3.82 16.65
C GLY A 10 -44.60 -3.80 17.22
N ASP A 11 -44.91 -4.84 18.01
CA ASP A 11 -46.20 -4.97 18.71
C ASP A 11 -46.30 -3.97 19.86
N GLY A 12 -45.21 -3.85 20.62
CA GLY A 12 -45.14 -2.92 21.75
C GLY A 12 -44.94 -1.47 21.34
N PRO A 13 -44.53 -0.62 22.30
CA PRO A 13 -44.35 0.80 22.03
C PRO A 13 -43.05 1.16 21.28
N VAL A 14 -42.15 0.18 21.11
CA VAL A 14 -40.84 0.42 20.51
C VAL A 14 -40.98 0.70 19.01
N GLN A 15 -40.48 1.86 18.60
CA GLN A 15 -40.38 2.23 17.19
C GLN A 15 -39.17 3.14 16.94
N GLY A 16 -38.66 3.12 15.71
CA GLY A 16 -37.48 3.91 15.35
C GLY A 16 -37.18 3.94 13.85
N ILE A 17 -36.26 4.83 13.48
CA ILE A 17 -35.77 4.95 12.11
C ILE A 17 -34.26 4.98 12.16
N ILE A 18 -33.62 4.22 11.27
CA ILE A 18 -32.16 4.10 11.23
C ILE A 18 -31.67 4.36 9.81
N ASN A 19 -30.69 5.25 9.69
CA ASN A 19 -30.05 5.59 8.43
C ASN A 19 -28.68 4.95 8.32
N PHE A 20 -28.30 4.62 7.09
CA PHE A 20 -26.98 4.11 6.77
C PHE A 20 -26.41 4.96 5.64
N GLU A 21 -25.13 5.29 5.71
CA GLU A 21 -24.45 5.97 4.62
C GLU A 21 -23.01 5.46 4.49
N GLN A 22 -22.63 5.16 3.25
CA GLN A 22 -21.30 4.68 2.92
C GLN A 22 -20.79 5.44 1.70
N LYS A 23 -19.94 6.44 1.93
CA LYS A 23 -19.39 7.26 0.84
C LYS A 23 -18.19 6.59 0.15
N GLU A 24 -17.44 5.76 0.88
CA GLU A 24 -16.30 4.99 0.33
C GLU A 24 -16.68 3.57 -0.03
N SER A 25 -16.19 3.08 -1.16
CA SER A 25 -16.35 1.68 -1.53
C SER A 25 -15.69 0.80 -0.48
N ASN A 26 -16.46 -0.11 0.10
CA ASN A 26 -16.00 -0.95 1.22
C ASN A 26 -15.52 -0.14 2.44
N GLY A 27 -16.02 1.10 2.57
CA GLY A 27 -15.53 2.01 3.61
C GLY A 27 -16.29 1.83 4.89
N PRO A 28 -16.15 2.79 5.83
CA PRO A 28 -17.01 2.80 7.00
C PRO A 28 -18.46 3.14 6.63
N VAL A 29 -19.39 2.54 7.35
CA VAL A 29 -20.81 2.82 7.20
C VAL A 29 -21.25 3.62 8.42
N LYS A 30 -21.73 4.83 8.18
CA LYS A 30 -22.32 5.65 9.24
C LYS A 30 -23.71 5.08 9.52
N VAL A 31 -23.96 4.58 10.74
CA VAL A 31 -25.30 4.15 11.17
C VAL A 31 -25.83 5.13 12.21
N TRP A 32 -26.79 5.98 11.82
CA TRP A 32 -27.38 6.92 12.76
C TRP A 32 -28.91 6.92 12.74
N GLY A 33 -29.49 7.37 13.84
CA GLY A 33 -30.93 7.46 13.97
C GLY A 33 -31.38 7.55 15.41
N SER A 34 -32.63 7.14 15.64
CA SER A 34 -33.21 7.15 16.98
C SER A 34 -34.29 6.08 17.14
N ILE A 35 -34.27 5.39 18.27
CA ILE A 35 -35.33 4.43 18.65
C ILE A 35 -35.94 4.91 19.96
N LYS A 36 -37.26 4.88 20.05
CA LYS A 36 -37.98 5.33 21.26
C LYS A 36 -38.86 4.21 21.82
N GLY A 37 -39.29 4.41 23.07
CA GLY A 37 -40.11 3.42 23.78
C GLY A 37 -39.37 2.20 24.30
N LEU A 38 -38.04 2.31 24.43
CA LEU A 38 -37.23 1.24 25.03
C LEU A 38 -37.20 1.46 26.54
N THR A 39 -36.84 0.40 27.27
CA THR A 39 -36.51 0.54 28.70
C THR A 39 -35.12 1.15 28.80
N GLU A 40 -34.85 1.85 29.89
CA GLU A 40 -33.54 2.48 30.08
C GLU A 40 -32.48 1.40 30.17
N GLY A 41 -31.42 1.51 29.37
CA GLY A 41 -30.30 0.57 29.40
C GLY A 41 -29.87 0.09 28.04
N LEU A 42 -28.97 -0.89 28.02
CA LEU A 42 -28.39 -1.44 26.79
C LEU A 42 -29.37 -2.41 26.12
N HIS A 43 -29.55 -2.25 24.81
CA HIS A 43 -30.43 -3.12 24.02
C HIS A 43 -29.66 -3.64 22.82
N GLY A 44 -29.63 -4.97 22.67
CA GLY A 44 -29.01 -5.63 21.53
C GLY A 44 -29.54 -5.13 20.20
N PHE A 45 -28.66 -5.11 19.20
CA PHE A 45 -28.88 -4.38 17.95
C PHE A 45 -28.17 -5.13 16.83
N HIS A 46 -28.93 -5.91 16.06
CA HIS A 46 -28.35 -6.88 15.12
C HIS A 46 -29.03 -6.87 13.76
N VAL A 47 -28.25 -7.21 12.74
CA VAL A 47 -28.74 -7.44 11.37
C VAL A 47 -28.86 -8.94 11.14
N HIS A 48 -30.03 -9.39 10.70
CA HIS A 48 -30.27 -10.81 10.40
C HIS A 48 -29.85 -11.16 8.97
N GLU A 49 -29.73 -12.46 8.69
CA GLU A 49 -29.29 -12.92 7.36
C GLU A 49 -30.29 -12.61 6.26
N PHE A 50 -31.59 -12.69 6.57
CA PHE A 50 -32.66 -12.45 5.62
C PHE A 50 -33.55 -11.31 6.05
N GLY A 51 -34.20 -10.66 5.09
CA GLY A 51 -35.21 -9.64 5.36
C GLY A 51 -36.65 -10.14 5.33
N ASP A 52 -36.83 -11.44 5.13
CA ASP A 52 -38.14 -12.06 5.12
C ASP A 52 -38.66 -12.09 6.53
N ASN A 53 -39.79 -11.41 6.77
CA ASN A 53 -40.44 -11.37 8.08
C ASN A 53 -41.87 -11.89 8.05
N THR A 54 -42.14 -12.86 7.17
CA THR A 54 -43.47 -13.47 7.04
C THR A 54 -43.79 -14.44 8.19
N ALA A 55 -42.76 -14.89 8.91
CA ALA A 55 -42.94 -15.68 10.12
C ALA A 55 -41.96 -15.24 11.21
N GLY A 56 -41.77 -13.92 11.33
CA GLY A 56 -40.93 -13.35 12.38
C GLY A 56 -39.45 -13.69 12.23
N ALA A 57 -38.80 -14.01 13.35
CA ALA A 57 -37.37 -14.36 13.35
C ALA A 57 -37.06 -15.73 12.74
N THR A 58 -38.07 -16.57 12.55
CA THR A 58 -37.91 -17.86 11.86
C THR A 58 -37.47 -17.63 10.41
N SER A 59 -38.26 -16.83 9.68
CA SER A 59 -37.98 -16.50 8.28
C SER A 59 -36.82 -15.49 8.12
N ALA A 60 -36.54 -14.72 9.17
CA ALA A 60 -35.40 -13.79 9.19
C ALA A 60 -34.03 -14.46 9.21
N GLY A 61 -33.99 -15.73 9.67
CA GLY A 61 -32.75 -16.48 9.76
C GLY A 61 -31.92 -16.11 10.97
N PRO A 62 -30.69 -16.66 11.07
CA PRO A 62 -29.76 -16.27 12.14
C PRO A 62 -29.09 -14.94 11.81
N HIS A 63 -28.25 -14.47 12.72
CA HIS A 63 -27.53 -13.21 12.51
C HIS A 63 -26.69 -13.29 11.23
N PHE A 64 -26.71 -12.23 10.43
CA PHE A 64 -26.00 -12.19 9.14
C PHE A 64 -24.53 -12.58 9.34
N ASN A 65 -24.11 -13.66 8.69
CA ASN A 65 -22.85 -14.32 9.01
C ASN A 65 -22.22 -15.08 7.82
N PRO A 66 -21.78 -14.34 6.79
CA PRO A 66 -21.19 -14.97 5.62
C PRO A 66 -19.81 -15.57 5.85
N LEU A 67 -19.14 -15.24 6.96
CA LEU A 67 -17.83 -15.83 7.30
C LEU A 67 -17.90 -16.93 8.39
N SER A 68 -19.11 -17.40 8.71
CA SER A 68 -19.32 -18.53 9.64
C SER A 68 -18.58 -18.42 10.99
N ARG A 69 -18.47 -17.20 11.50
CA ARG A 69 -17.83 -16.97 12.80
C ARG A 69 -18.84 -17.22 13.92
N LYS A 70 -18.37 -17.11 15.15
CA LYS A 70 -19.24 -17.09 16.32
C LYS A 70 -19.58 -15.64 16.67
N HIS A 71 -20.54 -15.46 17.56
CA HIS A 71 -21.01 -14.12 17.96
C HIS A 71 -19.94 -13.37 18.78
N GLY A 72 -19.77 -12.08 18.48
CA GLY A 72 -18.96 -11.17 19.29
C GLY A 72 -19.54 -9.77 19.28
N GLY A 73 -18.83 -8.85 19.90
CA GLY A 73 -19.17 -7.42 19.84
C GLY A 73 -18.70 -6.83 18.53
N PRO A 74 -19.10 -5.58 18.23
CA PRO A 74 -18.65 -4.92 17.00
C PRO A 74 -17.14 -4.80 16.86
N LYS A 75 -16.46 -4.54 17.97
CA LYS A 75 -15.00 -4.35 17.97
C LYS A 75 -14.21 -5.67 17.97
N ASP A 76 -14.88 -6.78 18.23
CA ASP A 76 -14.25 -8.11 18.18
C ASP A 76 -13.91 -8.52 16.73
N GLU A 77 -12.84 -9.28 16.58
CA GLU A 77 -12.44 -9.84 15.28
C GLU A 77 -13.24 -11.10 14.98
N GLU A 78 -13.49 -11.90 16.02
CA GLU A 78 -14.41 -13.03 15.96
C GLU A 78 -15.85 -12.54 16.23
N ARG A 79 -16.53 -12.13 15.16
CA ARG A 79 -17.92 -11.64 15.24
C ARG A 79 -18.71 -12.04 14.01
N HIS A 80 -20.05 -12.05 14.13
CA HIS A 80 -20.92 -12.10 12.94
C HIS A 80 -20.91 -10.72 12.30
N VAL A 81 -21.13 -10.66 11.00
CA VAL A 81 -21.18 -9.36 10.28
C VAL A 81 -22.34 -8.49 10.80
N GLY A 82 -23.47 -9.13 11.12
CA GLY A 82 -24.60 -8.42 11.69
C GLY A 82 -24.53 -8.05 13.17
N ASP A 83 -23.37 -8.22 13.81
CA ASP A 83 -23.23 -7.89 15.23
C ASP A 83 -22.87 -6.42 15.45
N LEU A 84 -23.89 -5.58 15.65
CA LEU A 84 -23.68 -4.16 15.94
C LEU A 84 -23.87 -3.80 17.41
N GLY A 85 -23.69 -4.79 18.30
CA GLY A 85 -23.60 -4.54 19.74
C GLY A 85 -24.89 -4.08 20.39
N ASN A 86 -24.78 -3.08 21.27
CA ASN A 86 -25.92 -2.51 21.98
C ASN A 86 -26.07 -1.03 21.66
N VAL A 87 -27.31 -0.60 21.44
CA VAL A 87 -27.66 0.82 21.55
C VAL A 87 -28.09 1.07 22.99
N THR A 88 -27.95 2.32 23.45
CA THR A 88 -28.27 2.70 24.84
C THR A 88 -29.46 3.66 24.88
N ALA A 89 -30.53 3.25 25.55
CA ALA A 89 -31.68 4.13 25.78
C ALA A 89 -31.47 4.95 27.06
N ASP A 90 -31.92 6.20 27.03
CA ASP A 90 -31.90 7.10 28.20
C ASP A 90 -33.12 6.83 29.12
N LYS A 91 -33.18 7.55 30.24
CA LYS A 91 -34.33 7.44 31.18
C LYS A 91 -35.70 7.65 30.53
N ASP A 92 -35.77 8.48 29.48
CA ASP A 92 -37.02 8.67 28.73
C ASP A 92 -37.31 7.58 27.68
N GLY A 93 -36.47 6.55 27.62
CA GLY A 93 -36.64 5.45 26.67
C GLY A 93 -36.12 5.71 25.26
N VAL A 94 -35.38 6.79 25.07
CA VAL A 94 -34.86 7.19 23.76
C VAL A 94 -33.38 6.78 23.62
N ALA A 95 -33.10 5.92 22.64
CA ALA A 95 -31.73 5.58 22.24
C ALA A 95 -31.39 6.33 20.95
N ASP A 96 -30.52 7.33 21.05
CA ASP A 96 -29.96 8.00 19.87
C ASP A 96 -28.78 7.17 19.38
N VAL A 97 -28.95 6.54 18.20
CA VAL A 97 -27.95 5.63 17.65
C VAL A 97 -26.93 6.41 16.86
N SER A 98 -25.66 6.18 17.14
CA SER A 98 -24.56 6.75 16.37
C SER A 98 -23.43 5.75 16.39
N ILE A 99 -23.13 5.17 15.22
CA ILE A 99 -22.23 4.04 15.10
C ILE A 99 -21.44 4.24 13.81
N GLU A 100 -20.20 3.79 13.82
CA GLU A 100 -19.40 3.62 12.61
C GLU A 100 -18.97 2.16 12.60
N ASP A 101 -19.00 1.53 11.43
CA ASP A 101 -18.64 0.12 11.31
C ASP A 101 -18.16 -0.19 9.89
N SER A 102 -17.05 -0.91 9.79
CA SER A 102 -16.43 -1.29 8.51
C SER A 102 -16.63 -2.76 8.13
N VAL A 103 -17.12 -3.58 9.05
CA VAL A 103 -17.40 -4.99 8.78
C VAL A 103 -18.68 -5.12 7.95
N ILE A 104 -19.70 -4.33 8.28
CA ILE A 104 -20.87 -4.18 7.42
C ILE A 104 -20.54 -3.28 6.22
N SER A 105 -21.32 -3.45 5.15
CA SER A 105 -21.19 -2.62 3.95
C SER A 105 -22.56 -2.48 3.29
N LEU A 106 -22.66 -1.58 2.31
CA LEU A 106 -23.85 -1.44 1.47
C LEU A 106 -23.59 -1.95 0.04
N SER A 107 -22.52 -2.73 -0.12
CA SER A 107 -22.22 -3.44 -1.34
C SER A 107 -21.35 -4.64 -1.02
N GLY A 108 -21.32 -5.61 -1.92
CA GLY A 108 -20.45 -6.78 -1.79
C GLY A 108 -20.99 -7.82 -0.84
N ASP A 109 -20.12 -8.74 -0.44
CA ASP A 109 -20.53 -9.91 0.33
C ASP A 109 -20.96 -9.64 1.76
N HIS A 110 -20.74 -8.42 2.26
CA HIS A 110 -21.28 -7.98 3.54
C HIS A 110 -22.41 -6.96 3.37
N CYS A 111 -23.07 -6.95 2.20
CA CYS A 111 -24.16 -6.01 1.93
C CYS A 111 -25.31 -6.33 2.87
N ILE A 112 -25.78 -5.32 3.60
CA ILE A 112 -26.86 -5.47 4.60
C ILE A 112 -28.22 -4.98 4.10
N ILE A 113 -28.25 -4.43 2.90
CA ILE A 113 -29.49 -4.07 2.23
C ILE A 113 -30.29 -5.34 1.96
N GLY A 114 -31.60 -5.24 2.14
CA GLY A 114 -32.50 -6.39 2.00
C GLY A 114 -32.62 -7.29 3.21
N ARG A 115 -31.99 -6.92 4.32
CA ARG A 115 -31.93 -7.76 5.51
C ARG A 115 -32.60 -7.06 6.69
N THR A 116 -33.11 -7.86 7.62
CA THR A 116 -33.85 -7.32 8.75
C THR A 116 -32.90 -6.80 9.83
N LEU A 117 -33.14 -5.57 10.26
CA LEU A 117 -32.47 -4.97 11.43
C LEU A 117 -33.39 -5.17 12.59
N VAL A 118 -32.86 -5.61 13.73
CA VAL A 118 -33.66 -5.89 14.92
C VAL A 118 -33.09 -5.14 16.12
N VAL A 119 -33.97 -4.55 16.93
CA VAL A 119 -33.61 -4.09 18.28
C VAL A 119 -34.22 -5.05 19.30
N HIS A 120 -33.38 -5.54 20.20
CA HIS A 120 -33.72 -6.67 21.08
C HIS A 120 -34.02 -6.21 22.49
N GLU A 121 -34.57 -7.13 23.27
CA GLU A 121 -35.10 -6.83 24.61
C GLU A 121 -34.02 -6.49 25.65
N LYS A 122 -33.09 -7.41 25.84
CA LYS A 122 -32.05 -7.31 26.87
C LYS A 122 -30.74 -6.84 26.26
N ALA A 123 -29.73 -6.68 27.10
CA ALA A 123 -28.38 -6.37 26.63
C ALA A 123 -27.78 -7.58 25.94
N ASP A 124 -27.14 -7.33 24.80
CA ASP A 124 -26.31 -8.32 24.11
C ASP A 124 -25.04 -8.47 24.93
N ASP A 125 -24.74 -9.69 25.39
CA ASP A 125 -23.51 -9.94 26.17
C ASP A 125 -22.20 -10.05 25.34
N LEU A 126 -22.28 -9.84 24.03
CA LEU A 126 -21.13 -9.68 23.13
C LEU A 126 -20.27 -10.94 22.99
N GLY A 127 -20.91 -12.10 23.06
CA GLY A 127 -20.23 -13.38 22.94
C GLY A 127 -19.52 -13.89 24.19
N LYS A 128 -19.59 -13.14 25.29
CA LYS A 128 -18.81 -13.43 26.50
C LYS A 128 -19.69 -13.93 27.65
N GLY A 129 -20.72 -14.72 27.30
CA GLY A 129 -21.76 -15.14 28.25
C GLY A 129 -21.54 -16.47 28.95
N GLY A 130 -20.60 -17.27 28.44
CA GLY A 130 -20.23 -18.55 29.06
C GLY A 130 -21.21 -19.70 28.82
N ASN A 131 -21.88 -19.67 27.68
CA ASN A 131 -22.81 -20.74 27.30
C ASN A 131 -23.12 -20.65 25.80
N GLU A 132 -23.69 -21.72 25.25
CA GLU A 132 -23.81 -21.84 23.80
C GLU A 132 -24.63 -20.73 23.14
N GLU A 133 -25.68 -20.28 23.82
CA GLU A 133 -26.56 -19.23 23.25
C GLU A 133 -25.85 -17.89 23.14
N SER A 134 -24.86 -17.63 24.01
CA SER A 134 -24.03 -16.42 23.90
C SER A 134 -23.26 -16.34 22.58
N THR A 135 -22.83 -17.48 22.05
CA THR A 135 -22.11 -17.54 20.78
C THR A 135 -23.01 -17.50 19.54
N LYS A 136 -24.32 -17.57 19.73
CA LYS A 136 -25.28 -17.53 18.62
C LYS A 136 -25.99 -16.19 18.52
N THR A 137 -26.75 -15.85 19.57
CA THR A 137 -27.55 -14.61 19.61
C THR A 137 -27.08 -13.55 20.61
N GLY A 138 -26.11 -13.90 21.47
CA GLY A 138 -25.65 -13.01 22.53
C GLY A 138 -26.59 -12.80 23.70
N ASN A 139 -27.58 -13.68 23.86
CA ASN A 139 -28.57 -13.64 24.96
C ASN A 139 -29.32 -12.31 25.11
N ALA A 140 -29.63 -11.68 23.98
CA ALA A 140 -30.30 -10.37 23.97
C ALA A 140 -31.81 -10.47 24.13
N GLY A 141 -32.34 -11.69 24.20
CA GLY A 141 -33.76 -11.89 24.43
C GLY A 141 -34.59 -11.69 23.16
N SER A 142 -35.85 -11.34 23.39
CA SER A 142 -36.85 -11.29 22.34
C SER A 142 -36.75 -10.02 21.50
N ARG A 143 -37.45 -10.07 20.36
CA ARG A 143 -37.47 -8.98 19.38
C ARG A 143 -38.46 -7.95 19.84
N LEU A 144 -38.02 -6.70 20.03
CA LEU A 144 -38.91 -5.60 20.37
C LEU A 144 -39.43 -4.89 19.12
N ALA A 145 -38.53 -4.65 18.17
CA ALA A 145 -38.93 -4.05 16.90
C ALA A 145 -37.96 -4.41 15.78
N ALA A 146 -38.46 -4.38 14.56
CA ALA A 146 -37.65 -4.70 13.38
C ALA A 146 -38.22 -4.13 12.10
N GLY A 147 -37.37 -4.10 11.07
CA GLY A 147 -37.76 -3.70 9.73
C GLY A 147 -36.69 -4.12 8.74
N VAL A 148 -37.05 -4.15 7.46
CA VAL A 148 -36.09 -4.45 6.38
C VAL A 148 -35.24 -3.20 6.11
N ILE A 149 -33.94 -3.41 5.89
CA ILE A 149 -33.06 -2.32 5.47
C ILE A 149 -33.22 -2.13 3.96
N GLY A 150 -33.60 -0.92 3.54
CA GLY A 150 -33.85 -0.60 2.13
C GLY A 150 -32.94 0.48 1.58
N ILE A 151 -32.97 0.64 0.25
CA ILE A 151 -32.16 1.63 -0.43
C ILE A 151 -32.84 2.98 -0.27
N ALA A 152 -32.04 3.99 0.06
CA ALA A 152 -32.51 5.37 0.18
C ALA A 152 -31.86 6.23 -0.89
N GLN A 153 -32.48 7.38 -1.15
CA GLN A 153 -31.92 8.39 -2.04
C GLN A 153 -30.86 9.21 -1.31
N GLY B 9 -47.72 -22.10 -15.82
CA GLY B 9 -46.42 -21.48 -15.42
C GLY B 9 -45.29 -22.48 -15.21
N THR B 10 -44.15 -21.97 -14.74
CA THR B 10 -42.97 -22.80 -14.46
C THR B 10 -43.13 -23.47 -13.09
N LEU B 11 -42.50 -24.62 -12.94
CA LEU B 11 -42.47 -25.33 -11.65
C LEU B 11 -41.62 -24.58 -10.64
N ALA B 12 -42.11 -24.56 -9.39
CA ALA B 12 -41.41 -23.95 -8.26
C ALA B 12 -41.42 -24.91 -7.08
N THR B 13 -40.24 -25.15 -6.50
CA THR B 13 -40.09 -25.97 -5.31
C THR B 13 -40.27 -25.09 -4.07
N LEU B 14 -41.22 -25.45 -3.21
CA LEU B 14 -41.47 -24.74 -1.95
C LEU B 14 -41.06 -25.63 -0.78
N GLU B 15 -40.17 -25.14 0.07
CA GLU B 15 -39.73 -25.86 1.26
C GLU B 15 -40.49 -25.36 2.48
N PHE B 16 -41.49 -26.13 2.92
CA PHE B 16 -42.26 -25.82 4.12
C PHE B 16 -41.71 -26.57 5.33
N ALA B 17 -41.70 -25.90 6.48
CA ALA B 17 -41.46 -26.55 7.76
C ALA B 17 -42.81 -26.84 8.40
N VAL B 18 -43.15 -28.13 8.51
CA VAL B 18 -44.43 -28.56 9.08
C VAL B 18 -44.16 -29.47 10.28
N GLN B 19 -44.80 -29.18 11.41
CA GLN B 19 -44.66 -30.00 12.62
C GLN B 19 -45.53 -31.26 12.46
N MET B 20 -44.91 -32.41 12.70
CA MET B 20 -45.57 -33.71 12.53
C MET B 20 -44.73 -34.80 13.22
N THR B 21 -45.18 -35.18 14.42
CA THR B 21 -44.46 -36.12 15.27
C THR B 21 -44.82 -37.58 14.94
N ALA B 22 -46.12 -37.85 14.83
CA ALA B 22 -46.61 -39.19 14.51
C ALA B 22 -46.52 -39.51 13.02
N GLN B 23 -46.68 -40.79 12.70
CA GLN B 23 -46.78 -41.27 11.31
C GLN B 23 -48.17 -40.97 10.69
N SER B 24 -49.18 -40.80 11.53
CA SER B 24 -50.52 -40.37 11.09
C SER B 24 -50.56 -38.92 10.59
N ALA B 25 -49.68 -38.07 11.14
CA ALA B 25 -49.52 -36.69 10.67
C ALA B 25 -48.92 -36.61 9.25
N VAL B 26 -47.93 -37.46 8.98
CA VAL B 26 -47.32 -37.57 7.64
C VAL B 26 -48.36 -37.96 6.58
N ASP B 27 -49.28 -38.85 6.94
CA ASP B 27 -50.33 -39.33 6.04
C ASP B 27 -51.39 -38.26 5.74
N ALA B 28 -51.74 -37.47 6.76
CA ALA B 28 -52.68 -36.35 6.60
C ALA B 28 -52.12 -35.24 5.69
N VAL B 29 -50.85 -34.91 5.90
CA VAL B 29 -50.15 -33.88 5.12
C VAL B 29 -50.02 -34.28 3.64
N ARG B 30 -49.61 -35.53 3.39
CA ARG B 30 -49.44 -36.05 2.03
C ARG B 30 -50.76 -36.12 1.26
N LYS B 31 -51.85 -36.39 1.97
CA LYS B 31 -53.19 -36.52 1.38
C LYS B 31 -53.77 -35.18 0.93
N SER B 32 -53.50 -34.11 1.70
CA SER B 32 -53.99 -32.77 1.37
C SER B 32 -53.38 -32.17 0.10
N LEU B 33 -52.18 -32.62 -0.27
CA LEU B 33 -51.47 -32.12 -1.46
C LEU B 33 -51.55 -33.06 -2.68
N GLN B 34 -51.46 -34.38 -2.46
CA GLN B 34 -51.37 -35.34 -3.57
C GLN B 34 -52.73 -35.54 -4.27
N GLY B 35 -52.72 -35.46 -5.59
CA GLY B 35 -53.94 -35.49 -6.41
C GLY B 35 -54.66 -34.16 -6.61
N VAL B 36 -53.98 -33.05 -6.31
CA VAL B 36 -54.55 -31.70 -6.39
C VAL B 36 -54.06 -31.03 -7.68
N ALA B 37 -54.90 -30.15 -8.23
CA ALA B 37 -54.62 -29.44 -9.48
C ALA B 37 -53.35 -28.57 -9.38
N GLY B 38 -52.32 -28.97 -10.13
CA GLY B 38 -51.07 -28.21 -10.22
C GLY B 38 -50.06 -28.49 -9.11
N VAL B 39 -49.98 -29.75 -8.69
CA VAL B 39 -48.99 -30.19 -7.71
C VAL B 39 -48.36 -31.48 -8.23
N GLN B 40 -47.16 -31.37 -8.81
CA GLN B 40 -46.48 -32.51 -9.41
C GLN B 40 -45.98 -33.52 -8.37
N ASP B 41 -45.06 -33.08 -7.53
CA ASP B 41 -44.40 -33.96 -6.55
C ASP B 41 -44.62 -33.45 -5.12
N VAL B 42 -44.62 -34.39 -4.18
CA VAL B 42 -44.58 -34.09 -2.75
C VAL B 42 -43.51 -35.01 -2.16
N GLU B 43 -42.82 -34.54 -1.13
CA GLU B 43 -41.63 -35.22 -0.61
C GLU B 43 -41.45 -34.94 0.88
N VAL B 44 -42.22 -35.65 1.70
CA VAL B 44 -42.27 -35.43 3.15
C VAL B 44 -41.04 -36.04 3.84
N HIS B 45 -40.44 -35.28 4.77
CA HIS B 45 -39.32 -35.76 5.58
C HIS B 45 -39.65 -35.64 7.06
N LEU B 46 -39.97 -36.77 7.68
CA LEU B 46 -40.32 -36.83 9.12
C LEU B 46 -39.17 -36.35 10.02
N GLU B 47 -37.97 -36.87 9.77
CA GLU B 47 -36.79 -36.54 10.57
C GLU B 47 -36.44 -35.05 10.60
N ASP B 48 -36.55 -34.39 9.44
CA ASP B 48 -36.18 -32.97 9.32
C ASP B 48 -37.35 -31.99 9.54
N GLN B 49 -38.58 -32.52 9.68
CA GLN B 49 -39.80 -31.69 9.81
C GLN B 49 -39.95 -30.78 8.60
N MET B 50 -39.96 -31.39 7.41
CA MET B 50 -39.87 -30.69 6.12
C MET B 50 -40.82 -31.30 5.10
N VAL B 51 -41.42 -30.45 4.26
CA VAL B 51 -42.29 -30.86 3.17
C VAL B 51 -41.90 -30.07 1.91
N LEU B 52 -41.22 -30.73 0.96
CA LEU B 52 -40.96 -30.14 -0.36
C LEU B 52 -42.19 -30.31 -1.26
N VAL B 53 -42.52 -29.28 -2.03
CA VAL B 53 -43.70 -29.28 -2.90
C VAL B 53 -43.36 -28.62 -4.25
N HIS B 54 -43.21 -29.44 -5.29
CA HIS B 54 -43.03 -28.94 -6.66
C HIS B 54 -44.43 -28.60 -7.19
N THR B 55 -44.61 -27.36 -7.65
CA THR B 55 -45.95 -26.86 -7.99
C THR B 55 -45.95 -25.66 -8.95
N THR B 56 -47.13 -25.40 -9.53
CA THR B 56 -47.43 -24.17 -10.25
C THR B 56 -48.48 -23.31 -9.53
N LEU B 57 -48.86 -23.71 -8.31
CA LEU B 57 -49.80 -22.94 -7.50
C LEU B 57 -49.04 -21.85 -6.73
N PRO B 58 -49.75 -20.79 -6.30
CA PRO B 58 -49.13 -19.84 -5.37
C PRO B 58 -48.82 -20.48 -4.01
N SER B 59 -47.77 -20.00 -3.35
CA SER B 59 -47.34 -20.54 -2.05
C SER B 59 -48.41 -20.33 -0.97
N GLN B 60 -49.10 -19.19 -1.04
CA GLN B 60 -50.22 -18.90 -0.14
C GLN B 60 -51.30 -19.98 -0.15
N GLU B 61 -51.63 -20.50 -1.35
CA GLU B 61 -52.61 -21.58 -1.49
C GLU B 61 -52.10 -22.92 -0.93
N VAL B 62 -50.85 -23.26 -1.24
CA VAL B 62 -50.23 -24.51 -0.78
C VAL B 62 -50.01 -24.48 0.74
N GLN B 63 -49.78 -23.29 1.30
CA GLN B 63 -49.73 -23.12 2.76
C GLN B 63 -51.09 -23.34 3.42
N ALA B 64 -52.15 -22.78 2.81
CA ALA B 64 -53.53 -22.96 3.29
C ALA B 64 -53.96 -24.43 3.31
N LEU B 65 -53.60 -25.16 2.25
CA LEU B 65 -53.88 -26.60 2.16
C LEU B 65 -53.21 -27.41 3.28
N LEU B 66 -51.96 -27.06 3.61
CA LEU B 66 -51.25 -27.71 4.71
C LEU B 66 -51.88 -27.35 6.06
N GLU B 67 -52.05 -26.05 6.29
CA GLU B 67 -52.66 -25.51 7.52
C GLU B 67 -54.10 -26.00 7.75
N GLY B 68 -54.84 -26.22 6.66
CA GLY B 68 -56.20 -26.76 6.71
C GLY B 68 -56.34 -28.11 7.41
N THR B 69 -55.28 -28.91 7.37
CA THR B 69 -55.21 -30.19 8.10
C THR B 69 -54.43 -30.04 9.42
N GLY B 70 -55.05 -29.33 10.36
CA GLY B 70 -54.56 -29.30 11.75
C GLY B 70 -53.28 -28.54 12.00
N ARG B 71 -52.14 -29.23 11.79
CA ARG B 71 -50.81 -28.71 12.12
C ARG B 71 -50.45 -27.43 11.34
N GLN B 72 -49.61 -26.58 11.94
CA GLN B 72 -49.18 -25.33 11.29
C GLN B 72 -48.08 -25.59 10.25
N ALA B 73 -47.95 -24.67 9.29
CA ALA B 73 -47.00 -24.79 8.18
C ALA B 73 -46.37 -23.44 7.86
N VAL B 74 -45.06 -23.34 8.08
CA VAL B 74 -44.28 -22.15 7.74
C VAL B 74 -43.50 -22.45 6.45
N LEU B 75 -43.39 -21.45 5.59
CA LEU B 75 -42.58 -21.54 4.37
C LEU B 75 -41.17 -21.07 4.71
N LYS B 76 -40.19 -21.93 4.49
CA LYS B 76 -38.78 -21.67 4.85
C LYS B 76 -37.82 -21.49 3.69
N GLY B 77 -38.20 -21.93 2.48
CA GLY B 77 -37.32 -21.88 1.31
C GLY B 77 -38.05 -21.92 -0.01
N MET B 78 -37.36 -21.52 -1.08
CA MET B 78 -37.93 -21.45 -2.42
C MET B 78 -36.85 -21.54 -3.51
N GLY B 79 -37.03 -22.46 -4.46
CA GLY B 79 -36.09 -22.67 -5.57
C GLY B 79 -36.80 -23.24 -6.79
N SER B 80 -36.02 -23.77 -7.73
CA SER B 80 -36.58 -24.45 -8.92
C SER B 80 -35.76 -25.68 -9.26
N GLY B 81 -35.65 -26.58 -8.28
CA GLY B 81 -34.80 -27.78 -8.39
C GLY B 81 -33.34 -27.43 -8.15
N GLN B 82 -32.45 -28.36 -8.52
CA GLN B 82 -31.01 -28.18 -8.32
C GLN B 82 -30.39 -27.35 -9.45
N GLN B 84 -28.69 -24.67 -8.56
CA GLN B 84 -28.13 -23.46 -7.95
C GLN B 84 -29.21 -22.39 -7.73
N ASN B 85 -29.36 -21.94 -6.49
CA ASN B 85 -30.34 -20.91 -6.12
C ASN B 85 -29.88 -19.52 -6.60
N LEU B 86 -30.56 -19.00 -7.62
CA LEU B 86 -30.18 -17.74 -8.28
C LEU B 86 -30.63 -16.47 -7.56
N GLY B 87 -31.56 -16.61 -6.60
CA GLY B 87 -32.06 -15.47 -5.84
C GLY B 87 -33.54 -15.58 -5.50
N ALA B 88 -33.85 -15.47 -4.21
CA ALA B 88 -35.23 -15.46 -3.72
C ALA B 88 -35.48 -14.19 -2.95
N ALA B 89 -36.72 -13.69 -2.98
CA ALA B 89 -37.08 -12.48 -2.25
C ALA B 89 -38.58 -12.40 -1.94
N VAL B 90 -38.93 -11.52 -0.99
CA VAL B 90 -40.31 -11.32 -0.56
C VAL B 90 -40.59 -9.85 -0.30
N ALA B 91 -41.84 -9.44 -0.51
CA ALA B 91 -42.31 -8.10 -0.19
C ALA B 91 -43.63 -8.18 0.55
N ILE B 92 -43.62 -7.80 1.84
CA ILE B 92 -44.83 -7.76 2.65
C ILE B 92 -45.47 -6.39 2.48
N LEU B 93 -46.61 -6.36 1.79
CA LEU B 93 -47.33 -5.12 1.53
C LEU B 93 -48.14 -4.70 2.77
N GLY B 94 -48.21 -3.40 2.98
CA GLY B 94 -48.92 -2.85 4.12
C GLY B 94 -48.82 -1.35 4.19
N GLY B 95 -49.26 -0.80 5.32
CA GLY B 95 -49.31 0.64 5.55
C GLY B 95 -50.62 1.07 6.19
N PRO B 96 -51.00 2.34 5.99
CA PRO B 96 -52.14 2.89 6.72
C PRO B 96 -53.54 2.32 6.35
N GLY B 97 -53.75 1.96 5.07
CA GLY B 97 -55.07 1.48 4.61
C GLY B 97 -55.46 0.08 5.05
N THR B 98 -56.48 -0.47 4.39
CA THR B 98 -56.92 -1.87 4.59
C THR B 98 -56.13 -2.89 3.75
N VAL B 99 -55.32 -2.41 2.81
CA VAL B 99 -54.60 -3.27 1.88
C VAL B 99 -53.38 -3.89 2.57
N GLN B 100 -53.28 -5.22 2.48
CA GLN B 100 -52.08 -5.94 2.91
C GLN B 100 -51.93 -7.26 2.16
N GLY B 101 -50.70 -7.68 1.92
CA GLY B 101 -50.41 -8.92 1.19
C GLY B 101 -48.96 -9.37 1.25
N VAL B 102 -48.67 -10.46 0.55
CA VAL B 102 -47.33 -11.03 0.47
C VAL B 102 -47.06 -11.46 -0.97
N VAL B 103 -45.98 -10.92 -1.55
CA VAL B 103 -45.57 -11.22 -2.92
C VAL B 103 -44.15 -11.76 -2.87
N ARG B 104 -43.93 -12.90 -3.54
CA ARG B 104 -42.63 -13.54 -3.57
C ARG B 104 -42.03 -13.52 -4.96
N PHE B 105 -40.71 -13.36 -5.01
CA PHE B 105 -39.94 -13.26 -6.23
C PHE B 105 -38.94 -14.43 -6.23
N LEU B 106 -38.89 -15.17 -7.35
CA LEU B 106 -37.94 -16.27 -7.50
C LEU B 106 -37.27 -16.22 -8.87
N GLN B 107 -35.95 -16.04 -8.88
CA GLN B 107 -35.16 -16.05 -10.11
C GLN B 107 -34.99 -17.50 -10.59
N LEU B 108 -35.78 -17.86 -11.60
CA LEU B 108 -35.81 -19.23 -12.12
C LEU B 108 -34.55 -19.53 -12.93
N THR B 109 -34.20 -18.62 -13.83
CA THR B 109 -33.00 -18.71 -14.66
C THR B 109 -32.37 -17.32 -14.67
N PRO B 110 -31.15 -17.17 -15.24
CA PRO B 110 -30.53 -15.83 -15.26
C PRO B 110 -31.36 -14.73 -15.95
N GLU B 111 -32.26 -15.14 -16.86
CA GLU B 111 -33.06 -14.21 -17.66
C GLU B 111 -34.59 -14.33 -17.43
N ARG B 112 -35.01 -15.00 -16.36
CA ARG B 112 -36.45 -15.19 -16.08
C ARG B 112 -36.76 -15.26 -14.57
N CYS B 113 -37.72 -14.44 -14.15
CA CYS B 113 -38.06 -14.26 -12.74
C CYS B 113 -39.54 -14.52 -12.51
N LEU B 114 -39.85 -15.43 -11.59
CA LEU B 114 -41.23 -15.72 -11.20
C LEU B 114 -41.66 -14.75 -10.11
N ILE B 115 -42.71 -13.97 -10.38
CA ILE B 115 -43.34 -13.11 -9.39
C ILE B 115 -44.71 -13.70 -9.11
N GLU B 116 -45.05 -13.79 -7.83
CA GLU B 116 -46.24 -14.53 -7.41
C GLU B 116 -46.64 -14.07 -6.02
N GLY B 117 -47.94 -13.84 -5.81
CA GLY B 117 -48.41 -13.29 -4.55
C GLY B 117 -49.91 -13.30 -4.36
N THR B 118 -50.31 -12.87 -3.16
CA THR B 118 -51.72 -12.81 -2.76
C THR B 118 -51.93 -11.52 -1.95
N ILE B 119 -52.90 -10.70 -2.35
CA ILE B 119 -53.14 -9.38 -1.75
C ILE B 119 -54.63 -9.18 -1.45
N ASP B 120 -54.93 -8.84 -0.19
CA ASP B 120 -56.30 -8.61 0.29
C ASP B 120 -56.57 -7.13 0.55
N GLY B 121 -57.82 -6.82 0.87
CA GLY B 121 -58.24 -5.47 1.26
C GLY B 121 -58.40 -4.48 0.11
N LEU B 122 -58.47 -4.99 -1.12
CA LEU B 122 -58.50 -4.16 -2.33
C LEU B 122 -59.94 -3.99 -2.83
N GLU B 123 -60.20 -2.87 -3.52
CA GLU B 123 -61.49 -2.68 -4.18
C GLU B 123 -61.52 -3.55 -5.45
N PRO B 124 -62.65 -4.25 -5.69
CA PRO B 124 -62.74 -5.11 -6.88
C PRO B 124 -62.38 -4.36 -8.17
N GLY B 125 -61.48 -4.94 -8.95
CA GLY B 125 -61.03 -4.35 -10.21
C GLY B 125 -59.53 -4.39 -10.38
N LEU B 126 -59.08 -3.72 -11.43
CA LEU B 126 -57.66 -3.70 -11.81
C LEU B 126 -56.88 -2.69 -11.00
N HIS B 127 -55.84 -3.15 -10.33
CA HIS B 127 -54.87 -2.30 -9.62
C HIS B 127 -53.48 -2.47 -10.22
N GLY B 128 -52.82 -1.35 -10.51
CA GLY B 128 -51.44 -1.37 -11.00
C GLY B 128 -50.48 -1.87 -9.94
N LEU B 129 -49.44 -2.57 -10.38
CA LEU B 129 -48.40 -3.12 -9.51
C LEU B 129 -47.06 -2.71 -10.08
N HIS B 130 -46.19 -2.14 -9.23
CA HIS B 130 -44.92 -1.56 -9.69
C HIS B 130 -43.81 -1.71 -8.65
N VAL B 131 -42.61 -2.01 -9.14
CA VAL B 131 -41.39 -1.97 -8.33
C VAL B 131 -40.88 -0.56 -8.46
N HIS B 132 -40.85 0.18 -7.35
CA HIS B 132 -40.30 1.54 -7.32
C HIS B 132 -38.82 1.49 -6.91
N GLN B 133 -38.12 2.60 -7.09
CA GLN B 133 -36.65 2.62 -7.01
C GLN B 133 -36.05 2.56 -5.60
N TYR B 134 -36.71 3.15 -4.61
CA TYR B 134 -36.20 3.17 -3.23
C TYR B 134 -37.05 2.33 -2.30
N GLY B 135 -36.43 1.79 -1.25
CA GLY B 135 -37.12 1.04 -0.18
C GLY B 135 -37.20 1.86 1.09
N ASP B 136 -37.66 3.11 0.93
CA ASP B 136 -37.74 4.09 2.01
C ASP B 136 -39.20 4.20 2.42
N LEU B 137 -39.52 3.66 3.59
CA LEU B 137 -40.89 3.68 4.12
C LEU B 137 -41.07 4.71 5.27
N THR B 138 -40.26 5.77 5.30
CA THR B 138 -40.34 6.75 6.37
C THR B 138 -41.60 7.60 6.25
N ASN B 139 -42.04 7.84 5.02
CA ASN B 139 -43.32 8.47 4.74
C ASN B 139 -44.25 7.48 4.03
N ASN B 140 -44.20 6.22 4.48
CA ASN B 140 -44.91 5.12 3.83
C ASN B 140 -44.62 5.01 2.32
N CYS B 141 -45.64 4.94 1.46
CA CYS B 141 -45.39 4.74 0.03
C CYS B 141 -44.89 5.99 -0.67
N ASN B 142 -45.16 7.16 -0.12
CA ASN B 142 -44.75 8.43 -0.74
C ASN B 142 -43.23 8.68 -0.79
N SER B 143 -42.47 8.05 0.11
CA SER B 143 -41.01 8.18 0.13
C SER B 143 -40.28 7.17 -0.79
N CYS B 144 -41.01 6.28 -1.44
CA CYS B 144 -40.40 5.21 -2.26
C CYS B 144 -39.89 5.62 -3.66
N GLY B 145 -40.04 6.89 -4.04
CA GLY B 145 -39.59 7.35 -5.36
C GLY B 145 -40.47 6.90 -6.52
N ASN B 146 -39.93 7.01 -7.73
CA ASN B 146 -40.65 6.65 -8.95
C ASN B 146 -40.46 5.20 -9.35
N HIS B 147 -41.19 4.77 -10.38
CA HIS B 147 -41.07 3.41 -10.91
C HIS B 147 -39.61 3.12 -11.27
N PHE B 148 -39.14 1.94 -10.87
CA PHE B 148 -37.76 1.52 -11.12
C PHE B 148 -37.49 1.47 -12.62
N ASN B 149 -36.57 2.32 -13.07
CA ASN B 149 -36.35 2.54 -14.50
C ASN B 149 -34.86 2.77 -14.82
N PRO B 150 -34.02 1.76 -14.57
CA PRO B 150 -32.59 1.93 -14.85
C PRO B 150 -32.29 2.18 -16.32
N ASP B 151 -33.04 1.54 -17.23
CA ASP B 151 -32.80 1.71 -18.67
C ASP B 151 -33.32 3.05 -19.26
N GLY B 152 -33.96 3.91 -18.47
CA GLY B 152 -34.47 5.19 -18.95
C GLY B 152 -35.56 5.05 -19.99
N ALA B 153 -36.38 4.01 -19.84
CA ALA B 153 -37.48 3.72 -20.75
C ALA B 153 -38.72 4.53 -20.42
N SER B 154 -39.69 4.45 -21.31
CA SER B 154 -41.00 5.07 -21.14
C SER B 154 -41.87 4.04 -20.43
N HIS B 155 -42.95 4.48 -19.78
CA HIS B 155 -43.83 3.56 -19.06
C HIS B 155 -44.60 2.69 -20.05
N GLY B 156 -44.79 1.42 -19.67
CA GLY B 156 -45.59 0.48 -20.44
C GLY B 156 -46.15 -0.65 -19.59
N GLY B 157 -46.76 -1.62 -20.27
CA GLY B 157 -47.26 -2.84 -19.64
C GLY B 157 -46.26 -3.96 -19.79
N PRO B 158 -46.51 -5.12 -19.15
CA PRO B 158 -45.65 -6.30 -19.24
C PRO B 158 -45.37 -6.78 -20.66
N GLN B 159 -46.35 -6.61 -21.54
CA GLN B 159 -46.23 -6.97 -22.96
C GLN B 159 -45.26 -6.07 -23.74
N ASP B 160 -45.14 -4.79 -23.36
CA ASP B 160 -44.27 -3.84 -24.06
C ASP B 160 -42.82 -4.06 -23.64
N SER B 161 -41.94 -4.29 -24.62
CA SER B 161 -40.51 -4.41 -24.32
C SER B 161 -39.92 -3.05 -23.91
N ASP B 162 -40.44 -1.96 -24.47
CA ASP B 162 -40.16 -0.60 -23.97
C ASP B 162 -41.07 -0.30 -22.78
N ARG B 163 -40.62 -0.71 -21.59
CA ARG B 163 -41.30 -0.44 -20.34
C ARG B 163 -40.28 -0.14 -19.26
N HIS B 164 -40.72 0.45 -18.14
CA HIS B 164 -39.88 0.55 -16.96
C HIS B 164 -39.68 -0.87 -16.45
N ARG B 165 -38.46 -1.19 -16.02
CA ARG B 165 -38.15 -2.49 -15.42
C ARG B 165 -39.07 -2.88 -14.27
N GLY B 166 -39.54 -1.87 -13.53
CA GLY B 166 -40.53 -2.08 -12.49
C GLY B 166 -41.98 -2.28 -12.90
N ASP B 167 -42.31 -2.13 -14.19
CA ASP B 167 -43.68 -2.27 -14.65
C ASP B 167 -44.17 -3.74 -14.68
N LEU B 168 -45.11 -4.06 -13.80
CA LEU B 168 -45.70 -5.41 -13.75
C LEU B 168 -47.17 -5.42 -14.15
N GLY B 169 -47.64 -4.35 -14.81
CA GLY B 169 -49.01 -4.29 -15.29
C GLY B 169 -50.05 -4.26 -14.19
N ASN B 170 -51.17 -4.94 -14.43
CA ASN B 170 -52.30 -4.93 -13.51
C ASN B 170 -52.52 -6.26 -12.82
N VAL B 171 -53.33 -6.19 -11.76
CA VAL B 171 -53.63 -7.31 -10.88
C VAL B 171 -55.12 -7.18 -10.56
N ARG B 172 -55.89 -8.23 -10.80
CA ARG B 172 -57.34 -8.17 -10.64
C ARG B 172 -57.76 -8.60 -9.24
N ALA B 173 -58.52 -7.74 -8.57
CA ALA B 173 -59.13 -8.07 -7.28
C ALA B 173 -60.54 -8.60 -7.52
N ASP B 174 -60.86 -9.75 -6.92
CA ASP B 174 -62.20 -10.34 -7.03
C ASP B 174 -63.25 -9.56 -6.20
N ALA B 175 -64.50 -10.05 -6.19
CA ALA B 175 -65.58 -9.44 -5.39
C ALA B 175 -65.31 -9.34 -3.88
N ASP B 176 -64.55 -10.30 -3.35
CA ASP B 176 -64.12 -10.29 -1.94
C ASP B 176 -62.88 -9.41 -1.67
N GLY B 177 -62.34 -8.76 -2.70
CA GLY B 177 -61.18 -7.89 -2.55
C GLY B 177 -59.83 -8.58 -2.50
N ARG B 178 -59.80 -9.86 -2.87
CA ARG B 178 -58.57 -10.65 -2.96
C ARG B 178 -58.07 -10.66 -4.40
N ALA B 179 -56.76 -10.52 -4.54
CA ALA B 179 -56.10 -10.51 -5.85
C ALA B 179 -54.90 -11.45 -5.83
N ILE B 180 -55.08 -12.62 -6.46
CA ILE B 180 -54.05 -13.64 -6.57
C ILE B 180 -53.47 -13.54 -7.98
N PHE B 181 -52.16 -13.73 -8.09
CA PHE B 181 -51.49 -13.68 -9.38
C PHE B 181 -50.18 -14.47 -9.37
N ARG B 182 -49.71 -14.76 -10.58
CA ARG B 182 -48.51 -15.54 -10.83
C ARG B 182 -48.09 -15.25 -12.26
N MET B 183 -46.88 -14.73 -12.41
CA MET B 183 -46.40 -14.21 -13.69
C MET B 183 -44.90 -14.37 -13.76
N GLU B 184 -44.37 -14.41 -14.98
CA GLU B 184 -42.93 -14.45 -15.18
C GLU B 184 -42.51 -13.20 -15.94
N ASP B 185 -41.41 -12.60 -15.50
CA ASP B 185 -40.89 -11.38 -16.10
C ASP B 185 -39.46 -11.59 -16.51
N GLU B 186 -39.14 -11.18 -17.73
CA GLU B 186 -37.82 -11.43 -18.32
C GLU B 186 -36.85 -10.25 -18.22
N GLN B 187 -37.34 -9.10 -17.74
CA GLN B 187 -36.49 -7.92 -17.49
C GLN B 187 -36.19 -7.66 -16.00
N LEU B 188 -37.15 -7.94 -15.13
CA LEU B 188 -36.96 -7.78 -13.68
C LEU B 188 -36.13 -8.94 -13.16
N LYS B 189 -35.09 -8.60 -12.37
CA LYS B 189 -34.18 -9.58 -11.79
C LYS B 189 -34.15 -9.39 -10.28
N VAL B 190 -34.18 -10.49 -9.52
CA VAL B 190 -34.37 -10.43 -8.06
C VAL B 190 -33.34 -9.57 -7.36
N TRP B 191 -32.07 -9.76 -7.69
CA TRP B 191 -30.93 -9.07 -7.03
C TRP B 191 -30.62 -7.71 -7.66
N ASP B 192 -31.39 -7.33 -8.67
CA ASP B 192 -31.44 -5.97 -9.18
C ASP B 192 -32.42 -5.12 -8.36
N VAL B 193 -33.36 -5.76 -7.66
CA VAL B 193 -34.44 -5.07 -6.91
C VAL B 193 -34.49 -5.33 -5.39
N ILE B 194 -33.52 -6.06 -4.85
CA ILE B 194 -33.37 -6.24 -3.39
C ILE B 194 -33.15 -4.86 -2.78
N GLY B 195 -33.90 -4.56 -1.72
CA GLY B 195 -33.81 -3.26 -1.05
C GLY B 195 -34.67 -2.16 -1.64
N ARG B 196 -35.30 -2.41 -2.78
CA ARG B 196 -36.22 -1.47 -3.42
C ARG B 196 -37.64 -1.81 -2.94
N SER B 197 -38.66 -1.17 -3.50
CA SER B 197 -40.03 -1.36 -3.00
C SER B 197 -40.97 -1.89 -4.07
N LEU B 198 -41.95 -2.68 -3.63
CA LEU B 198 -43.08 -3.11 -4.46
C LEU B 198 -44.31 -2.36 -3.95
N ILE B 199 -45.05 -1.73 -4.88
CA ILE B 199 -46.21 -0.90 -4.57
C ILE B 199 -47.41 -1.32 -5.41
N ILE B 200 -48.56 -1.43 -4.75
CA ILE B 200 -49.86 -1.61 -5.42
C ILE B 200 -50.62 -0.28 -5.37
N ASP B 201 -51.26 0.07 -6.48
CA ASP B 201 -51.90 1.38 -6.65
C ASP B 201 -53.42 1.34 -6.47
N GLU B 202 -53.99 2.53 -6.37
CA GLU B 202 -55.44 2.76 -6.15
C GLU B 202 -56.30 2.31 -7.33
N GLY B 203 -55.83 2.52 -8.55
CA GLY B 203 -56.62 2.23 -9.75
C GLY B 203 -55.86 1.52 -10.83
N GLU B 204 -56.42 1.57 -12.04
CA GLU B 204 -55.92 0.82 -13.18
C GLU B 204 -54.71 1.49 -13.83
N ASP B 205 -53.70 0.67 -14.13
CA ASP B 205 -52.54 1.09 -14.91
C ASP B 205 -52.93 1.07 -16.37
N ASP B 206 -52.96 2.23 -17.02
CA ASP B 206 -53.36 2.32 -18.43
C ASP B 206 -52.27 1.89 -19.43
N LEU B 207 -51.10 1.48 -18.93
CA LEU B 207 -50.05 0.84 -19.75
C LEU B 207 -49.46 1.76 -20.83
N GLY B 208 -49.39 3.05 -20.52
CA GLY B 208 -48.91 4.05 -21.49
C GLY B 208 -49.90 4.45 -22.58
N ARG B 209 -51.10 3.87 -22.57
CA ARG B 209 -52.03 3.98 -23.68
C ARG B 209 -53.23 4.92 -23.39
N GLY B 210 -53.17 5.68 -22.30
CA GLY B 210 -54.32 6.49 -21.87
C GLY B 210 -54.45 7.86 -22.50
N GLY B 211 -53.39 8.36 -23.13
CA GLY B 211 -53.37 9.71 -23.70
C GLY B 211 -53.32 10.84 -22.68
N HIS B 212 -52.97 10.50 -21.44
CA HIS B 212 -53.05 11.41 -20.29
C HIS B 212 -51.60 11.82 -19.93
N PRO B 213 -51.39 13.02 -19.34
CA PRO B 213 -50.03 13.45 -18.96
C PRO B 213 -49.19 12.44 -18.19
N LEU B 214 -49.81 11.74 -17.25
CA LEU B 214 -49.15 10.68 -16.47
C LEU B 214 -49.14 9.27 -17.10
N SER B 215 -49.73 9.08 -18.28
CA SER B 215 -49.79 7.75 -18.91
C SER B 215 -48.41 7.16 -19.17
N LYS B 216 -47.53 7.93 -19.82
CA LYS B 216 -46.15 7.49 -20.10
C LYS B 216 -45.18 7.65 -18.92
N ILE B 217 -45.63 8.24 -17.81
CA ILE B 217 -44.83 8.36 -16.59
C ILE B 217 -45.23 7.29 -15.55
N THR B 218 -46.47 7.33 -15.05
CA THR B 218 -46.94 6.34 -14.05
C THR B 218 -48.02 5.34 -14.54
N GLY B 219 -48.59 5.57 -15.72
CA GLY B 219 -49.76 4.80 -16.18
C GLY B 219 -51.08 5.28 -15.60
N ASN B 220 -51.06 6.44 -14.93
CA ASN B 220 -52.26 7.09 -14.39
C ASN B 220 -53.13 6.19 -13.50
N SER B 221 -52.49 5.46 -12.59
CA SER B 221 -53.19 4.52 -11.69
C SER B 221 -53.51 5.11 -10.31
N GLY B 222 -53.44 6.44 -10.18
CA GLY B 222 -53.88 7.13 -8.97
C GLY B 222 -52.92 6.96 -7.81
N GLU B 223 -53.47 6.99 -6.60
CA GLU B 223 -52.69 6.95 -5.37
C GLU B 223 -52.06 5.60 -5.11
N ARG B 224 -51.03 5.58 -4.27
CA ARG B 224 -50.40 4.34 -3.83
C ARG B 224 -51.15 3.88 -2.60
N LEU B 225 -51.65 2.65 -2.60
CA LEU B 225 -52.37 2.12 -1.44
C LEU B 225 -51.42 1.47 -0.45
N ALA B 226 -50.67 0.46 -0.91
CA ALA B 226 -49.80 -0.32 -0.04
C ALA B 226 -48.46 -0.57 -0.69
N CYS B 227 -47.46 -0.80 0.16
CA CYS B 227 -46.08 -1.00 -0.29
C CYS B 227 -45.23 -1.69 0.76
N GLY B 228 -44.22 -2.42 0.30
CA GLY B 228 -43.25 -3.08 1.16
C GLY B 228 -41.89 -3.11 0.49
N ILE B 229 -40.85 -3.34 1.28
CA ILE B 229 -39.49 -3.46 0.77
C ILE B 229 -39.28 -4.88 0.28
N ILE B 230 -38.65 -5.01 -0.88
CA ILE B 230 -38.30 -6.30 -1.46
C ILE B 230 -37.08 -6.83 -0.72
N ALA B 231 -37.32 -7.79 0.18
CA ALA B 231 -36.32 -8.30 1.11
C ALA B 231 -35.72 -9.63 0.66
N ARG B 232 -34.47 -9.89 1.03
CA ARG B 232 -33.84 -11.19 0.77
C ARG B 232 -34.55 -12.27 1.56
N SER B 233 -34.87 -13.37 0.88
CA SER B 233 -35.40 -14.57 1.54
C SER B 233 -34.55 -15.77 1.16
N ALA B 234 -34.75 -16.85 1.89
CA ALA B 234 -33.93 -18.06 1.75
C ALA B 234 -34.32 -18.90 0.54
N GLY B 235 -33.28 -19.41 -0.15
CA GLY B 235 -33.45 -20.48 -1.12
C GLY B 235 -33.68 -21.81 -0.42
N LEU B 236 -33.61 -22.91 -1.17
CA LEU B 236 -33.82 -24.23 -0.58
C LEU B 236 -32.68 -24.64 0.36
N PHE B 237 -33.07 -25.06 1.58
CA PHE B 237 -32.15 -25.59 2.61
C PHE B 237 -31.11 -24.58 3.13
N GLN B 238 -31.38 -23.28 2.99
CA GLN B 238 -30.44 -22.21 3.39
C GLN B 238 -30.69 -21.62 4.77
N ASN B 239 -31.89 -21.84 5.31
CA ASN B 239 -32.27 -21.36 6.63
C ASN B 239 -32.77 -22.57 7.45
N PRO B 240 -31.86 -23.22 8.21
CA PRO B 240 -32.25 -24.31 9.07
C PRO B 240 -32.34 -23.86 10.53
N ALA C 1 -31.97 34.23 -10.25
CA ALA C 1 -33.14 34.75 -9.47
C ALA C 1 -33.21 34.18 -8.04
N THR C 2 -32.80 32.92 -7.86
CA THR C 2 -32.70 32.34 -6.51
C THR C 2 -31.33 32.62 -5.84
N LYS C 3 -30.24 32.58 -6.62
CA LYS C 3 -28.88 32.87 -6.14
C LYS C 3 -28.09 33.65 -7.20
N ALA C 4 -27.17 34.49 -6.74
CA ALA C 4 -26.29 35.28 -7.62
C ALA C 4 -24.90 35.46 -7.00
N VAL C 5 -23.93 35.76 -7.86
CA VAL C 5 -22.51 35.82 -7.48
C VAL C 5 -21.81 36.97 -8.22
N CYS C 6 -20.80 37.54 -7.59
CA CYS C 6 -20.00 38.63 -8.16
C CYS C 6 -18.55 38.45 -7.75
N VAL C 7 -17.65 38.45 -8.73
CA VAL C 7 -16.20 38.41 -8.50
C VAL C 7 -15.66 39.83 -8.64
N LEU C 8 -15.35 40.46 -7.51
CA LEU C 8 -14.80 41.81 -7.50
C LEU C 8 -13.33 41.76 -7.89
N LYS C 9 -12.97 42.55 -8.90
CA LYS C 9 -11.60 42.67 -9.40
C LYS C 9 -11.24 44.14 -9.61
N GLY C 10 -9.96 44.46 -9.46
CA GLY C 10 -9.47 45.82 -9.67
C GLY C 10 -8.05 45.84 -10.19
N ASP C 11 -7.58 47.03 -10.54
CA ASP C 11 -6.20 47.23 -10.97
C ASP C 11 -5.24 46.88 -9.83
N GLY C 12 -5.53 47.42 -8.64
CA GLY C 12 -4.72 47.17 -7.44
C GLY C 12 -4.87 45.77 -6.85
N PRO C 13 -4.45 45.61 -5.57
CA PRO C 13 -4.48 44.30 -4.95
C PRO C 13 -5.86 43.82 -4.46
N VAL C 14 -6.88 44.69 -4.45
CA VAL C 14 -8.17 44.35 -3.85
C VAL C 14 -8.95 43.36 -4.71
N GLN C 15 -9.42 42.29 -4.09
CA GLN C 15 -10.22 41.28 -4.76
C GLN C 15 -11.11 40.54 -3.79
N GLY C 16 -12.12 39.86 -4.32
CA GLY C 16 -13.04 39.09 -3.51
C GLY C 16 -14.19 38.47 -4.28
N ILE C 17 -15.00 37.70 -3.56
CA ILE C 17 -16.20 37.07 -4.09
C ILE C 17 -17.36 37.42 -3.18
N ILE C 18 -18.42 37.99 -3.73
CA ILE C 18 -19.65 38.31 -2.98
C ILE C 18 -20.79 37.43 -3.47
N ASN C 19 -21.46 36.75 -2.53
CA ASN C 19 -22.57 35.86 -2.82
C ASN C 19 -23.90 36.52 -2.48
N PHE C 20 -24.93 36.20 -3.27
CA PHE C 20 -26.30 36.66 -3.03
C PHE C 20 -27.22 35.47 -2.97
N GLU C 21 -28.30 35.62 -2.22
CA GLU C 21 -29.28 34.55 -2.06
C GLU C 21 -30.59 35.17 -1.59
N GLN C 22 -31.67 34.87 -2.32
CA GLN C 22 -33.00 35.35 -1.98
C GLN C 22 -33.94 34.16 -2.16
N LYS C 23 -34.57 33.72 -1.07
CA LYS C 23 -35.46 32.56 -1.11
C LYS C 23 -36.94 32.92 -1.20
N GLU C 24 -37.29 34.16 -0.88
CA GLU C 24 -38.68 34.66 -0.99
C GLU C 24 -38.74 35.79 -2.01
N SER C 25 -39.85 35.86 -2.75
CA SER C 25 -40.05 36.91 -3.74
C SER C 25 -40.24 38.25 -3.05
N ASN C 26 -39.42 39.23 -3.44
CA ASN C 26 -39.33 40.52 -2.76
C ASN C 26 -39.07 40.38 -1.25
N GLY C 27 -38.32 39.33 -0.88
CA GLY C 27 -37.96 39.05 0.51
C GLY C 27 -36.57 39.59 0.82
N PRO C 28 -36.01 39.21 1.99
CA PRO C 28 -34.62 39.56 2.31
C PRO C 28 -33.61 38.90 1.37
N VAL C 29 -32.58 39.65 1.01
CA VAL C 29 -31.45 39.13 0.22
C VAL C 29 -30.27 39.00 1.17
N LYS C 30 -29.79 37.77 1.40
CA LYS C 30 -28.56 37.55 2.15
C LYS C 30 -27.37 37.90 1.23
N VAL C 31 -26.51 38.81 1.68
CA VAL C 31 -25.30 39.21 0.93
C VAL C 31 -24.09 38.89 1.78
N TRP C 32 -23.23 37.97 1.33
CA TRP C 32 -22.06 37.55 2.13
C TRP C 32 -20.84 37.15 1.31
N GLY C 33 -19.68 37.22 1.94
CA GLY C 33 -18.41 36.84 1.32
C GLY C 33 -17.21 37.47 1.99
N SER C 34 -16.12 37.59 1.23
CA SER C 34 -14.89 38.22 1.69
C SER C 34 -14.33 39.15 0.63
N ILE C 35 -13.68 40.23 1.09
CA ILE C 35 -12.92 41.13 0.23
C ILE C 35 -11.56 41.32 0.93
N LYS C 36 -10.47 41.03 0.22
CA LYS C 36 -9.11 41.12 0.80
C LYS C 36 -8.22 42.14 0.07
N GLY C 37 -7.18 42.59 0.77
CA GLY C 37 -6.23 43.58 0.24
C GLY C 37 -6.65 45.04 0.40
N LEU C 38 -7.57 45.30 1.32
CA LEU C 38 -8.05 46.66 1.59
C LEU C 38 -7.22 47.34 2.67
N THR C 39 -7.34 48.67 2.74
CA THR C 39 -6.83 49.44 3.87
C THR C 39 -7.82 49.29 5.04
N GLU C 40 -7.30 49.27 6.27
CA GLU C 40 -8.14 49.09 7.47
C GLU C 40 -9.13 50.26 7.61
N GLY C 41 -10.41 49.95 7.80
CA GLY C 41 -11.46 50.97 7.97
C GLY C 41 -12.70 50.69 7.14
N LEU C 42 -13.60 51.68 7.09
CA LEU C 42 -14.86 51.56 6.35
C LEU C 42 -14.67 51.86 4.86
N HIS C 43 -15.24 51.02 4.00
CA HIS C 43 -15.18 51.19 2.55
C HIS C 43 -16.59 51.17 1.98
N GLY C 44 -16.85 52.06 1.01
CA GLY C 44 -18.15 52.16 0.37
C GLY C 44 -18.47 50.92 -0.46
N PHE C 45 -19.75 50.57 -0.52
CA PHE C 45 -20.21 49.30 -1.10
C PHE C 45 -21.54 49.53 -1.81
N HIS C 46 -21.50 49.68 -3.14
CA HIS C 46 -22.65 50.16 -3.93
C HIS C 46 -22.91 49.36 -5.21
N VAL C 47 -24.18 49.25 -5.59
CA VAL C 47 -24.57 48.68 -6.89
C VAL C 47 -24.87 49.83 -7.85
N HIS C 48 -24.13 49.92 -8.94
CA HIS C 48 -24.36 50.93 -9.98
C HIS C 48 -25.55 50.53 -10.88
N GLU C 49 -26.04 51.47 -11.67
CA GLU C 49 -27.25 51.25 -12.49
C GLU C 49 -27.01 50.27 -13.64
N PHE C 50 -25.79 50.23 -14.14
CA PHE C 50 -25.42 49.35 -15.25
C PHE C 50 -24.26 48.44 -14.86
N GLY C 51 -24.12 47.34 -15.61
CA GLY C 51 -23.00 46.43 -15.47
C GLY C 51 -21.87 46.67 -16.45
N ASP C 52 -22.11 47.58 -17.42
CA ASP C 52 -21.15 47.95 -18.45
C ASP C 52 -19.91 48.55 -17.81
N ASN C 53 -18.79 47.83 -17.93
CA ASN C 53 -17.51 48.28 -17.37
C ASN C 53 -16.46 48.49 -18.45
N THR C 54 -16.90 48.79 -19.68
CA THR C 54 -16.00 49.00 -20.82
C THR C 54 -15.26 50.32 -20.71
N ALA C 55 -15.91 51.33 -20.14
CA ALA C 55 -15.29 52.61 -19.82
C ALA C 55 -15.49 52.92 -18.33
N GLY C 56 -15.08 52.00 -17.47
CA GLY C 56 -15.12 52.17 -16.02
C GLY C 56 -16.43 52.70 -15.45
N ALA C 57 -16.33 53.72 -14.59
CA ALA C 57 -17.49 54.26 -13.87
C ALA C 57 -18.45 55.07 -14.76
N THR C 58 -17.96 55.59 -15.88
CA THR C 58 -18.81 56.35 -16.80
C THR C 58 -19.90 55.46 -17.39
N SER C 59 -19.48 54.32 -17.94
CA SER C 59 -20.39 53.34 -18.54
C SER C 59 -21.23 52.61 -17.50
N ALA C 60 -20.70 52.44 -16.29
CA ALA C 60 -21.44 51.83 -15.19
C ALA C 60 -22.58 52.73 -14.68
N GLY C 61 -22.47 54.04 -14.92
CA GLY C 61 -23.55 54.98 -14.62
C GLY C 61 -23.57 55.38 -13.15
N PRO C 62 -24.69 56.00 -12.70
CA PRO C 62 -24.82 56.37 -11.29
C PRO C 62 -25.16 55.16 -10.43
N HIS C 63 -25.32 55.38 -9.12
CA HIS C 63 -25.83 54.35 -8.23
C HIS C 63 -27.24 53.93 -8.67
N PHE C 64 -27.52 52.64 -8.58
CA PHE C 64 -28.78 52.07 -9.04
C PHE C 64 -29.94 52.67 -8.25
N ASN C 65 -30.70 53.52 -8.93
CA ASN C 65 -31.70 54.38 -8.30
C ASN C 65 -32.97 54.42 -9.16
N PRO C 66 -33.80 53.36 -9.09
CA PRO C 66 -35.05 53.33 -9.85
C PRO C 66 -36.19 54.17 -9.28
N LEU C 67 -36.08 54.66 -8.04
CA LEU C 67 -37.12 55.52 -7.44
C LEU C 67 -36.74 57.01 -7.37
N SER C 68 -35.70 57.42 -8.09
CA SER C 68 -35.26 58.82 -8.16
C SER C 68 -35.13 59.52 -6.81
N ARG C 69 -34.52 58.81 -5.86
CA ARG C 69 -34.27 59.33 -4.51
C ARG C 69 -32.85 59.86 -4.44
N LYS C 70 -32.50 60.43 -3.28
CA LYS C 70 -31.13 60.85 -2.99
C LYS C 70 -30.40 59.71 -2.25
N HIS C 71 -29.08 59.87 -2.10
CA HIS C 71 -28.24 58.87 -1.43
C HIS C 71 -28.51 58.78 0.08
N GLY C 72 -28.58 57.54 0.57
CA GLY C 72 -28.57 57.26 2.01
C GLY C 72 -27.76 56.02 2.36
N GLY C 73 -27.72 55.72 3.66
CA GLY C 73 -27.23 54.43 4.14
C GLY C 73 -28.29 53.36 3.92
N PRO C 74 -27.96 52.10 4.24
CA PRO C 74 -28.90 50.98 4.04
C PRO C 74 -30.19 51.10 4.86
N LYS C 75 -30.08 51.63 6.08
CA LYS C 75 -31.22 51.77 7.00
C LYS C 75 -32.10 53.01 6.73
N ASP C 76 -31.61 53.96 5.94
CA ASP C 76 -32.36 55.18 5.62
C ASP C 76 -33.46 54.86 4.62
N GLU C 77 -34.62 55.49 4.78
CA GLU C 77 -35.72 55.36 3.83
C GLU C 77 -35.35 56.04 2.53
N GLU C 78 -34.86 57.28 2.63
CA GLU C 78 -34.38 58.04 1.48
C GLU C 78 -32.98 57.52 1.11
N ARG C 79 -32.95 56.66 0.09
CA ARG C 79 -31.72 56.00 -0.40
C ARG C 79 -31.89 55.55 -1.84
N HIS C 80 -30.77 55.30 -2.50
CA HIS C 80 -30.76 54.62 -3.80
C HIS C 80 -30.84 53.13 -3.51
N VAL C 81 -31.55 52.37 -4.37
CA VAL C 81 -31.68 50.92 -4.20
C VAL C 81 -30.32 50.24 -4.04
N GLY C 82 -29.34 50.67 -4.83
CA GLY C 82 -27.98 50.13 -4.75
C GLY C 82 -27.14 50.54 -3.55
N ASP C 83 -27.66 51.36 -2.63
CA ASP C 83 -26.93 51.77 -1.42
C ASP C 83 -26.83 50.68 -0.34
N LEU C 84 -25.73 49.93 -0.34
CA LEU C 84 -25.47 48.90 0.67
C LEU C 84 -24.50 49.35 1.76
N GLY C 85 -24.32 50.66 1.91
CA GLY C 85 -23.58 51.24 3.04
C GLY C 85 -22.08 51.02 2.98
N ASN C 86 -21.54 50.51 4.09
CA ASN C 86 -20.10 50.26 4.24
C ASN C 86 -19.80 48.84 4.69
N VAL C 87 -18.57 48.42 4.38
CA VAL C 87 -18.00 47.18 4.91
C VAL C 87 -16.72 47.53 5.67
N THR C 88 -16.39 46.76 6.69
CA THR C 88 -15.26 47.06 7.58
C THR C 88 -14.12 46.06 7.39
N ALA C 89 -12.95 46.56 7.03
CA ALA C 89 -11.75 45.74 6.88
C ALA C 89 -10.95 45.75 8.17
N ASP C 90 -10.41 44.58 8.54
CA ASP C 90 -9.63 44.42 9.78
C ASP C 90 -8.17 44.85 9.59
N LYS C 91 -7.34 44.62 10.61
CA LYS C 91 -5.89 44.92 10.58
C LYS C 91 -5.12 44.27 9.42
N ASP C 92 -5.54 43.08 9.00
CA ASP C 92 -4.90 42.34 7.89
C ASP C 92 -5.43 42.71 6.50
N GLY C 93 -6.39 43.65 6.43
CA GLY C 93 -6.94 44.13 5.17
C GLY C 93 -7.95 43.17 4.54
N VAL C 94 -8.77 42.55 5.38
CA VAL C 94 -9.76 41.55 4.96
C VAL C 94 -11.12 41.88 5.58
N ALA C 95 -12.06 42.28 4.73
CA ALA C 95 -13.43 42.59 5.15
C ALA C 95 -14.37 41.40 4.95
N ASP C 96 -14.83 40.83 6.06
CA ASP C 96 -15.83 39.76 6.06
C ASP C 96 -17.20 40.42 5.92
N VAL C 97 -17.82 40.24 4.75
CA VAL C 97 -19.11 40.86 4.43
C VAL C 97 -20.27 39.94 4.84
N SER C 98 -21.29 40.53 5.45
CA SER C 98 -22.46 39.78 5.94
C SER C 98 -23.64 40.73 6.14
N ILE C 99 -24.34 41.01 5.05
CA ILE C 99 -25.41 42.01 5.00
C ILE C 99 -26.74 41.29 4.78
N GLU C 100 -27.82 41.97 5.14
CA GLU C 100 -29.18 41.59 4.76
C GLU C 100 -29.92 42.86 4.37
N ASP C 101 -30.63 42.84 3.25
CA ASP C 101 -31.25 44.05 2.72
C ASP C 101 -32.49 43.72 1.90
N SER C 102 -33.60 44.40 2.19
CA SER C 102 -34.89 44.12 1.55
C SER C 102 -35.26 45.13 0.46
N VAL C 103 -34.43 46.14 0.25
CA VAL C 103 -34.61 47.10 -0.84
C VAL C 103 -34.10 46.48 -2.15
N ILE C 104 -32.90 45.90 -2.09
CA ILE C 104 -32.38 45.13 -3.24
C ILE C 104 -33.16 43.82 -3.41
N SER C 105 -33.14 43.33 -4.65
CA SER C 105 -33.83 42.10 -4.99
C SER C 105 -33.05 41.37 -6.07
N LEU C 106 -33.36 40.09 -6.25
CA LEU C 106 -32.88 39.31 -7.39
C LEU C 106 -33.99 39.14 -8.44
N SER C 107 -35.03 39.96 -8.33
CA SER C 107 -36.12 40.02 -9.30
C SER C 107 -36.83 41.37 -9.25
N GLY C 108 -37.74 41.60 -10.20
CA GLY C 108 -38.53 42.83 -10.25
C GLY C 108 -37.76 44.06 -10.70
N ASP C 109 -38.35 45.22 -10.45
CA ASP C 109 -37.73 46.52 -10.78
C ASP C 109 -36.46 46.82 -9.97
N HIS C 110 -36.29 46.15 -8.83
CA HIS C 110 -35.11 46.33 -7.98
C HIS C 110 -34.04 45.25 -8.20
N CYS C 111 -34.13 44.50 -9.30
CA CYS C 111 -33.19 43.41 -9.59
C CYS C 111 -31.76 43.95 -9.78
N ILE C 112 -30.82 43.42 -8.99
CA ILE C 112 -29.43 43.88 -9.02
C ILE C 112 -28.54 43.02 -9.93
N ILE C 113 -29.10 41.94 -10.46
CA ILE C 113 -28.39 41.07 -11.39
C ILE C 113 -28.12 41.83 -12.69
N GLY C 114 -26.92 41.63 -13.24
CA GLY C 114 -26.48 42.31 -14.46
C GLY C 114 -25.92 43.72 -14.26
N ARG C 115 -25.71 44.11 -13.00
CA ARG C 115 -25.24 45.45 -12.65
C ARG C 115 -23.91 45.34 -11.91
N THR C 116 -23.14 46.43 -11.92
CA THR C 116 -21.82 46.42 -11.30
C THR C 116 -21.93 46.66 -9.80
N LEU C 117 -21.24 45.81 -9.04
CA LEU C 117 -21.01 46.01 -7.60
C LEU C 117 -19.61 46.62 -7.50
N VAL C 118 -19.44 47.58 -6.60
CA VAL C 118 -18.18 48.30 -6.43
C VAL C 118 -17.81 48.36 -4.95
N VAL C 119 -16.53 48.15 -4.67
CA VAL C 119 -15.95 48.46 -3.35
C VAL C 119 -15.10 49.73 -3.50
N HIS C 120 -15.35 50.72 -2.64
CA HIS C 120 -14.78 52.06 -2.80
C HIS C 120 -13.60 52.32 -1.86
N GLU C 121 -12.89 53.42 -2.13
CA GLU C 121 -11.64 53.79 -1.45
C GLU C 121 -11.88 54.23 -0.01
N LYS C 122 -12.72 55.24 0.13
CA LYS C 122 -13.04 55.84 1.43
C LYS C 122 -14.37 55.30 1.92
N ALA C 123 -14.74 55.71 3.14
CA ALA C 123 -16.05 55.39 3.71
C ALA C 123 -17.16 56.17 3.01
N ASP C 124 -18.31 55.53 2.87
CA ASP C 124 -19.53 56.19 2.47
C ASP C 124 -20.06 56.98 3.68
N ASP C 125 -20.35 58.26 3.47
CA ASP C 125 -20.89 59.13 4.54
C ASP C 125 -22.41 59.02 4.74
N LEU C 126 -23.04 58.06 4.06
CA LEU C 126 -24.48 57.75 4.21
C LEU C 126 -25.39 58.92 3.83
N GLY C 127 -24.92 59.79 2.94
CA GLY C 127 -25.65 60.99 2.55
C GLY C 127 -25.72 62.11 3.59
N LYS C 128 -24.89 62.03 4.63
CA LYS C 128 -24.89 63.01 5.73
C LYS C 128 -23.65 63.91 5.67
N GLY C 129 -23.13 64.17 4.47
CA GLY C 129 -21.91 64.94 4.29
C GLY C 129 -22.12 66.43 4.43
N GLY C 130 -23.25 66.91 3.92
CA GLY C 130 -23.56 68.34 3.90
C GLY C 130 -23.06 69.07 2.67
N ASN C 131 -22.87 68.33 1.57
CA ASN C 131 -22.57 68.90 0.25
C ASN C 131 -23.26 68.09 -0.84
N GLU C 132 -23.23 68.57 -2.07
CA GLU C 132 -23.98 67.94 -3.15
C GLU C 132 -23.40 66.57 -3.57
N GLU C 133 -22.10 66.37 -3.36
CA GLU C 133 -21.46 65.08 -3.70
C GLU C 133 -21.87 63.95 -2.74
N SER C 134 -22.24 64.31 -1.51
CA SER C 134 -22.75 63.34 -0.53
C SER C 134 -24.11 62.76 -0.94
N THR C 135 -24.99 63.60 -1.47
CA THR C 135 -26.32 63.18 -1.91
C THR C 135 -26.37 62.29 -3.16
N LYS C 136 -25.25 62.17 -3.89
CA LYS C 136 -25.17 61.29 -5.06
C LYS C 136 -24.36 60.02 -4.76
N THR C 137 -23.07 60.16 -4.53
CA THR C 137 -22.16 59.02 -4.33
C THR C 137 -21.69 58.81 -2.87
N GLY C 138 -21.99 59.76 -1.98
CA GLY C 138 -21.58 59.67 -0.58
C GLY C 138 -20.10 59.90 -0.29
N ASN C 139 -19.39 60.53 -1.22
CA ASN C 139 -17.96 60.86 -1.06
C ASN C 139 -17.07 59.67 -0.67
N ALA C 140 -17.36 58.50 -1.26
CA ALA C 140 -16.61 57.27 -1.00
C ALA C 140 -15.29 57.21 -1.79
N GLY C 141 -15.08 58.15 -2.72
CA GLY C 141 -13.83 58.23 -3.48
C GLY C 141 -13.88 57.36 -4.72
N SER C 142 -12.69 56.98 -5.19
CA SER C 142 -12.54 56.20 -6.42
C SER C 142 -12.78 54.71 -6.20
N ARG C 143 -12.96 53.98 -7.30
CA ARG C 143 -13.32 52.56 -7.28
C ARG C 143 -12.07 51.70 -7.07
N LEU C 144 -12.04 50.93 -5.99
CA LEU C 144 -10.91 50.03 -5.72
C LEU C 144 -11.04 48.74 -6.52
N ALA C 145 -12.21 48.10 -6.41
CA ALA C 145 -12.53 46.90 -7.19
C ALA C 145 -14.01 46.86 -7.57
N ALA C 146 -14.32 46.11 -8.61
CA ALA C 146 -15.67 46.07 -9.16
C ALA C 146 -15.91 44.84 -10.03
N GLY C 147 -17.17 44.43 -10.13
CA GLY C 147 -17.55 43.26 -10.92
C GLY C 147 -19.04 43.22 -11.17
N VAL C 148 -19.43 42.47 -12.21
CA VAL C 148 -20.82 42.32 -12.57
C VAL C 148 -21.49 41.25 -11.69
N ILE C 149 -22.69 41.54 -11.22
CA ILE C 149 -23.50 40.57 -10.48
C ILE C 149 -24.12 39.62 -11.51
N GLY C 150 -23.76 38.34 -11.43
CA GLY C 150 -24.26 37.32 -12.35
C GLY C 150 -25.08 36.24 -11.66
N ILE C 151 -25.91 35.55 -12.44
CA ILE C 151 -26.75 34.47 -11.95
C ILE C 151 -25.86 33.29 -11.59
N ALA C 152 -26.08 32.73 -10.40
CA ALA C 152 -25.31 31.59 -9.89
C ALA C 152 -26.24 30.39 -9.73
N GLN C 153 -25.64 29.19 -9.71
CA GLN C 153 -26.39 27.95 -9.49
C GLN C 153 -26.71 27.81 -8.00
N GLN D 8 -25.49 46.20 -45.25
CA GLN D 8 -24.68 45.20 -44.49
C GLN D 8 -25.33 44.86 -43.13
N GLY D 9 -26.63 44.58 -43.17
CA GLY D 9 -27.41 44.25 -41.96
C GLY D 9 -28.34 45.37 -41.51
N THR D 10 -28.85 45.25 -40.29
CA THR D 10 -29.80 46.24 -39.74
C THR D 10 -29.05 47.45 -39.18
N LEU D 11 -29.69 48.61 -39.23
CA LEU D 11 -29.17 49.84 -38.62
C LEU D 11 -29.25 49.76 -37.09
N ALA D 12 -28.26 50.35 -36.44
CA ALA D 12 -28.26 50.54 -35.00
C ALA D 12 -27.77 51.95 -34.73
N THR D 13 -28.43 52.65 -33.80
CA THR D 13 -28.04 54.00 -33.42
C THR D 13 -27.08 53.92 -32.25
N LEU D 14 -25.87 54.44 -32.43
CA LEU D 14 -24.85 54.49 -31.38
C LEU D 14 -24.78 55.92 -30.83
N GLU D 15 -24.68 56.06 -29.50
CA GLU D 15 -24.58 57.36 -28.83
C GLU D 15 -23.23 57.50 -28.15
N PHE D 16 -22.31 58.23 -28.80
CA PHE D 16 -20.97 58.46 -28.25
C PHE D 16 -20.89 59.79 -27.50
N ALA D 17 -20.18 59.80 -26.37
CA ALA D 17 -19.79 61.03 -25.69
C ALA D 17 -18.38 61.42 -26.14
N VAL D 18 -18.31 62.39 -27.04
CA VAL D 18 -17.06 62.87 -27.61
C VAL D 18 -16.82 64.26 -27.07
N GLN D 19 -15.62 64.52 -26.55
CA GLN D 19 -15.25 65.87 -26.12
C GLN D 19 -14.77 66.69 -27.33
N MET D 20 -15.25 67.93 -27.40
CA MET D 20 -14.98 68.81 -28.54
C MET D 20 -15.37 70.27 -28.19
N THR D 21 -14.38 71.06 -27.78
CA THR D 21 -14.62 72.39 -27.19
C THR D 21 -15.07 73.49 -28.17
N ALA D 22 -14.56 73.45 -29.39
CA ALA D 22 -14.88 74.48 -30.40
C ALA D 22 -15.65 73.93 -31.61
N GLN D 23 -16.08 74.85 -32.47
CA GLN D 23 -16.79 74.52 -33.71
C GLN D 23 -15.91 73.79 -34.74
N SER D 24 -14.60 74.05 -34.71
CA SER D 24 -13.65 73.36 -35.59
C SER D 24 -13.49 71.87 -35.23
N ALA D 25 -13.71 71.53 -33.96
CA ALA D 25 -13.73 70.13 -33.51
C ALA D 25 -14.97 69.36 -34.00
N VAL D 26 -16.10 70.05 -34.12
CA VAL D 26 -17.34 69.46 -34.68
C VAL D 26 -17.17 69.08 -36.15
N ASP D 27 -16.48 69.92 -36.92
CA ASP D 27 -16.21 69.66 -38.35
C ASP D 27 -15.26 68.48 -38.60
N ALA D 28 -14.26 68.32 -37.74
CA ALA D 28 -13.34 67.16 -37.82
C ALA D 28 -14.04 65.85 -37.45
N VAL D 29 -14.94 65.91 -36.47
CA VAL D 29 -15.74 64.75 -36.06
C VAL D 29 -16.71 64.34 -37.18
N ARG D 30 -17.42 65.32 -37.76
CA ARG D 30 -18.37 65.07 -38.86
C ARG D 30 -17.68 64.53 -40.11
N LYS D 31 -16.52 65.09 -40.43
CA LYS D 31 -15.76 64.72 -41.63
C LYS D 31 -15.21 63.28 -41.55
N SER D 32 -14.86 62.83 -40.35
CA SER D 32 -14.35 61.46 -40.14
C SER D 32 -15.42 60.36 -40.34
N LEU D 33 -16.69 60.69 -40.10
CA LEU D 33 -17.80 59.75 -40.28
C LEU D 33 -18.56 59.91 -41.60
N GLN D 34 -18.77 61.16 -42.03
CA GLN D 34 -19.57 61.43 -43.25
C GLN D 34 -18.84 60.94 -44.50
N GLY D 35 -19.55 60.19 -45.34
CA GLY D 35 -18.98 59.60 -46.55
C GLY D 35 -18.07 58.41 -46.28
N VAL D 36 -18.49 57.54 -45.36
CA VAL D 36 -17.78 56.30 -45.04
C VAL D 36 -18.70 55.13 -45.40
N ALA D 37 -18.10 53.98 -45.72
CA ALA D 37 -18.80 52.75 -46.12
C ALA D 37 -20.27 52.63 -45.68
N GLY D 38 -20.49 52.34 -44.39
CA GLY D 38 -21.83 51.97 -43.89
C GLY D 38 -22.36 52.82 -42.75
N VAL D 39 -22.31 54.14 -42.92
CA VAL D 39 -22.76 55.10 -41.90
C VAL D 39 -23.82 56.01 -42.53
N GLN D 40 -25.08 55.85 -42.16
CA GLN D 40 -26.17 56.65 -42.73
C GLN D 40 -26.18 58.07 -42.19
N ASP D 41 -26.67 58.25 -40.97
CA ASP D 41 -27.02 59.57 -40.41
C ASP D 41 -26.14 59.90 -39.22
N VAL D 42 -25.21 60.84 -39.43
CA VAL D 42 -24.40 61.41 -38.35
C VAL D 42 -25.16 62.62 -37.84
N GLU D 43 -25.13 62.81 -36.52
CA GLU D 43 -25.83 63.91 -35.88
C GLU D 43 -24.99 64.37 -34.69
N VAL D 44 -24.17 65.40 -34.90
CA VAL D 44 -23.27 65.94 -33.87
C VAL D 44 -23.99 67.04 -33.08
N HIS D 45 -23.70 67.14 -31.78
CA HIS D 45 -24.25 68.19 -30.93
C HIS D 45 -23.15 68.85 -30.11
N LEU D 46 -22.80 70.08 -30.48
CA LEU D 46 -21.76 70.86 -29.79
C LEU D 46 -22.08 71.13 -28.32
N GLU D 47 -23.36 71.30 -28.00
CA GLU D 47 -23.78 71.68 -26.65
C GLU D 47 -23.62 70.49 -25.70
N ASP D 48 -24.25 69.36 -26.05
CA ASP D 48 -24.31 68.18 -25.20
C ASP D 48 -23.08 67.24 -25.27
N GLN D 49 -22.10 67.57 -26.10
CA GLN D 49 -20.89 66.74 -26.32
C GLN D 49 -21.26 65.34 -26.85
N MET D 50 -22.26 65.30 -27.73
CA MET D 50 -22.85 64.04 -28.19
C MET D 50 -22.67 63.85 -29.70
N VAL D 51 -22.50 62.58 -30.09
CA VAL D 51 -22.50 62.18 -31.49
C VAL D 51 -23.46 61.00 -31.58
N LEU D 52 -24.53 61.15 -32.36
CA LEU D 52 -25.37 60.02 -32.79
C LEU D 52 -24.89 59.54 -34.14
N VAL D 53 -24.89 58.21 -34.32
CA VAL D 53 -24.46 57.58 -35.57
C VAL D 53 -25.39 56.40 -35.85
N HIS D 54 -26.19 56.49 -36.91
CA HIS D 54 -26.96 55.34 -37.40
C HIS D 54 -26.00 54.58 -38.32
N THR D 55 -25.82 53.28 -38.06
CA THR D 55 -24.78 52.51 -38.75
C THR D 55 -24.98 51.00 -38.71
N THR D 56 -24.40 50.33 -39.71
CA THR D 56 -24.26 48.88 -39.73
C THR D 56 -22.84 48.44 -39.38
N LEU D 57 -21.92 49.38 -39.18
CA LEU D 57 -20.55 49.05 -38.78
C LEU D 57 -20.51 48.65 -37.31
N PRO D 58 -19.52 47.85 -36.90
CA PRO D 58 -19.40 47.54 -35.46
C PRO D 58 -19.07 48.78 -34.65
N SER D 59 -19.67 48.90 -33.47
CA SER D 59 -19.40 50.00 -32.53
C SER D 59 -17.91 50.31 -32.33
N GLN D 60 -17.09 49.27 -32.24
CA GLN D 60 -15.65 49.42 -32.02
C GLN D 60 -14.93 50.09 -33.19
N GLU D 61 -15.43 49.89 -34.41
CA GLU D 61 -14.88 50.56 -35.61
C GLU D 61 -15.23 52.05 -35.62
N VAL D 62 -16.48 52.36 -35.28
CA VAL D 62 -16.95 53.75 -35.23
C VAL D 62 -16.26 54.52 -34.09
N GLN D 63 -15.97 53.83 -32.99
CA GLN D 63 -15.21 54.42 -31.87
C GLN D 63 -13.79 54.79 -32.29
N ALA D 64 -13.15 53.88 -33.03
CA ALA D 64 -11.79 54.09 -33.52
C ALA D 64 -11.69 55.31 -34.45
N LEU D 65 -12.67 55.47 -35.34
CA LEU D 65 -12.75 56.63 -36.24
C LEU D 65 -12.84 57.96 -35.48
N LEU D 66 -13.67 58.00 -34.44
CA LEU D 66 -13.83 59.20 -33.60
C LEU D 66 -12.59 59.49 -32.72
N GLU D 67 -11.99 58.44 -32.16
CA GLU D 67 -10.71 58.54 -31.45
C GLU D 67 -9.53 58.79 -32.38
N GLY D 68 -9.69 58.46 -33.66
CA GLY D 68 -8.69 58.76 -34.70
C GLY D 68 -8.42 60.22 -35.01
N THR D 69 -9.28 61.13 -34.53
CA THR D 69 -9.08 62.58 -34.66
C THR D 69 -8.70 63.25 -33.31
N GLY D 70 -7.85 62.56 -32.53
CA GLY D 70 -7.52 63.01 -31.16
C GLY D 70 -8.66 62.71 -30.21
N ARG D 71 -9.45 63.75 -29.88
CA ARG D 71 -10.75 63.62 -29.20
C ARG D 71 -10.82 62.77 -27.91
N GLN D 72 -10.81 61.45 -28.05
CA GLN D 72 -11.35 60.46 -27.09
C GLN D 72 -12.88 60.41 -27.22
N ALA D 73 -13.42 59.20 -27.28
CA ALA D 73 -14.85 58.97 -27.51
C ALA D 73 -15.30 57.73 -26.75
N VAL D 74 -16.41 57.86 -26.04
CA VAL D 74 -16.93 56.81 -25.17
C VAL D 74 -18.34 56.47 -25.61
N LEU D 75 -18.60 55.18 -25.88
CA LEU D 75 -19.93 54.72 -26.23
C LEU D 75 -20.81 54.74 -24.99
N LYS D 76 -21.83 55.59 -25.01
CA LYS D 76 -22.72 55.83 -23.87
C LYS D 76 -24.10 55.20 -23.97
N GLY D 77 -24.59 55.04 -25.19
CA GLY D 77 -25.93 54.51 -25.43
C GLY D 77 -26.01 53.75 -26.75
N MET D 78 -27.02 52.90 -26.86
CA MET D 78 -27.19 52.04 -28.03
C MET D 78 -28.67 51.68 -28.15
N GLY D 79 -29.27 52.04 -29.28
CA GLY D 79 -30.70 51.82 -29.52
C GLY D 79 -31.01 51.50 -30.96
N SER D 80 -32.23 51.00 -31.17
CA SER D 80 -32.70 50.59 -32.49
C SER D 80 -33.13 51.82 -33.28
N GLY D 81 -34.05 51.66 -34.25
CA GLY D 81 -34.49 52.77 -35.10
C GLY D 81 -35.26 53.88 -34.39
N GLN D 82 -34.55 54.60 -33.52
CA GLN D 82 -35.08 55.69 -32.68
C GLN D 82 -36.45 55.45 -31.99
N LEU D 83 -36.76 54.18 -31.69
CA LEU D 83 -37.98 53.80 -30.96
C LEU D 83 -37.58 53.53 -29.52
N GLN D 84 -38.46 52.91 -28.74
CA GLN D 84 -38.16 52.42 -27.38
C GLN D 84 -36.82 51.66 -27.32
N ASN D 85 -36.16 51.72 -26.16
CA ASN D 85 -35.07 50.79 -25.87
C ASN D 85 -35.67 49.48 -25.35
N LEU D 86 -35.58 48.44 -26.17
CA LEU D 86 -36.09 47.11 -25.84
C LEU D 86 -35.06 46.23 -25.14
N GLY D 87 -33.89 46.77 -24.80
CA GLY D 87 -32.85 46.05 -24.07
C GLY D 87 -31.50 46.18 -24.74
N ALA D 88 -30.48 46.53 -23.95
CA ALA D 88 -29.10 46.64 -24.40
C ALA D 88 -28.19 46.01 -23.35
N ALA D 89 -27.14 45.32 -23.81
CA ALA D 89 -26.22 44.63 -22.91
C ALA D 89 -24.82 44.50 -23.49
N VAL D 90 -23.86 44.09 -22.65
CA VAL D 90 -22.46 43.94 -23.05
C VAL D 90 -21.76 42.85 -22.25
N ALA D 91 -20.85 42.13 -22.90
CA ALA D 91 -20.01 41.14 -22.24
C ALA D 91 -18.55 41.46 -22.52
N ILE D 92 -17.77 41.66 -21.46
CA ILE D 92 -16.33 41.84 -21.57
C ILE D 92 -15.66 40.49 -21.34
N LEU D 93 -15.11 39.91 -22.41
CA LEU D 93 -14.50 38.58 -22.34
C LEU D 93 -13.07 38.66 -21.84
N GLY D 94 -12.75 37.83 -20.85
CA GLY D 94 -11.40 37.72 -20.30
C GLY D 94 -11.17 36.36 -19.68
N GLY D 95 -9.97 36.14 -19.15
CA GLY D 95 -9.59 34.84 -18.61
C GLY D 95 -8.08 34.65 -18.55
N PRO D 96 -7.61 33.40 -18.29
CA PRO D 96 -6.18 33.15 -18.08
C PRO D 96 -5.30 33.39 -19.31
N GLY D 97 -5.79 33.05 -20.50
CA GLY D 97 -5.02 33.23 -21.74
C GLY D 97 -4.83 34.67 -22.18
N THR D 98 -4.48 34.83 -23.47
CA THR D 98 -4.34 36.14 -24.10
C THR D 98 -5.63 36.66 -24.74
N VAL D 99 -6.69 35.86 -24.68
CA VAL D 99 -7.95 36.17 -25.37
C VAL D 99 -8.70 37.23 -24.58
N GLN D 100 -9.12 38.29 -25.26
CA GLN D 100 -9.98 39.31 -24.66
C GLN D 100 -10.72 40.11 -25.71
N GLY D 101 -11.94 40.53 -25.37
CA GLY D 101 -12.78 41.28 -26.29
C GLY D 101 -14.00 41.89 -25.65
N VAL D 102 -14.78 42.57 -26.48
CA VAL D 102 -16.04 43.18 -26.07
C VAL D 102 -17.11 42.82 -27.08
N VAL D 103 -18.24 42.30 -26.61
CA VAL D 103 -19.38 41.93 -27.45
C VAL D 103 -20.62 42.61 -26.89
N ARG D 104 -21.39 43.25 -27.77
CA ARG D 104 -22.57 44.02 -27.37
C ARG D 104 -23.84 43.41 -27.95
N PHE D 105 -24.88 43.39 -27.14
CA PHE D 105 -26.18 42.87 -27.50
C PHE D 105 -27.15 44.05 -27.57
N LEU D 106 -27.94 44.12 -28.63
CA LEU D 106 -29.00 45.13 -28.75
C LEU D 106 -30.28 44.46 -29.25
N GLN D 107 -31.39 44.69 -28.55
CA GLN D 107 -32.68 44.13 -28.94
C GLN D 107 -33.33 45.07 -29.96
N LEU D 108 -33.17 44.75 -31.24
CA LEU D 108 -33.62 45.61 -32.35
C LEU D 108 -35.13 45.73 -32.37
N THR D 109 -35.80 44.58 -32.33
CA THR D 109 -37.26 44.48 -32.27
C THR D 109 -37.57 43.42 -31.23
N PRO D 110 -38.84 43.30 -30.79
CA PRO D 110 -39.17 42.29 -29.78
C PRO D 110 -38.67 40.88 -30.09
N GLU D 111 -38.64 40.50 -31.38
CA GLU D 111 -38.27 39.16 -31.81
C GLU D 111 -36.94 39.09 -32.60
N ARG D 112 -36.10 40.12 -32.53
CA ARG D 112 -34.79 40.11 -33.21
C ARG D 112 -33.70 40.87 -32.43
N CYS D 113 -32.52 40.26 -32.32
CA CYS D 113 -31.45 40.73 -31.45
C CYS D 113 -30.11 40.78 -32.17
N LEU D 114 -29.54 41.98 -32.30
CA LEU D 114 -28.19 42.19 -32.83
C LEU D 114 -27.13 41.73 -31.82
N ILE D 115 -26.11 41.05 -32.31
CA ILE D 115 -24.96 40.65 -31.51
C ILE D 115 -23.72 41.03 -32.32
N GLU D 116 -22.82 41.78 -31.71
CA GLU D 116 -21.78 42.48 -32.45
C GLU D 116 -20.58 42.66 -31.54
N GLY D 117 -19.40 42.30 -32.04
CA GLY D 117 -18.20 42.28 -31.20
C GLY D 117 -16.87 42.10 -31.90
N THR D 118 -15.82 42.30 -31.12
CA THR D 118 -14.43 42.17 -31.57
C THR D 118 -13.65 41.46 -30.46
N ILE D 119 -12.96 40.37 -30.83
CA ILE D 119 -12.18 39.57 -29.88
C ILE D 119 -10.77 39.35 -30.44
N ASP D 120 -9.76 39.67 -29.62
CA ASP D 120 -8.34 39.55 -30.01
C ASP D 120 -7.67 38.36 -29.30
N GLY D 121 -6.43 38.09 -29.70
CA GLY D 121 -5.59 37.11 -29.03
C GLY D 121 -5.97 35.66 -29.25
N LEU D 122 -6.67 35.38 -30.34
CA LEU D 122 -7.12 34.03 -30.67
C LEU D 122 -6.17 33.40 -31.67
N GLU D 123 -6.15 32.07 -31.72
CA GLU D 123 -5.48 31.36 -32.81
C GLU D 123 -6.23 31.67 -34.10
N PRO D 124 -5.54 31.74 -35.25
CA PRO D 124 -6.29 31.92 -36.51
C PRO D 124 -7.17 30.71 -36.84
N GLY D 125 -8.45 30.95 -37.09
CA GLY D 125 -9.41 29.89 -37.38
C GLY D 125 -10.76 30.12 -36.72
N LEU D 126 -11.58 29.07 -36.72
CA LEU D 126 -12.96 29.15 -36.22
C LEU D 126 -13.03 28.79 -34.76
N HIS D 127 -13.75 29.61 -34.00
CA HIS D 127 -13.94 29.42 -32.57
C HIS D 127 -15.43 29.43 -32.23
N GLY D 128 -15.85 28.44 -31.44
CA GLY D 128 -17.23 28.36 -30.96
C GLY D 128 -17.56 29.50 -30.01
N LEU D 129 -18.72 30.13 -30.21
CA LEU D 129 -19.19 31.24 -29.39
C LEU D 129 -20.57 30.87 -28.87
N HIS D 130 -20.74 30.96 -27.55
CA HIS D 130 -21.97 30.50 -26.90
C HIS D 130 -22.31 31.35 -25.68
N VAL D 131 -23.62 31.49 -25.42
CA VAL D 131 -24.12 31.98 -24.15
C VAL D 131 -24.31 30.77 -23.24
N HIS D 132 -23.61 30.75 -22.11
CA HIS D 132 -23.82 29.73 -21.09
C HIS D 132 -24.78 30.30 -20.03
N GLN D 133 -25.40 29.40 -19.27
CA GLN D 133 -26.54 29.76 -18.44
C GLN D 133 -26.22 30.58 -17.20
N TYR D 134 -25.06 30.36 -16.58
CA TYR D 134 -24.70 31.08 -15.35
C TYR D 134 -23.65 32.17 -15.60
N GLY D 135 -23.71 33.22 -14.78
CA GLY D 135 -22.72 34.29 -14.79
C GLY D 135 -21.82 34.15 -13.60
N ASP D 136 -21.31 32.94 -13.40
CA ASP D 136 -20.45 32.61 -12.27
C ASP D 136 -19.03 32.52 -12.80
N LEU D 137 -18.20 33.51 -12.44
CA LEU D 137 -16.81 33.55 -12.88
C LEU D 137 -15.82 33.13 -11.79
N THR D 138 -16.31 32.48 -10.73
CA THR D 138 -15.48 32.13 -9.57
C THR D 138 -14.38 31.15 -9.92
N ASN D 139 -14.64 30.24 -10.87
CA ASN D 139 -13.64 29.32 -11.41
C ASN D 139 -13.43 29.56 -12.90
N ASN D 140 -13.16 30.83 -13.24
CA ASN D 140 -13.03 31.31 -14.63
C ASN D 140 -14.26 30.92 -15.45
N CYS D 141 -14.09 30.23 -16.58
CA CYS D 141 -15.20 29.87 -17.44
C CYS D 141 -15.87 28.55 -17.07
N ASN D 142 -15.21 27.72 -16.27
CA ASN D 142 -15.73 26.39 -15.91
C ASN D 142 -16.94 26.39 -14.97
N SER D 143 -17.08 27.46 -14.18
CA SER D 143 -18.24 27.63 -13.29
C SER D 143 -19.49 28.21 -13.97
N CYS D 144 -19.39 28.58 -15.25
CA CYS D 144 -20.50 29.19 -15.99
C CYS D 144 -21.65 28.24 -16.41
N GLY D 145 -21.52 26.95 -16.15
CA GLY D 145 -22.55 25.98 -16.54
C GLY D 145 -22.44 25.58 -17.99
N ASN D 146 -23.52 25.00 -18.51
CA ASN D 146 -23.64 24.57 -19.91
C ASN D 146 -24.27 25.65 -20.76
N HIS D 147 -24.32 25.41 -22.07
CA HIS D 147 -25.00 26.31 -23.01
C HIS D 147 -26.42 26.63 -22.56
N PHE D 148 -26.81 27.89 -22.68
CA PHE D 148 -28.15 28.35 -22.32
C PHE D 148 -29.18 27.65 -23.18
N ASN D 149 -30.05 26.87 -22.53
CA ASN D 149 -30.94 25.95 -23.21
C ASN D 149 -32.29 25.83 -22.48
N PRO D 150 -33.04 26.94 -22.36
CA PRO D 150 -34.35 26.92 -21.70
C PRO D 150 -35.41 26.05 -22.39
N ASP D 151 -35.34 25.93 -23.71
CA ASP D 151 -36.28 25.06 -24.46
C ASP D 151 -35.87 23.59 -24.47
N GLY D 152 -34.74 23.22 -23.87
CA GLY D 152 -34.30 21.83 -23.82
C GLY D 152 -34.05 21.23 -25.19
N ALA D 153 -33.42 22.03 -26.05
CA ALA D 153 -33.10 21.62 -27.42
C ALA D 153 -31.83 20.77 -27.46
N SER D 154 -31.55 20.25 -28.66
CA SER D 154 -30.28 19.62 -28.97
C SER D 154 -29.34 20.72 -29.46
N HIS D 155 -28.04 20.41 -29.55
CA HIS D 155 -27.05 21.40 -29.99
C HIS D 155 -27.05 21.53 -31.50
N GLY D 156 -26.91 22.77 -31.96
CA GLY D 156 -26.85 23.08 -33.39
C GLY D 156 -26.15 24.41 -33.66
N GLY D 157 -26.13 24.80 -34.93
CA GLY D 157 -25.61 26.10 -35.34
C GLY D 157 -26.74 27.09 -35.60
N PRO D 158 -26.41 28.38 -35.87
CA PRO D 158 -27.38 29.46 -36.12
C PRO D 158 -28.46 29.15 -37.15
N GLN D 159 -28.11 28.35 -38.14
CA GLN D 159 -29.03 27.90 -39.20
C GLN D 159 -30.07 26.86 -38.78
N ASP D 160 -29.91 26.25 -37.61
CA ASP D 160 -30.88 25.26 -37.09
C ASP D 160 -31.86 25.90 -36.12
N SER D 161 -33.16 25.72 -36.35
CA SER D 161 -34.15 26.21 -35.37
C SER D 161 -34.13 25.34 -34.10
N ASP D 162 -33.94 24.03 -34.26
CA ASP D 162 -33.62 23.14 -33.13
C ASP D 162 -32.16 23.31 -32.74
N ARG D 163 -31.90 24.39 -32.00
CA ARG D 163 -30.59 24.65 -31.40
C ARG D 163 -30.81 25.11 -29.96
N HIS D 164 -29.77 25.10 -29.15
CA HIS D 164 -29.85 25.74 -27.84
C HIS D 164 -29.95 27.23 -28.12
N ARG D 165 -30.66 27.95 -27.26
CA ARG D 165 -30.82 29.40 -27.42
C ARG D 165 -29.48 30.13 -27.35
N GLY D 166 -28.54 29.58 -26.58
CA GLY D 166 -27.18 30.12 -26.52
C GLY D 166 -26.25 29.85 -27.68
N ASP D 167 -26.67 29.05 -28.67
CA ASP D 167 -25.80 28.65 -29.79
C ASP D 167 -25.66 29.75 -30.86
N LEU D 168 -24.51 30.43 -30.84
CA LEU D 168 -24.17 31.48 -31.81
C LEU D 168 -23.16 31.00 -32.88
N GLY D 169 -22.91 29.69 -32.94
CA GLY D 169 -22.06 29.11 -33.96
C GLY D 169 -20.62 29.50 -33.81
N ASN D 170 -19.94 29.67 -34.93
CA ASN D 170 -18.51 29.98 -34.97
C ASN D 170 -18.24 31.44 -35.24
N VAL D 171 -17.01 31.83 -34.93
CA VAL D 171 -16.49 33.14 -35.17
C VAL D 171 -15.09 32.92 -35.72
N ARG D 172 -14.76 33.58 -36.83
CA ARG D 172 -13.45 33.41 -37.48
C ARG D 172 -12.46 34.44 -36.97
N ALA D 173 -11.25 34.00 -36.66
CA ALA D 173 -10.16 34.90 -36.28
C ALA D 173 -9.15 34.95 -37.42
N ASP D 174 -8.78 36.17 -37.83
CA ASP D 174 -7.80 36.38 -38.92
C ASP D 174 -6.37 35.99 -38.50
N ALA D 175 -5.40 36.16 -39.41
CA ALA D 175 -3.98 35.87 -39.13
C ALA D 175 -3.41 36.58 -37.88
N ASP D 176 -3.88 37.80 -37.61
CA ASP D 176 -3.44 38.56 -36.42
C ASP D 176 -4.15 38.15 -35.12
N GLY D 177 -5.09 37.20 -35.20
CA GLY D 177 -5.84 36.73 -34.05
C GLY D 177 -7.09 37.53 -33.73
N ARG D 178 -7.40 38.52 -34.57
CA ARG D 178 -8.58 39.36 -34.38
C ARG D 178 -9.76 38.68 -35.05
N ALA D 179 -10.92 38.76 -34.39
CA ALA D 179 -12.17 38.18 -34.86
C ALA D 179 -13.33 39.19 -34.72
N ILE D 180 -13.61 39.92 -35.79
CA ILE D 180 -14.71 40.88 -35.81
C ILE D 180 -15.95 40.18 -36.34
N PHE D 181 -17.09 40.40 -35.70
CA PHE D 181 -18.36 39.81 -36.12
C PHE D 181 -19.57 40.68 -35.82
N ARG D 182 -20.65 40.44 -36.57
CA ARG D 182 -21.93 41.13 -36.40
C ARG D 182 -23.03 40.22 -36.97
N MET D 183 -24.06 39.95 -36.16
CA MET D 183 -25.03 38.89 -36.45
C MET D 183 -26.36 39.10 -35.72
N GLU D 184 -27.46 38.68 -36.33
CA GLU D 184 -28.78 38.82 -35.76
C GLU D 184 -29.34 37.45 -35.42
N ASP D 185 -29.84 37.30 -34.20
CA ASP D 185 -30.42 36.05 -33.72
C ASP D 185 -31.88 36.31 -33.37
N GLU D 186 -32.78 35.42 -33.82
CA GLU D 186 -34.22 35.61 -33.65
C GLU D 186 -34.82 34.87 -32.45
N GLN D 187 -34.02 34.03 -31.78
CA GLN D 187 -34.45 33.33 -30.55
C GLN D 187 -33.88 33.97 -29.29
N LEU D 188 -32.59 34.29 -29.30
CA LEU D 188 -31.91 34.93 -28.16
C LEU D 188 -32.46 36.33 -27.93
N LYS D 189 -32.88 36.61 -26.70
CA LYS D 189 -33.38 37.93 -26.30
C LYS D 189 -32.52 38.50 -25.18
N VAL D 190 -32.32 39.81 -25.20
CA VAL D 190 -31.42 40.47 -24.25
C VAL D 190 -31.87 40.27 -22.80
N TRP D 191 -33.18 40.39 -22.56
CA TRP D 191 -33.78 40.15 -21.23
C TRP D 191 -33.60 38.74 -20.69
N ASP D 192 -33.70 37.77 -21.58
CA ASP D 192 -33.57 36.35 -21.21
C ASP D 192 -32.13 35.95 -20.85
N VAL D 193 -31.12 36.79 -21.16
CA VAL D 193 -29.69 36.48 -20.89
C VAL D 193 -28.92 37.50 -20.05
N ILE D 194 -29.61 38.45 -19.40
CA ILE D 194 -28.95 39.39 -18.47
C ILE D 194 -28.39 38.58 -17.29
N GLY D 195 -27.15 38.85 -16.92
CA GLY D 195 -26.51 38.18 -15.80
C GLY D 195 -26.07 36.74 -16.03
N ARG D 196 -26.17 36.25 -17.27
CA ARG D 196 -25.58 34.97 -17.66
C ARG D 196 -24.24 35.29 -18.31
N SER D 197 -23.56 34.30 -18.89
CA SER D 197 -22.21 34.51 -19.45
C SER D 197 -22.13 34.26 -20.95
N LEU D 198 -21.22 34.99 -21.60
CA LEU D 198 -20.82 34.74 -22.98
C LEU D 198 -19.43 34.12 -22.96
N ILE D 199 -19.23 33.04 -23.73
CA ILE D 199 -17.95 32.31 -23.73
C ILE D 199 -17.49 31.99 -25.14
N ILE D 200 -16.20 32.19 -25.41
CA ILE D 200 -15.57 31.76 -26.67
C ILE D 200 -14.66 30.55 -26.44
N ASP D 201 -14.72 29.58 -27.34
CA ASP D 201 -14.09 28.27 -27.15
C ASP D 201 -12.81 28.14 -27.94
N GLU D 202 -12.01 27.13 -27.59
CA GLU D 202 -10.66 26.89 -28.15
C GLU D 202 -10.68 26.58 -29.64
N GLY D 203 -11.59 25.68 -30.03
CA GLY D 203 -11.68 25.22 -31.41
C GLY D 203 -13.06 25.37 -32.02
N GLU D 204 -13.26 24.62 -33.12
CA GLU D 204 -14.42 24.77 -33.97
C GLU D 204 -15.61 23.97 -33.45
N ASP D 205 -16.69 24.70 -33.15
CA ASP D 205 -18.04 24.14 -33.04
C ASP D 205 -18.45 23.39 -34.34
N ASP D 206 -18.71 22.08 -34.21
CA ASP D 206 -19.19 21.25 -35.32
C ASP D 206 -20.69 21.37 -35.61
N LEU D 207 -21.41 22.13 -34.78
CA LEU D 207 -22.81 22.50 -35.02
C LEU D 207 -23.75 21.27 -34.97
N GLY D 208 -23.41 20.31 -34.13
CA GLY D 208 -24.21 19.08 -33.98
C GLY D 208 -24.07 18.09 -35.13
N ARG D 209 -23.03 18.24 -35.94
CA ARG D 209 -22.88 17.45 -37.17
C ARG D 209 -21.61 16.62 -37.21
N GLY D 210 -20.87 16.56 -36.10
CA GLY D 210 -19.54 15.94 -36.09
C GLY D 210 -19.51 14.43 -35.91
N GLY D 211 -20.65 13.82 -35.56
CA GLY D 211 -20.71 12.38 -35.26
C GLY D 211 -19.91 11.95 -34.03
N HIS D 212 -19.63 12.90 -33.13
CA HIS D 212 -18.79 12.70 -31.96
C HIS D 212 -19.74 12.78 -30.76
N PRO D 213 -19.42 12.08 -29.64
CA PRO D 213 -20.35 12.11 -28.49
C PRO D 213 -20.74 13.50 -27.94
N LEU D 214 -19.80 14.44 -27.95
CA LEU D 214 -20.08 15.83 -27.57
C LEU D 214 -20.74 16.72 -28.65
N SER D 215 -21.00 16.19 -29.85
CA SER D 215 -21.49 17.02 -30.96
C SER D 215 -22.88 17.60 -30.69
N LYS D 216 -23.82 16.75 -30.30
CA LYS D 216 -25.17 17.18 -29.93
C LYS D 216 -25.28 17.80 -28.52
N ILE D 217 -24.20 17.78 -27.74
CA ILE D 217 -24.18 18.44 -26.43
C ILE D 217 -23.49 19.79 -26.54
N THR D 218 -22.23 19.82 -26.95
CA THR D 218 -21.43 21.06 -26.99
C THR D 218 -20.97 21.54 -28.37
N GLY D 219 -21.04 20.67 -29.38
CA GLY D 219 -20.43 20.92 -30.68
C GLY D 219 -18.95 20.59 -30.74
N ASN D 220 -18.40 20.02 -29.67
CA ASN D 220 -17.02 19.53 -29.62
C ASN D 220 -15.96 20.59 -29.93
N SER D 221 -16.12 21.78 -29.36
CA SER D 221 -15.20 22.91 -29.63
C SER D 221 -14.03 23.02 -28.62
N GLY D 222 -13.84 21.99 -27.79
CA GLY D 222 -12.69 21.93 -26.89
C GLY D 222 -12.83 22.78 -25.66
N GLU D 223 -11.70 23.31 -25.19
CA GLU D 223 -11.64 24.09 -23.94
C GLU D 223 -12.24 25.49 -24.07
N ARG D 224 -12.63 26.07 -22.94
CA ARG D 224 -13.19 27.40 -22.90
C ARG D 224 -12.05 28.39 -22.72
N LEU D 225 -11.82 29.26 -23.70
CA LEU D 225 -10.68 30.20 -23.62
C LEU D 225 -10.97 31.41 -22.76
N ALA D 226 -12.06 32.12 -23.05
CA ALA D 226 -12.36 33.36 -22.35
C ALA D 226 -13.86 33.52 -22.19
N CYS D 227 -14.25 34.25 -21.14
CA CYS D 227 -15.65 34.43 -20.77
C CYS D 227 -15.87 35.77 -20.08
N GLY D 228 -17.15 36.12 -19.92
CA GLY D 228 -17.55 37.35 -19.28
C GLY D 228 -19.05 37.36 -19.08
N ILE D 229 -19.51 38.15 -18.11
CA ILE D 229 -20.93 38.21 -17.79
C ILE D 229 -21.63 39.16 -18.78
N ILE D 230 -22.78 38.72 -19.27
CA ILE D 230 -23.64 39.56 -20.10
C ILE D 230 -24.30 40.59 -19.16
N ALA D 231 -23.76 41.81 -19.18
CA ALA D 231 -24.13 42.86 -18.24
C ALA D 231 -25.08 43.88 -18.86
N ARG D 232 -25.90 44.50 -18.02
CA ARG D 232 -26.81 45.57 -18.43
C ARG D 232 -26.02 46.78 -18.89
N SER D 233 -26.39 47.35 -20.03
CA SER D 233 -25.78 48.59 -20.53
C SER D 233 -26.85 49.60 -20.96
N ALA D 234 -26.43 50.84 -21.15
CA ALA D 234 -27.35 51.95 -21.37
C ALA D 234 -27.95 51.99 -22.78
N GLY D 235 -29.26 52.26 -22.84
CA GLY D 235 -29.95 52.58 -24.08
C GLY D 235 -29.77 54.05 -24.41
N LEU D 236 -30.40 54.51 -25.49
CA LEU D 236 -30.21 55.89 -25.95
C LEU D 236 -30.72 56.91 -24.93
N PHE D 237 -29.84 57.86 -24.56
CA PHE D 237 -30.17 58.96 -23.64
C PHE D 237 -30.57 58.50 -22.23
N GLN D 238 -30.08 57.33 -21.81
CA GLN D 238 -30.40 56.75 -20.51
C GLN D 238 -29.29 56.90 -19.46
N ASN D 239 -28.06 57.17 -19.89
CA ASN D 239 -26.95 57.38 -18.98
C ASN D 239 -26.54 58.85 -19.02
N PRO D 240 -26.85 59.60 -17.94
CA PRO D 240 -26.46 61.01 -17.88
C PRO D 240 -25.07 61.26 -17.29
N LYS D 241 -24.30 60.20 -16.98
CA LYS D 241 -23.05 60.31 -16.21
C LYS D 241 -21.88 60.93 -16.97
N ALA E 1 -39.12 28.48 -31.39
CA ALA E 1 -40.02 27.29 -31.53
C ALA E 1 -39.88 26.64 -32.92
N THR E 2 -39.51 25.37 -32.95
CA THR E 2 -39.30 24.63 -34.21
C THR E 2 -40.57 24.00 -34.82
N LYS E 3 -41.56 23.72 -33.97
CA LYS E 3 -42.89 23.28 -34.42
C LYS E 3 -44.00 24.14 -33.81
N ALA E 4 -45.15 24.17 -34.48
CA ALA E 4 -46.34 24.82 -33.97
C ALA E 4 -47.59 24.09 -34.48
N VAL E 5 -48.70 24.33 -33.81
CA VAL E 5 -49.98 23.68 -34.13
C VAL E 5 -51.15 24.64 -33.86
N CYS E 6 -52.21 24.51 -34.65
CA CYS E 6 -53.44 25.27 -34.47
C CYS E 6 -54.65 24.36 -34.59
N VAL E 7 -55.67 24.59 -33.76
CA VAL E 7 -56.91 23.81 -33.76
C VAL E 7 -58.07 24.75 -34.14
N LEU E 8 -58.54 24.61 -35.37
CA LEU E 8 -59.59 25.46 -35.92
C LEU E 8 -60.97 25.01 -35.43
N LYS E 9 -61.72 25.94 -34.82
CA LYS E 9 -63.10 25.69 -34.38
C LYS E 9 -63.99 26.88 -34.68
N GLY E 10 -65.30 26.63 -34.74
CA GLY E 10 -66.27 27.70 -35.00
C GLY E 10 -67.72 27.33 -34.85
N ASP E 11 -68.58 28.29 -35.17
CA ASP E 11 -70.03 28.16 -35.06
C ASP E 11 -70.62 27.03 -35.91
N GLY E 12 -70.09 26.83 -37.10
CA GLY E 12 -70.60 25.81 -38.02
C GLY E 12 -70.08 24.42 -37.71
N PRO E 13 -70.13 23.51 -38.70
CA PRO E 13 -69.48 22.20 -38.60
C PRO E 13 -68.00 22.20 -39.02
N VAL E 14 -67.44 23.36 -39.35
CA VAL E 14 -66.08 23.45 -39.87
C VAL E 14 -65.07 23.32 -38.74
N GLN E 15 -64.31 22.24 -38.74
CA GLN E 15 -63.23 22.04 -37.77
C GLN E 15 -62.00 21.42 -38.43
N GLY E 16 -60.82 21.69 -37.87
CA GLY E 16 -59.60 21.12 -38.38
C GLY E 16 -58.38 21.35 -37.50
N ILE E 17 -57.31 20.66 -37.83
CA ILE E 17 -56.00 20.83 -37.19
C ILE E 17 -54.99 21.19 -38.29
N ILE E 18 -54.13 22.15 -38.01
CA ILE E 18 -53.07 22.57 -38.91
C ILE E 18 -51.75 22.52 -38.14
N ASN E 19 -50.75 21.89 -38.73
CA ASN E 19 -49.42 21.77 -38.14
C ASN E 19 -48.43 22.69 -38.85
N PHE E 20 -47.41 23.12 -38.14
CA PHE E 20 -46.34 23.96 -38.68
C PHE E 20 -44.99 23.37 -38.29
N GLU E 21 -44.02 23.46 -39.20
CA GLU E 21 -42.66 22.98 -38.92
C GLU E 21 -41.63 23.76 -39.74
N GLN E 22 -40.55 24.15 -39.06
CA GLN E 22 -39.51 24.97 -39.66
C GLN E 22 -38.17 24.53 -39.09
N LYS E 23 -37.46 23.68 -39.82
CA LYS E 23 -36.19 23.14 -39.37
C LYS E 23 -35.07 24.17 -39.47
N GLU E 24 -35.13 25.01 -40.52
CA GLU E 24 -34.15 26.08 -40.74
C GLU E 24 -34.54 27.36 -40.03
N SER E 25 -33.55 28.11 -39.58
CA SER E 25 -33.75 29.45 -39.08
C SER E 25 -34.06 30.32 -40.30
N ASN E 26 -35.22 30.97 -40.29
CA ASN E 26 -35.70 31.83 -41.37
C ASN E 26 -36.02 31.10 -42.68
N GLY E 27 -36.09 29.77 -42.64
CA GLY E 27 -36.33 28.96 -43.84
C GLY E 27 -37.80 28.73 -44.14
N PRO E 28 -38.11 27.78 -45.03
CA PRO E 28 -39.50 27.40 -45.32
C PRO E 28 -40.27 26.84 -44.12
N VAL E 29 -41.45 27.38 -43.86
CA VAL E 29 -42.39 26.78 -42.91
C VAL E 29 -43.27 25.81 -43.68
N LYS E 30 -43.39 24.61 -43.14
CA LYS E 30 -44.19 23.55 -43.72
C LYS E 30 -45.54 23.57 -43.01
N VAL E 31 -46.58 24.03 -43.71
CA VAL E 31 -47.96 24.05 -43.15
C VAL E 31 -48.73 22.86 -43.68
N TRP E 32 -49.17 21.96 -42.81
CA TRP E 32 -49.90 20.76 -43.23
C TRP E 32 -50.92 20.32 -42.20
N GLY E 33 -51.94 19.60 -42.68
CA GLY E 33 -53.05 19.15 -41.84
C GLY E 33 -54.31 18.91 -42.64
N SER E 34 -55.45 19.07 -41.98
CA SER E 34 -56.75 18.81 -42.61
C SER E 34 -57.87 19.63 -41.97
N ILE E 35 -58.85 20.00 -42.78
CA ILE E 35 -60.03 20.73 -42.35
C ILE E 35 -61.22 19.97 -42.90
N LYS E 36 -62.26 19.79 -42.10
CA LYS E 36 -63.50 19.16 -42.56
C LYS E 36 -64.72 20.03 -42.23
N GLY E 37 -65.82 19.76 -42.93
CA GLY E 37 -67.05 20.54 -42.80
C GLY E 37 -67.20 21.67 -43.79
N LEU E 38 -66.21 21.83 -44.68
CA LEU E 38 -66.22 22.91 -45.67
C LEU E 38 -67.17 22.59 -46.84
N THR E 39 -67.59 23.65 -47.54
CA THR E 39 -68.26 23.48 -48.81
C THR E 39 -67.18 23.17 -49.84
N GLU E 40 -67.52 22.39 -50.86
CA GLU E 40 -66.58 22.03 -51.92
C GLU E 40 -66.06 23.30 -52.62
N GLY E 41 -64.78 23.27 -52.99
CA GLY E 41 -64.12 24.42 -53.63
C GLY E 41 -63.17 25.17 -52.70
N LEU E 42 -62.82 26.40 -53.11
CA LEU E 42 -61.76 27.16 -52.47
C LEU E 42 -62.25 27.94 -51.25
N HIS E 43 -61.33 28.12 -50.29
CA HIS E 43 -61.57 28.89 -49.07
C HIS E 43 -60.34 29.69 -48.69
N GLY E 44 -60.55 30.95 -48.33
CA GLY E 44 -59.48 31.84 -47.86
C GLY E 44 -58.81 31.30 -46.62
N PHE E 45 -57.49 31.45 -46.56
CA PHE E 45 -56.66 30.87 -45.50
C PHE E 45 -55.66 31.91 -45.03
N HIS E 46 -55.99 32.58 -43.91
CA HIS E 46 -55.26 33.78 -43.47
C HIS E 46 -54.80 33.75 -42.00
N VAL E 47 -53.67 34.41 -41.73
CA VAL E 47 -53.18 34.65 -40.38
C VAL E 47 -53.40 36.12 -40.05
N HIS E 48 -54.04 36.38 -38.90
CA HIS E 48 -54.33 37.73 -38.42
C HIS E 48 -53.20 38.23 -37.50
N GLU E 49 -53.21 39.52 -37.21
CA GLU E 49 -52.11 40.17 -36.46
C GLU E 49 -52.09 39.77 -34.98
N PHE E 50 -53.27 39.48 -34.43
CA PHE E 50 -53.42 39.14 -33.02
C PHE E 50 -54.12 37.80 -32.89
N GLY E 51 -53.85 37.11 -31.78
CA GLY E 51 -54.53 35.86 -31.43
C GLY E 51 -55.74 36.02 -30.51
N ASP E 52 -56.10 37.27 -30.21
CA ASP E 52 -57.17 37.62 -29.30
C ASP E 52 -58.50 37.36 -30.00
N ASN E 53 -59.26 36.37 -29.52
CA ASN E 53 -60.60 36.05 -30.06
C ASN E 53 -61.72 36.26 -29.03
N THR E 54 -61.55 37.27 -28.17
CA THR E 54 -62.57 37.65 -27.19
C THR E 54 -63.74 38.40 -27.83
N ALA E 55 -63.53 38.96 -29.02
CA ALA E 55 -64.60 39.60 -29.78
C ALA E 55 -64.49 39.24 -31.27
N GLY E 56 -64.23 37.97 -31.55
CA GLY E 56 -64.16 37.46 -32.92
C GLY E 56 -63.10 38.16 -33.77
N ALA E 57 -63.50 38.57 -34.97
CA ALA E 57 -62.57 39.19 -35.94
C ALA E 57 -62.14 40.60 -35.57
N THR E 58 -62.90 41.28 -34.72
CA THR E 58 -62.55 42.61 -34.20
C THR E 58 -61.23 42.61 -33.43
N SER E 59 -61.13 41.68 -32.48
CA SER E 59 -59.97 41.56 -31.61
C SER E 59 -58.76 40.91 -32.31
N ALA E 60 -59.02 40.08 -33.31
CA ALA E 60 -57.95 39.46 -34.10
C ALA E 60 -57.14 40.50 -34.89
N GLY E 61 -57.78 41.61 -35.25
CA GLY E 61 -57.15 42.67 -36.03
C GLY E 61 -57.16 42.38 -37.53
N PRO E 62 -56.43 43.20 -38.31
CA PRO E 62 -56.31 42.93 -39.75
C PRO E 62 -55.43 41.71 -40.02
N HIS E 63 -55.16 41.42 -41.29
CA HIS E 63 -54.22 40.37 -41.65
C HIS E 63 -52.81 40.74 -41.19
N PHE E 64 -52.08 39.75 -40.71
CA PHE E 64 -50.75 39.96 -40.17
C PHE E 64 -49.86 40.54 -41.26
N ASN E 65 -49.34 41.73 -40.99
CA ASN E 65 -48.77 42.60 -42.02
C ASN E 65 -47.73 43.55 -41.42
N PRO E 66 -46.57 43.03 -40.97
CA PRO E 66 -45.51 43.88 -40.43
C PRO E 66 -44.86 44.84 -41.44
N LEU E 67 -44.84 44.47 -42.73
CA LEU E 67 -44.26 45.32 -43.79
C LEU E 67 -45.28 46.26 -44.49
N SER E 68 -46.47 46.40 -43.92
CA SER E 68 -47.47 47.40 -44.34
C SER E 68 -47.81 47.36 -45.84
N ARG E 69 -47.90 46.15 -46.38
CA ARG E 69 -48.24 45.96 -47.79
C ARG E 69 -49.74 45.82 -47.95
N LYS E 70 -50.18 45.68 -49.20
CA LYS E 70 -51.55 45.33 -49.53
C LYS E 70 -51.69 43.81 -49.72
N HIS E 71 -52.93 43.34 -49.71
CA HIS E 71 -53.25 41.91 -49.83
C HIS E 71 -52.80 41.32 -51.17
N GLY E 72 -52.29 40.10 -51.12
CA GLY E 72 -52.03 39.30 -52.32
C GLY E 72 -52.14 37.80 -52.06
N GLY E 73 -51.87 37.02 -53.10
CA GLY E 73 -51.69 35.57 -52.96
C GLY E 73 -50.28 35.30 -52.43
N PRO E 74 -50.04 34.07 -51.91
CA PRO E 74 -48.72 33.77 -51.32
C PRO E 74 -47.57 33.85 -52.31
N LYS E 75 -47.85 33.58 -53.58
CA LYS E 75 -46.86 33.69 -54.64
C LYS E 75 -46.48 35.15 -54.97
N ASP E 76 -47.34 36.11 -54.64
CA ASP E 76 -47.06 37.54 -54.90
C ASP E 76 -46.05 38.14 -53.94
N GLU E 77 -45.27 39.12 -54.41
CA GLU E 77 -44.39 39.88 -53.54
C GLU E 77 -45.17 40.96 -52.78
N GLU E 78 -46.14 41.59 -53.45
CA GLU E 78 -47.09 42.47 -52.79
C GLU E 78 -48.18 41.63 -52.13
N ARG E 79 -47.90 41.23 -50.89
CA ARG E 79 -48.83 40.46 -50.05
C ARG E 79 -48.63 40.83 -48.58
N HIS E 80 -49.57 40.43 -47.73
CA HIS E 80 -49.34 40.44 -46.27
C HIS E 80 -48.56 39.19 -45.88
N VAL E 81 -47.91 39.25 -44.72
CA VAL E 81 -47.18 38.09 -44.20
C VAL E 81 -48.16 36.94 -43.91
N GLY E 82 -49.37 37.29 -43.45
CA GLY E 82 -50.41 36.30 -43.18
C GLY E 82 -51.23 35.75 -44.35
N ASP E 83 -50.90 36.12 -45.58
CA ASP E 83 -51.63 35.64 -46.76
C ASP E 83 -51.16 34.26 -47.22
N LEU E 84 -51.83 33.21 -46.74
CA LEU E 84 -51.57 31.84 -47.16
C LEU E 84 -52.59 31.33 -48.21
N GLY E 85 -53.25 32.26 -48.91
CA GLY E 85 -53.99 31.93 -50.12
C GLY E 85 -55.27 31.16 -49.90
N ASN E 86 -55.43 30.06 -50.63
CA ASN E 86 -56.62 29.21 -50.57
C ASN E 86 -56.31 27.80 -50.15
N VAL E 87 -57.30 27.14 -49.57
CA VAL E 87 -57.27 25.70 -49.31
C VAL E 87 -58.45 25.08 -50.06
N THR E 88 -58.20 24.01 -50.81
CA THR E 88 -59.23 23.38 -51.66
C THR E 88 -59.92 22.24 -50.93
N ALA E 89 -61.24 22.33 -50.78
CA ALA E 89 -62.04 21.27 -50.16
C ALA E 89 -62.65 20.35 -51.22
N ASP E 90 -62.62 19.04 -50.95
CA ASP E 90 -63.16 18.04 -51.87
C ASP E 90 -64.68 17.95 -51.76
N LYS E 91 -65.28 17.11 -52.60
CA LYS E 91 -66.74 16.89 -52.62
C LYS E 91 -67.33 16.45 -51.28
N ASP E 92 -66.55 15.73 -50.46
CA ASP E 92 -66.97 15.38 -49.09
C ASP E 92 -66.64 16.47 -48.06
N GLY E 93 -66.22 17.64 -48.53
CA GLY E 93 -66.03 18.82 -47.68
C GLY E 93 -64.73 18.84 -46.88
N VAL E 94 -63.70 18.18 -47.40
CA VAL E 94 -62.44 17.98 -46.68
C VAL E 94 -61.32 18.60 -47.47
N ALA E 95 -60.53 19.45 -46.82
CA ALA E 95 -59.39 20.10 -47.43
C ALA E 95 -58.13 19.65 -46.74
N ASP E 96 -57.46 18.66 -47.32
CA ASP E 96 -56.13 18.25 -46.86
C ASP E 96 -55.16 19.36 -47.25
N VAL E 97 -54.72 20.13 -46.25
CA VAL E 97 -53.83 21.27 -46.46
C VAL E 97 -52.38 20.78 -46.52
N SER E 98 -51.62 21.31 -47.46
CA SER E 98 -50.19 21.00 -47.59
C SER E 98 -49.47 22.13 -48.30
N ILE E 99 -49.06 23.14 -47.53
CA ILE E 99 -48.46 24.36 -48.05
C ILE E 99 -46.98 24.42 -47.61
N GLU E 100 -46.17 25.13 -48.37
CA GLU E 100 -44.83 25.52 -47.98
C GLU E 100 -44.66 27.02 -48.24
N ASP E 101 -44.10 27.76 -47.28
CA ASP E 101 -44.06 29.22 -47.33
C ASP E 101 -42.87 29.78 -46.54
N SER E 102 -42.12 30.68 -47.18
CA SER E 102 -40.91 31.29 -46.60
C SER E 102 -41.09 32.73 -46.09
N VAL E 103 -42.24 33.36 -46.41
CA VAL E 103 -42.56 34.68 -45.88
C VAL E 103 -42.94 34.57 -44.40
N ILE E 104 -43.84 33.63 -44.07
CA ILE E 104 -44.15 33.34 -42.67
C ILE E 104 -42.97 32.67 -42.01
N SER E 105 -42.95 32.71 -40.68
CA SER E 105 -41.88 32.10 -39.90
C SER E 105 -42.42 31.69 -38.53
N LEU E 106 -41.62 30.95 -37.79
CA LEU E 106 -41.90 30.61 -36.40
C LEU E 106 -40.98 31.35 -35.43
N SER E 107 -40.19 32.29 -35.96
CA SER E 107 -39.44 33.23 -35.14
C SER E 107 -39.31 34.56 -35.89
N GLY E 108 -38.68 35.55 -35.26
CA GLY E 108 -38.40 36.82 -35.91
C GLY E 108 -39.63 37.71 -36.03
N ASP E 109 -39.48 38.78 -36.81
CA ASP E 109 -40.57 39.73 -37.03
C ASP E 109 -41.78 39.16 -37.75
N HIS E 110 -41.58 38.07 -38.50
CA HIS E 110 -42.67 37.40 -39.23
C HIS E 110 -43.25 36.21 -38.46
N CYS E 111 -42.96 36.08 -37.17
CA CYS E 111 -43.41 34.96 -36.35
C CYS E 111 -44.94 34.93 -36.23
N ILE E 112 -45.55 33.84 -36.71
CA ILE E 112 -47.00 33.65 -36.66
C ILE E 112 -47.51 32.94 -35.39
N ILE E 113 -46.60 32.62 -34.46
CA ILE E 113 -47.00 32.01 -33.20
C ILE E 113 -47.71 33.06 -32.37
N GLY E 114 -48.79 32.63 -31.70
CA GLY E 114 -49.61 33.50 -30.88
C GLY E 114 -50.64 34.31 -31.65
N ARG E 115 -50.90 33.96 -32.90
CA ARG E 115 -51.83 34.68 -33.76
C ARG E 115 -52.96 33.77 -34.24
N THR E 116 -54.04 34.38 -34.73
CA THR E 116 -55.23 33.63 -35.15
C THR E 116 -55.09 33.17 -36.59
N LEU E 117 -55.30 31.87 -36.82
CA LEU E 117 -55.42 31.30 -38.17
C LEU E 117 -56.90 31.14 -38.49
N VAL E 118 -57.30 31.56 -39.70
CA VAL E 118 -58.70 31.63 -40.08
C VAL E 118 -58.92 30.89 -41.39
N VAL E 119 -60.01 30.11 -41.47
CA VAL E 119 -60.47 29.53 -42.73
C VAL E 119 -61.81 30.20 -43.04
N HIS E 120 -61.92 30.77 -44.25
CA HIS E 120 -63.01 31.69 -44.60
C HIS E 120 -64.14 31.05 -45.42
N GLU E 121 -65.23 31.79 -45.56
CA GLU E 121 -66.45 31.35 -46.23
C GLU E 121 -66.26 31.13 -47.73
N LYS E 122 -65.75 32.17 -48.39
CA LYS E 122 -65.51 32.18 -49.84
C LYS E 122 -64.02 32.14 -50.15
N ALA E 123 -63.70 32.07 -51.45
CA ALA E 123 -62.34 32.07 -51.93
C ALA E 123 -61.70 33.45 -51.81
N ASP E 124 -60.52 33.49 -51.20
CA ASP E 124 -59.55 34.58 -51.35
C ASP E 124 -59.31 34.86 -52.83
N ASP E 125 -59.58 36.11 -53.24
CA ASP E 125 -59.33 36.55 -54.63
C ASP E 125 -57.88 36.99 -54.89
N LEU E 126 -57.01 36.81 -53.90
CA LEU E 126 -55.57 37.05 -54.03
C LEU E 126 -55.20 38.51 -54.34
N GLY E 127 -56.03 39.45 -53.87
CA GLY E 127 -55.82 40.88 -54.10
C GLY E 127 -56.02 41.37 -55.52
N LYS E 128 -56.75 40.60 -56.33
CA LYS E 128 -56.99 40.92 -57.75
C LYS E 128 -58.49 41.11 -58.07
N GLY E 129 -59.26 41.55 -57.09
CA GLY E 129 -60.69 41.79 -57.25
C GLY E 129 -60.99 43.11 -57.94
N GLY E 130 -60.10 44.09 -57.78
CA GLY E 130 -60.26 45.41 -58.37
C GLY E 130 -61.20 46.27 -57.55
N ASN E 131 -60.93 46.32 -56.25
CA ASN E 131 -61.68 47.15 -55.31
C ASN E 131 -60.96 47.21 -53.97
N GLU E 132 -61.40 48.10 -53.07
CA GLU E 132 -60.68 48.36 -51.83
C GLU E 132 -60.64 47.14 -50.90
N GLU E 133 -61.76 46.43 -50.76
CA GLU E 133 -61.81 45.26 -49.87
C GLU E 133 -60.92 44.13 -50.35
N SER E 134 -60.74 43.98 -51.67
CA SER E 134 -59.80 42.98 -52.21
C SER E 134 -58.36 43.18 -51.75
N THR E 135 -57.93 44.43 -51.61
CA THR E 135 -56.57 44.77 -51.13
C THR E 135 -56.39 44.74 -49.61
N LYS E 136 -57.46 44.44 -48.87
CA LYS E 136 -57.40 44.20 -47.42
C LYS E 136 -57.62 42.73 -47.07
N THR E 137 -58.80 42.20 -47.39
CA THR E 137 -59.18 40.82 -47.02
C THR E 137 -59.29 39.82 -48.17
N GLY E 138 -59.21 40.30 -49.42
CA GLY E 138 -59.35 39.45 -50.60
C GLY E 138 -60.75 38.91 -50.86
N ASN E 139 -61.77 39.59 -50.30
CA ASN E 139 -63.17 39.18 -50.44
C ASN E 139 -63.42 37.69 -50.19
N ALA E 140 -62.75 37.15 -49.18
CA ALA E 140 -62.91 35.76 -48.78
C ALA E 140 -64.16 35.53 -47.93
N GLY E 141 -64.90 36.59 -47.59
CA GLY E 141 -66.17 36.44 -46.90
C GLY E 141 -65.96 36.21 -45.43
N SER E 142 -66.99 35.68 -44.78
CA SER E 142 -66.99 35.55 -43.32
C SER E 142 -66.08 34.42 -42.80
N ARG E 143 -65.81 34.47 -41.51
CA ARG E 143 -65.00 33.49 -40.82
C ARG E 143 -65.86 32.26 -40.56
N LEU E 144 -65.33 31.07 -40.88
CA LEU E 144 -66.03 29.80 -40.60
C LEU E 144 -65.45 29.09 -39.37
N ALA E 145 -64.13 29.13 -39.22
CA ALA E 145 -63.45 28.56 -38.07
C ALA E 145 -62.13 29.25 -37.82
N ALA E 146 -61.67 29.22 -36.57
CA ALA E 146 -60.40 29.84 -36.21
C ALA E 146 -59.78 29.25 -34.96
N GLY E 147 -58.49 29.52 -34.78
CA GLY E 147 -57.75 29.05 -33.62
C GLY E 147 -56.42 29.77 -33.48
N VAL E 148 -55.91 29.82 -32.26
CA VAL E 148 -54.61 30.41 -32.02
C VAL E 148 -53.54 29.39 -32.40
N ILE E 149 -52.46 29.87 -33.03
CA ILE E 149 -51.28 29.06 -33.34
C ILE E 149 -50.38 29.04 -32.11
N GLY E 150 -50.26 27.86 -31.50
CA GLY E 150 -49.47 27.68 -30.29
C GLY E 150 -48.22 26.88 -30.57
N ILE E 151 -47.28 26.91 -29.62
CA ILE E 151 -46.04 26.15 -29.73
C ILE E 151 -46.35 24.69 -29.48
N ALA E 152 -45.79 23.81 -30.32
CA ALA E 152 -45.97 22.37 -30.18
C ALA E 152 -44.66 21.70 -29.75
N GLN E 153 -44.76 20.49 -29.21
CA GLN E 153 -43.58 19.71 -28.82
C GLN E 153 -42.82 19.24 -30.05
CA GLY F 9 -52.25 47.68 -7.32
C GLY F 9 -51.78 47.86 -8.75
N THR F 10 -51.05 48.95 -8.99
CA THR F 10 -50.54 49.37 -10.32
C THR F 10 -51.62 49.68 -11.38
N LEU F 11 -51.48 50.85 -11.99
CA LEU F 11 -52.44 51.35 -12.96
C LEU F 11 -52.26 50.66 -14.31
N ALA F 12 -53.37 50.48 -15.01
CA ALA F 12 -53.37 49.95 -16.37
C ALA F 12 -54.41 50.70 -17.21
N THR F 13 -54.00 51.21 -18.37
CA THR F 13 -54.89 51.92 -19.27
C THR F 13 -55.61 50.93 -20.21
N LEU F 14 -56.93 50.85 -20.10
CA LEU F 14 -57.75 49.99 -20.95
C LEU F 14 -58.34 50.84 -22.08
N GLU F 15 -58.31 50.32 -23.30
CA GLU F 15 -58.89 51.01 -24.46
C GLU F 15 -60.13 50.27 -24.95
N PHE F 16 -61.30 50.75 -24.57
CA PHE F 16 -62.57 50.20 -25.06
C PHE F 16 -63.04 50.89 -26.34
N ALA F 17 -63.81 50.17 -27.14
CA ALA F 17 -64.54 50.74 -28.27
C ALA F 17 -66.02 50.68 -27.94
N VAL F 18 -66.57 51.81 -27.50
CA VAL F 18 -67.97 51.93 -27.11
C VAL F 18 -68.72 52.68 -28.22
N GLN F 19 -69.78 52.06 -28.76
CA GLN F 19 -70.63 52.73 -29.75
C GLN F 19 -71.54 53.73 -29.03
N MET F 20 -71.54 54.97 -29.53
CA MET F 20 -72.29 56.06 -28.92
C MET F 20 -72.25 57.28 -29.83
N THR F 21 -73.32 57.48 -30.60
CA THR F 21 -73.42 58.62 -31.51
C THR F 21 -73.79 59.92 -30.76
N ALA F 22 -74.72 59.82 -29.81
CA ALA F 22 -75.26 60.99 -29.09
C ALA F 22 -74.31 61.57 -28.04
N GLN F 23 -74.50 62.85 -27.73
CA GLN F 23 -73.80 63.51 -26.61
C GLN F 23 -74.39 63.10 -25.25
N SER F 24 -75.67 62.72 -25.23
CA SER F 24 -76.29 62.13 -24.03
C SER F 24 -75.72 60.74 -23.68
N ALA F 25 -75.27 60.02 -24.72
CA ALA F 25 -74.55 58.75 -24.52
C ALA F 25 -73.17 58.95 -23.87
N VAL F 26 -72.48 60.02 -24.26
CA VAL F 26 -71.16 60.39 -23.68
C VAL F 26 -71.27 60.66 -22.17
N ASP F 27 -72.36 61.30 -21.76
CA ASP F 27 -72.62 61.58 -20.34
C ASP F 27 -72.98 60.32 -19.54
N ALA F 28 -73.76 59.42 -20.14
CA ALA F 28 -74.16 58.16 -19.50
C ALA F 28 -72.97 57.20 -19.30
N VAL F 29 -72.05 57.19 -20.26
CA VAL F 29 -70.81 56.40 -20.17
C VAL F 29 -69.85 56.99 -19.13
N ARG F 30 -69.64 58.31 -19.18
CA ARG F 30 -68.76 59.01 -18.24
C ARG F 30 -69.24 58.91 -16.78
N LYS F 31 -70.57 58.90 -16.60
CA LYS F 31 -71.18 58.82 -15.26
C LYS F 31 -70.98 57.45 -14.60
N SER F 32 -71.07 56.38 -15.38
CA SER F 32 -70.95 55.01 -14.86
C SER F 32 -69.57 54.68 -14.29
N LEU F 33 -68.52 55.34 -14.81
CA LEU F 33 -67.14 55.09 -14.38
C LEU F 33 -66.63 56.09 -13.34
N GLN F 34 -66.88 57.39 -13.56
CA GLN F 34 -66.27 58.43 -12.72
C GLN F 34 -66.84 58.44 -11.29
N GLY F 35 -65.94 58.48 -10.30
CA GLY F 35 -66.30 58.39 -8.89
C GLY F 35 -66.35 56.97 -8.31
N VAL F 36 -66.08 55.96 -9.13
CA VAL F 36 -66.12 54.55 -8.69
C VAL F 36 -64.78 54.17 -8.05
N ALA F 37 -64.83 53.24 -7.10
CA ALA F 37 -63.65 52.76 -6.38
C ALA F 37 -62.62 52.11 -7.32
N GLY F 38 -61.45 52.76 -7.45
CA GLY F 38 -60.35 52.25 -8.25
C GLY F 38 -60.38 52.61 -9.73
N VAL F 39 -60.79 53.85 -10.03
CA VAL F 39 -60.77 54.37 -11.40
C VAL F 39 -60.26 55.81 -11.34
N GLN F 40 -59.02 56.03 -11.76
CA GLN F 40 -58.43 57.37 -11.70
C GLN F 40 -58.93 58.29 -12.82
N ASP F 41 -58.55 58.00 -14.06
CA ASP F 41 -58.74 58.90 -15.19
C ASP F 41 -59.60 58.26 -16.28
N VAL F 42 -60.74 58.88 -16.58
CA VAL F 42 -61.56 58.53 -17.75
C VAL F 42 -61.29 59.58 -18.82
N GLU F 43 -61.37 59.17 -20.09
CA GLU F 43 -61.05 60.06 -21.21
C GLU F 43 -61.78 59.62 -22.50
N VAL F 44 -63.04 60.05 -22.63
CA VAL F 44 -63.91 59.65 -23.73
C VAL F 44 -63.65 60.50 -24.99
N HIS F 45 -63.66 59.85 -26.16
CA HIS F 45 -63.50 60.52 -27.46
C HIS F 45 -64.67 60.12 -28.36
N LEU F 46 -65.52 61.10 -28.69
CA LEU F 46 -66.77 60.85 -29.42
C LEU F 46 -66.54 60.49 -30.90
N GLU F 47 -65.63 61.23 -31.55
CA GLU F 47 -65.26 60.97 -32.95
C GLU F 47 -64.66 59.58 -33.21
N ASP F 48 -63.78 59.13 -32.32
CA ASP F 48 -63.11 57.82 -32.46
C ASP F 48 -63.91 56.64 -31.90
N GLN F 49 -64.98 56.93 -31.16
CA GLN F 49 -65.75 55.91 -30.44
C GLN F 49 -64.84 55.12 -29.48
N MET F 50 -64.13 55.87 -28.64
CA MET F 50 -63.12 55.31 -27.73
C MET F 50 -63.40 55.73 -26.28
N VAL F 51 -62.98 54.88 -25.34
CA VAL F 51 -63.00 55.20 -23.90
C VAL F 51 -61.69 54.70 -23.29
N LEU F 52 -60.80 55.62 -22.92
CA LEU F 52 -59.59 55.30 -22.16
C LEU F 52 -59.90 55.31 -20.66
N VAL F 53 -59.53 54.24 -19.96
CA VAL F 53 -59.79 54.11 -18.52
C VAL F 53 -58.50 53.70 -17.81
N HIS F 54 -57.90 54.62 -17.05
CA HIS F 54 -56.75 54.32 -16.19
C HIS F 54 -57.31 53.76 -14.89
N THR F 55 -56.90 52.55 -14.50
CA THR F 55 -57.55 51.84 -13.38
C THR F 55 -56.71 50.73 -12.76
N THR F 56 -57.10 50.33 -11.54
CA THR F 56 -56.58 49.13 -10.87
C THR F 56 -57.63 48.02 -10.81
N LEU F 57 -58.79 48.22 -11.45
CA LEU F 57 -59.84 47.20 -11.47
C LEU F 57 -59.59 46.18 -12.57
N PRO F 58 -60.27 45.01 -12.51
CA PRO F 58 -60.24 44.09 -13.63
C PRO F 58 -60.95 44.68 -14.85
N SER F 59 -60.46 44.35 -16.05
CA SER F 59 -61.06 44.79 -17.30
C SER F 59 -62.51 44.29 -17.48
N GLN F 60 -62.77 43.05 -17.07
CA GLN F 60 -64.12 42.46 -17.16
C GLN F 60 -65.14 43.21 -16.27
N GLU F 61 -64.69 43.77 -15.16
CA GLU F 61 -65.52 44.59 -14.27
C GLU F 61 -65.79 45.99 -14.85
N VAL F 62 -64.77 46.58 -15.48
CA VAL F 62 -64.93 47.88 -16.15
C VAL F 62 -65.75 47.74 -17.43
N GLN F 63 -65.70 46.57 -18.07
CA GLN F 63 -66.55 46.26 -19.23
C GLN F 63 -68.03 46.19 -18.83
N ALA F 64 -68.32 45.57 -17.69
CA ALA F 64 -69.69 45.44 -17.18
C ALA F 64 -70.34 46.78 -16.81
N LEU F 65 -69.55 47.71 -16.25
CA LEU F 65 -70.04 49.05 -15.91
C LEU F 65 -70.33 49.92 -17.15
N LEU F 66 -69.62 49.67 -18.25
CA LEU F 66 -69.90 50.33 -19.54
C LEU F 66 -71.14 49.73 -20.21
N GLU F 67 -71.19 48.39 -20.28
CA GLU F 67 -72.38 47.69 -20.81
C GLU F 67 -73.62 47.83 -19.91
N GLY F 68 -73.41 48.16 -18.63
CA GLY F 68 -74.49 48.47 -17.69
C GLY F 68 -75.37 49.65 -18.04
N THR F 69 -74.86 50.61 -18.82
CA THR F 69 -75.65 51.71 -19.38
C THR F 69 -75.90 51.48 -20.87
N GLY F 70 -76.54 50.36 -21.21
CA GLY F 70 -77.04 50.09 -22.56
C GLY F 70 -76.03 49.65 -23.59
N ARG F 71 -75.35 50.62 -24.19
CA ARG F 71 -74.45 50.40 -25.34
C ARG F 71 -73.35 49.37 -25.08
N GLN F 72 -72.99 48.59 -26.10
CA GLN F 72 -71.94 47.56 -25.97
C GLN F 72 -70.55 48.16 -25.94
N ALA F 73 -69.63 47.48 -25.25
CA ALA F 73 -68.25 47.92 -25.08
C ALA F 73 -67.28 46.75 -25.26
N VAL F 74 -66.42 46.84 -26.28
CA VAL F 74 -65.42 45.83 -26.58
C VAL F 74 -64.05 46.35 -26.18
N LEU F 75 -63.23 45.50 -25.57
CA LEU F 75 -61.86 45.86 -25.19
C LEU F 75 -60.94 45.71 -26.41
N LYS F 76 -60.29 46.80 -26.78
CA LYS F 76 -59.44 46.87 -27.97
C LYS F 76 -57.95 46.99 -27.71
N GLY F 77 -57.57 47.56 -26.57
CA GLY F 77 -56.17 47.77 -26.22
C GLY F 77 -55.89 47.70 -24.72
N MET F 78 -54.63 47.48 -24.39
CA MET F 78 -54.19 47.39 -23.01
C MET F 78 -52.72 47.81 -22.90
N GLY F 79 -52.44 48.75 -22.01
CA GLY F 79 -51.09 49.28 -21.83
C GLY F 79 -50.87 49.80 -20.42
N SER F 80 -49.61 50.06 -20.09
CA SER F 80 -49.25 50.67 -18.81
C SER F 80 -49.66 52.15 -18.82
N GLY F 81 -49.37 52.86 -17.73
CA GLY F 81 -49.55 54.32 -17.68
C GLY F 81 -48.76 55.00 -18.78
N GLN F 82 -49.34 55.02 -19.99
CA GLN F 82 -48.67 55.38 -21.25
C GLN F 82 -47.40 54.55 -21.49
N LEU F 83 -46.30 54.91 -20.80
CA LEU F 83 -44.96 54.34 -20.99
C LEU F 83 -44.72 53.85 -22.43
N GLN F 84 -44.89 52.54 -22.67
CA GLN F 84 -44.39 51.86 -23.86
C GLN F 84 -45.02 50.47 -23.90
N ASN F 85 -45.53 50.04 -25.05
CA ASN F 85 -46.20 48.74 -25.17
C ASN F 85 -45.21 47.58 -25.23
N LEU F 86 -44.81 47.09 -24.05
CA LEU F 86 -43.83 46.00 -23.91
C LEU F 86 -44.40 44.62 -24.24
N GLY F 87 -45.70 44.42 -24.02
CA GLY F 87 -46.33 43.14 -24.34
C GLY F 87 -47.71 43.01 -23.72
N ALA F 88 -48.68 42.62 -24.54
CA ALA F 88 -50.04 42.35 -24.09
C ALA F 88 -50.49 41.03 -24.68
N ALA F 89 -51.12 40.19 -23.86
CA ALA F 89 -51.63 38.91 -24.30
C ALA F 89 -52.95 38.57 -23.63
N VAL F 90 -53.61 37.54 -24.15
CA VAL F 90 -54.87 37.03 -23.58
C VAL F 90 -54.95 35.51 -23.75
N ALA F 91 -55.63 34.88 -22.80
CA ALA F 91 -55.88 33.44 -22.83
C ALA F 91 -57.36 33.19 -22.57
N ILE F 92 -58.05 32.61 -23.54
CA ILE F 92 -59.45 32.20 -23.38
C ILE F 92 -59.49 30.75 -22.92
N LEU F 93 -59.82 30.55 -21.65
CA LEU F 93 -59.90 29.22 -21.05
C LEU F 93 -61.21 28.54 -21.44
N GLY F 94 -61.11 27.26 -21.76
CA GLY F 94 -62.27 26.45 -22.13
C GLY F 94 -61.93 24.97 -22.18
N GLY F 95 -62.78 24.21 -22.87
CA GLY F 95 -62.63 22.76 -22.99
C GLY F 95 -63.94 22.03 -22.82
N PRO F 96 -63.87 20.70 -22.56
CA PRO F 96 -65.10 19.90 -22.48
C PRO F 96 -65.99 20.16 -21.24
N GLY F 97 -65.42 20.67 -20.15
CA GLY F 97 -66.18 20.86 -18.90
C GLY F 97 -67.14 22.05 -18.89
N THR F 98 -67.41 22.55 -17.69
CA THR F 98 -68.22 23.76 -17.47
C THR F 98 -67.36 25.02 -17.23
N VAL F 99 -66.04 24.86 -17.07
CA VAL F 99 -65.15 25.96 -16.72
C VAL F 99 -64.76 26.75 -17.96
N GLN F 100 -64.92 28.08 -17.88
CA GLN F 100 -64.53 28.97 -18.97
C GLN F 100 -64.37 30.41 -18.48
N GLY F 101 -63.32 31.06 -18.97
CA GLY F 101 -62.96 32.41 -18.54
C GLY F 101 -61.92 33.03 -19.43
N VAL F 102 -61.53 34.27 -19.09
CA VAL F 102 -60.57 35.05 -19.85
C VAL F 102 -59.53 35.59 -18.87
N VAL F 103 -58.25 35.43 -19.21
CA VAL F 103 -57.15 35.98 -18.41
C VAL F 103 -56.26 36.80 -19.33
N ARG F 104 -55.94 38.01 -18.88
CA ARG F 104 -55.16 38.97 -19.67
C ARG F 104 -53.80 39.19 -19.02
N PHE F 105 -52.80 39.38 -19.88
CA PHE F 105 -51.43 39.61 -19.45
C PHE F 105 -51.02 40.98 -19.96
N LEU F 106 -50.23 41.67 -19.15
CA LEU F 106 -49.71 42.98 -19.53
C LEU F 106 -48.35 43.17 -18.88
N GLN F 107 -47.33 43.31 -19.72
CA GLN F 107 -45.98 43.58 -19.26
C GLN F 107 -45.91 45.06 -18.89
N LEU F 108 -45.87 45.33 -17.59
CA LEU F 108 -45.84 46.70 -17.07
C LEU F 108 -44.45 47.34 -17.22
N THR F 109 -43.42 46.60 -16.84
CA THR F 109 -42.02 47.00 -16.99
C THR F 109 -41.21 45.78 -17.44
N PRO F 110 -39.97 45.99 -17.93
CA PRO F 110 -39.17 44.83 -18.40
C PRO F 110 -39.09 43.64 -17.42
N GLU F 111 -39.14 43.92 -16.12
CA GLU F 111 -39.02 42.89 -15.09
C GLU F 111 -40.32 42.68 -14.28
N ARG F 112 -41.47 43.13 -14.78
CA ARG F 112 -42.75 42.99 -14.05
C ARG F 112 -43.97 42.86 -14.96
N CYS F 113 -44.86 41.92 -14.64
CA CYS F 113 -45.97 41.54 -15.52
C CYS F 113 -47.30 41.38 -14.78
N LEU F 114 -48.29 42.18 -15.16
CA LEU F 114 -49.64 42.10 -14.60
C LEU F 114 -50.39 40.91 -15.21
N ILE F 115 -51.07 40.15 -14.36
CA ILE F 115 -51.92 39.02 -14.77
C ILE F 115 -53.27 39.23 -14.12
N GLU F 116 -54.35 39.11 -14.90
CA GLU F 116 -55.67 39.53 -14.45
C GLU F 116 -56.79 38.87 -15.27
N GLY F 117 -57.74 38.24 -14.58
CA GLY F 117 -58.77 37.46 -15.25
C GLY F 117 -59.95 37.09 -14.37
N THR F 118 -60.97 36.55 -15.02
CA THR F 118 -62.20 36.12 -14.36
C THR F 118 -62.56 34.73 -14.91
N ILE F 119 -62.67 33.75 -14.01
CA ILE F 119 -62.90 32.35 -14.37
C ILE F 119 -64.17 31.83 -13.68
N ASP F 120 -65.16 31.44 -14.49
CA ASP F 120 -66.44 30.90 -14.01
C ASP F 120 -66.44 29.36 -14.06
N GLY F 121 -67.53 28.77 -13.57
CA GLY F 121 -67.79 27.33 -13.73
C GLY F 121 -67.04 26.39 -12.83
N LEU F 122 -66.36 26.91 -11.80
CA LEU F 122 -65.52 26.12 -10.90
C LEU F 122 -66.31 25.72 -9.65
N GLU F 123 -65.86 24.67 -8.98
CA GLU F 123 -66.32 24.37 -7.61
C GLU F 123 -65.83 25.50 -6.70
N PRO F 124 -66.60 25.82 -5.63
CA PRO F 124 -66.05 26.81 -4.68
C PRO F 124 -64.76 26.30 -4.04
N GLY F 125 -63.72 27.14 -4.01
CA GLY F 125 -62.44 26.80 -3.37
C GLY F 125 -61.24 27.14 -4.21
N LEU F 126 -60.07 26.68 -3.75
CA LEU F 126 -58.78 27.05 -4.38
C LEU F 126 -58.46 26.12 -5.55
N HIS F 127 -58.09 26.73 -6.68
CA HIS F 127 -57.69 26.00 -7.87
C HIS F 127 -56.33 26.50 -8.33
N GLY F 128 -55.40 25.57 -8.55
CA GLY F 128 -54.08 25.91 -9.08
C GLY F 128 -54.19 26.50 -10.48
N LEU F 129 -53.36 27.51 -10.76
CA LEU F 129 -53.31 28.19 -12.06
C LEU F 129 -51.87 28.19 -12.52
N HIS F 130 -51.62 27.70 -13.73
CA HIS F 130 -50.26 27.50 -14.22
C HIS F 130 -50.13 27.71 -15.72
N VAL F 131 -48.97 28.23 -16.13
CA VAL F 131 -48.59 28.32 -17.53
C VAL F 131 -47.82 27.05 -17.87
N HIS F 132 -48.44 26.17 -18.66
CA HIS F 132 -47.76 24.97 -19.18
C HIS F 132 -47.05 25.35 -20.48
N GLN F 133 -46.10 24.52 -20.92
CA GLN F 133 -45.14 24.94 -21.95
C GLN F 133 -45.62 24.93 -23.40
N TYR F 134 -46.64 24.14 -23.73
CA TYR F 134 -47.12 24.04 -25.12
C TYR F 134 -48.54 24.59 -25.28
N GLY F 135 -48.79 25.24 -26.42
CA GLY F 135 -50.13 25.68 -26.81
C GLY F 135 -50.76 24.71 -27.81
N ASP F 136 -50.74 23.43 -27.45
CA ASP F 136 -51.27 22.37 -28.29
C ASP F 136 -52.57 21.91 -27.67
N LEU F 137 -53.69 22.24 -28.31
CA LEU F 137 -55.00 21.78 -27.86
C LEU F 137 -55.59 20.61 -28.66
N THR F 138 -54.75 19.82 -29.31
CA THR F 138 -55.23 18.68 -30.10
C THR F 138 -55.90 17.62 -29.21
N ASN F 139 -55.47 17.54 -27.96
CA ASN F 139 -56.07 16.65 -26.98
C ASN F 139 -56.54 17.45 -25.76
N ASN F 140 -57.19 18.58 -26.01
CA ASN F 140 -57.59 19.53 -24.96
C ASN F 140 -56.37 19.89 -24.11
N CYS F 141 -56.47 19.81 -22.78
CA CYS F 141 -55.40 20.24 -21.90
C CYS F 141 -54.30 19.20 -21.73
N ASN F 142 -54.56 17.96 -22.10
CA ASN F 142 -53.59 16.89 -21.93
C ASN F 142 -52.34 16.96 -22.83
N SER F 143 -52.47 17.62 -23.99
CA SER F 143 -51.33 17.77 -24.92
C SER F 143 -50.45 19.00 -24.62
N CYS F 144 -50.83 19.80 -23.63
CA CYS F 144 -50.12 21.05 -23.29
C CYS F 144 -48.75 20.91 -22.60
N GLY F 145 -48.35 19.68 -22.26
CA GLY F 145 -47.06 19.47 -21.61
C GLY F 145 -47.09 19.84 -20.14
N ASN F 146 -45.91 19.94 -19.53
CA ASN F 146 -45.77 20.23 -18.11
C ASN F 146 -45.71 21.72 -17.84
N HIS F 147 -45.64 22.10 -16.56
CA HIS F 147 -45.45 23.49 -16.17
C HIS F 147 -44.23 24.10 -16.85
N PHE F 148 -44.39 25.32 -17.35
CA PHE F 148 -43.33 26.03 -18.05
C PHE F 148 -42.20 26.27 -17.08
N ASN F 149 -41.03 25.71 -17.37
CA ASN F 149 -39.92 25.67 -16.42
C ASN F 149 -38.55 25.79 -17.09
N PRO F 150 -38.30 26.92 -17.78
CA PRO F 150 -37.04 27.09 -18.52
C PRO F 150 -35.77 27.05 -17.67
N ASP F 151 -35.86 27.52 -16.43
CA ASP F 151 -34.71 27.55 -15.51
C ASP F 151 -34.50 26.25 -14.74
N GLY F 152 -35.27 25.20 -15.02
CA GLY F 152 -35.09 23.91 -14.37
C GLY F 152 -35.25 23.97 -12.87
N ALA F 153 -36.23 24.77 -12.42
CA ALA F 153 -36.55 24.93 -11.01
C ALA F 153 -37.44 23.79 -10.53
N SER F 154 -37.64 23.76 -9.21
CA SER F 154 -38.58 22.86 -8.56
C SER F 154 -39.92 23.58 -8.47
N HIS F 155 -41.01 22.85 -8.27
CA HIS F 155 -42.34 23.47 -8.16
C HIS F 155 -42.46 24.22 -6.84
N GLY F 156 -43.05 25.42 -6.91
CA GLY F 156 -43.37 26.20 -5.72
C GLY F 156 -44.48 27.19 -5.99
N GLY F 157 -44.83 27.97 -4.97
CA GLY F 157 -45.83 29.03 -5.11
C GLY F 157 -45.19 30.35 -5.53
N PRO F 158 -46.01 31.42 -5.69
CA PRO F 158 -45.50 32.72 -6.14
C PRO F 158 -44.54 33.41 -5.17
N GLN F 159 -44.76 33.26 -3.87
CA GLN F 159 -43.78 33.71 -2.86
C GLN F 159 -42.42 33.00 -2.90
N ASP F 160 -42.34 31.78 -3.45
CA ASP F 160 -41.06 31.11 -3.66
C ASP F 160 -40.31 31.67 -4.89
N SER F 161 -39.02 31.94 -4.73
CA SER F 161 -38.16 32.29 -5.87
C SER F 161 -37.69 31.01 -6.59
N ASP F 162 -37.51 29.92 -5.85
CA ASP F 162 -37.36 28.59 -6.45
C ASP F 162 -38.75 28.05 -6.82
N ARG F 163 -39.21 28.46 -8.00
CA ARG F 163 -40.45 27.95 -8.58
C ARG F 163 -40.31 27.84 -10.08
N HIS F 164 -41.24 27.12 -10.71
CA HIS F 164 -41.34 27.12 -12.16
C HIS F 164 -41.89 28.49 -12.54
N ARG F 165 -41.40 29.04 -13.64
CA ARG F 165 -41.82 30.36 -14.11
C ARG F 165 -43.35 30.48 -14.25
N GLY F 166 -43.98 29.40 -14.72
CA GLY F 166 -45.43 29.35 -14.83
C GLY F 166 -46.23 29.01 -13.58
N ASP F 167 -45.59 29.01 -12.40
CA ASP F 167 -46.30 28.76 -11.14
C ASP F 167 -46.95 30.03 -10.60
N LEU F 168 -48.23 30.21 -10.90
CA LEU F 168 -49.00 31.37 -10.43
C LEU F 168 -49.80 31.09 -9.15
N GLY F 169 -49.60 29.91 -8.55
CA GLY F 169 -50.21 29.57 -7.28
C GLY F 169 -51.68 29.29 -7.44
N ASN F 170 -52.45 29.66 -6.43
CA ASN F 170 -53.89 29.39 -6.39
C ASN F 170 -54.73 30.60 -6.73
N VAL F 171 -55.98 30.31 -7.06
CA VAL F 171 -56.99 31.30 -7.38
C VAL F 171 -58.26 30.84 -6.64
N ARG F 172 -58.95 31.77 -5.97
CA ARG F 172 -60.10 31.39 -5.15
C ARG F 172 -61.38 31.61 -5.93
N ALA F 173 -62.17 30.53 -6.04
CA ALA F 173 -63.51 30.58 -6.60
C ALA F 173 -64.53 30.73 -5.46
N ASP F 174 -65.47 31.65 -5.63
CA ASP F 174 -66.50 31.93 -4.62
C ASP F 174 -67.62 30.88 -4.64
N ALA F 175 -68.63 31.06 -3.79
CA ALA F 175 -69.78 30.14 -3.71
C ALA F 175 -70.53 29.94 -5.03
N ASP F 176 -70.55 30.97 -5.89
CA ASP F 176 -71.17 30.91 -7.22
C ASP F 176 -70.23 30.39 -8.32
N GLY F 177 -69.04 29.93 -7.96
CA GLY F 177 -68.11 29.33 -8.93
C GLY F 177 -67.33 30.31 -9.78
N ARG F 178 -67.31 31.58 -9.36
CA ARG F 178 -66.56 32.63 -10.05
C ARG F 178 -65.27 32.91 -9.29
N ALA F 179 -64.17 33.06 -10.03
CA ALA F 179 -62.87 33.34 -9.45
C ALA F 179 -62.26 34.56 -10.14
N ILE F 180 -62.27 35.69 -9.44
CA ILE F 180 -61.62 36.92 -9.91
C ILE F 180 -60.25 36.99 -9.25
N PHE F 181 -59.25 37.44 -10.01
CA PHE F 181 -57.90 37.63 -9.50
C PHE F 181 -57.12 38.67 -10.31
N ARG F 182 -56.17 39.31 -9.65
CA ARG F 182 -55.32 40.33 -10.26
C ARG F 182 -54.02 40.33 -9.49
N MET F 183 -52.91 40.12 -10.21
CA MET F 183 -51.62 39.80 -9.60
C MET F 183 -50.48 40.26 -10.50
N GLU F 184 -49.35 40.57 -9.90
CA GLU F 184 -48.14 40.89 -10.64
C GLU F 184 -47.13 39.79 -10.38
N ASP F 185 -46.40 39.41 -11.43
CA ASP F 185 -45.36 38.40 -11.36
C ASP F 185 -44.08 38.97 -11.92
N GLU F 186 -42.97 38.65 -11.26
CA GLU F 186 -41.66 39.25 -11.59
C GLU F 186 -40.73 38.35 -12.40
N GLN F 187 -41.13 37.10 -12.65
CA GLN F 187 -40.37 36.19 -13.51
C GLN F 187 -41.08 35.83 -14.82
N LEU F 188 -42.42 35.79 -14.80
CA LEU F 188 -43.22 35.55 -16.00
C LEU F 188 -43.21 36.78 -16.91
N LYS F 189 -42.71 36.61 -18.14
CA LYS F 189 -42.66 37.67 -19.15
C LYS F 189 -43.57 37.30 -20.32
N VAL F 190 -44.28 38.29 -20.85
CA VAL F 190 -45.32 38.03 -21.87
C VAL F 190 -44.74 37.38 -23.12
N TRP F 191 -43.69 37.97 -23.69
CA TRP F 191 -43.00 37.39 -24.88
C TRP F 191 -42.41 36.00 -24.69
N ASP F 192 -42.05 35.65 -23.45
CA ASP F 192 -41.54 34.31 -23.16
C ASP F 192 -42.66 33.23 -23.14
N VAL F 193 -43.92 33.65 -23.02
CA VAL F 193 -45.06 32.73 -22.98
C VAL F 193 -46.13 32.94 -24.08
N ILE F 194 -45.88 33.82 -25.05
CA ILE F 194 -46.75 33.93 -26.22
C ILE F 194 -46.73 32.59 -26.93
N GLY F 195 -47.90 31.99 -27.09
CA GLY F 195 -48.05 30.70 -27.78
C GLY F 195 -48.00 29.45 -26.90
N ARG F 196 -47.82 29.64 -25.59
CA ARG F 196 -47.89 28.52 -24.63
C ARG F 196 -49.32 28.49 -24.10
N SER F 197 -49.59 27.68 -23.08
CA SER F 197 -50.94 27.56 -22.56
C SER F 197 -51.05 27.97 -21.09
N LEU F 198 -52.19 28.57 -20.73
CA LEU F 198 -52.58 28.78 -19.34
C LEU F 198 -53.63 27.72 -19.02
N ILE F 199 -53.45 27.02 -17.90
CA ILE F 199 -54.34 25.94 -17.46
C ILE F 199 -54.75 26.12 -16.00
N ILE F 200 -56.03 25.92 -15.74
CA ILE F 200 -56.56 25.94 -14.37
C ILE F 200 -56.92 24.51 -13.96
N ASP F 201 -56.44 24.12 -12.78
CA ASP F 201 -56.52 22.74 -12.33
C ASP F 201 -57.77 22.51 -11.47
N GLU F 202 -58.03 21.25 -11.16
CA GLU F 202 -59.20 20.82 -10.39
C GLU F 202 -59.09 21.22 -8.90
N GLY F 203 -58.03 20.76 -8.25
CA GLY F 203 -57.82 20.94 -6.82
C GLY F 203 -56.83 22.03 -6.49
N GLU F 204 -56.44 22.06 -5.21
CA GLU F 204 -55.53 23.06 -4.68
C GLU F 204 -54.06 22.68 -4.90
N ASP F 205 -53.33 23.56 -5.58
CA ASP F 205 -51.85 23.56 -5.57
C ASP F 205 -51.27 23.64 -4.14
N ASP F 206 -50.55 22.60 -3.73
CA ASP F 206 -49.90 22.58 -2.40
C ASP F 206 -48.55 23.32 -2.35
N LEU F 207 -48.13 23.91 -3.47
CA LEU F 207 -46.98 24.83 -3.54
C LEU F 207 -45.66 24.16 -3.14
N GLY F 208 -45.52 22.89 -3.48
CA GLY F 208 -44.34 22.10 -3.13
C GLY F 208 -44.26 21.62 -1.69
N ARG F 209 -45.30 21.88 -0.88
CA ARG F 209 -45.25 21.67 0.56
C ARG F 209 -45.99 20.42 1.06
N GLY F 210 -46.61 19.67 0.15
CA GLY F 210 -47.50 18.57 0.53
C GLY F 210 -46.86 17.27 0.98
N GLY F 211 -45.57 17.08 0.69
CA GLY F 211 -44.89 15.81 0.98
C GLY F 211 -45.35 14.64 0.12
N HIS F 212 -45.98 14.96 -1.00
CA HIS F 212 -46.57 13.99 -1.90
C HIS F 212 -45.62 13.88 -3.13
N PRO F 213 -45.56 12.69 -3.80
CA PRO F 213 -44.68 12.51 -4.98
C PRO F 213 -44.80 13.55 -6.09
N LEU F 214 -46.00 14.10 -6.30
CA LEU F 214 -46.23 15.18 -7.26
C LEU F 214 -46.13 16.61 -6.70
N SER F 215 -45.78 16.78 -5.43
CA SER F 215 -45.79 18.13 -4.82
C SER F 215 -44.75 19.03 -5.45
N LYS F 216 -43.50 18.56 -5.49
CA LYS F 216 -42.41 19.31 -6.13
C LYS F 216 -42.41 19.23 -7.66
N ILE F 217 -43.30 18.42 -8.26
CA ILE F 217 -43.49 18.39 -9.74
C ILE F 217 -44.67 19.28 -10.16
N THR F 218 -45.88 18.94 -9.71
CA THR F 218 -47.10 19.69 -10.09
C THR F 218 -47.78 20.47 -8.97
N GLY F 219 -47.41 20.21 -7.72
CA GLY F 219 -48.17 20.72 -6.58
C GLY F 219 -49.45 19.96 -6.24
N ASN F 220 -49.64 18.80 -6.88
CA ASN F 220 -50.74 17.88 -6.57
C ASN F 220 -52.14 18.55 -6.60
N SER F 221 -52.39 19.28 -7.68
CA SER F 221 -53.67 19.96 -7.87
C SER F 221 -54.66 19.15 -8.74
N GLY F 222 -54.39 17.86 -8.94
CA GLY F 222 -55.33 16.97 -9.61
C GLY F 222 -55.40 17.21 -11.11
N GLU F 223 -56.57 16.96 -11.68
CA GLU F 223 -56.78 17.04 -13.12
C GLU F 223 -56.81 18.47 -13.63
N ARG F 224 -56.69 18.63 -14.95
CA ARG F 224 -56.72 19.92 -15.60
C ARG F 224 -58.14 20.20 -16.07
N LEU F 225 -58.82 21.18 -15.48
CA LEU F 225 -60.23 21.47 -15.83
C LEU F 225 -60.38 22.19 -17.15
N ALA F 226 -59.54 23.19 -17.40
CA ALA F 226 -59.64 24.02 -18.61
C ALA F 226 -58.31 24.64 -19.01
N CYS F 227 -58.19 24.99 -20.29
CA CYS F 227 -56.95 25.52 -20.84
C CYS F 227 -57.20 26.48 -22.01
N GLY F 228 -56.16 27.24 -22.36
CA GLY F 228 -56.20 28.17 -23.49
C GLY F 228 -54.82 28.68 -23.85
N ILE F 229 -54.63 29.02 -25.12
CA ILE F 229 -53.33 29.47 -25.62
C ILE F 229 -53.17 30.93 -25.25
N ILE F 230 -52.00 31.27 -24.73
CA ILE F 230 -51.65 32.65 -24.41
C ILE F 230 -51.37 33.33 -25.75
N ALA F 231 -52.33 34.13 -26.20
CA ALA F 231 -52.36 34.70 -27.55
C ALA F 231 -51.97 36.16 -27.52
N ARG F 232 -51.32 36.63 -28.58
CA ARG F 232 -50.96 38.05 -28.69
C ARG F 232 -52.25 38.86 -28.78
N SER F 233 -52.34 39.92 -27.98
CA SER F 233 -53.46 40.85 -28.07
C SER F 233 -52.91 42.25 -28.22
N ALA F 234 -53.75 43.14 -28.72
CA ALA F 234 -53.33 44.49 -29.10
C ALA F 234 -53.06 45.40 -27.89
N GLY F 235 -52.02 46.24 -28.04
CA GLY F 235 -51.70 47.28 -27.07
C GLY F 235 -52.59 48.50 -27.29
N LEU F 236 -52.16 49.65 -26.74
CA LEU F 236 -52.92 50.89 -26.86
C LEU F 236 -52.86 51.42 -28.29
N PHE F 237 -54.05 51.62 -28.88
CA PHE F 237 -54.22 52.16 -30.24
C PHE F 237 -53.55 51.33 -31.35
N GLN F 238 -53.41 50.02 -31.14
CA GLN F 238 -52.75 49.12 -32.10
C GLN F 238 -53.73 48.28 -32.95
N ASN F 239 -55.00 48.68 -32.99
CA ASN F 239 -56.02 47.97 -33.74
C ASN F 239 -57.17 48.93 -34.09
N PRO F 240 -57.34 49.27 -35.40
CA PRO F 240 -58.31 50.29 -35.80
C PRO F 240 -59.73 49.83 -36.20
N LYS F 241 -60.00 48.52 -36.26
CA LYS F 241 -61.32 47.99 -36.71
C LYS F 241 -62.48 48.29 -35.75
N GLN F 242 -63.72 48.13 -36.23
CA GLN F 242 -64.92 48.54 -35.49
C GLN F 242 -65.84 47.34 -35.20
N ALA G 1 31.19 28.44 -21.02
CA ALA G 1 30.24 29.43 -21.62
C ALA G 1 29.79 29.00 -23.01
N THR G 2 30.72 28.89 -23.95
CA THR G 2 30.38 28.46 -25.31
C THR G 2 30.46 26.93 -25.52
N LYS G 3 31.39 26.28 -24.82
CA LYS G 3 31.51 24.81 -24.80
C LYS G 3 31.79 24.28 -23.40
N ALA G 4 31.45 23.03 -23.17
CA ALA G 4 31.77 22.32 -21.94
C ALA G 4 32.04 20.86 -22.24
N VAL G 5 32.75 20.19 -21.35
CA VAL G 5 33.08 18.77 -21.51
C VAL G 5 32.98 18.08 -20.17
N CYS G 6 32.67 16.78 -20.21
CA CYS G 6 32.52 15.95 -19.02
C CYS G 6 33.07 14.56 -19.28
N VAL G 7 33.88 14.07 -18.35
CA VAL G 7 34.55 12.79 -18.43
C VAL G 7 33.89 11.86 -17.43
N LEU G 8 33.12 10.89 -17.93
CA LEU G 8 32.43 9.93 -17.07
C LEU G 8 33.35 8.80 -16.62
N LYS G 9 33.56 8.67 -15.31
CA LYS G 9 34.33 7.56 -14.71
C LYS G 9 33.43 6.80 -13.74
N GLY G 10 33.70 5.51 -13.57
CA GLY G 10 32.96 4.66 -12.66
C GLY G 10 33.80 3.63 -11.93
N ASP G 11 33.16 2.84 -11.09
CA ASP G 11 33.79 1.70 -10.42
C ASP G 11 33.87 0.50 -11.35
N GLY G 12 32.88 0.33 -12.22
CA GLY G 12 32.84 -0.78 -13.18
C GLY G 12 33.56 -0.49 -14.48
N PRO G 13 33.12 -1.11 -15.57
CA PRO G 13 33.72 -0.92 -16.89
C PRO G 13 33.22 0.31 -17.68
N VAL G 14 32.23 1.02 -17.14
CA VAL G 14 31.59 2.11 -17.86
C VAL G 14 32.48 3.35 -17.83
N GLN G 15 32.67 3.96 -19.00
CA GLN G 15 33.41 5.23 -19.12
C GLN G 15 33.07 5.92 -20.44
N GLY G 16 33.30 7.24 -20.47
CA GLY G 16 33.03 8.03 -21.66
C GLY G 16 33.37 9.49 -21.56
N ILE G 17 33.24 10.17 -22.69
CA ILE G 17 33.42 11.61 -22.80
C ILE G 17 32.19 12.20 -23.47
N ILE G 18 31.62 13.24 -22.86
CA ILE G 18 30.42 13.90 -23.36
C ILE G 18 30.72 15.39 -23.53
N ASN G 19 30.58 15.88 -24.76
CA ASN G 19 30.84 17.27 -25.09
C ASN G 19 29.54 18.05 -25.12
N PHE G 20 29.61 19.32 -24.74
CA PHE G 20 28.47 20.24 -24.80
C PHE G 20 28.86 21.47 -25.62
N GLU G 21 27.95 21.95 -26.47
CA GLU G 21 28.18 23.19 -27.22
C GLU G 21 26.88 23.95 -27.44
N GLN G 22 26.92 25.24 -27.17
CA GLN G 22 25.79 26.13 -27.28
C GLN G 22 26.27 27.41 -27.95
N LYS G 23 26.05 27.51 -29.26
CA LYS G 23 26.52 28.65 -30.03
C LYS G 23 25.65 29.89 -29.85
N GLU G 24 24.34 29.67 -29.67
CA GLU G 24 23.37 30.75 -29.44
C GLU G 24 23.16 31.00 -27.95
N SER G 25 22.98 32.27 -27.57
CA SER G 25 22.62 32.63 -26.20
C SER G 25 21.20 32.12 -25.89
N ASN G 26 21.12 31.19 -24.95
CA ASN G 26 19.88 30.48 -24.60
C ASN G 26 19.37 29.60 -25.74
N GLY G 27 20.27 29.22 -26.65
CA GLY G 27 19.90 28.44 -27.82
C GLY G 27 19.87 26.97 -27.45
N PRO G 28 19.79 26.10 -28.46
CA PRO G 28 19.94 24.68 -28.22
C PRO G 28 21.37 24.32 -27.76
N VAL G 29 21.46 23.40 -26.81
CA VAL G 29 22.73 22.81 -26.39
C VAL G 29 22.88 21.48 -27.13
N LYS G 30 23.90 21.37 -27.99
CA LYS G 30 24.29 20.10 -28.60
C LYS G 30 25.07 19.29 -27.57
N VAL G 31 24.57 18.10 -27.25
CA VAL G 31 25.28 17.13 -26.43
C VAL G 31 25.66 15.96 -27.33
N TRP G 32 26.96 15.73 -27.50
CA TRP G 32 27.45 14.57 -28.26
C TRP G 32 28.63 13.91 -27.58
N GLY G 33 28.81 12.62 -27.85
CA GLY G 33 29.88 11.84 -27.24
C GLY G 33 29.67 10.35 -27.36
N SER G 34 30.35 9.60 -26.48
CA SER G 34 30.38 8.15 -26.55
C SER G 34 30.66 7.57 -25.18
N ILE G 35 29.70 6.84 -24.62
CA ILE G 35 29.87 6.10 -23.38
C ILE G 35 30.02 4.63 -23.74
N LYS G 36 31.12 4.00 -23.32
CA LYS G 36 31.31 2.56 -23.55
C LYS G 36 31.18 1.76 -22.25
N GLY G 37 31.21 0.44 -22.37
CA GLY G 37 31.13 -0.47 -21.24
C GLY G 37 29.74 -0.77 -20.71
N LEU G 38 28.71 -0.28 -21.40
CA LEU G 38 27.33 -0.46 -20.96
C LEU G 38 26.78 -1.81 -21.41
N THR G 39 25.61 -2.15 -20.88
CA THR G 39 24.81 -3.28 -21.36
C THR G 39 24.03 -2.80 -22.59
N GLU G 40 23.52 -3.71 -23.41
CA GLU G 40 22.74 -3.28 -24.59
C GLU G 40 21.44 -2.61 -24.13
N GLY G 41 21.06 -1.51 -24.78
CA GLY G 41 19.77 -0.86 -24.53
C GLY G 41 19.83 0.48 -23.83
N LEU G 42 18.74 0.83 -23.15
CA LEU G 42 18.52 2.17 -22.60
C LEU G 42 19.15 2.36 -21.22
N HIS G 43 19.75 3.54 -21.03
CA HIS G 43 20.34 3.96 -19.75
C HIS G 43 20.04 5.42 -19.45
N GLY G 44 19.47 5.68 -18.27
CA GLY G 44 19.17 7.02 -17.82
C GLY G 44 20.37 7.96 -17.85
N PHE G 45 20.13 9.19 -18.29
CA PHE G 45 21.16 10.19 -18.54
C PHE G 45 20.70 11.51 -17.90
N HIS G 46 21.28 11.85 -16.74
CA HIS G 46 20.77 12.96 -15.92
C HIS G 46 21.85 13.91 -15.43
N VAL G 47 21.45 15.15 -15.15
CA VAL G 47 22.33 16.16 -14.54
C VAL G 47 21.81 16.48 -13.13
N HIS G 48 22.69 16.37 -12.13
CA HIS G 48 22.34 16.63 -10.72
C HIS G 48 22.52 18.09 -10.33
N GLU G 49 21.99 18.47 -9.17
CA GLU G 49 22.04 19.86 -8.70
C GLU G 49 23.46 20.35 -8.43
N PHE G 50 24.31 19.45 -7.96
CA PHE G 50 25.66 19.78 -7.57
C PHE G 50 26.67 18.91 -8.32
N GLY G 51 27.91 19.40 -8.40
CA GLY G 51 29.04 18.64 -8.93
C GLY G 51 29.91 18.01 -7.86
N ASP G 52 29.52 18.21 -6.59
CA ASP G 52 30.21 17.61 -5.45
C ASP G 52 30.07 16.10 -5.50
N ASN G 53 31.19 15.41 -5.76
CA ASN G 53 31.20 13.95 -5.81
C ASN G 53 32.14 13.38 -4.74
N THR G 54 32.15 14.03 -3.57
CA THR G 54 32.92 13.57 -2.41
C THR G 54 32.21 12.48 -1.63
N ALA G 55 30.91 12.31 -1.87
CA ALA G 55 30.15 11.23 -1.25
C ALA G 55 29.15 10.64 -2.25
N GLY G 56 29.64 10.36 -3.46
CA GLY G 56 28.80 9.85 -4.53
C GLY G 56 27.51 10.66 -4.73
N ALA G 57 26.39 9.96 -4.81
CA ALA G 57 25.11 10.60 -5.09
C ALA G 57 24.59 11.49 -3.97
N THR G 58 24.98 11.24 -2.72
CA THR G 58 24.51 12.05 -1.59
C THR G 58 24.88 13.52 -1.75
N SER G 59 26.16 13.78 -1.98
CA SER G 59 26.67 15.14 -2.15
C SER G 59 26.30 15.78 -3.49
N ALA G 60 26.01 14.97 -4.49
CA ALA G 60 25.55 15.47 -5.79
C ALA G 60 24.15 16.07 -5.74
N GLY G 61 23.35 15.64 -4.76
CA GLY G 61 22.00 16.17 -4.56
C GLY G 61 21.02 15.54 -5.51
N PRO G 62 19.77 16.02 -5.53
CA PRO G 62 18.76 15.50 -6.46
C PRO G 62 19.01 16.00 -7.87
N HIS G 63 18.13 15.61 -8.79
CA HIS G 63 18.23 16.05 -10.19
C HIS G 63 18.04 17.57 -10.26
N PHE G 64 18.92 18.23 -11.02
CA PHE G 64 18.94 19.68 -11.16
C PHE G 64 17.58 20.17 -11.59
N ASN G 65 16.97 20.99 -10.73
CA ASN G 65 15.53 21.30 -10.81
C ASN G 65 15.24 22.70 -10.26
N PRO G 66 15.68 23.75 -10.99
CA PRO G 66 15.46 25.12 -10.55
C PRO G 66 14.00 25.61 -10.64
N LEU G 67 13.11 24.84 -11.26
CA LEU G 67 11.68 25.20 -11.32
C LEU G 67 10.79 24.30 -10.45
N SER G 68 11.39 23.44 -9.62
CA SER G 68 10.69 22.60 -8.64
C SER G 68 9.54 21.78 -9.25
N ARG G 69 9.80 21.15 -10.39
CA ARG G 69 8.83 20.28 -11.07
C ARG G 69 9.04 18.82 -10.69
N LYS G 70 8.16 17.96 -11.18
CA LYS G 70 8.31 16.50 -11.09
C LYS G 70 9.23 16.02 -12.19
N HIS G 71 9.71 14.78 -12.05
CA HIS G 71 10.56 14.14 -13.05
C HIS G 71 9.74 13.80 -14.28
N GLY G 72 10.33 14.00 -15.44
CA GLY G 72 9.78 13.52 -16.70
C GLY G 72 10.85 13.28 -17.74
N GLY G 73 10.42 13.05 -18.98
CA GLY G 73 11.35 12.91 -20.10
C GLY G 73 11.73 14.27 -20.66
N PRO G 74 12.74 14.30 -21.54
CA PRO G 74 13.16 15.55 -22.21
C PRO G 74 12.02 16.33 -22.88
N LYS G 75 11.16 15.62 -23.60
CA LYS G 75 10.09 16.26 -24.36
C LYS G 75 8.88 16.67 -23.52
N ASP G 76 8.76 16.14 -22.30
CA ASP G 76 7.71 16.57 -21.36
C ASP G 76 7.96 18.00 -20.87
N GLU G 77 6.90 18.79 -20.77
CA GLU G 77 6.98 20.12 -20.13
C GLU G 77 7.24 19.97 -18.63
N GLU G 78 6.58 19.00 -18.00
CA GLU G 78 6.85 18.63 -16.61
C GLU G 78 8.11 17.75 -16.53
N ARG G 79 9.21 18.38 -16.11
CA ARG G 79 10.51 17.72 -16.01
C ARG G 79 11.45 18.57 -15.18
N HIS G 80 12.51 17.93 -14.70
CA HIS G 80 13.64 18.64 -14.10
C HIS G 80 14.49 19.11 -15.27
N VAL G 81 15.25 20.19 -15.08
CA VAL G 81 16.15 20.68 -16.12
C VAL G 81 17.17 19.59 -16.48
N GLY G 82 17.65 18.87 -15.47
CA GLY G 82 18.63 17.79 -15.68
C GLY G 82 18.14 16.53 -16.37
N ASP G 83 16.86 16.42 -16.68
CA ASP G 83 16.30 15.25 -17.34
C ASP G 83 16.61 15.19 -18.84
N LEU G 84 17.68 14.45 -19.19
CA LEU G 84 18.04 14.22 -20.58
C LEU G 84 17.65 12.80 -21.08
N GLY G 85 16.73 12.15 -20.36
CA GLY G 85 16.11 10.93 -20.83
C GLY G 85 17.04 9.73 -20.80
N ASN G 86 17.12 9.03 -21.93
CA ASN G 86 17.91 7.80 -22.07
C ASN G 86 18.92 7.90 -23.20
N VAL G 87 20.00 7.13 -23.06
CA VAL G 87 20.97 6.92 -24.13
C VAL G 87 20.95 5.44 -24.45
N THR G 88 21.10 5.11 -25.74
CA THR G 88 20.99 3.71 -26.19
C THR G 88 22.36 3.14 -26.48
N ALA G 89 22.75 2.10 -25.76
CA ALA G 89 23.99 1.35 -26.04
C ALA G 89 23.73 0.22 -27.03
N ASP G 90 24.70 -0.05 -27.89
CA ASP G 90 24.60 -1.14 -28.88
C ASP G 90 25.03 -2.50 -28.30
N LYS G 91 24.97 -3.54 -29.11
CA LYS G 91 25.40 -4.88 -28.71
C LYS G 91 26.83 -4.95 -28.19
N ASP G 92 27.71 -4.08 -28.67
CA ASP G 92 29.10 -4.00 -28.19
C ASP G 92 29.27 -3.11 -26.94
N GLY G 93 28.16 -2.65 -26.35
CA GLY G 93 28.18 -1.83 -25.14
C GLY G 93 28.51 -0.37 -25.33
N VAL G 94 28.44 0.10 -26.58
CA VAL G 94 28.81 1.48 -26.91
C VAL G 94 27.54 2.26 -27.20
N ALA G 95 27.35 3.35 -26.46
CA ALA G 95 26.28 4.30 -26.73
C ALA G 95 26.89 5.56 -27.32
N ASP G 96 26.65 5.80 -28.60
CA ASP G 96 27.05 7.04 -29.27
C ASP G 96 25.96 8.09 -29.00
N VAL G 97 26.20 8.97 -28.05
CA VAL G 97 25.21 9.97 -27.64
C VAL G 97 25.14 11.12 -28.63
N SER G 98 23.92 11.62 -28.86
CA SER G 98 23.68 12.73 -29.78
C SER G 98 22.31 13.35 -29.51
N ILE G 99 22.29 14.22 -28.50
CA ILE G 99 21.08 14.87 -28.00
C ILE G 99 21.14 16.37 -28.33
N GLU G 100 19.97 16.96 -28.57
CA GLU G 100 19.79 18.41 -28.57
C GLU G 100 18.78 18.72 -27.44
N ASP G 101 18.94 19.86 -26.78
CA ASP G 101 18.08 20.23 -25.66
C ASP G 101 18.15 21.74 -25.36
N SER G 102 17.01 22.42 -25.41
CA SER G 102 16.92 23.88 -25.16
C SER G 102 16.61 24.26 -23.71
N VAL G 103 16.20 23.28 -22.89
CA VAL G 103 15.89 23.52 -21.48
C VAL G 103 17.18 23.73 -20.70
N ILE G 104 18.13 22.81 -20.86
CA ILE G 104 19.47 22.97 -20.27
C ILE G 104 20.20 24.13 -20.93
N SER G 105 21.21 24.68 -20.25
CA SER G 105 22.01 25.77 -20.81
C SER G 105 23.46 25.74 -20.32
N LEU G 106 24.33 26.48 -21.00
CA LEU G 106 25.69 26.75 -20.53
C LEU G 106 25.84 28.18 -19.97
N SER G 107 24.70 28.83 -19.67
CA SER G 107 24.66 30.12 -18.97
C SER G 107 23.27 30.34 -18.38
N GLY G 108 23.20 31.16 -17.34
CA GLY G 108 21.91 31.53 -16.73
C GLY G 108 21.46 30.58 -15.65
N ASP G 109 20.19 30.69 -15.28
CA ASP G 109 19.60 29.90 -14.19
C ASP G 109 19.58 28.41 -14.48
N HIS G 110 19.55 28.03 -15.76
CA HIS G 110 19.55 26.63 -16.17
C HIS G 110 20.96 26.15 -16.57
N CYS G 111 22.00 26.87 -16.13
CA CYS G 111 23.38 26.49 -16.44
C CYS G 111 23.72 25.15 -15.80
N ILE G 112 24.18 24.20 -16.61
CA ILE G 112 24.53 22.85 -16.15
C ILE G 112 26.03 22.70 -15.85
N ILE G 113 26.81 23.77 -16.03
CA ILE G 113 28.25 23.75 -15.78
C ILE G 113 28.56 23.73 -14.29
N GLY G 114 29.49 22.86 -13.89
CA GLY G 114 29.86 22.66 -12.50
C GLY G 114 29.06 21.59 -11.78
N ARG G 115 28.20 20.88 -12.52
CA ARG G 115 27.28 19.90 -11.96
C ARG G 115 27.66 18.52 -12.46
N THR G 116 27.08 17.49 -11.83
CA THR G 116 27.45 16.10 -12.10
C THR G 116 26.55 15.50 -13.19
N LEU G 117 27.16 15.01 -14.26
CA LEU G 117 26.44 14.19 -15.27
C LEU G 117 26.56 12.74 -14.86
N VAL G 118 25.47 11.99 -14.99
CA VAL G 118 25.41 10.58 -14.59
C VAL G 118 24.81 9.72 -15.71
N VAL G 119 25.36 8.51 -15.84
CA VAL G 119 24.78 7.47 -16.67
C VAL G 119 24.40 6.29 -15.76
N HIS G 120 23.18 5.78 -15.92
CA HIS G 120 22.55 4.89 -14.93
C HIS G 120 22.46 3.41 -15.36
N GLU G 121 22.10 2.56 -14.40
CA GLU G 121 22.03 1.10 -14.54
C GLU G 121 20.95 0.65 -15.53
N LYS G 122 19.79 1.30 -15.48
CA LYS G 122 18.60 0.89 -16.23
C LYS G 122 18.05 2.04 -17.05
N ALA G 123 16.99 1.74 -17.80
CA ALA G 123 16.18 2.73 -18.48
C ALA G 123 15.47 3.65 -17.49
N ASP G 124 15.39 4.91 -17.88
CA ASP G 124 14.53 5.91 -17.26
C ASP G 124 13.09 5.69 -17.76
N ASP G 125 12.13 5.61 -16.83
CA ASP G 125 10.71 5.48 -17.18
C ASP G 125 10.00 6.80 -17.54
N LEU G 126 10.74 7.91 -17.51
CA LEU G 126 10.28 9.24 -17.98
C LEU G 126 9.13 9.83 -17.15
N GLY G 127 9.13 9.51 -15.85
CA GLY G 127 8.11 9.98 -14.92
C GLY G 127 6.79 9.21 -14.89
N LYS G 128 6.68 8.15 -15.69
CA LYS G 128 5.42 7.44 -15.88
C LYS G 128 5.35 6.04 -15.23
N GLY G 129 6.27 5.77 -14.29
CA GLY G 129 6.35 4.47 -13.61
C GLY G 129 5.23 4.14 -12.63
N GLY G 130 4.53 5.15 -12.13
CA GLY G 130 3.44 4.92 -11.18
C GLY G 130 3.83 4.62 -9.74
N ASN G 131 4.91 5.24 -9.29
CA ASN G 131 5.30 5.23 -7.89
C ASN G 131 6.01 6.53 -7.58
N GLU G 132 6.33 6.77 -6.32
CA GLU G 132 6.93 8.04 -5.92
C GLU G 132 8.35 8.21 -6.50
N GLU G 133 9.10 7.11 -6.56
CA GLU G 133 10.46 7.14 -7.10
C GLU G 133 10.53 7.56 -8.57
N SER G 134 9.51 7.21 -9.36
CA SER G 134 9.42 7.61 -10.77
C SER G 134 9.37 9.13 -10.96
N THR G 135 8.62 9.82 -10.10
CA THR G 135 8.54 11.29 -10.15
C THR G 135 9.76 11.99 -9.54
N LYS G 136 10.68 11.23 -8.93
CA LYS G 136 11.97 11.76 -8.43
C LYS G 136 13.13 11.47 -9.38
N THR G 137 13.40 10.18 -9.62
CA THR G 137 14.59 9.74 -10.38
C THR G 137 14.33 8.93 -11.67
N GLY G 138 13.10 8.45 -11.86
CA GLY G 138 12.75 7.66 -13.04
C GLY G 138 13.04 6.16 -13.00
N ASN G 139 13.32 5.63 -11.80
CA ASN G 139 13.65 4.20 -11.60
C ASN G 139 14.77 3.69 -12.53
N ALA G 140 15.77 4.53 -12.75
CA ALA G 140 16.92 4.23 -13.61
C ALA G 140 18.01 3.39 -12.92
N GLY G 141 17.82 3.08 -11.63
CA GLY G 141 18.75 2.21 -10.93
C GLY G 141 20.01 2.96 -10.53
N SER G 142 21.04 2.20 -10.15
CA SER G 142 22.26 2.77 -9.59
C SER G 142 23.11 3.53 -10.60
N ARG G 143 24.00 4.36 -10.06
CA ARG G 143 24.94 5.14 -10.83
C ARG G 143 26.02 4.20 -11.34
N LEU G 144 26.28 4.21 -12.64
CA LEU G 144 27.36 3.40 -13.23
C LEU G 144 28.64 4.20 -13.41
N ALA G 145 28.50 5.41 -13.95
CA ALA G 145 29.61 6.34 -14.15
C ALA G 145 29.13 7.78 -14.02
N ALA G 146 30.02 8.66 -13.54
CA ALA G 146 29.69 10.06 -13.27
C ALA G 146 30.87 10.99 -13.51
N GLY G 147 30.62 12.29 -13.51
CA GLY G 147 31.67 13.27 -13.72
C GLY G 147 31.17 14.70 -13.72
N VAL G 148 32.06 15.64 -13.40
CA VAL G 148 31.71 17.06 -13.35
C VAL G 148 31.80 17.65 -14.76
N ILE G 149 30.84 18.52 -15.09
CA ILE G 149 30.83 19.25 -16.35
C ILE G 149 31.66 20.52 -16.20
N GLY G 150 32.78 20.59 -16.92
CA GLY G 150 33.70 21.74 -16.86
C GLY G 150 33.70 22.52 -18.16
N ILE G 151 34.20 23.76 -18.08
CA ILE G 151 34.28 24.67 -19.22
C ILE G 151 35.41 24.21 -20.14
N ALA G 152 35.12 24.18 -21.44
CA ALA G 152 36.07 23.72 -22.46
C ALA G 152 36.39 24.84 -23.41
N GLN G 153 37.53 24.69 -24.09
CA GLN G 153 37.98 25.67 -25.07
C GLN G 153 37.22 25.50 -26.38
N GLY H 9 42.14 33.22 11.20
CA GLY H 9 41.25 33.01 10.01
C GLY H 9 39.77 33.21 10.30
N THR H 10 38.99 33.50 9.25
CA THR H 10 37.57 33.81 9.41
C THR H 10 36.77 32.55 9.74
N LEU H 11 35.73 32.71 10.56
CA LEU H 11 34.83 31.62 10.94
C LEU H 11 34.00 31.15 9.76
N ALA H 12 33.72 29.85 9.71
CA ALA H 12 32.86 29.25 8.70
C ALA H 12 32.04 28.13 9.33
N THR H 13 30.76 28.06 8.95
CA THR H 13 29.83 27.07 9.49
C THR H 13 29.81 25.82 8.61
N LEU H 14 30.04 24.64 9.21
CA LEU H 14 30.03 23.36 8.49
C LEU H 14 28.81 22.54 8.90
N GLU H 15 28.06 22.02 7.91
CA GLU H 15 26.90 21.15 8.17
C GLU H 15 27.25 19.69 7.88
N PHE H 16 27.43 18.90 8.94
CA PHE H 16 27.71 17.46 8.81
C PHE H 16 26.47 16.61 9.06
N ALA H 17 26.31 15.56 8.25
CA ALA H 17 25.28 14.55 8.46
C ALA H 17 25.88 13.36 9.21
N VAL H 18 25.65 13.31 10.52
CA VAL H 18 26.22 12.28 11.38
C VAL H 18 25.10 11.39 11.90
N GLN H 19 25.24 10.08 11.70
CA GLN H 19 24.25 9.12 12.19
C GLN H 19 24.42 8.92 13.70
N MET H 20 23.29 8.90 14.40
CA MET H 20 23.24 8.76 15.86
C MET H 20 21.79 8.58 16.26
N THR H 21 21.49 7.43 16.86
CA THR H 21 20.14 7.06 17.29
C THR H 21 19.89 7.42 18.75
N ALA H 22 20.78 6.96 19.62
CA ALA H 22 20.66 7.19 21.07
C ALA H 22 21.07 8.60 21.50
N GLN H 23 20.73 8.94 22.75
CA GLN H 23 21.13 10.20 23.39
C GLN H 23 22.60 10.16 23.83
N SER H 24 23.13 8.96 24.06
CA SER H 24 24.56 8.78 24.38
C SER H 24 25.47 9.10 23.19
N ALA H 25 24.98 8.86 21.97
CA ALA H 25 25.70 9.24 20.75
C ALA H 25 25.83 10.78 20.61
N VAL H 26 24.80 11.52 21.04
CA VAL H 26 24.81 13.00 21.01
C VAL H 26 25.84 13.59 21.98
N ASP H 27 26.02 12.94 23.13
CA ASP H 27 27.01 13.35 24.13
C ASP H 27 28.44 13.07 23.66
N ALA H 28 28.65 11.93 23.01
CA ALA H 28 29.97 11.55 22.45
C ALA H 28 30.42 12.48 21.32
N VAL H 29 29.46 12.85 20.46
CA VAL H 29 29.71 13.80 19.38
C VAL H 29 30.02 15.20 19.93
N ARG H 30 29.16 15.69 20.82
CA ARG H 30 29.35 17.03 21.44
C ARG H 30 30.64 17.16 22.25
N LYS H 31 31.09 16.05 22.84
CA LYS H 31 32.35 16.02 23.58
C LYS H 31 33.56 16.15 22.66
N SER H 32 33.52 15.49 21.50
CA SER H 32 34.66 15.46 20.57
C SER H 32 34.97 16.81 19.90
N LEU H 33 33.99 17.71 19.83
CA LEU H 33 34.17 19.04 19.22
C LEU H 33 34.30 20.19 20.22
N GLN H 34 33.51 20.17 21.30
CA GLN H 34 33.46 21.27 22.25
C GLN H 34 34.74 21.30 23.11
N GLY H 35 35.28 22.50 23.30
CA GLY H 35 36.57 22.68 23.99
C GLY H 35 37.79 22.28 23.19
N VAL H 36 37.68 22.35 21.86
CA VAL H 36 38.82 22.08 20.94
C VAL H 36 39.29 23.41 20.37
N ALA H 37 40.59 23.50 20.08
CA ALA H 37 41.22 24.70 19.53
C ALA H 37 40.61 25.10 18.19
N GLY H 38 40.00 26.28 18.15
CA GLY H 38 39.42 26.84 16.93
C GLY H 38 38.05 26.30 16.57
N VAL H 39 37.22 26.01 17.58
CA VAL H 39 35.83 25.58 17.40
C VAL H 39 34.97 26.43 18.33
N GLN H 40 34.27 27.41 17.79
CA GLN H 40 33.49 28.34 18.62
C GLN H 40 32.22 27.73 19.16
N ASP H 41 31.32 27.35 18.26
CA ASP H 41 30.02 26.80 18.62
C ASP H 41 29.89 25.39 18.06
N VAL H 42 29.10 24.57 18.76
CA VAL H 42 28.64 23.29 18.23
C VAL H 42 27.14 23.22 18.53
N GLU H 43 26.39 22.64 17.59
CA GLU H 43 24.95 22.59 17.67
C GLU H 43 24.47 21.29 17.05
N VAL H 44 24.23 20.29 17.89
CA VAL H 44 23.78 18.97 17.43
C VAL H 44 22.26 18.92 17.38
N HIS H 45 21.71 18.30 16.34
CA HIS H 45 20.28 18.01 16.22
C HIS H 45 20.10 16.52 16.00
N LEU H 46 19.67 15.81 17.05
CA LEU H 46 19.43 14.36 17.00
C LEU H 46 18.35 13.97 15.99
N GLU H 47 17.30 14.77 15.87
CA GLU H 47 16.17 14.45 15.01
C GLU H 47 16.52 14.58 13.51
N ASP H 48 17.25 15.65 13.17
CA ASP H 48 17.68 15.89 11.79
C ASP H 48 19.00 15.21 11.40
N GLN H 49 19.61 14.44 12.32
CA GLN H 49 20.88 13.76 12.10
C GLN H 49 21.96 14.75 11.63
N MET H 50 22.04 15.89 12.32
CA MET H 50 22.86 17.01 11.88
C MET H 50 23.75 17.55 13.00
N VAL H 51 24.91 18.09 12.60
CA VAL H 51 25.81 18.78 13.50
C VAL H 51 26.34 20.03 12.79
N LEU H 52 25.96 21.21 13.28
CA LEU H 52 26.52 22.48 12.81
C LEU H 52 27.74 22.84 13.65
N VAL H 53 28.83 23.22 12.98
CA VAL H 53 30.10 23.54 13.64
C VAL H 53 30.63 24.87 13.09
N HIS H 54 30.57 25.91 13.92
CA HIS H 54 31.20 27.20 13.60
C HIS H 54 32.67 27.05 14.02
N THR H 55 33.58 27.12 13.06
CA THR H 55 35.00 26.79 13.29
C THR H 55 35.95 27.50 12.33
N THR H 56 37.19 27.69 12.80
CA THR H 56 38.31 28.14 11.96
C THR H 56 39.21 26.97 11.49
N LEU H 57 38.86 25.73 11.85
CA LEU H 57 39.61 24.55 11.42
C LEU H 57 39.18 24.09 10.02
N PRO H 58 40.04 23.33 9.32
CA PRO H 58 39.62 22.73 8.05
C PRO H 58 38.50 21.69 8.23
N SER H 59 37.62 21.60 7.24
CA SER H 59 36.54 20.62 7.22
C SER H 59 37.03 19.15 7.31
N GLN H 60 38.18 18.86 6.72
CA GLN H 60 38.77 17.51 6.80
C GLN H 60 39.10 17.13 8.26
N GLU H 61 39.63 18.08 9.02
CA GLU H 61 40.00 17.86 10.43
C GLU H 61 38.78 17.68 11.35
N VAL H 62 37.73 18.47 11.11
CA VAL H 62 36.50 18.40 11.90
C VAL H 62 35.75 17.08 11.62
N GLN H 63 35.85 16.59 10.39
CA GLN H 63 35.31 15.27 10.03
C GLN H 63 36.00 14.13 10.77
N ALA H 64 37.34 14.19 10.86
CA ALA H 64 38.13 13.16 11.54
C ALA H 64 37.80 13.04 13.03
N LEU H 65 37.59 14.18 13.69
CA LEU H 65 37.14 14.21 15.09
C LEU H 65 35.75 13.60 15.26
N LEU H 66 34.82 13.90 14.35
CA LEU H 66 33.47 13.32 14.38
C LEU H 66 33.48 11.81 14.11
N GLU H 67 34.21 11.41 13.06
CA GLU H 67 34.43 9.99 12.76
C GLU H 67 35.22 9.27 13.86
N GLY H 68 36.08 10.01 14.57
CA GLY H 68 36.84 9.51 15.72
C GLY H 68 36.03 8.88 16.85
N THR H 69 34.76 9.27 17.00
CA THR H 69 33.83 8.62 17.95
C THR H 69 32.93 7.59 17.23
N GLY H 70 33.56 6.70 16.45
CA GLY H 70 32.87 5.59 15.77
C GLY H 70 32.02 6.01 14.57
N ARG H 71 30.84 6.56 14.87
CA ARG H 71 29.84 7.00 13.86
C ARG H 71 30.38 7.86 12.70
N GLN H 72 30.00 7.51 11.46
CA GLN H 72 30.47 8.19 10.24
C GLN H 72 29.87 9.59 10.10
N ALA H 73 30.63 10.50 9.46
CA ALA H 73 30.27 11.92 9.33
C ALA H 73 30.52 12.43 7.92
N VAL H 74 29.46 12.82 7.22
CA VAL H 74 29.52 13.34 5.84
C VAL H 74 29.28 14.85 5.87
N LEU H 75 30.05 15.61 5.09
CA LEU H 75 29.87 17.05 4.97
C LEU H 75 28.81 17.32 3.92
N LYS H 76 27.75 18.00 4.32
CA LYS H 76 26.57 18.25 3.46
C LYS H 76 26.36 19.69 3.02
N GLY H 77 26.83 20.63 3.83
CA GLY H 77 26.70 22.06 3.53
C GLY H 77 27.85 22.88 4.09
N MET H 78 27.99 24.11 3.59
CA MET H 78 29.06 25.00 4.00
C MET H 78 28.67 26.46 3.76
N GLY H 79 28.71 27.28 4.81
CA GLY H 79 28.34 28.69 4.74
C GLY H 79 29.08 29.55 5.74
N SER H 80 28.93 30.87 5.62
CA SER H 80 29.54 31.84 6.54
C SER H 80 28.61 32.16 7.71
N GLY H 81 29.16 32.82 8.74
CA GLY H 81 28.39 33.22 9.92
C GLY H 81 27.44 34.39 9.69
N ASN H 85 24.11 32.45 1.77
CA ASN H 85 25.16 31.77 1.02
C ASN H 85 25.48 32.47 -0.31
N LEU H 86 26.72 32.94 -0.46
CA LEU H 86 27.20 33.63 -1.67
C LEU H 86 27.92 32.71 -2.69
N GLY H 87 28.06 31.42 -2.37
CA GLY H 87 28.70 30.46 -3.28
C GLY H 87 29.62 29.47 -2.58
N ALA H 88 29.42 28.18 -2.85
CA ALA H 88 30.26 27.12 -2.34
C ALA H 88 30.66 26.19 -3.48
N ALA H 89 31.89 25.70 -3.43
CA ALA H 89 32.41 24.79 -4.44
C ALA H 89 33.46 23.84 -3.87
N VAL H 90 33.72 22.76 -4.58
CA VAL H 90 34.71 21.74 -4.18
C VAL H 90 35.49 21.25 -5.40
N ALA H 91 36.75 20.86 -5.18
CA ALA H 91 37.60 20.31 -6.24
C ALA H 91 38.27 19.03 -5.73
N ILE H 92 37.96 17.91 -6.36
CA ILE H 92 38.54 16.62 -6.01
C ILE H 92 39.74 16.39 -6.92
N LEU H 93 40.94 16.51 -6.35
CA LEU H 93 42.17 16.34 -7.10
C LEU H 93 42.49 14.85 -7.24
N GLY H 94 42.88 14.46 -8.44
CA GLY H 94 43.32 13.09 -8.72
C GLY H 94 44.15 13.06 -9.98
N GLY H 95 44.35 11.88 -10.54
CA GLY H 95 45.05 11.72 -11.82
C GLY H 95 46.03 10.56 -11.85
N PRO H 96 47.06 10.65 -12.71
CA PRO H 96 47.90 9.48 -12.98
C PRO H 96 48.83 9.07 -11.82
N GLY H 97 49.29 10.03 -11.02
CA GLY H 97 50.24 9.76 -9.92
C GLY H 97 49.64 9.22 -8.64
N THR H 98 50.33 9.47 -7.53
CA THR H 98 49.88 9.08 -6.19
C THR H 98 49.13 10.20 -5.47
N VAL H 99 49.18 11.41 -6.03
CA VAL H 99 48.61 12.58 -5.37
C VAL H 99 47.09 12.52 -5.45
N GLN H 100 46.44 12.90 -4.35
CA GLN H 100 44.98 13.07 -4.35
C GLN H 100 44.52 13.85 -3.12
N GLY H 101 43.50 14.69 -3.29
CA GLY H 101 43.03 15.57 -2.23
C GLY H 101 41.70 16.23 -2.52
N VAL H 102 41.20 16.98 -1.55
CA VAL H 102 39.90 17.65 -1.63
C VAL H 102 40.07 19.09 -1.17
N VAL H 103 39.88 20.05 -2.06
CA VAL H 103 39.95 21.47 -1.73
C VAL H 103 38.55 22.07 -1.84
N ARG H 104 38.15 22.80 -0.80
CA ARG H 104 36.84 23.44 -0.75
C ARG H 104 36.97 24.95 -0.84
N PHE H 105 35.96 25.57 -1.45
CA PHE H 105 35.90 27.01 -1.67
C PHE H 105 34.63 27.51 -1.01
N LEU H 106 34.70 28.67 -0.37
CA LEU H 106 33.53 29.33 0.18
C LEU H 106 33.66 30.85 0.03
N GLN H 107 32.59 31.49 -0.43
CA GLN H 107 32.57 32.93 -0.62
C GLN H 107 32.04 33.59 0.64
N LEU H 108 32.95 34.06 1.49
CA LEU H 108 32.61 34.60 2.81
C LEU H 108 31.87 35.93 2.71
N THR H 109 32.33 36.79 1.81
CA THR H 109 31.67 38.06 1.49
C THR H 109 31.80 38.25 -0.02
N PRO H 110 31.14 39.28 -0.60
CA PRO H 110 31.28 39.52 -2.04
C PRO H 110 32.73 39.68 -2.52
N GLU H 111 33.59 40.26 -1.68
CA GLU H 111 34.98 40.59 -2.05
C GLU H 111 36.05 39.69 -1.37
N ARG H 112 35.65 38.60 -0.71
CA ARG H 112 36.59 37.70 -0.02
C ARG H 112 36.18 36.22 -0.10
N CYS H 113 37.13 35.34 -0.45
CA CYS H 113 36.87 33.91 -0.69
C CYS H 113 37.79 33.00 0.13
N LEU H 114 37.19 32.13 0.95
CA LEU H 114 37.91 31.12 1.72
C LEU H 114 38.25 29.94 0.83
N ILE H 115 39.52 29.50 0.85
CA ILE H 115 39.97 28.28 0.19
C ILE H 115 40.65 27.40 1.24
N GLU H 116 40.33 26.11 1.24
CA GLU H 116 40.64 25.23 2.37
C GLU H 116 40.66 23.77 1.94
N GLY H 117 41.81 23.12 2.09
CA GLY H 117 41.98 21.76 1.58
C GLY H 117 43.08 20.93 2.22
N THR H 118 43.03 19.63 1.93
CA THR H 118 43.97 18.63 2.41
C THR H 118 44.37 17.78 1.20
N ILE H 119 45.68 17.64 0.96
CA ILE H 119 46.17 16.90 -0.21
C ILE H 119 47.27 15.91 0.20
N ASP H 120 47.03 14.63 -0.07
CA ASP H 120 47.96 13.56 0.29
C ASP H 120 48.76 13.10 -0.91
N GLY H 121 49.84 12.36 -0.64
CA GLY H 121 50.63 11.71 -1.68
C GLY H 121 51.63 12.59 -2.42
N LEU H 122 51.93 13.77 -1.87
CA LEU H 122 52.91 14.67 -2.46
C LEU H 122 54.30 14.34 -1.94
N GLU H 123 55.33 14.79 -2.64
CA GLU H 123 56.69 14.79 -2.09
C GLU H 123 56.74 15.83 -0.99
N PRO H 124 57.62 15.66 0.00
CA PRO H 124 57.73 16.74 1.01
C PRO H 124 58.24 18.04 0.38
N GLY H 125 57.68 19.17 0.82
CA GLY H 125 58.10 20.51 0.34
C GLY H 125 56.99 21.34 -0.29
N LEU H 126 57.40 22.38 -1.02
CA LEU H 126 56.49 23.40 -1.56
C LEU H 126 56.01 23.09 -2.98
N HIS H 127 54.69 23.08 -3.17
CA HIS H 127 54.05 22.76 -4.45
C HIS H 127 53.15 23.90 -4.86
N GLY H 128 53.29 24.37 -6.10
CA GLY H 128 52.44 25.43 -6.62
C GLY H 128 51.00 24.98 -6.74
N LEU H 129 50.06 25.81 -6.29
CA LEU H 129 48.63 25.54 -6.37
C LEU H 129 47.99 26.64 -7.22
N HIS H 130 47.30 26.25 -8.31
CA HIS H 130 46.75 27.22 -9.26
C HIS H 130 45.39 26.84 -9.81
N VAL H 131 44.53 27.83 -9.98
CA VAL H 131 43.27 27.68 -10.70
C VAL H 131 43.59 27.92 -12.17
N HIS H 132 43.36 26.91 -13.00
CA HIS H 132 43.53 27.01 -14.46
C HIS H 132 42.17 27.32 -15.10
N GLN H 133 42.19 27.83 -16.32
CA GLN H 133 40.97 28.35 -16.96
C GLN H 133 39.94 27.30 -17.38
N TYR H 134 40.38 26.15 -17.87
CA TYR H 134 39.45 25.11 -18.37
C TYR H 134 39.31 23.92 -17.42
N GLY H 135 38.10 23.36 -17.37
CA GLY H 135 37.82 22.14 -16.58
C GLY H 135 37.77 20.91 -17.48
N ASP H 136 38.75 20.80 -18.37
CA ASP H 136 38.80 19.75 -19.39
C ASP H 136 39.80 18.70 -18.91
N LEU H 137 39.30 17.53 -18.51
CA LEU H 137 40.14 16.43 -18.01
C LEU H 137 40.27 15.29 -19.03
N THR H 138 40.09 15.59 -20.31
CA THR H 138 40.16 14.54 -21.35
C THR H 138 41.57 14.00 -21.52
N ASN H 139 42.56 14.86 -21.33
CA ASN H 139 43.97 14.46 -21.35
C ASN H 139 44.62 14.71 -19.97
N ASN H 140 43.89 14.33 -18.92
CA ASN H 140 44.28 14.63 -17.52
C ASN H 140 44.51 16.14 -17.35
N CYS H 141 45.57 16.53 -16.63
CA CYS H 141 45.79 17.94 -16.32
C CYS H 141 46.38 18.73 -17.47
N ASN H 142 46.84 18.05 -18.52
CA ASN H 142 47.38 18.73 -19.72
C ASN H 142 46.36 19.52 -20.55
N SER H 143 45.10 19.10 -20.51
CA SER H 143 44.02 19.74 -21.28
C SER H 143 43.38 20.95 -20.57
N CYS H 144 43.78 21.22 -19.33
CA CYS H 144 43.15 22.27 -18.50
C CYS H 144 43.54 23.73 -18.84
N GLY H 145 44.34 23.96 -19.88
CA GLY H 145 44.70 25.34 -20.25
C GLY H 145 45.72 25.94 -19.30
N ASN H 146 45.85 27.27 -19.32
CA ASN H 146 46.80 27.98 -18.47
C ASN H 146 46.15 28.53 -17.21
N HIS H 147 46.96 29.13 -16.34
CA HIS H 147 46.46 29.77 -15.12
C HIS H 147 45.36 30.76 -15.45
N PHE H 148 44.25 30.69 -14.71
CA PHE H 148 43.11 31.58 -14.92
C PHE H 148 43.55 33.02 -14.72
N ASN H 149 43.55 33.80 -15.81
CA ASN H 149 44.12 35.14 -15.86
C ASN H 149 43.23 36.09 -16.68
N PRO H 150 42.00 36.34 -16.18
CA PRO H 150 41.07 37.16 -16.95
C PRO H 150 41.49 38.61 -17.09
N ASP H 151 42.18 39.15 -16.10
CA ASP H 151 42.67 40.54 -16.13
C ASP H 151 43.97 40.73 -16.94
N GLY H 152 44.49 39.69 -17.58
CA GLY H 152 45.71 39.79 -18.37
C GLY H 152 46.91 40.23 -17.55
N ALA H 153 46.99 39.75 -16.32
CA ALA H 153 48.08 40.07 -15.40
C ALA H 153 49.33 39.24 -15.66
N SER H 154 50.41 39.60 -14.97
CA SER H 154 51.63 38.82 -14.95
C SER H 154 51.53 37.79 -13.83
N HIS H 155 52.36 36.75 -13.85
CA HIS H 155 52.36 35.73 -12.78
C HIS H 155 53.01 36.27 -11.50
N GLY H 156 52.40 35.93 -10.37
CA GLY H 156 52.93 36.29 -9.06
C GLY H 156 52.33 35.43 -7.97
N GLY H 157 52.71 35.72 -6.72
CA GLY H 157 52.18 35.03 -5.56
C GLY H 157 51.02 35.78 -4.92
N PRO H 158 50.37 35.19 -3.90
CA PRO H 158 49.18 35.78 -3.25
C PRO H 158 49.36 37.17 -2.63
N GLN H 159 50.55 37.44 -2.08
CA GLN H 159 50.91 38.83 -1.65
C GLN H 159 51.03 39.88 -2.78
N ASP H 160 51.16 39.45 -4.04
CA ASP H 160 51.20 40.38 -5.18
C ASP H 160 49.79 40.71 -5.67
N SER H 161 49.50 42.00 -5.81
CA SER H 161 48.26 42.44 -6.43
C SER H 161 48.29 42.17 -7.95
N ASP H 162 49.45 42.38 -8.57
CA ASP H 162 49.69 41.95 -9.95
C ASP H 162 50.01 40.45 -9.98
N ARG H 163 48.96 39.65 -9.94
CA ARG H 163 49.04 38.20 -10.10
C ARG H 163 47.90 37.75 -11.00
N HIS H 164 47.98 36.52 -11.49
CA HIS H 164 46.84 35.89 -12.14
C HIS H 164 45.81 35.59 -11.07
N ARG H 165 44.54 35.73 -11.40
CA ARG H 165 43.45 35.47 -10.45
C ARG H 165 43.54 34.07 -9.83
N GLY H 166 44.03 33.11 -10.61
CA GLY H 166 44.26 31.75 -10.12
C GLY H 166 45.54 31.49 -9.34
N ASP H 167 46.36 32.51 -9.06
CA ASP H 167 47.64 32.31 -8.38
C ASP H 167 47.47 32.19 -6.87
N LEU H 168 47.44 30.96 -6.37
CA LEU H 168 47.25 30.69 -4.94
C LEU H 168 48.56 30.39 -4.21
N GLY H 169 49.68 30.52 -4.90
CA GLY H 169 51.01 30.40 -4.30
C GLY H 169 51.40 28.96 -3.98
N ASN H 170 52.19 28.80 -2.92
CA ASN H 170 52.69 27.49 -2.53
C ASN H 170 51.90 26.89 -1.40
N VAL H 171 52.06 25.57 -1.29
CA VAL H 171 51.37 24.75 -0.31
C VAL H 171 52.41 23.71 0.15
N ARG H 172 52.67 23.68 1.45
CA ARG H 172 53.74 22.85 2.02
C ARG H 172 53.21 21.46 2.33
N ALA H 173 53.94 20.44 1.89
CA ALA H 173 53.69 19.05 2.27
C ALA H 173 54.71 18.61 3.33
N ASP H 174 54.23 17.93 4.37
CA ASP H 174 55.09 17.47 5.48
C ASP H 174 55.94 16.25 5.07
N ALA H 175 56.63 15.64 6.03
CA ALA H 175 57.42 14.41 5.76
C ALA H 175 56.57 13.22 5.29
N ASP H 176 55.31 13.15 5.72
CA ASP H 176 54.37 12.11 5.28
C ASP H 176 53.65 12.39 3.95
N GLY H 177 53.98 13.48 3.28
CA GLY H 177 53.37 13.82 1.99
C GLY H 177 51.97 14.39 2.05
N ARG H 178 51.52 14.80 3.25
CA ARG H 178 50.25 15.48 3.42
C ARG H 178 50.49 16.99 3.40
N ALA H 179 49.59 17.71 2.73
CA ALA H 179 49.59 19.17 2.72
C ALA H 179 48.20 19.68 3.12
N ILE H 180 48.13 20.33 4.29
CA ILE H 180 46.91 20.98 4.77
C ILE H 180 47.09 22.48 4.59
N PHE H 181 46.02 23.18 4.24
CA PHE H 181 46.06 24.64 4.11
C PHE H 181 44.68 25.28 4.26
N ARG H 182 44.71 26.59 4.52
CA ARG H 182 43.51 27.40 4.70
C ARG H 182 43.90 28.86 4.48
N MET H 183 43.22 29.52 3.56
CA MET H 183 43.64 30.81 3.04
C MET H 183 42.44 31.61 2.51
N GLU H 184 42.54 32.92 2.58
CA GLU H 184 41.51 33.81 2.03
C GLU H 184 42.08 34.61 0.87
N ASP H 185 41.33 34.68 -0.24
CA ASP H 185 41.76 35.40 -1.43
C ASP H 185 40.72 36.43 -1.81
N GLU H 186 41.16 37.66 -2.03
CA GLU H 186 40.27 38.79 -2.24
C GLU H 186 40.00 39.11 -3.73
N GLN H 187 40.65 38.36 -4.63
CA GLN H 187 40.44 38.49 -6.08
C GLN H 187 39.69 37.32 -6.72
N LEU H 188 39.92 36.11 -6.21
CA LEU H 188 39.23 34.91 -6.68
C LEU H 188 37.82 34.87 -6.12
N LYS H 189 36.84 34.66 -7.00
CA LYS H 189 35.43 34.53 -6.61
C LYS H 189 34.91 33.17 -7.04
N VAL H 190 34.10 32.53 -6.20
CA VAL H 190 33.67 31.12 -6.41
C VAL H 190 32.94 30.91 -7.73
N TRP H 191 31.95 31.74 -8.00
CA TRP H 191 31.11 31.60 -9.20
C TRP H 191 31.82 32.11 -10.47
N ASP H 192 32.91 32.84 -10.29
CA ASP H 192 33.81 33.18 -11.39
C ASP H 192 34.73 32.00 -11.80
N VAL H 193 34.85 30.97 -10.96
CA VAL H 193 35.68 29.78 -11.24
C VAL H 193 34.92 28.44 -11.22
N ILE H 194 33.59 28.46 -11.18
CA ILE H 194 32.80 27.23 -11.29
C ILE H 194 33.01 26.66 -12.68
N GLY H 195 33.39 25.39 -12.75
CA GLY H 195 33.61 24.70 -14.02
C GLY H 195 35.02 24.80 -14.57
N ARG H 196 35.90 25.50 -13.85
CA ARG H 196 37.32 25.59 -14.20
C ARG H 196 38.06 24.52 -13.40
N SER H 197 39.39 24.48 -13.47
CA SER H 197 40.16 23.46 -12.77
C SER H 197 41.09 24.03 -11.69
N LEU H 198 41.31 23.23 -10.65
CA LEU H 198 42.36 23.47 -9.66
C LEU H 198 43.46 22.42 -9.90
N ILE H 199 44.70 22.87 -10.03
CA ILE H 199 45.84 21.99 -10.30
C ILE H 199 46.96 22.24 -9.27
N ILE H 200 47.60 21.16 -8.83
CA ILE H 200 48.78 21.23 -7.97
C ILE H 200 50.02 20.75 -8.74
N ASP H 201 51.11 21.50 -8.62
CA ASP H 201 52.31 21.28 -9.42
C ASP H 201 53.36 20.44 -8.69
N GLU H 202 54.30 19.92 -9.47
CA GLU H 202 55.41 19.07 -9.03
C GLU H 202 56.31 19.76 -8.01
N GLY H 203 56.77 20.96 -8.38
CA GLY H 203 57.70 21.72 -7.56
C GLY H 203 57.21 23.09 -7.16
N GLU H 204 58.14 23.90 -6.68
CA GLU H 204 57.85 25.21 -6.08
C GLU H 204 57.61 26.32 -7.11
N ASP H 205 56.44 26.94 -7.01
CA ASP H 205 56.15 28.26 -7.59
C ASP H 205 57.14 29.36 -7.10
N ASP H 206 57.87 29.98 -8.03
CA ASP H 206 58.79 31.07 -7.68
C ASP H 206 58.13 32.45 -7.53
N LEU H 207 56.81 32.52 -7.74
CA LEU H 207 56.03 33.73 -7.52
C LEU H 207 56.45 34.89 -8.45
N GLY H 208 56.89 34.55 -9.64
CA GLY H 208 57.37 35.53 -10.61
C GLY H 208 58.74 36.14 -10.32
N ARG H 209 59.49 35.58 -9.38
CA ARG H 209 60.74 36.17 -8.89
C ARG H 209 62.01 35.33 -9.19
N GLY H 210 61.85 34.22 -9.91
CA GLY H 210 62.97 33.31 -10.15
C GLY H 210 63.95 33.77 -11.23
N GLY H 211 63.56 34.75 -12.05
CA GLY H 211 64.41 35.25 -13.13
C GLY H 211 64.56 34.32 -14.34
N HIS H 212 63.61 33.42 -14.51
CA HIS H 212 63.65 32.33 -15.49
C HIS H 212 62.52 32.57 -16.49
N PRO H 213 62.69 32.20 -17.79
CA PRO H 213 61.66 32.50 -18.80
C PRO H 213 60.22 32.26 -18.35
N LEU H 214 59.99 31.11 -17.73
CA LEU H 214 58.67 30.76 -17.19
C LEU H 214 58.28 31.33 -15.81
N SER H 215 59.07 32.23 -15.23
CA SER H 215 58.71 32.81 -13.91
C SER H 215 57.44 33.64 -13.97
N LYS H 216 57.42 34.60 -14.89
CA LYS H 216 56.28 35.50 -15.07
C LYS H 216 55.11 34.88 -15.87
N ILE H 217 55.25 33.63 -16.34
CA ILE H 217 54.18 32.93 -17.04
C ILE H 217 53.54 31.87 -16.13
N THR H 218 54.35 30.95 -15.60
CA THR H 218 53.86 29.86 -14.73
C THR H 218 54.41 29.85 -13.29
N GLY H 219 55.46 30.63 -13.02
CA GLY H 219 56.22 30.49 -11.79
C GLY H 219 57.19 29.31 -11.77
N ASN H 220 57.33 28.63 -12.91
CA ASN H 220 58.32 27.56 -13.09
C ASN H 220 58.23 26.41 -12.09
N SER H 221 57.01 25.99 -11.77
CA SER H 221 56.75 24.95 -10.77
C SER H 221 56.75 23.52 -11.34
N GLY H 222 57.22 23.34 -12.57
CA GLY H 222 57.39 22.01 -13.14
C GLY H 222 56.09 21.41 -13.62
N GLU H 223 56.02 20.08 -13.58
CA GLU H 223 54.88 19.34 -14.12
C GLU H 223 53.62 19.48 -13.28
N ARG H 224 52.47 19.19 -13.89
CA ARG H 224 51.17 19.19 -13.22
C ARG H 224 50.94 17.80 -12.65
N LEU H 225 50.86 17.66 -11.33
CA LEU H 225 50.71 16.32 -10.72
C LEU H 225 49.26 15.86 -10.73
N ALA H 226 48.37 16.66 -10.15
CA ALA H 226 46.97 16.29 -9.97
C ALA H 226 46.04 17.45 -10.27
N CYS H 227 44.80 17.11 -10.60
CA CYS H 227 43.79 18.11 -10.97
C CYS H 227 42.38 17.64 -10.73
N GLY H 228 41.49 18.62 -10.59
CA GLY H 228 40.07 18.38 -10.44
C GLY H 228 39.29 19.60 -10.89
N ILE H 229 38.04 19.40 -11.25
CA ILE H 229 37.15 20.49 -11.66
C ILE H 229 36.54 21.12 -10.42
N ILE H 230 36.57 22.46 -10.37
CA ILE H 230 35.93 23.22 -9.30
C ILE H 230 34.43 23.16 -9.54
N ALA H 231 33.75 22.37 -8.71
CA ALA H 231 32.37 21.97 -8.91
C ALA H 231 31.45 22.62 -7.87
N ARG H 232 30.23 22.92 -8.28
CA ARG H 232 29.21 23.46 -7.38
C ARG H 232 28.95 22.50 -6.23
N SER H 233 28.99 23.01 -4.99
CA SER H 233 28.60 22.23 -3.81
C SER H 233 27.59 23.01 -2.99
N ALA H 234 26.88 22.30 -2.13
CA ALA H 234 25.75 22.87 -1.39
C ALA H 234 26.15 23.84 -0.27
N GLY H 235 25.39 24.93 -0.16
CA GLY H 235 25.43 25.80 1.01
C GLY H 235 24.67 25.17 2.16
N LEU H 236 24.51 25.90 3.26
CA LEU H 236 23.86 25.37 4.44
C LEU H 236 22.39 25.06 4.15
N PHE H 237 21.96 23.85 4.51
CA PHE H 237 20.56 23.38 4.39
C PHE H 237 19.99 23.35 2.95
N GLN H 238 20.86 23.28 1.95
CA GLN H 238 20.43 23.29 0.54
C GLN H 238 20.38 21.89 -0.09
N ASN H 239 20.87 20.88 0.62
CA ASN H 239 20.93 19.51 0.11
C ASN H 239 20.24 18.57 1.12
N PRO H 240 18.96 18.21 0.88
CA PRO H 240 18.17 17.53 1.90
C PRO H 240 18.30 15.98 1.99
N LYS H 241 19.16 15.35 1.19
CA LYS H 241 19.33 13.86 1.21
C LYS H 241 19.54 13.30 2.65
N ALA I 1 -34.32 -4.32 -23.12
CA ALA I 1 -33.66 -4.49 -24.46
C ALA I 1 -34.68 -4.54 -25.60
N THR I 2 -34.98 -3.38 -26.15
CA THR I 2 -35.93 -3.25 -27.28
C THR I 2 -35.26 -3.30 -28.66
N LYS I 3 -34.01 -2.83 -28.75
CA LYS I 3 -33.25 -2.84 -30.00
C LYS I 3 -31.83 -3.37 -29.79
N ALA I 4 -31.31 -4.03 -30.83
CA ALA I 4 -29.92 -4.49 -30.84
C ALA I 4 -29.31 -4.31 -32.24
N VAL I 5 -28.00 -4.48 -32.34
CA VAL I 5 -27.25 -4.21 -33.57
C VAL I 5 -25.97 -5.05 -33.58
N CYS I 6 -25.49 -5.39 -34.78
CA CYS I 6 -24.30 -6.23 -34.93
C CYS I 6 -23.51 -5.90 -36.20
N VAL I 7 -22.26 -5.47 -36.02
CA VAL I 7 -21.38 -5.22 -37.14
C VAL I 7 -20.67 -6.53 -37.48
N LEU I 8 -20.92 -7.04 -38.68
CA LEU I 8 -20.25 -8.22 -39.20
C LEU I 8 -18.92 -7.81 -39.82
N LYS I 9 -17.81 -8.27 -39.22
CA LYS I 9 -16.46 -8.07 -39.76
C LYS I 9 -15.79 -9.42 -39.93
N GLY I 10 -14.82 -9.46 -40.84
CA GLY I 10 -14.07 -10.68 -41.12
C GLY I 10 -12.69 -10.40 -41.65
N ASP I 11 -11.95 -11.47 -41.91
CA ASP I 11 -10.63 -11.38 -42.54
C ASP I 11 -10.76 -10.94 -44.00
N GLY I 12 -11.82 -11.42 -44.66
CA GLY I 12 -12.09 -11.11 -46.06
C GLY I 12 -12.76 -9.75 -46.29
N PRO I 13 -13.27 -9.53 -47.53
CA PRO I 13 -13.95 -8.29 -47.89
C PRO I 13 -15.44 -8.24 -47.47
N VAL I 14 -15.96 -9.36 -46.97
CA VAL I 14 -17.35 -9.42 -46.46
C VAL I 14 -17.54 -8.59 -45.17
N GLN I 15 -18.61 -7.80 -45.16
CA GLN I 15 -18.96 -6.95 -44.02
C GLN I 15 -20.40 -6.44 -44.11
N GLY I 16 -21.00 -6.17 -42.96
CA GLY I 16 -22.37 -5.67 -42.92
C GLY I 16 -22.83 -5.24 -41.53
N ILE I 17 -23.86 -4.39 -41.51
CA ILE I 17 -24.53 -3.98 -40.27
C ILE I 17 -25.89 -4.66 -40.26
N ILE I 18 -26.18 -5.42 -39.20
CA ILE I 18 -27.48 -6.06 -39.02
C ILE I 18 -28.19 -5.41 -37.85
N ASN I 19 -29.46 -5.08 -38.03
CA ASN I 19 -30.30 -4.48 -36.99
C ASN I 19 -31.31 -5.45 -36.42
N PHE I 20 -31.64 -5.27 -35.15
CA PHE I 20 -32.65 -6.07 -34.44
C PHE I 20 -33.65 -5.14 -33.75
N GLU I 21 -34.93 -5.53 -33.78
CA GLU I 21 -35.97 -4.77 -33.09
C GLU I 21 -37.14 -5.67 -32.68
N GLN I 22 -37.58 -5.50 -31.44
CA GLN I 22 -38.67 -6.28 -30.86
C GLN I 22 -39.49 -5.36 -29.96
N LYS I 23 -40.75 -5.13 -30.31
CA LYS I 23 -41.63 -4.22 -29.57
C LYS I 23 -42.46 -4.94 -28.50
N GLU I 24 -42.94 -6.15 -28.82
CA GLU I 24 -43.65 -7.01 -27.88
C GLU I 24 -42.70 -7.97 -27.16
N SER I 25 -42.95 -8.21 -25.88
CA SER I 25 -42.18 -9.15 -25.08
C SER I 25 -42.44 -10.58 -25.55
N ASN I 26 -41.36 -11.34 -25.76
CA ASN I 26 -41.43 -12.65 -26.42
C ASN I 26 -42.19 -12.60 -27.77
N GLY I 27 -42.14 -11.45 -28.44
CA GLY I 27 -42.81 -11.24 -29.71
C GLY I 27 -41.86 -11.48 -30.86
N PRO I 28 -42.29 -11.14 -32.08
CA PRO I 28 -41.40 -11.22 -33.24
C PRO I 28 -40.21 -10.28 -33.10
N VAL I 29 -39.04 -10.73 -33.57
CA VAL I 29 -37.88 -9.87 -33.73
C VAL I 29 -37.67 -9.63 -35.24
N LYS I 30 -37.68 -8.36 -35.66
CA LYS I 30 -37.32 -7.99 -37.03
C LYS I 30 -35.80 -7.92 -37.15
N VAL I 31 -35.26 -8.67 -38.10
CA VAL I 31 -33.83 -8.60 -38.43
C VAL I 31 -33.73 -8.00 -39.82
N TRP I 32 -33.13 -6.81 -39.92
CA TRP I 32 -32.92 -6.14 -41.21
CA TRP I 32 -32.95 -6.11 -41.19
C TRP I 32 -31.54 -5.53 -41.29
N GLY I 33 -31.07 -5.31 -42.51
CA GLY I 33 -29.75 -4.75 -42.77
C GLY I 33 -29.21 -5.16 -44.11
N SER I 34 -27.88 -5.13 -44.23
CA SER I 34 -27.21 -5.48 -45.47
C SER I 34 -25.83 -6.09 -45.22
N ILE I 35 -25.53 -7.18 -45.92
CA ILE I 35 -24.19 -7.76 -45.98
C ILE I 35 -23.70 -7.61 -47.42
N LYS I 36 -22.53 -7.00 -47.60
CA LYS I 36 -21.92 -6.83 -48.92
C LYS I 36 -20.53 -7.47 -48.98
N GLY I 37 -20.12 -7.90 -50.18
CA GLY I 37 -18.82 -8.54 -50.42
C GLY I 37 -18.85 -10.06 -50.47
N LEU I 38 -20.05 -10.64 -50.52
CA LEU I 38 -20.24 -12.11 -50.60
C LEU I 38 -20.16 -12.58 -52.04
N THR I 39 -20.10 -13.89 -52.23
CA THR I 39 -20.36 -14.50 -53.55
C THR I 39 -21.87 -14.59 -53.75
N GLU I 40 -22.31 -14.65 -55.00
CA GLU I 40 -23.74 -14.73 -55.35
C GLU I 40 -24.39 -15.97 -54.71
N GLY I 41 -25.70 -15.88 -54.47
CA GLY I 41 -26.48 -17.01 -53.97
C GLY I 41 -26.59 -17.09 -52.46
N LEU I 42 -26.93 -18.28 -51.97
CA LEU I 42 -27.29 -18.50 -50.56
C LEU I 42 -26.08 -18.53 -49.63
N HIS I 43 -26.27 -18.02 -48.41
CA HIS I 43 -25.25 -18.05 -47.36
C HIS I 43 -25.88 -18.29 -46.00
N GLY I 44 -25.26 -19.16 -45.20
CA GLY I 44 -25.78 -19.58 -43.89
C GLY I 44 -25.66 -18.47 -42.85
N PHE I 45 -26.70 -18.28 -42.06
CA PHE I 45 -26.87 -17.11 -41.19
C PHE I 45 -27.25 -17.57 -39.78
N HIS I 46 -26.27 -17.60 -38.88
CA HIS I 46 -26.40 -18.31 -37.59
C HIS I 46 -25.98 -17.50 -36.37
N VAL I 47 -26.66 -17.76 -35.25
CA VAL I 47 -26.37 -17.17 -33.94
C VAL I 47 -25.77 -18.24 -33.03
N HIS I 48 -24.49 -18.10 -32.68
CA HIS I 48 -23.80 -19.06 -31.79
C HIS I 48 -24.19 -18.88 -30.33
N GLU I 49 -23.88 -19.89 -29.52
CA GLU I 49 -24.21 -19.90 -28.10
C GLU I 49 -23.54 -18.74 -27.36
N PHE I 50 -22.25 -18.56 -27.59
CA PHE I 50 -21.45 -17.54 -26.90
C PHE I 50 -21.06 -16.41 -27.85
N GLY I 51 -20.70 -15.27 -27.27
CA GLY I 51 -20.21 -14.11 -28.01
C GLY I 51 -18.69 -13.95 -27.99
N ASP I 52 -18.03 -14.85 -27.25
CA ASP I 52 -16.57 -14.87 -27.15
C ASP I 52 -15.98 -15.18 -28.52
N ASN I 53 -15.19 -14.25 -29.06
CA ASN I 53 -14.52 -14.46 -30.35
C ASN I 53 -12.99 -14.47 -30.25
N THR I 54 -12.48 -14.75 -29.05
CA THR I 54 -11.04 -14.71 -28.80
C THR I 54 -10.30 -15.87 -29.46
N ALA I 55 -11.02 -16.95 -29.78
CA ALA I 55 -10.49 -18.05 -30.59
C ALA I 55 -11.52 -18.51 -31.62
N GLY I 56 -12.11 -17.54 -32.33
CA GLY I 56 -13.06 -17.81 -33.41
C GLY I 56 -14.27 -18.67 -33.07
N ALA I 57 -14.47 -19.73 -33.85
CA ALA I 57 -15.61 -20.62 -33.69
C ALA I 57 -15.50 -21.51 -32.44
N THR I 58 -14.27 -21.84 -32.03
CA THR I 58 -14.03 -22.62 -30.81
C THR I 58 -14.64 -21.95 -29.59
N SER I 59 -14.28 -20.68 -29.37
CA SER I 59 -14.72 -19.94 -28.20
C SER I 59 -16.18 -19.47 -28.29
N ALA I 60 -16.70 -19.29 -29.51
CA ALA I 60 -18.12 -18.97 -29.72
C ALA I 60 -19.06 -20.12 -29.40
N GLY I 61 -18.55 -21.36 -29.42
CA GLY I 61 -19.31 -22.55 -29.05
C GLY I 61 -20.25 -23.02 -30.15
N PRO I 62 -21.10 -24.01 -29.83
CA PRO I 62 -22.05 -24.50 -30.83
C PRO I 62 -23.15 -23.47 -31.09
N HIS I 63 -23.98 -23.74 -32.09
CA HIS I 63 -25.11 -22.87 -32.38
C HIS I 63 -25.98 -22.71 -31.13
N PHE I 64 -26.44 -21.49 -30.86
CA PHE I 64 -27.26 -21.17 -29.67
C PHE I 64 -28.48 -22.08 -29.61
N ASN I 65 -28.57 -22.87 -28.54
CA ASN I 65 -29.46 -24.02 -28.50
C ASN I 65 -29.87 -24.39 -27.06
N PRO I 66 -30.69 -23.52 -26.42
CA PRO I 66 -31.13 -23.77 -25.04
C PRO I 66 -32.08 -24.97 -24.85
N LEU I 67 -32.73 -25.43 -25.92
CA LEU I 67 -33.67 -26.56 -25.85
C LEU I 67 -33.07 -27.92 -26.23
N SER I 68 -31.76 -27.98 -26.50
CA SER I 68 -31.08 -29.22 -26.91
C SER I 68 -31.75 -29.93 -28.10
N ARG I 69 -32.02 -29.17 -29.16
CA ARG I 69 -32.59 -29.72 -30.41
C ARG I 69 -31.49 -30.00 -31.44
N LYS I 70 -31.90 -30.54 -32.58
CA LYS I 70 -31.02 -30.69 -33.74
C LYS I 70 -31.21 -29.50 -34.68
N HIS I 71 -30.22 -29.28 -35.56
CA HIS I 71 -30.25 -28.18 -36.54
C HIS I 71 -31.43 -28.32 -37.50
N GLY I 72 -32.14 -27.21 -37.70
CA GLY I 72 -33.15 -27.08 -38.76
C GLY I 72 -33.20 -25.70 -39.36
N GLY I 73 -34.14 -25.48 -40.27
CA GLY I 73 -34.38 -24.16 -40.85
C GLY I 73 -35.22 -23.30 -39.92
N PRO I 74 -35.38 -22.01 -40.24
CA PRO I 74 -36.24 -21.13 -39.43
C PRO I 74 -37.69 -21.62 -39.27
N LYS I 75 -38.24 -22.14 -40.37
CA LYS I 75 -39.63 -22.61 -40.39
C LYS I 75 -39.84 -23.98 -39.73
N ASP I 76 -38.77 -24.77 -39.60
CA ASP I 76 -38.84 -26.05 -38.88
C ASP I 76 -39.06 -25.85 -37.38
N GLU I 77 -39.70 -26.83 -36.73
CA GLU I 77 -39.89 -26.83 -35.27
C GLU I 77 -38.69 -27.45 -34.56
N GLU I 78 -38.19 -28.56 -35.12
CA GLU I 78 -36.91 -29.13 -34.70
C GLU I 78 -35.80 -28.24 -35.27
N ARG I 79 -35.36 -27.26 -34.47
CA ARG I 79 -34.33 -26.31 -34.85
C ARG I 79 -33.59 -25.80 -33.61
N HIS I 80 -32.38 -25.28 -33.79
CA HIS I 80 -31.70 -24.51 -32.76
C HIS I 80 -32.30 -23.10 -32.75
N VAL I 81 -32.26 -22.43 -31.61
CA VAL I 81 -32.78 -21.06 -31.48
C VAL I 81 -32.06 -20.11 -32.42
N GLY I 82 -30.75 -20.30 -32.58
CA GLY I 82 -29.94 -19.47 -33.45
C GLY I 82 -29.94 -19.75 -34.95
N ASP I 83 -30.76 -20.70 -35.41
CA ASP I 83 -30.87 -21.02 -36.83
C ASP I 83 -31.77 -20.02 -37.56
N LEU I 84 -31.16 -19.07 -38.25
CA LEU I 84 -31.88 -18.11 -39.10
C LEU I 84 -31.73 -18.41 -40.61
N GLY I 85 -31.36 -19.64 -40.92
CA GLY I 85 -31.45 -20.18 -42.28
C GLY I 85 -30.41 -19.61 -43.23
N ASN I 86 -30.88 -18.91 -44.27
CA ASN I 86 -30.01 -18.36 -45.29
C ASN I 86 -30.27 -16.89 -45.59
N VAL I 87 -29.28 -16.27 -46.23
CA VAL I 87 -29.39 -14.92 -46.78
C VAL I 87 -28.95 -14.95 -48.24
N THR I 88 -29.73 -14.34 -49.12
CA THR I 88 -29.53 -14.43 -50.56
C THR I 88 -28.76 -13.21 -51.06
N ALA I 89 -27.56 -13.43 -51.57
CA ALA I 89 -26.72 -12.37 -52.14
C ALA I 89 -26.91 -12.29 -53.65
N ASP I 90 -27.16 -11.07 -54.15
CA ASP I 90 -27.39 -10.86 -55.59
C ASP I 90 -26.07 -10.91 -56.39
N LYS I 91 -26.16 -10.68 -57.70
CA LYS I 91 -24.99 -10.70 -58.61
C LYS I 91 -23.83 -9.75 -58.23
N ASP I 92 -24.12 -8.69 -57.47
CA ASP I 92 -23.09 -7.77 -56.96
C ASP I 92 -22.54 -8.16 -55.57
N GLY I 93 -22.95 -9.31 -55.04
CA GLY I 93 -22.50 -9.79 -53.74
C GLY I 93 -23.16 -9.14 -52.54
N VAL I 94 -24.24 -8.39 -52.77
CA VAL I 94 -24.92 -7.61 -51.74
C VAL I 94 -26.18 -8.36 -51.32
N ALA I 95 -26.17 -8.91 -50.11
CA ALA I 95 -27.32 -9.61 -49.53
C ALA I 95 -28.17 -8.62 -48.74
N ASP I 96 -29.40 -8.41 -49.19
CA ASP I 96 -30.35 -7.54 -48.53
C ASP I 96 -31.13 -8.38 -47.52
N VAL I 97 -30.79 -8.23 -46.23
CA VAL I 97 -31.36 -9.06 -45.17
C VAL I 97 -32.68 -8.45 -44.70
N SER I 98 -33.69 -9.29 -44.49
CA SER I 98 -35.02 -8.84 -44.06
C SER I 98 -35.82 -10.01 -43.46
N ILE I 99 -35.23 -10.63 -42.43
CA ILE I 99 -35.81 -11.79 -41.73
C ILE I 99 -36.77 -11.31 -40.64
N GLU I 100 -37.71 -12.18 -40.26
CA GLU I 100 -38.55 -11.97 -39.09
C GLU I 100 -38.78 -13.31 -38.38
N ASP I 101 -38.50 -13.36 -37.08
CA ASP I 101 -38.44 -14.62 -36.31
C ASP I 101 -39.03 -14.44 -34.91
N SER I 102 -39.76 -15.45 -34.43
CA SER I 102 -40.35 -15.47 -33.09
C SER I 102 -39.77 -16.53 -32.14
N VAL I 103 -38.82 -17.33 -32.63
CA VAL I 103 -38.06 -18.25 -31.77
C VAL I 103 -36.96 -17.47 -31.02
N ILE I 104 -36.22 -16.62 -31.73
CA ILE I 104 -35.27 -15.71 -31.09
C ILE I 104 -36.01 -14.59 -30.35
N SER I 105 -35.28 -13.95 -29.45
CA SER I 105 -35.83 -12.90 -28.59
C SER I 105 -34.72 -11.94 -28.20
N LEU I 106 -35.10 -10.81 -27.60
CA LEU I 106 -34.15 -9.87 -26.99
C LEU I 106 -34.33 -9.86 -25.46
N SER I 107 -35.00 -10.89 -24.94
CA SER I 107 -35.10 -11.13 -23.52
C SER I 107 -35.43 -12.60 -23.27
N GLY I 108 -35.32 -13.04 -22.02
CA GLY I 108 -35.62 -14.42 -21.64
C GLY I 108 -34.53 -15.40 -22.04
N ASP I 109 -34.86 -16.69 -21.91
CA ASP I 109 -33.91 -17.77 -22.17
C ASP I 109 -33.49 -17.88 -23.63
N HIS I 110 -34.28 -17.29 -24.54
CA HIS I 110 -33.92 -17.25 -25.96
C HIS I 110 -33.25 -15.93 -26.40
N CYS I 111 -32.80 -15.11 -25.43
CA CYS I 111 -32.12 -13.84 -25.70
C CYS I 111 -30.82 -14.05 -26.49
N ILE I 112 -30.67 -13.32 -27.59
CA ILE I 112 -29.51 -13.45 -28.49
C ILE I 112 -28.46 -12.33 -28.32
N ILE I 113 -28.70 -11.42 -27.38
CA ILE I 113 -27.77 -10.33 -27.11
C ILE I 113 -26.52 -10.90 -26.43
N GLY I 114 -25.37 -10.34 -26.79
CA GLY I 114 -24.08 -10.83 -26.31
C GLY I 114 -23.58 -12.13 -26.91
N ARG I 115 -24.16 -12.55 -28.04
CA ARG I 115 -23.80 -13.79 -28.71
C ARG I 115 -23.36 -13.48 -30.14
N THR I 116 -22.55 -14.35 -30.74
CA THR I 116 -21.97 -14.07 -32.04
C THR I 116 -22.92 -14.42 -33.18
N LEU I 117 -23.24 -13.42 -34.01
CA LEU I 117 -23.91 -13.63 -35.29
C LEU I 117 -22.84 -13.89 -36.35
N VAL I 118 -23.14 -14.79 -37.29
CA VAL I 118 -22.17 -15.24 -38.31
C VAL I 118 -22.85 -15.33 -39.68
N VAL I 119 -22.13 -14.92 -40.73
CA VAL I 119 -22.50 -15.21 -42.13
C VAL I 119 -21.47 -16.20 -42.71
N HIS I 120 -21.95 -17.33 -43.22
CA HIS I 120 -21.11 -18.49 -43.59
C HIS I 120 -20.77 -18.51 -45.07
N GLU I 121 -19.82 -19.39 -45.45
CA GLU I 121 -19.31 -19.50 -46.81
C GLU I 121 -20.34 -20.11 -47.76
N LYS I 122 -20.79 -21.32 -47.44
CA LYS I 122 -21.73 -22.08 -48.25
C LYS I 122 -23.14 -21.96 -47.69
N ALA I 123 -24.10 -22.42 -48.48
CA ALA I 123 -25.49 -22.46 -48.09
C ALA I 123 -25.70 -23.41 -46.91
N ASP I 124 -26.43 -22.94 -45.90
CA ASP I 124 -27.01 -23.79 -44.87
C ASP I 124 -28.03 -24.75 -45.49
N ASP I 125 -27.87 -26.05 -45.23
CA ASP I 125 -28.74 -27.10 -45.80
C ASP I 125 -30.01 -27.41 -44.98
N LEU I 126 -30.34 -26.55 -44.02
CA LEU I 126 -31.54 -26.69 -43.17
C LEU I 126 -31.64 -28.03 -42.42
N GLY I 127 -30.48 -28.62 -42.11
CA GLY I 127 -30.43 -29.93 -41.44
C GLY I 127 -30.91 -31.13 -42.26
N LYS I 128 -31.11 -30.96 -43.56
CA LYS I 128 -31.67 -32.00 -44.42
C LYS I 128 -30.59 -32.59 -45.35
N GLY I 129 -29.38 -32.74 -44.82
CA GLY I 129 -28.25 -33.28 -45.57
C GLY I 129 -28.02 -34.76 -45.33
N GLY I 130 -28.68 -35.34 -44.32
CA GLY I 130 -28.60 -36.78 -44.05
C GLY I 130 -27.26 -37.23 -43.48
N ASN I 131 -26.73 -36.47 -42.53
CA ASN I 131 -25.50 -36.81 -41.82
C ASN I 131 -25.38 -36.03 -40.51
N GLU I 132 -24.44 -36.46 -39.66
CA GLU I 132 -24.29 -35.86 -38.33
C GLU I 132 -23.82 -34.39 -38.35
N GLU I 133 -22.98 -34.04 -39.33
CA GLU I 133 -22.53 -32.65 -39.50
C GLU I 133 -23.69 -31.73 -39.92
N SER I 134 -24.60 -32.23 -40.75
CA SER I 134 -25.81 -31.47 -41.15
C SER I 134 -26.72 -31.15 -39.95
N THR I 135 -26.84 -32.10 -39.02
CA THR I 135 -27.66 -31.93 -37.82
C THR I 135 -27.05 -30.97 -36.79
N LYS I 136 -25.77 -30.62 -36.94
CA LYS I 136 -25.10 -29.64 -36.08
C LYS I 136 -25.01 -28.24 -36.72
N THR I 137 -24.19 -28.11 -37.76
CA THR I 137 -23.89 -26.81 -38.38
C THR I 137 -24.68 -26.55 -39.67
N GLY I 138 -25.22 -27.60 -40.29
CA GLY I 138 -25.96 -27.49 -41.55
C GLY I 138 -25.10 -27.36 -42.80
N ASN I 139 -23.83 -27.77 -42.71
CA ASN I 139 -22.88 -27.74 -43.85
C ASN I 139 -22.78 -26.39 -44.57
N ALA I 140 -22.76 -25.32 -43.78
CA ALA I 140 -22.62 -23.96 -44.29
C ALA I 140 -21.16 -23.58 -44.55
N GLY I 141 -20.22 -24.42 -44.15
CA GLY I 141 -18.81 -24.19 -44.45
C GLY I 141 -18.18 -23.20 -43.49
N SER I 142 -17.11 -22.55 -43.95
CA SER I 142 -16.31 -21.66 -43.09
C SER I 142 -17.00 -20.33 -42.77
N ARG I 143 -16.59 -19.74 -41.66
CA ARG I 143 -17.05 -18.42 -41.24
C ARG I 143 -16.46 -17.35 -42.15
N LEU I 144 -17.32 -16.59 -42.84
CA LEU I 144 -16.84 -15.50 -43.69
C LEU I 144 -16.68 -14.21 -42.89
N ALA I 145 -17.68 -13.89 -42.07
CA ALA I 145 -17.62 -12.73 -41.19
C ALA I 145 -18.59 -12.86 -40.02
N ALA I 146 -18.25 -12.20 -38.91
CA ALA I 146 -19.00 -12.30 -37.67
C ALA I 146 -18.92 -11.03 -36.83
N GLY I 147 -19.75 -10.98 -35.81
CA GLY I 147 -19.76 -9.88 -34.84
C GLY I 147 -20.61 -10.25 -33.65
N VAL I 148 -20.42 -9.51 -32.56
CA VAL I 148 -21.23 -9.68 -31.36
C VAL I 148 -22.49 -8.84 -31.49
N ILE I 149 -23.61 -9.39 -31.03
CA ILE I 149 -24.87 -8.67 -30.97
C ILE I 149 -24.87 -7.85 -29.69
N GLY I 150 -25.07 -6.54 -29.83
CA GLY I 150 -25.03 -5.62 -28.70
C GLY I 150 -26.30 -4.79 -28.60
N ILE I 151 -26.51 -4.21 -27.42
CA ILE I 151 -27.69 -3.39 -27.15
C ILE I 151 -27.56 -2.08 -27.91
N ALA I 152 -28.65 -1.67 -28.55
CA ALA I 152 -28.73 -0.40 -29.30
C ALA I 152 -29.79 0.52 -28.69
N GLN I 153 -29.59 1.83 -28.89
CA GLN I 153 -30.50 2.84 -28.36
C GLN I 153 -31.85 2.81 -29.06
N GLY J 9 -5.54 -10.74 -4.76
CA GLY J 9 -7.01 -10.76 -5.06
C GLY J 9 -7.70 -12.08 -4.73
N THR J 10 -8.84 -12.33 -5.37
CA THR J 10 -9.63 -13.55 -5.17
C THR J 10 -9.22 -14.63 -6.19
N LEU J 11 -9.39 -15.89 -5.79
CA LEU J 11 -9.16 -17.04 -6.68
C LEU J 11 -10.18 -17.10 -7.83
N ALA J 12 -9.69 -17.51 -9.00
CA ALA J 12 -10.51 -17.78 -10.19
C ALA J 12 -10.05 -19.08 -10.80
N THR J 13 -10.98 -19.87 -11.33
CA THR J 13 -10.66 -21.15 -11.95
C THR J 13 -10.71 -20.98 -13.46
N LEU J 14 -9.59 -21.23 -14.12
CA LEU J 14 -9.50 -21.12 -15.57
C LEU J 14 -9.52 -22.51 -16.17
N GLU J 15 -10.38 -22.73 -17.17
CA GLU J 15 -10.40 -23.98 -17.95
C GLU J 15 -9.72 -23.77 -19.29
N PHE J 16 -8.51 -24.30 -19.44
CA PHE J 16 -7.79 -24.28 -20.72
C PHE J 16 -7.94 -25.61 -21.45
N ALA J 17 -8.13 -25.52 -22.77
CA ALA J 17 -7.98 -26.67 -23.66
C ALA J 17 -6.55 -26.64 -24.19
N VAL J 18 -5.74 -27.57 -23.70
CA VAL J 18 -4.33 -27.65 -24.07
C VAL J 18 -4.12 -28.97 -24.82
N GLN J 19 -3.58 -28.89 -26.04
CA GLN J 19 -3.32 -30.10 -26.82
C GLN J 19 -2.07 -30.78 -26.25
N MET J 20 -2.24 -32.03 -25.83
CA MET J 20 -1.16 -32.81 -25.22
C MET J 20 -1.44 -34.28 -25.40
N THR J 21 -0.49 -34.97 -26.02
CA THR J 21 -0.66 -36.35 -26.48
C THR J 21 -0.05 -37.36 -25.51
N ALA J 22 1.23 -37.15 -25.20
CA ALA J 22 1.96 -38.06 -24.32
C ALA J 22 1.67 -37.79 -22.85
N GLN J 23 2.06 -38.76 -22.03
CA GLN J 23 2.16 -38.58 -20.58
C GLN J 23 3.28 -37.60 -20.22
N SER J 24 4.35 -37.57 -21.01
CA SER J 24 5.44 -36.61 -20.82
C SER J 24 5.00 -35.15 -20.99
N ALA J 25 4.02 -34.91 -21.88
CA ALA J 25 3.43 -33.59 -22.07
C ALA J 25 2.67 -33.13 -20.82
N VAL J 26 1.98 -34.05 -20.16
CA VAL J 26 1.26 -33.75 -18.91
C VAL J 26 2.24 -33.28 -17.81
N ASP J 27 3.42 -33.91 -17.72
CA ASP J 27 4.45 -33.49 -16.77
C ASP J 27 5.02 -32.11 -17.09
N ALA J 28 5.20 -31.82 -18.37
CA ALA J 28 5.69 -30.52 -18.84
C ALA J 28 4.70 -29.40 -18.51
N VAL J 29 3.42 -29.67 -18.73
CA VAL J 29 2.34 -28.70 -18.45
C VAL J 29 2.25 -28.44 -16.94
N ARG J 30 2.26 -29.52 -16.17
CA ARG J 30 2.17 -29.43 -14.71
C ARG J 30 3.37 -28.69 -14.11
N LYS J 31 4.57 -28.97 -14.64
CA LYS J 31 5.81 -28.33 -14.18
C LYS J 31 5.83 -26.80 -14.41
N SER J 32 5.26 -26.35 -15.52
CA SER J 32 5.28 -24.93 -15.88
C SER J 32 4.46 -24.04 -14.94
N LEU J 33 3.35 -24.58 -14.43
CA LEU J 33 2.43 -23.82 -13.56
C LEU J 33 2.68 -24.04 -12.07
N GLN J 34 3.10 -25.23 -11.68
CA GLN J 34 3.26 -25.58 -10.26
C GLN J 34 4.53 -24.94 -9.69
N GLY J 35 4.39 -24.35 -8.49
CA GLY J 35 5.46 -23.59 -7.86
C GLY J 35 5.64 -22.18 -8.41
N VAL J 36 4.62 -21.64 -9.08
CA VAL J 36 4.62 -20.27 -9.60
C VAL J 36 3.83 -19.36 -8.66
N ALA J 37 4.24 -18.09 -8.60
CA ALA J 37 3.56 -17.08 -7.81
C ALA J 37 2.12 -16.94 -8.27
N GLY J 38 1.18 -17.12 -7.36
CA GLY J 38 -0.24 -16.92 -7.62
C GLY J 38 -0.94 -18.03 -8.38
N VAL J 39 -0.44 -19.26 -8.23
CA VAL J 39 -1.07 -20.46 -8.79
C VAL J 39 -1.17 -21.49 -7.66
N GLN J 40 -2.37 -21.64 -7.08
CA GLN J 40 -2.58 -22.57 -5.97
C GLN J 40 -2.64 -24.02 -6.41
N ASP J 41 -3.59 -24.30 -7.30
CA ASP J 41 -3.87 -25.67 -7.76
C ASP J 41 -3.78 -25.75 -9.26
N VAL J 42 -3.31 -26.90 -9.75
CA VAL J 42 -3.35 -27.25 -11.17
C VAL J 42 -3.98 -28.63 -11.26
N GLU J 43 -4.72 -28.88 -12.33
CA GLU J 43 -5.46 -30.12 -12.50
C GLU J 43 -5.48 -30.49 -13.99
N VAL J 44 -4.58 -31.40 -14.38
CA VAL J 44 -4.43 -31.82 -15.78
C VAL J 44 -5.24 -33.10 -16.02
N HIS J 45 -6.04 -33.10 -17.09
CA HIS J 45 -6.77 -34.30 -17.54
C HIS J 45 -6.35 -34.60 -18.97
N LEU J 46 -5.55 -35.66 -19.15
CA LEU J 46 -5.07 -36.06 -20.48
C LEU J 46 -6.22 -36.48 -21.41
N GLU J 47 -7.22 -37.16 -20.86
CA GLU J 47 -8.33 -37.72 -21.64
C GLU J 47 -9.13 -36.59 -22.28
N ASP J 48 -9.52 -35.60 -21.46
CA ASP J 48 -10.33 -34.46 -21.91
C ASP J 48 -9.55 -33.32 -22.60
N GLN J 49 -8.22 -33.42 -22.67
CA GLN J 49 -7.34 -32.36 -23.24
C GLN J 49 -7.50 -31.03 -22.49
N MET J 50 -7.51 -31.12 -21.16
CA MET J 50 -7.90 -30.01 -20.29
C MET J 50 -6.87 -29.71 -19.21
N VAL J 51 -6.76 -28.44 -18.86
CA VAL J 51 -5.95 -27.98 -17.72
C VAL J 51 -6.80 -26.98 -16.94
N LEU J 52 -7.18 -27.34 -15.71
CA LEU J 52 -7.84 -26.42 -14.79
C LEU J 52 -6.78 -25.76 -13.94
N VAL J 53 -6.86 -24.43 -13.79
CA VAL J 53 -5.90 -23.67 -13.01
C VAL J 53 -6.64 -22.74 -12.06
N HIS J 54 -6.44 -22.93 -10.75
CA HIS J 54 -6.91 -22.00 -9.72
C HIS J 54 -5.83 -20.95 -9.59
N THR J 55 -6.17 -19.67 -9.75
CA THR J 55 -5.14 -18.62 -9.83
C THR J 55 -5.62 -17.21 -9.50
N THR J 56 -4.68 -16.40 -9.02
CA THR J 56 -4.86 -14.96 -8.83
C THR J 56 -4.14 -14.13 -9.92
N LEU J 57 -3.52 -14.81 -10.89
CA LEU J 57 -2.92 -14.14 -12.04
C LEU J 57 -3.97 -13.87 -13.10
N PRO J 58 -3.69 -12.94 -14.03
CA PRO J 58 -4.55 -12.78 -15.19
C PRO J 58 -4.46 -13.99 -16.10
N SER J 59 -5.56 -14.33 -16.76
CA SER J 59 -5.62 -15.44 -17.70
C SER J 59 -4.60 -15.35 -18.84
N GLN J 60 -4.34 -14.13 -19.33
CA GLN J 60 -3.31 -13.88 -20.36
C GLN J 60 -1.92 -14.38 -19.94
N GLU J 61 -1.58 -14.19 -18.67
CA GLU J 61 -0.29 -14.60 -18.12
C GLU J 61 -0.18 -16.11 -17.96
N VAL J 62 -1.27 -16.75 -17.53
CA VAL J 62 -1.35 -18.21 -17.40
C VAL J 62 -1.32 -18.89 -18.78
N GLN J 63 -2.03 -18.31 -19.74
CA GLN J 63 -2.03 -18.79 -21.11
C GLN J 63 -0.62 -18.76 -21.71
N ALA J 64 0.09 -17.66 -21.48
CA ALA J 64 1.48 -17.50 -21.97
C ALA J 64 2.44 -18.54 -21.37
N LEU J 65 2.24 -18.87 -20.10
CA LEU J 65 3.02 -19.90 -19.42
C LEU J 65 2.77 -21.31 -19.98
N LEU J 66 1.50 -21.62 -20.27
CA LEU J 66 1.15 -22.89 -20.92
C LEU J 66 1.72 -22.95 -22.34
N GLU J 67 1.52 -21.89 -23.13
CA GLU J 67 2.13 -21.78 -24.47
C GLU J 67 3.67 -21.76 -24.43
N GLY J 68 4.23 -21.34 -23.30
CA GLY J 68 5.66 -21.44 -23.05
C GLY J 68 6.26 -22.84 -23.03
N THR J 69 5.43 -23.86 -22.84
CA THR J 69 5.87 -25.27 -22.93
C THR J 69 5.83 -25.84 -24.35
N GLY J 70 5.49 -25.01 -25.34
CA GLY J 70 5.52 -25.39 -26.75
C GLY J 70 4.12 -25.46 -27.30
N ARG J 71 3.31 -26.33 -26.71
CA ARG J 71 1.92 -26.57 -27.14
C ARG J 71 0.99 -25.36 -27.00
N GLN J 72 -0.04 -25.32 -27.85
CA GLN J 72 -1.05 -24.25 -27.83
C GLN J 72 -2.05 -24.46 -26.69
N ALA J 73 -2.62 -23.35 -26.20
CA ALA J 73 -3.57 -23.36 -25.07
C ALA J 73 -4.64 -22.30 -25.28
N VAL J 74 -5.89 -22.76 -25.38
CA VAL J 74 -7.05 -21.88 -25.58
C VAL J 74 -7.89 -21.90 -24.31
N LEU J 75 -8.36 -20.72 -23.88
CA LEU J 75 -9.21 -20.58 -22.70
C LEU J 75 -10.65 -20.90 -23.07
N LYS J 76 -11.18 -21.98 -22.50
CA LYS J 76 -12.52 -22.48 -22.83
C LYS J 76 -13.58 -22.23 -21.77
N GLY J 77 -13.19 -21.88 -20.55
CA GLY J 77 -14.14 -21.66 -19.47
C GLY J 77 -13.55 -20.93 -18.28
N MET J 78 -14.43 -20.33 -17.48
CA MET J 78 -14.02 -19.48 -16.36
C MET J 78 -15.07 -19.48 -15.25
N GLY J 79 -14.66 -19.77 -14.01
CA GLY J 79 -15.57 -19.85 -12.86
C GLY J 79 -14.91 -19.52 -11.54
N SER J 80 -15.71 -19.33 -10.48
CA SER J 80 -15.17 -19.08 -9.14
C SER J 80 -14.61 -20.37 -8.53
N GLY J 81 -13.83 -20.23 -7.45
CA GLY J 81 -13.03 -21.33 -6.90
C GLY J 81 -13.75 -22.42 -6.10
N GLN J 82 -14.94 -22.81 -6.52
CA GLN J 82 -15.64 -23.98 -5.95
C GLN J 82 -16.70 -24.57 -6.90
N LEU J 83 -16.42 -24.54 -8.21
CA LEU J 83 -17.37 -24.93 -9.28
C LEU J 83 -18.71 -24.16 -9.17
N GLN J 84 -18.68 -22.90 -9.61
CA GLN J 84 -19.88 -22.05 -9.71
C GLN J 84 -19.79 -21.17 -10.95
N ASN J 85 -20.91 -21.07 -11.68
CA ASN J 85 -21.02 -20.21 -12.86
C ASN J 85 -22.15 -19.21 -12.65
N LEU J 86 -21.77 -18.05 -12.11
CA LEU J 86 -22.68 -16.92 -11.90
C LEU J 86 -22.66 -15.89 -13.05
N GLY J 87 -21.88 -16.14 -14.09
CA GLY J 87 -21.73 -15.21 -15.22
C GLY J 87 -20.29 -15.01 -15.62
N ALA J 88 -20.02 -15.11 -16.91
CA ALA J 88 -18.69 -14.88 -17.48
C ALA J 88 -18.84 -14.14 -18.80
N ALA J 89 -17.93 -13.23 -19.08
CA ALA J 89 -18.00 -12.43 -20.30
C ALA J 89 -16.63 -11.95 -20.73
N VAL J 90 -16.56 -11.44 -21.96
CA VAL J 90 -15.31 -10.99 -22.55
C VAL J 90 -15.54 -9.79 -23.47
N ALA J 91 -14.55 -8.91 -23.53
CA ALA J 91 -14.58 -7.76 -24.41
C ALA J 91 -13.27 -7.68 -25.18
N ILE J 92 -13.35 -7.85 -26.51
CA ILE J 92 -12.20 -7.68 -27.40
C ILE J 92 -12.17 -6.22 -27.83
N LEU J 93 -11.17 -5.49 -27.36
CA LEU J 93 -11.01 -4.07 -27.68
C LEU J 93 -10.29 -3.91 -29.02
N GLY J 94 -10.84 -3.02 -29.85
CA GLY J 94 -10.28 -2.72 -31.17
C GLY J 94 -10.88 -1.43 -31.66
N GLY J 95 -10.24 -0.79 -32.63
CA GLY J 95 -10.70 0.49 -33.15
C GLY J 95 -9.90 1.00 -34.33
N PRO J 96 -9.82 2.34 -34.49
CA PRO J 96 -9.05 2.90 -35.61
C PRO J 96 -7.53 2.76 -35.39
N GLY J 97 -7.04 3.14 -34.20
CA GLY J 97 -5.60 3.23 -33.93
C GLY J 97 -4.91 1.90 -33.67
N THR J 98 -3.80 1.97 -32.92
CA THR J 98 -2.99 0.79 -32.61
C THR J 98 -3.44 0.06 -31.34
N VAL J 99 -4.50 0.55 -30.69
CA VAL J 99 -4.94 0.02 -29.40
C VAL J 99 -5.75 -1.25 -29.61
N GLN J 100 -5.39 -2.29 -28.86
CA GLN J 100 -6.17 -3.52 -28.82
C GLN J 100 -5.85 -4.34 -27.59
N GLY J 101 -6.82 -5.13 -27.15
CA GLY J 101 -6.65 -5.97 -25.97
C GLY J 101 -7.87 -6.83 -25.69
N VAL J 102 -7.74 -7.74 -24.73
CA VAL J 102 -8.84 -8.61 -24.29
C VAL J 102 -9.05 -8.42 -22.79
N VAL J 103 -10.30 -8.17 -22.40
CA VAL J 103 -10.69 -7.99 -21.01
C VAL J 103 -11.81 -8.98 -20.68
N ARG J 104 -11.68 -9.65 -19.54
CA ARG J 104 -12.61 -10.66 -19.10
C ARG J 104 -13.32 -10.26 -17.80
N PHE J 105 -14.59 -10.63 -17.72
CA PHE J 105 -15.45 -10.37 -16.59
C PHE J 105 -15.87 -11.73 -16.03
N LEU J 106 -15.74 -11.92 -14.72
CA LEU J 106 -16.17 -13.14 -14.05
C LEU J 106 -16.89 -12.78 -12.76
N GLN J 107 -18.15 -13.21 -12.64
CA GLN J 107 -18.94 -12.96 -11.45
C GLN J 107 -18.53 -13.95 -10.36
N LEU J 108 -17.71 -13.50 -9.42
CA LEU J 108 -17.11 -14.36 -8.39
C LEU J 108 -18.15 -14.87 -7.39
N THR J 109 -18.88 -13.91 -6.81
CA THR J 109 -20.05 -14.15 -5.95
C THR J 109 -21.18 -13.31 -6.54
N PRO J 110 -22.43 -13.47 -6.02
CA PRO J 110 -23.52 -12.64 -6.54
C PRO J 110 -23.31 -11.12 -6.42
N GLU J 111 -22.55 -10.68 -5.41
CA GLU J 111 -22.29 -9.25 -5.16
C GLU J 111 -20.85 -8.79 -5.49
N ARG J 112 -20.06 -9.60 -6.19
CA ARG J 112 -18.67 -9.23 -6.49
C ARG J 112 -18.22 -9.78 -7.84
N CYS J 113 -17.53 -8.95 -8.62
CA CYS J 113 -17.23 -9.23 -10.02
C CYS J 113 -15.77 -8.96 -10.35
N LEU J 114 -15.07 -9.99 -10.82
CA LEU J 114 -13.68 -9.86 -11.26
C LEU J 114 -13.64 -9.24 -12.64
N ILE J 115 -12.80 -8.22 -12.80
CA ILE J 115 -12.53 -7.61 -14.08
C ILE J 115 -11.02 -7.64 -14.26
N GLU J 116 -10.57 -8.21 -15.38
CA GLU J 116 -9.20 -8.66 -15.55
C GLU J 116 -8.87 -8.63 -17.03
N GLY J 117 -7.76 -7.99 -17.40
CA GLY J 117 -7.40 -7.88 -18.81
C GLY J 117 -6.01 -7.36 -19.12
N THR J 118 -5.69 -7.36 -20.42
CA THR J 118 -4.43 -6.90 -20.96
C THR J 118 -4.71 -6.03 -22.18
N ILE J 119 -4.09 -4.85 -22.25
CA ILE J 119 -4.31 -3.90 -23.37
C ILE J 119 -2.97 -3.38 -23.88
N ASP J 120 -2.73 -3.55 -25.19
CA ASP J 120 -1.49 -3.13 -25.87
C ASP J 120 -1.72 -1.94 -26.79
N GLY J 121 -0.64 -1.25 -27.14
CA GLY J 121 -0.67 -0.13 -28.07
C GLY J 121 -1.02 1.21 -27.47
N LEU J 122 -1.03 1.33 -26.15
CA LEU J 122 -1.38 2.58 -25.47
C LEU J 122 -0.15 3.46 -25.38
N GLU J 123 -0.34 4.76 -25.15
CA GLU J 123 0.78 5.61 -24.69
C GLU J 123 1.15 5.20 -23.27
N PRO J 124 2.41 5.41 -22.86
CA PRO J 124 2.70 5.18 -21.45
C PRO J 124 1.97 6.16 -20.54
N GLY J 125 1.41 5.66 -19.44
CA GLY J 125 0.66 6.48 -18.48
C GLY J 125 -0.74 5.96 -18.20
N LEU J 126 -1.56 6.82 -17.60
CA LEU J 126 -2.89 6.44 -17.12
C LEU J 126 -3.94 6.66 -18.18
N HIS J 127 -4.80 5.65 -18.36
CA HIS J 127 -5.91 5.66 -19.31
C HIS J 127 -7.18 5.26 -18.60
N GLY J 128 -8.23 6.04 -18.77
CA GLY J 128 -9.53 5.74 -18.18
C GLY J 128 -10.20 4.56 -18.83
N LEU J 129 -10.82 3.70 -18.02
CA LEU J 129 -11.52 2.51 -18.50
C LEU J 129 -12.95 2.58 -18.02
N HIS J 130 -13.91 2.46 -18.95
CA HIS J 130 -15.32 2.54 -18.62
C HIS J 130 -16.18 1.57 -19.44
N VAL J 131 -17.23 1.07 -18.80
CA VAL J 131 -18.31 0.39 -19.45
C VAL J 131 -19.28 1.49 -19.86
N HIS J 132 -19.56 1.60 -21.16
CA HIS J 132 -20.58 2.51 -21.69
C HIS J 132 -21.85 1.72 -21.92
N GLN J 133 -22.97 2.41 -22.16
CA GLN J 133 -24.29 1.76 -22.03
C GLN J 133 -24.73 0.88 -23.21
N TYR J 134 -24.39 1.26 -24.43
CA TYR J 134 -24.76 0.51 -25.63
C TYR J 134 -23.56 -0.25 -26.18
N GLY J 135 -23.86 -1.38 -26.85
CA GLY J 135 -22.84 -2.14 -27.59
C GLY J 135 -23.03 -1.96 -29.09
N ASP J 136 -23.02 -0.69 -29.52
CA ASP J 136 -23.15 -0.31 -30.92
C ASP J 136 -21.80 0.16 -31.44
N LEU J 137 -21.27 -0.59 -32.42
CA LEU J 137 -19.98 -0.30 -33.04
C LEU J 137 -20.13 0.18 -34.50
N THR J 138 -21.29 0.77 -34.84
CA THR J 138 -21.54 1.25 -36.20
C THR J 138 -20.67 2.45 -36.53
N ASN J 139 -20.46 3.32 -35.55
CA ASN J 139 -19.59 4.48 -35.68
C ASN J 139 -18.41 4.32 -34.73
N ASN J 140 -17.83 3.13 -34.73
CA ASN J 140 -16.77 2.75 -33.80
C ASN J 140 -17.20 3.02 -32.35
N CYS J 141 -16.39 3.72 -31.56
CA CYS J 141 -16.70 3.91 -30.15
C CYS J 141 -17.67 5.05 -29.90
N ASN J 142 -17.88 5.89 -30.91
CA ASN J 142 -18.74 7.08 -30.78
C ASN J 142 -20.24 6.79 -30.68
N SER J 143 -20.65 5.63 -31.19
CA SER J 143 -22.04 5.17 -31.10
C SER J 143 -22.36 4.36 -29.81
N CYS J 144 -21.38 4.19 -28.93
CA CYS J 144 -21.56 3.41 -27.69
C CYS J 144 -22.27 4.18 -26.54
N GLY J 145 -22.64 5.44 -26.76
CA GLY J 145 -23.37 6.19 -25.75
C GLY J 145 -22.47 6.62 -24.61
N ASN J 146 -23.07 6.88 -23.45
CA ASN J 146 -22.33 7.37 -22.28
C ASN J 146 -21.99 6.26 -21.30
N HIS J 147 -21.22 6.61 -20.27
CA HIS J 147 -20.90 5.69 -19.19
C HIS J 147 -22.19 5.06 -18.65
N PHE J 148 -22.18 3.74 -18.48
CA PHE J 148 -23.34 2.99 -17.98
C PHE J 148 -23.66 3.43 -16.55
N ASN J 149 -24.85 4.02 -16.39
CA ASN J 149 -25.23 4.74 -15.16
C ASN J 149 -26.71 4.54 -14.78
N PRO J 150 -27.10 3.28 -14.48
CA PRO J 150 -28.50 3.01 -14.15
C PRO J 150 -29.00 3.69 -12.87
N ASP J 151 -28.13 3.88 -11.88
CA ASP J 151 -28.52 4.55 -10.62
C ASP J 151 -28.61 6.08 -10.72
N GLY J 152 -28.27 6.67 -11.86
CA GLY J 152 -28.28 8.13 -12.00
C GLY J 152 -27.28 8.81 -11.08
N ALA J 153 -26.13 8.18 -10.93
CA ALA J 153 -25.06 8.71 -10.11
C ALA J 153 -24.26 9.75 -10.88
N SER J 154 -23.36 10.40 -10.16
CA SER J 154 -22.39 11.33 -10.71
C SER J 154 -21.11 10.54 -11.00
N HIS J 155 -20.21 11.10 -11.81
CA HIS J 155 -18.95 10.41 -12.14
C HIS J 155 -17.99 10.39 -10.96
N GLY J 156 -17.35 9.23 -10.76
CA GLY J 156 -16.28 9.07 -9.78
C GLY J 156 -15.30 7.97 -10.14
N GLY J 157 -14.40 7.68 -9.22
CA GLY J 157 -13.48 6.56 -9.34
C GLY J 157 -13.98 5.36 -8.54
N PRO J 158 -13.29 4.20 -8.67
CA PRO J 158 -13.66 2.96 -7.98
C PRO J 158 -13.85 3.09 -6.46
N GLN J 159 -13.07 3.95 -5.83
CA GLN J 159 -13.16 4.17 -4.38
C GLN J 159 -14.46 4.89 -3.95
N ASP J 160 -15.11 5.59 -4.88
CA ASP J 160 -16.37 6.30 -4.60
C ASP J 160 -17.54 5.37 -4.82
N SER J 161 -18.40 5.24 -3.81
CA SER J 161 -19.64 4.49 -3.98
C SER J 161 -20.60 5.27 -4.89
N ASP J 162 -20.71 6.57 -4.70
CA ASP J 162 -21.45 7.44 -5.64
C ASP J 162 -20.65 7.59 -6.93
N ARG J 163 -20.79 6.60 -7.79
CA ARG J 163 -20.15 6.58 -9.11
C ARG J 163 -21.06 5.92 -10.11
N HIS J 164 -20.80 6.16 -11.39
CA HIS J 164 -21.49 5.42 -12.45
C HIS J 164 -21.04 3.97 -12.33
N ARG J 165 -21.96 3.03 -12.50
CA ARG J 165 -21.63 1.59 -12.39
C ARG J 165 -20.50 1.20 -13.35
N GLY J 166 -20.48 1.82 -14.53
CA GLY J 166 -19.41 1.62 -15.48
C GLY J 166 -18.05 2.23 -15.17
N ASP J 167 -17.94 3.04 -14.11
CA ASP J 167 -16.66 3.68 -13.75
C ASP J 167 -15.67 2.71 -13.13
N LEU J 168 -14.68 2.30 -13.93
CA LEU J 168 -13.62 1.40 -13.48
C LEU J 168 -12.30 2.14 -13.27
N GLY J 169 -12.33 3.48 -13.34
CA GLY J 169 -11.15 4.28 -13.05
C GLY J 169 -10.07 4.21 -14.11
N ASN J 170 -8.83 4.28 -13.64
CA ASN J 170 -7.66 4.30 -14.51
C ASN J 170 -6.95 2.97 -14.57
N VAL J 171 -6.20 2.81 -15.65
CA VAL J 171 -5.39 1.64 -15.93
C VAL J 171 -4.05 2.16 -16.44
N ARG J 172 -2.96 1.67 -15.85
CA ARG J 172 -1.62 2.16 -16.21
C ARG J 172 -1.00 1.32 -17.32
N ALA J 173 -0.50 2.01 -18.34
CA ALA J 173 0.24 1.41 -19.43
C ALA J 173 1.73 1.66 -19.21
N ASP J 174 2.53 0.61 -19.30
CA ASP J 174 3.98 0.69 -19.05
C ASP J 174 4.75 1.36 -20.21
N ALA J 175 6.08 1.29 -20.19
CA ALA J 175 6.93 1.89 -21.25
C ALA J 175 6.73 1.28 -22.64
N ASP J 176 6.44 -0.01 -22.70
CA ASP J 176 6.07 -0.67 -23.96
C ASP J 176 4.65 -0.34 -24.46
N GLY J 177 3.80 0.17 -23.56
CA GLY J 177 2.41 0.48 -23.90
C GLY J 177 1.45 -0.65 -23.59
N ARG J 178 1.92 -1.63 -22.80
CA ARG J 178 1.07 -2.68 -22.28
C ARG J 178 0.48 -2.22 -20.96
N ALA J 179 -0.81 -2.47 -20.77
CA ALA J 179 -1.48 -2.24 -19.51
C ALA J 179 -2.12 -3.55 -19.04
N ILE J 180 -1.61 -4.10 -17.95
CA ILE J 180 -2.19 -5.30 -17.33
C ILE J 180 -2.87 -4.82 -16.06
N PHE J 181 -4.06 -5.35 -15.80
CA PHE J 181 -4.83 -4.97 -14.63
C PHE J 181 -5.75 -6.10 -14.19
N ARG J 182 -6.09 -6.10 -12.90
CA ARG J 182 -6.97 -7.09 -12.32
C ARG J 182 -7.60 -6.49 -11.09
N MET J 183 -8.93 -6.46 -11.04
CA MET J 183 -9.67 -5.67 -10.08
C MET J 183 -11.04 -6.27 -9.82
N GLU J 184 -11.57 -5.98 -8.63
CA GLU J 184 -12.89 -6.45 -8.24
C GLU J 184 -13.80 -5.26 -8.02
N ASP J 185 -14.95 -5.28 -8.68
CA ASP J 185 -15.98 -4.26 -8.53
C ASP J 185 -17.22 -4.91 -7.94
N GLU J 186 -17.82 -4.27 -6.94
CA GLU J 186 -18.96 -4.81 -6.21
C GLU J 186 -20.31 -4.32 -6.73
N GLN J 187 -20.32 -3.25 -7.52
CA GLN J 187 -21.55 -2.75 -8.13
C GLN J 187 -21.81 -3.36 -9.50
N LEU J 188 -20.76 -3.53 -10.29
CA LEU J 188 -20.85 -4.06 -11.64
C LEU J 188 -21.17 -5.56 -11.58
N LYS J 189 -22.18 -5.97 -12.35
CA LYS J 189 -22.58 -7.37 -12.44
C LYS J 189 -22.59 -7.81 -13.89
N VAL J 190 -22.08 -9.01 -14.17
CA VAL J 190 -21.88 -9.47 -15.55
C VAL J 190 -23.18 -9.42 -16.34
N TRP J 191 -24.27 -9.90 -15.73
CA TRP J 191 -25.60 -9.92 -16.34
C TRP J 191 -26.11 -8.54 -16.75
N ASP J 192 -25.82 -7.54 -15.92
CA ASP J 192 -26.26 -6.17 -16.19
C ASP J 192 -25.60 -5.53 -17.42
N VAL J 193 -24.42 -6.05 -17.82
CA VAL J 193 -23.61 -5.45 -18.88
C VAL J 193 -23.38 -6.31 -20.14
N ILE J 194 -24.02 -7.48 -20.22
CA ILE J 194 -23.96 -8.30 -21.44
C ILE J 194 -24.56 -7.49 -22.59
N GLY J 195 -23.79 -7.35 -23.66
CA GLY J 195 -24.24 -6.60 -24.84
C GLY J 195 -24.01 -5.10 -24.78
N ARG J 196 -23.39 -4.62 -23.71
CA ARG J 196 -22.99 -3.23 -23.62
C ARG J 196 -21.50 -3.15 -24.02
N SER J 197 -20.89 -1.98 -23.97
CA SER J 197 -19.52 -1.81 -24.46
C SER J 197 -18.51 -1.49 -23.37
N LEU J 198 -17.27 -1.94 -23.55
CA LEU J 198 -16.13 -1.56 -22.71
C LEU J 198 -15.19 -0.72 -23.56
N ILE J 199 -14.83 0.47 -23.07
CA ILE J 199 -14.06 1.45 -23.83
C ILE J 199 -12.85 1.90 -23.04
N ILE J 200 -11.71 2.04 -23.73
CA ILE J 200 -10.52 2.65 -23.13
C ILE J 200 -10.23 4.00 -23.77
N ASP J 201 -9.97 4.99 -22.93
CA ASP J 201 -9.89 6.40 -23.33
C ASP J 201 -8.45 6.82 -23.58
N GLU J 202 -8.31 8.01 -24.18
CA GLU J 202 -7.02 8.59 -24.54
C GLU J 202 -6.20 8.94 -23.30
N GLY J 203 -6.80 9.73 -22.41
CA GLY J 203 -6.12 10.30 -21.27
C GLY J 203 -6.57 9.80 -19.91
N GLU J 204 -6.21 10.55 -18.89
CA GLU J 204 -6.48 10.21 -17.51
C GLU J 204 -7.88 10.64 -17.10
N ASP J 205 -8.64 9.68 -16.60
CA ASP J 205 -9.84 9.93 -15.80
C ASP J 205 -9.48 10.66 -14.48
N ASP J 206 -10.08 11.83 -14.27
CA ASP J 206 -9.84 12.58 -13.02
C ASP J 206 -10.72 12.14 -11.83
N LEU J 207 -11.55 11.11 -12.04
CA LEU J 207 -12.36 10.52 -10.98
C LEU J 207 -13.36 11.50 -10.34
N GLY J 208 -13.83 12.47 -11.13
CA GLY J 208 -14.76 13.51 -10.69
C GLY J 208 -14.16 14.63 -9.87
N ARG J 209 -12.83 14.76 -9.91
CA ARG J 209 -12.10 15.65 -9.02
C ARG J 209 -11.29 16.77 -9.73
N GLY J 210 -11.48 16.91 -11.04
CA GLY J 210 -10.62 17.80 -11.84
C GLY J 210 -11.01 19.27 -11.88
N GLY J 211 -12.19 19.62 -11.35
CA GLY J 211 -12.70 20.99 -11.43
C GLY J 211 -12.94 21.51 -12.83
N HIS J 212 -13.30 20.60 -13.73
CA HIS J 212 -13.49 20.87 -15.16
C HIS J 212 -14.95 20.48 -15.46
N PRO J 213 -15.63 21.16 -16.43
CA PRO J 213 -17.05 20.89 -16.71
C PRO J 213 -17.42 19.41 -16.90
N LEU J 214 -16.58 18.67 -17.63
CA LEU J 214 -16.76 17.24 -17.84
C LEU J 214 -16.36 16.30 -16.69
N SER J 215 -15.70 16.81 -15.65
CA SER J 215 -15.24 15.97 -14.52
C SER J 215 -16.34 15.05 -13.96
N LYS J 216 -17.45 15.66 -13.54
CA LYS J 216 -18.59 14.92 -13.00
C LYS J 216 -19.44 14.16 -14.04
N ILE J 217 -19.14 14.34 -15.34
CA ILE J 217 -19.83 13.61 -16.42
C ILE J 217 -18.95 12.44 -16.88
N THR J 218 -17.80 12.75 -17.48
CA THR J 218 -16.89 11.74 -18.07
C THR J 218 -15.52 11.57 -17.37
N GLY J 219 -15.20 12.46 -16.43
CA GLY J 219 -13.84 12.53 -15.86
C GLY J 219 -12.78 13.15 -16.77
N ASN J 220 -13.21 13.80 -17.85
CA ASN J 220 -12.33 14.52 -18.78
C ASN J 220 -11.11 13.72 -19.25
N SER J 221 -11.34 12.48 -19.66
CA SER J 221 -10.26 11.59 -20.12
C SER J 221 -10.10 11.59 -21.65
N GLY J 222 -10.53 12.66 -22.31
CA GLY J 222 -10.26 12.86 -23.73
C GLY J 222 -10.96 11.89 -24.65
N GLU J 223 -10.36 11.65 -25.81
CA GLU J 223 -10.97 10.82 -26.86
C GLU J 223 -11.05 9.34 -26.49
N ARG J 224 -11.95 8.61 -27.17
CA ARG J 224 -12.08 7.16 -26.99
C ARG J 224 -11.12 6.51 -27.96
N LEU J 225 -10.22 5.66 -27.46
CA LEU J 225 -9.20 5.02 -28.34
C LEU J 225 -9.71 3.71 -28.94
N ALA J 226 -10.17 2.81 -28.09
CA ALA J 226 -10.67 1.50 -28.54
C ALA J 226 -11.92 1.08 -27.76
N CYS J 227 -12.66 0.13 -28.32
CA CYS J 227 -13.88 -0.39 -27.69
C CYS J 227 -14.22 -1.79 -28.14
N GLY J 228 -15.03 -2.48 -27.34
CA GLY J 228 -15.54 -3.81 -27.65
C GLY J 228 -16.86 -4.09 -26.95
N ILE J 229 -17.69 -4.93 -27.56
CA ILE J 229 -18.97 -5.33 -26.96
C ILE J 229 -18.68 -6.41 -25.93
N ILE J 230 -19.30 -6.27 -24.74
CA ILE J 230 -19.15 -7.24 -23.65
C ILE J 230 -20.02 -8.44 -24.00
N ALA J 231 -19.35 -9.52 -24.38
CA ALA J 231 -19.99 -10.68 -25.01
C ALA J 231 -19.97 -11.86 -24.06
N ARG J 232 -21.01 -12.69 -24.14
CA ARG J 232 -21.13 -13.88 -23.30
C ARG J 232 -19.95 -14.81 -23.57
N SER J 233 -19.30 -15.27 -22.50
CA SER J 233 -18.25 -16.29 -22.62
C SER J 233 -18.63 -17.46 -21.74
N ALA J 234 -18.03 -18.61 -22.04
CA ALA J 234 -18.37 -19.87 -21.38
C ALA J 234 -17.91 -19.92 -19.93
N GLY J 235 -18.74 -20.52 -19.07
CA GLY J 235 -18.35 -20.88 -17.71
C GLY J 235 -17.61 -22.20 -17.71
N LEU J 236 -17.23 -22.69 -16.54
CA LEU J 236 -16.54 -23.98 -16.46
C LEU J 236 -17.37 -25.12 -17.05
N PHE J 237 -16.74 -25.92 -17.92
CA PHE J 237 -17.35 -27.13 -18.51
C PHE J 237 -18.59 -26.88 -19.38
N GLN J 238 -18.74 -25.66 -19.90
CA GLN J 238 -19.91 -25.27 -20.70
C GLN J 238 -19.66 -25.26 -22.21
N ASN J 239 -18.48 -25.70 -22.66
CA ASN J 239 -18.14 -25.65 -24.10
C ASN J 239 -17.27 -26.83 -24.56
N PRO J 240 -17.89 -28.02 -24.77
CA PRO J 240 -17.19 -29.18 -25.34
C PRO J 240 -17.12 -29.13 -26.86
N ALA K 1 24.19 -0.28 -46.28
CA ALA K 1 23.40 -1.10 -45.31
C ALA K 1 23.48 -0.56 -43.88
N THR K 2 24.69 -0.57 -43.32
CA THR K 2 24.90 -0.10 -41.94
C THR K 2 25.39 1.35 -41.88
N LYS K 3 26.27 1.75 -42.79
CA LYS K 3 26.76 3.12 -42.90
C LYS K 3 26.56 3.68 -44.31
N ALA K 4 26.38 5.00 -44.39
CA ALA K 4 26.33 5.70 -45.67
C ALA K 4 26.94 7.10 -45.54
N VAL K 5 27.24 7.70 -46.68
CA VAL K 5 27.92 9.00 -46.71
C VAL K 5 27.57 9.79 -47.98
N CYS K 6 27.57 11.12 -47.85
CA CYS K 6 27.23 12.03 -48.93
C CYS K 6 28.19 13.21 -48.93
N VAL K 7 28.79 13.52 -50.07
CA VAL K 7 29.65 14.69 -50.20
C VAL K 7 28.87 15.76 -50.96
N LEU K 8 28.42 16.79 -50.22
CA LEU K 8 27.60 17.85 -50.79
C LEU K 8 28.48 18.87 -51.50
N LYS K 9 28.24 19.05 -52.80
CA LYS K 9 28.94 20.05 -53.62
C LYS K 9 27.94 20.92 -54.37
N GLY K 10 28.39 22.10 -54.80
CA GLY K 10 27.57 23.04 -55.58
C GLY K 10 28.40 23.98 -56.44
N ASP K 11 27.72 25.00 -57.01
CA ASP K 11 28.38 26.01 -57.85
C ASP K 11 28.92 27.18 -57.03
N GLY K 12 28.23 27.51 -55.94
CA GLY K 12 28.71 28.49 -54.96
C GLY K 12 29.65 27.83 -53.96
N PRO K 13 30.01 28.56 -52.89
CA PRO K 13 30.97 28.08 -51.88
C PRO K 13 30.42 27.11 -50.84
N VAL K 14 29.17 26.65 -51.00
CA VAL K 14 28.58 25.69 -50.07
C VAL K 14 29.10 24.28 -50.35
N GLN K 15 29.58 23.61 -49.31
CA GLN K 15 29.94 22.20 -49.38
C GLN K 15 30.00 21.56 -48.00
N GLY K 16 29.85 20.24 -47.97
CA GLY K 16 29.88 19.49 -46.72
C GLY K 16 29.96 18.00 -46.92
N ILE K 17 30.11 17.29 -45.81
CA ILE K 17 30.07 15.83 -45.78
C ILE K 17 29.07 15.44 -44.70
N ILE K 18 28.12 14.58 -45.05
CA ILE K 18 27.09 14.11 -44.12
C ILE K 18 27.19 12.60 -44.03
N ASN K 19 27.38 12.10 -42.81
CA ASN K 19 27.44 10.66 -42.55
C ASN K 19 26.12 10.15 -41.99
N PHE K 20 25.76 8.94 -42.41
CA PHE K 20 24.56 8.27 -41.96
C PHE K 20 25.00 6.98 -41.28
N GLU K 21 24.33 6.63 -40.18
CA GLU K 21 24.58 5.35 -39.51
C GLU K 21 23.29 4.83 -38.87
N GLN K 22 23.02 3.54 -39.11
CA GLN K 22 21.83 2.86 -38.63
C GLN K 22 22.28 1.50 -38.12
N LYS K 23 22.38 1.36 -36.80
CA LYS K 23 22.83 0.11 -36.17
C LYS K 23 21.69 -0.91 -36.03
N GLU K 24 20.49 -0.42 -35.74
CA GLU K 24 19.28 -1.25 -35.67
C GLU K 24 18.55 -1.33 -37.01
N SER K 25 18.03 -2.52 -37.34
CA SER K 25 17.19 -2.70 -38.51
C SER K 25 15.89 -1.93 -38.32
N ASN K 26 15.60 -1.05 -39.28
CA ASN K 26 14.52 -0.06 -39.20
C ASN K 26 14.64 0.83 -37.97
N GLY K 27 15.87 1.05 -37.50
CA GLY K 27 16.10 1.81 -36.29
C GLY K 27 16.28 3.27 -36.61
N PRO K 28 16.67 4.07 -35.61
CA PRO K 28 17.11 5.44 -35.86
C PRO K 28 18.30 5.51 -36.83
N VAL K 29 18.32 6.53 -37.67
CA VAL K 29 19.46 6.84 -38.52
C VAL K 29 20.12 8.08 -37.94
N LYS K 30 21.37 7.95 -37.48
CA LYS K 30 22.14 9.09 -37.01
C LYS K 30 22.70 9.83 -38.23
N VAL K 31 22.14 11.00 -38.53
CA VAL K 31 22.63 11.86 -39.61
C VAL K 31 23.51 12.94 -39.00
N TRP K 32 24.82 12.89 -39.28
CA TRP K 32 25.74 13.86 -38.69
C TRP K 32 26.88 14.24 -39.64
N GLY K 33 27.39 15.45 -39.45
CA GLY K 33 28.48 15.98 -40.26
C GLY K 33 28.50 17.49 -40.17
N SER K 34 29.10 18.14 -41.17
CA SER K 34 29.17 19.59 -41.21
C SER K 34 29.11 20.13 -42.64
N ILE K 35 28.33 21.19 -42.82
CA ILE K 35 28.28 21.94 -44.08
C ILE K 35 28.84 23.32 -43.80
N LYS K 36 29.59 23.88 -44.75
CA LYS K 36 30.14 25.24 -44.62
C LYS K 36 29.83 26.08 -45.87
N GLY K 37 30.12 27.38 -45.79
CA GLY K 37 29.83 28.33 -46.88
C GLY K 37 28.39 28.83 -46.94
N LEU K 38 27.56 28.46 -45.96
CA LEU K 38 26.16 28.87 -45.93
C LEU K 38 26.03 30.28 -45.37
N THR K 39 24.86 30.88 -45.57
CA THR K 39 24.47 32.10 -44.86
C THR K 39 24.06 31.70 -43.43
N GLU K 40 24.05 32.64 -42.50
CA GLU K 40 23.62 32.37 -41.13
C GLU K 40 22.11 32.10 -41.11
N GLY K 41 21.71 31.07 -40.38
CA GLY K 41 20.29 30.72 -40.19
C GLY K 41 19.86 29.35 -40.72
N LEU K 42 18.55 29.19 -40.90
CA LEU K 42 17.96 27.91 -41.25
C LEU K 42 18.01 27.65 -42.76
N HIS K 43 18.42 26.44 -43.13
CA HIS K 43 18.51 26.00 -44.52
C HIS K 43 17.84 24.64 -44.68
N GLY K 44 16.94 24.54 -45.67
CA GLY K 44 16.21 23.30 -45.94
C GLY K 44 17.14 22.13 -46.18
N PHE K 45 16.78 20.96 -45.67
CA PHE K 45 17.62 19.77 -45.72
C PHE K 45 16.75 18.58 -46.15
N HIS K 46 16.90 18.18 -47.42
CA HIS K 46 15.96 17.23 -48.04
C HIS K 46 16.64 16.09 -48.79
N VAL K 47 15.89 15.00 -48.94
CA VAL K 47 16.28 13.88 -49.79
C VAL K 47 15.28 13.75 -50.94
N HIS K 48 15.80 13.68 -52.16
CA HIS K 48 14.98 13.51 -53.35
C HIS K 48 14.72 12.04 -53.66
N GLU K 49 13.73 11.78 -54.51
CA GLU K 49 13.36 10.42 -54.93
C GLU K 49 14.46 9.73 -55.76
N PHE K 50 15.19 10.52 -56.55
CA PHE K 50 16.27 10.00 -57.38
C PHE K 50 17.63 10.63 -57.03
N GLY K 51 18.69 9.94 -57.43
CA GLY K 51 20.06 10.41 -57.30
C GLY K 51 20.65 10.95 -58.60
N ASP K 52 19.83 11.00 -59.65
CA ASP K 52 20.27 11.49 -60.95
C ASP K 52 20.44 12.99 -60.87
N ASN K 53 21.68 13.46 -60.99
CA ASN K 53 21.99 14.90 -60.94
C ASN K 53 22.55 15.43 -62.26
N THR K 54 22.15 14.79 -63.36
CA THR K 54 22.57 15.22 -64.69
C THR K 54 21.91 16.53 -65.10
N ALA K 55 20.67 16.73 -64.67
CA ALA K 55 19.94 17.97 -64.91
C ALA K 55 19.37 18.54 -63.61
N GLY K 56 20.19 18.55 -62.56
CA GLY K 56 19.85 19.18 -61.29
C GLY K 56 18.62 18.59 -60.62
N ALA K 57 17.65 19.46 -60.32
CA ALA K 57 16.41 19.05 -59.65
C ALA K 57 15.48 18.24 -60.57
N THR K 58 15.43 18.61 -61.85
CA THR K 58 14.61 17.92 -62.84
C THR K 58 14.86 16.41 -62.81
N SER K 59 16.13 16.03 -62.94
CA SER K 59 16.53 14.63 -62.91
C SER K 59 16.41 14.00 -61.52
N ALA K 60 16.67 14.79 -60.48
CA ALA K 60 16.56 14.31 -59.09
C ALA K 60 15.12 14.01 -58.66
N GLY K 61 14.16 14.73 -59.24
CA GLY K 61 12.74 14.49 -58.97
C GLY K 61 12.22 15.21 -57.74
N PRO K 62 11.01 14.85 -57.28
CA PRO K 62 10.44 15.48 -56.09
C PRO K 62 11.09 14.96 -54.82
N HIS K 63 10.63 15.44 -53.68
CA HIS K 63 11.07 14.87 -52.40
C HIS K 63 10.68 13.38 -52.29
N PHE K 64 11.52 12.61 -51.61
CA PHE K 64 11.35 11.17 -51.51
C PHE K 64 10.11 10.87 -50.69
N ASN K 65 9.11 10.27 -51.33
CA ASN K 65 7.75 10.22 -50.80
C ASN K 65 7.03 8.91 -51.19
N PRO K 66 7.47 7.77 -50.62
CA PRO K 66 6.87 6.46 -50.95
C PRO K 66 5.46 6.20 -50.39
N LEU K 67 4.98 7.05 -49.47
CA LEU K 67 3.60 6.96 -48.94
C LEU K 67 2.71 8.10 -49.44
N SER K 68 3.13 8.80 -50.50
CA SER K 68 2.31 9.82 -51.18
C SER K 68 1.69 10.90 -50.26
N ARG K 69 2.44 11.33 -49.25
CA ARG K 69 1.99 12.35 -48.29
C ARG K 69 2.29 13.77 -48.80
N LYS K 70 1.92 14.78 -48.01
CA LYS K 70 2.33 16.15 -48.24
C LYS K 70 3.54 16.49 -47.35
N HIS K 71 4.17 17.62 -47.65
CA HIS K 71 5.40 18.07 -46.95
C HIS K 71 5.13 18.43 -45.49
N GLY K 72 6.09 18.10 -44.63
CA GLY K 72 6.08 18.52 -43.23
C GLY K 72 7.49 18.63 -42.65
N GLY K 73 7.57 18.91 -41.35
CA GLY K 73 8.82 18.79 -40.60
C GLY K 73 9.08 17.33 -40.25
N PRO K 74 10.30 17.01 -39.75
CA PRO K 74 10.61 15.62 -39.32
C PRO K 74 9.67 15.06 -38.24
N LYS K 75 9.20 15.91 -37.33
CA LYS K 75 8.35 15.50 -36.22
C LYS K 75 6.86 15.32 -36.60
N ASP K 76 6.47 15.81 -37.78
CA ASP K 76 5.09 15.64 -38.26
C ASP K 76 4.83 14.22 -38.77
N GLU K 77 3.59 13.74 -38.58
CA GLU K 77 3.16 12.46 -39.13
C GLU K 77 2.92 12.58 -40.63
N GLU K 78 2.27 13.67 -41.05
CA GLU K 78 2.15 14.04 -42.45
C GLU K 78 3.45 14.71 -42.89
N ARG K 79 4.28 13.94 -43.60
CA ARG K 79 5.57 14.40 -44.12
C ARG K 79 6.05 13.50 -45.24
N HIS K 80 6.91 14.03 -46.10
CA HIS K 80 7.64 13.20 -47.06
C HIS K 80 8.75 12.49 -46.26
N VAL K 81 9.16 11.31 -46.73
CA VAL K 81 10.19 10.54 -46.04
C VAL K 81 11.52 11.29 -46.04
N GLY K 82 11.81 11.98 -47.14
CA GLY K 82 13.01 12.81 -47.25
C GLY K 82 12.96 14.19 -46.61
N ASP K 83 12.00 14.44 -45.71
CA ASP K 83 11.89 15.74 -45.01
C ASP K 83 12.68 15.77 -43.70
N LEU K 84 13.97 16.12 -43.80
CA LEU K 84 14.84 16.21 -42.63
C LEU K 84 14.93 17.64 -42.06
N GLY K 85 14.01 18.52 -42.47
CA GLY K 85 13.79 19.79 -41.79
C GLY K 85 14.81 20.84 -42.18
N ASN K 86 15.41 21.47 -41.17
CA ASN K 86 16.40 22.54 -41.36
C ASN K 86 17.71 22.24 -40.62
N VAL K 87 18.83 22.32 -41.34
CA VAL K 87 20.14 22.51 -40.70
C VAL K 87 20.30 23.99 -40.33
N THR K 88 21.16 24.28 -39.36
CA THR K 88 21.37 25.67 -38.89
C THR K 88 22.84 26.07 -38.95
N ALA K 89 23.14 27.09 -39.75
CA ALA K 89 24.49 27.61 -39.90
C ALA K 89 24.73 28.75 -38.93
N ASP K 90 25.91 28.75 -38.29
CA ASP K 90 26.31 29.83 -37.38
C ASP K 90 26.78 31.06 -38.17
N LYS K 91 27.09 32.14 -37.44
CA LYS K 91 27.64 33.38 -38.05
C LYS K 91 28.86 33.18 -38.97
N ASP K 92 29.67 32.15 -38.74
CA ASP K 92 30.79 31.81 -39.65
C ASP K 92 30.37 31.03 -40.90
N GLY K 93 29.08 30.78 -41.07
CA GLY K 93 28.56 30.07 -42.22
C GLY K 93 28.67 28.56 -42.15
N VAL K 94 28.94 28.04 -40.95
CA VAL K 94 29.16 26.61 -40.72
C VAL K 94 27.93 26.03 -40.04
N ALA K 95 27.42 24.91 -40.55
CA ALA K 95 26.29 24.20 -39.96
C ALA K 95 26.72 22.80 -39.55
N ASP K 96 26.99 22.63 -38.26
CA ASP K 96 27.31 21.32 -37.70
C ASP K 96 26.03 20.53 -37.53
N VAL K 97 25.81 19.58 -38.45
CA VAL K 97 24.57 18.80 -38.48
C VAL K 97 24.66 17.62 -37.51
N SER K 98 23.59 17.43 -36.74
CA SER K 98 23.45 16.29 -35.83
C SER K 98 21.97 15.95 -35.63
N ILE K 99 21.47 15.03 -36.46
CA ILE K 99 20.05 14.69 -36.56
C ILE K 99 19.86 13.20 -36.26
N GLU K 100 18.70 12.87 -35.71
CA GLU K 100 18.22 11.49 -35.59
C GLU K 100 16.87 11.40 -36.29
N ASP K 101 16.61 10.27 -36.95
CA ASP K 101 15.35 10.10 -37.68
C ASP K 101 15.01 8.61 -37.89
N SER K 102 13.79 8.22 -37.50
CA SER K 102 13.31 6.85 -37.62
C SER K 102 12.36 6.61 -38.79
N VAL K 103 11.95 7.68 -39.49
CA VAL K 103 11.13 7.56 -40.70
C VAL K 103 12.01 7.10 -41.88
N ILE K 104 13.17 7.74 -42.04
CA ILE K 104 14.17 7.29 -43.02
C ILE K 104 14.86 6.02 -42.55
N SER K 105 15.48 5.34 -43.51
CA SER K 105 16.16 4.07 -43.29
C SER K 105 17.29 3.89 -44.29
N LEU K 106 18.22 3.00 -43.98
CA LEU K 106 19.23 2.56 -44.93
C LEU K 106 18.87 1.19 -45.53
N SER K 107 17.66 0.71 -45.26
CA SER K 107 17.12 -0.48 -45.90
C SER K 107 15.60 -0.35 -46.03
N GLY K 108 15.02 -1.09 -46.97
CA GLY K 108 13.57 -1.17 -47.14
C GLY K 108 13.00 -0.14 -48.09
N ASP K 109 11.68 0.04 -48.01
CA ASP K 109 10.96 0.97 -48.88
C ASP K 109 11.30 2.43 -48.62
N HIS K 110 11.88 2.71 -47.44
CA HIS K 110 12.30 4.06 -47.05
C HIS K 110 13.83 4.26 -47.20
N CYS K 111 14.51 3.32 -47.88
CA CYS K 111 15.96 3.36 -48.08
C CYS K 111 16.37 4.62 -48.84
N ILE K 112 17.20 5.45 -48.23
CA ILE K 112 17.69 6.69 -48.84
C ILE K 112 19.04 6.54 -49.57
N ILE K 113 19.61 5.34 -49.58
CA ILE K 113 20.86 5.08 -50.30
C ILE K 113 20.59 5.11 -51.79
N GLY K 114 21.45 5.83 -52.53
CA GLY K 114 21.29 6.05 -53.96
C GLY K 114 20.56 7.31 -54.37
N ARG K 115 20.05 8.07 -53.38
CA ARG K 115 19.25 9.27 -53.62
C ARG K 115 20.04 10.55 -53.34
N THR K 116 19.51 11.69 -53.80
CA THR K 116 20.19 12.98 -53.66
C THR K 116 19.78 13.75 -52.38
N LEU K 117 20.77 14.02 -51.52
CA LEU K 117 20.62 14.92 -50.38
C LEU K 117 20.89 16.35 -50.84
N VAL K 118 19.98 17.27 -50.52
CA VAL K 118 20.13 18.67 -50.89
C VAL K 118 20.11 19.57 -49.66
N VAL K 119 20.99 20.58 -49.66
CA VAL K 119 20.87 21.70 -48.74
C VAL K 119 20.42 22.92 -49.56
N HIS K 120 19.48 23.67 -49.02
CA HIS K 120 18.73 24.68 -49.78
C HIS K 120 19.04 26.12 -49.36
N GLU K 121 18.56 27.07 -50.17
CA GLU K 121 18.81 28.50 -50.01
C GLU K 121 18.19 29.09 -48.74
N LYS K 122 16.88 28.88 -48.59
CA LYS K 122 16.06 29.46 -47.51
C LYS K 122 15.63 28.40 -46.49
N ALA K 123 14.91 28.86 -45.47
CA ALA K 123 14.36 27.99 -44.44
C ALA K 123 13.15 27.24 -44.97
N ASP K 124 13.19 25.91 -44.85
CA ASP K 124 12.02 25.04 -44.91
C ASP K 124 10.96 25.50 -43.90
N ASP K 125 9.80 25.92 -44.41
CA ASP K 125 8.67 26.30 -43.54
C ASP K 125 7.91 25.12 -42.92
N LEU K 126 8.34 23.89 -43.25
CA LEU K 126 7.82 22.66 -42.66
C LEU K 126 6.37 22.37 -43.06
N GLY K 127 5.97 22.86 -44.22
CA GLY K 127 4.63 22.62 -44.76
C GLY K 127 3.50 23.47 -44.25
N LYS K 128 3.81 24.45 -43.40
CA LYS K 128 2.80 25.31 -42.78
C LYS K 128 2.92 26.75 -43.28
N GLY K 129 3.14 26.89 -44.58
CA GLY K 129 3.30 28.19 -45.25
C GLY K 129 2.04 28.71 -45.93
N GLY K 130 1.04 27.84 -46.09
CA GLY K 130 -0.27 28.24 -46.63
C GLY K 130 -0.28 28.54 -48.12
N ASN K 131 0.39 27.71 -48.90
CA ASN K 131 0.30 27.73 -50.37
C ASN K 131 0.77 26.41 -50.97
N GLU K 132 0.46 26.18 -52.25
CA GLU K 132 0.71 24.88 -52.88
C GLU K 132 2.20 24.46 -52.80
N GLU K 133 3.11 25.42 -52.95
CA GLU K 133 4.54 25.13 -52.92
C GLU K 133 5.06 24.73 -51.54
N SER K 134 4.39 25.13 -50.46
CA SER K 134 4.76 24.70 -49.10
C SER K 134 4.50 23.23 -48.88
N THR K 135 3.37 22.71 -49.36
CA THR K 135 3.05 21.28 -49.27
C THR K 135 3.89 20.41 -50.22
N LYS K 136 4.57 21.02 -51.19
CA LYS K 136 5.56 20.33 -52.01
C LYS K 136 6.97 20.44 -51.43
N THR K 137 7.58 21.62 -51.52
CA THR K 137 9.00 21.81 -51.19
C THR K 137 9.29 22.52 -49.86
N GLY K 138 8.26 23.13 -49.26
CA GLY K 138 8.42 23.90 -48.04
C GLY K 138 9.00 25.28 -48.26
N ASN K 139 8.92 25.78 -49.50
CA ASN K 139 9.47 27.10 -49.89
C ASN K 139 10.92 27.33 -49.46
N ALA K 140 11.73 26.27 -49.56
CA ALA K 140 13.13 26.30 -49.16
C ALA K 140 14.02 26.96 -50.22
N GLY K 141 13.48 27.29 -51.39
CA GLY K 141 14.23 28.03 -52.40
C GLY K 141 15.15 27.14 -53.19
N SER K 142 16.06 27.76 -53.95
CA SER K 142 16.94 27.04 -54.86
C SER K 142 17.96 26.16 -54.14
N ARG K 143 18.52 25.22 -54.88
CA ARG K 143 19.51 24.27 -54.38
C ARG K 143 20.90 24.93 -54.29
N LEU K 144 21.47 24.96 -53.08
CA LEU K 144 22.83 25.49 -52.88
C LEU K 144 23.89 24.43 -53.16
N ALA K 145 23.70 23.23 -52.62
CA ALA K 145 24.63 22.12 -52.80
C ALA K 145 23.93 20.78 -52.63
N ALA K 146 24.47 19.75 -53.29
CA ALA K 146 23.82 18.46 -53.41
C ALA K 146 24.80 17.34 -53.67
N GLY K 147 24.37 16.12 -53.37
CA GLY K 147 25.20 14.94 -53.62
C GLY K 147 24.44 13.65 -53.39
N VAL K 148 24.97 12.55 -53.92
CA VAL K 148 24.35 11.22 -53.77
C VAL K 148 24.80 10.57 -52.45
N ILE K 149 23.85 9.87 -51.82
CA ILE K 149 24.09 9.13 -50.60
C ILE K 149 24.57 7.75 -51.01
N GLY K 150 25.84 7.46 -50.75
CA GLY K 150 26.45 6.17 -51.09
C GLY K 150 26.76 5.29 -49.89
N ILE K 151 26.95 4.00 -50.13
CA ILE K 151 27.29 3.04 -49.07
C ILE K 151 28.69 3.32 -48.58
N ALA K 152 28.88 3.18 -47.26
CA ALA K 152 30.18 3.42 -46.62
C ALA K 152 30.64 2.18 -45.88
N GLN K 153 31.95 2.09 -45.65
CA GLN K 153 32.53 0.91 -44.97
C GLN K 153 32.08 0.85 -43.51
N GLY L 9 22.41 -4.89 -80.78
CA GLY L 9 22.06 -4.48 -79.39
C GLY L 9 20.58 -4.54 -79.08
N THR L 10 20.25 -4.42 -77.79
CA THR L 10 18.85 -4.41 -77.33
C THR L 10 18.28 -3.01 -77.47
N LEU L 11 17.01 -2.91 -77.86
CA LEU L 11 16.30 -1.63 -77.87
C LEU L 11 16.13 -1.10 -76.45
N ALA L 12 16.24 0.21 -76.32
CA ALA L 12 15.94 0.91 -75.09
C ALA L 12 15.05 2.10 -75.41
N THR L 13 14.04 2.33 -74.57
CA THR L 13 13.15 3.48 -74.71
C THR L 13 13.65 4.62 -73.80
N LEU L 14 14.06 5.72 -74.42
CA LEU L 14 14.48 6.93 -73.72
C LEU L 14 13.30 7.88 -73.66
N GLU L 15 13.20 8.65 -72.57
CA GLU L 15 12.15 9.65 -72.40
C GLU L 15 12.75 11.02 -72.13
N PHE L 16 12.77 11.88 -73.15
CA PHE L 16 13.31 13.22 -73.01
C PHE L 16 12.20 14.24 -72.75
N ALA L 17 12.46 15.18 -71.84
CA ALA L 17 11.64 16.38 -71.70
C ALA L 17 12.24 17.41 -72.63
N VAL L 18 11.48 17.83 -73.62
CA VAL L 18 11.93 18.84 -74.60
C VAL L 18 10.94 19.99 -74.61
N GLN L 19 11.46 21.21 -74.50
CA GLN L 19 10.62 22.42 -74.59
C GLN L 19 10.33 22.72 -76.05
N MET L 20 9.03 22.73 -76.39
CA MET L 20 8.57 22.96 -77.76
C MET L 20 7.14 23.48 -77.70
N THR L 21 7.00 24.80 -77.76
CA THR L 21 5.70 25.47 -77.67
C THR L 21 4.87 25.34 -78.96
N ALA L 22 5.54 25.44 -80.12
CA ALA L 22 4.87 25.51 -81.42
C ALA L 22 4.81 24.16 -82.15
N GLN L 23 4.06 24.15 -83.25
CA GLN L 23 4.03 23.03 -84.18
C GLN L 23 5.35 22.88 -84.94
N SER L 24 6.02 24.01 -85.21
CA SER L 24 7.31 24.01 -85.91
C SER L 24 8.42 23.40 -85.06
N ALA L 25 8.33 23.60 -83.74
CA ALA L 25 9.27 22.98 -82.80
C ALA L 25 9.14 21.45 -82.80
N VAL L 26 7.93 20.94 -82.99
CA VAL L 26 7.70 19.49 -83.14
C VAL L 26 8.32 18.99 -84.44
N ASP L 27 8.17 19.76 -85.52
CA ASP L 27 8.75 19.41 -86.82
C ASP L 27 10.29 19.36 -86.80
N ALA L 28 10.91 20.28 -86.05
CA ALA L 28 12.37 20.29 -85.89
C ALA L 28 12.87 19.08 -85.10
N VAL L 29 12.14 18.74 -84.03
CA VAL L 29 12.47 17.60 -83.17
C VAL L 29 12.34 16.29 -83.93
N ARG L 30 11.17 16.06 -84.52
CA ARG L 30 10.89 14.83 -85.26
C ARG L 30 11.81 14.65 -86.47
N LYS L 31 12.27 15.75 -87.07
CA LYS L 31 13.23 15.69 -88.18
C LYS L 31 14.63 15.30 -87.72
N SER L 32 15.07 15.81 -86.58
CA SER L 32 16.43 15.53 -86.08
C SER L 32 16.68 14.04 -85.75
N LEU L 33 15.62 13.26 -85.50
CA LEU L 33 15.76 11.84 -85.20
C LEU L 33 15.36 10.91 -86.36
N GLN L 34 14.35 11.26 -87.14
CA GLN L 34 13.85 10.32 -88.15
C GLN L 34 14.82 10.16 -89.32
N GLY L 35 15.00 8.91 -89.76
CA GLY L 35 16.00 8.56 -90.78
C GLY L 35 17.38 8.22 -90.25
N VAL L 36 17.64 8.51 -88.97
CA VAL L 36 18.96 8.32 -88.36
C VAL L 36 19.16 6.85 -88.03
N ALA L 37 20.36 6.36 -88.27
CA ALA L 37 20.71 4.96 -88.04
C ALA L 37 20.53 4.59 -86.57
N GLY L 38 19.81 3.49 -86.32
CA GLY L 38 19.61 2.99 -84.97
C GLY L 38 18.58 3.71 -84.12
N VAL L 39 17.67 4.44 -84.76
CA VAL L 39 16.49 5.01 -84.08
C VAL L 39 15.28 4.36 -84.73
N GLN L 40 14.58 3.50 -84.00
CA GLN L 40 13.45 2.76 -84.57
C GLN L 40 12.20 3.60 -84.63
N ASP L 41 11.79 4.10 -83.48
CA ASP L 41 10.54 4.85 -83.34
C ASP L 41 10.80 6.16 -82.62
N VAL L 42 10.04 7.18 -83.02
CA VAL L 42 10.05 8.47 -82.35
C VAL L 42 8.59 8.81 -82.12
N GLU L 43 8.30 9.31 -80.93
CA GLU L 43 6.93 9.50 -80.47
C GLU L 43 6.88 10.84 -79.73
N VAL L 44 6.50 11.90 -80.45
CA VAL L 44 6.45 13.26 -79.89
C VAL L 44 5.05 13.56 -79.32
N HIS L 45 5.03 14.13 -78.12
CA HIS L 45 3.80 14.59 -77.49
C HIS L 45 3.95 16.09 -77.21
N LEU L 46 3.11 16.90 -77.85
CA LEU L 46 3.15 18.35 -77.68
C LEU L 46 2.70 18.75 -76.27
N GLU L 47 1.61 18.12 -75.82
CA GLU L 47 0.96 18.50 -74.56
C GLU L 47 1.88 18.23 -73.39
N ASP L 48 2.46 17.03 -73.34
CA ASP L 48 3.33 16.60 -72.23
C ASP L 48 4.77 17.11 -72.30
N GLN L 49 5.14 17.80 -73.39
CA GLN L 49 6.51 18.29 -73.62
C GLN L 49 7.54 17.15 -73.62
N MET L 50 7.15 16.03 -74.22
CA MET L 50 7.90 14.78 -74.14
C MET L 50 8.28 14.28 -75.54
N VAL L 51 9.40 13.57 -75.60
CA VAL L 51 9.79 12.82 -76.78
C VAL L 51 10.26 11.46 -76.29
N LEU L 52 9.54 10.40 -76.64
CA LEU L 52 10.05 9.04 -76.47
C LEU L 52 10.86 8.68 -77.69
N VAL L 53 11.96 7.96 -77.47
CA VAL L 53 12.83 7.49 -78.56
C VAL L 53 13.23 6.05 -78.27
N HIS L 54 12.77 5.12 -79.12
CA HIS L 54 13.18 3.72 -79.05
C HIS L 54 14.42 3.61 -79.92
N THR L 55 15.55 3.23 -79.31
CA THR L 55 16.84 3.31 -79.98
C THR L 55 17.86 2.30 -79.44
N THR L 56 18.86 1.99 -80.27
CA THR L 56 20.06 1.23 -79.85
C THR L 56 21.27 2.14 -79.70
N LEU L 57 21.14 3.44 -79.95
CA LEU L 57 22.23 4.40 -79.78
C LEU L 57 22.45 4.73 -78.30
N PRO L 58 23.62 5.30 -77.96
CA PRO L 58 23.79 5.87 -76.62
C PRO L 58 22.89 7.08 -76.38
N SER L 59 22.39 7.21 -75.15
CA SER L 59 21.52 8.34 -74.77
C SER L 59 22.15 9.72 -75.00
N GLN L 60 23.46 9.85 -74.79
CA GLN L 60 24.15 11.13 -74.98
C GLN L 60 24.14 11.59 -76.45
N GLU L 61 24.17 10.63 -77.38
CA GLU L 61 24.08 10.94 -78.82
C GLU L 61 22.67 11.36 -79.27
N VAL L 62 21.65 10.69 -78.72
CA VAL L 62 20.25 11.03 -79.01
C VAL L 62 19.91 12.39 -78.41
N GLN L 63 20.48 12.68 -77.23
CA GLN L 63 20.34 14.02 -76.63
C GLN L 63 21.02 15.10 -77.46
N ALA L 64 22.21 14.81 -77.97
CA ALA L 64 22.97 15.75 -78.81
C ALA L 64 22.21 16.15 -80.07
N LEU L 65 21.56 15.17 -80.71
CA LEU L 65 20.72 15.41 -81.88
C LEU L 65 19.51 16.30 -81.57
N LEU L 66 18.84 16.03 -80.44
CA LEU L 66 17.68 16.83 -80.02
C LEU L 66 18.08 18.26 -79.64
N GLU L 67 19.20 18.39 -78.91
CA GLU L 67 19.74 19.70 -78.55
C GLU L 67 20.26 20.49 -79.75
N GLY L 68 20.76 19.77 -80.75
CA GLY L 68 21.19 20.36 -82.03
C GLY L 68 20.19 21.31 -82.68
N THR L 69 18.90 21.03 -82.52
CA THR L 69 17.84 21.94 -82.98
C THR L 69 17.46 22.96 -81.89
N GLY L 70 18.39 23.86 -81.57
CA GLY L 70 18.15 25.00 -80.68
C GLY L 70 17.87 24.67 -79.22
N ARG L 71 16.65 24.19 -78.97
CA ARG L 71 16.13 23.86 -77.62
C ARG L 71 16.97 22.88 -76.80
N GLN L 72 16.69 22.83 -75.49
CA GLN L 72 17.32 21.85 -74.58
C GLN L 72 16.44 20.61 -74.40
N ALA L 73 17.09 19.48 -74.12
CA ALA L 73 16.45 18.19 -73.99
C ALA L 73 17.08 17.43 -72.82
N VAL L 74 16.27 17.20 -71.79
CA VAL L 74 16.73 16.56 -70.56
C VAL L 74 16.20 15.12 -70.52
N LEU L 75 17.07 14.15 -70.24
CA LEU L 75 16.66 12.75 -70.12
C LEU L 75 15.93 12.55 -68.80
N LYS L 76 14.65 12.24 -68.89
CA LYS L 76 13.76 12.13 -67.73
C LYS L 76 13.46 10.71 -67.29
N GLY L 77 13.58 9.74 -68.19
CA GLY L 77 13.21 8.36 -67.91
C GLY L 77 13.83 7.38 -68.88
N MET L 78 13.98 6.14 -68.42
CA MET L 78 14.64 5.09 -69.20
C MET L 78 14.04 3.72 -68.88
N GLY L 79 13.58 3.02 -69.92
CA GLY L 79 13.01 1.67 -69.79
C GLY L 79 13.34 0.82 -71.00
N SER L 80 13.23 -0.49 -70.83
CA SER L 80 13.43 -1.46 -71.93
C SER L 80 12.29 -1.41 -72.95
N GLY L 81 11.15 -0.84 -72.55
CA GLY L 81 10.03 -0.56 -73.44
C GLY L 81 8.86 -1.43 -73.07
N GLN L 82 8.91 -2.68 -73.50
CA GLN L 82 7.83 -3.65 -73.36
C GLN L 82 8.04 -4.54 -72.13
N LEU L 83 8.26 -3.91 -70.97
CA LEU L 83 8.46 -4.65 -69.72
C LEU L 83 8.32 -3.74 -68.50
N GLN L 84 8.14 -4.36 -67.34
CA GLN L 84 8.18 -3.68 -66.05
C GLN L 84 9.57 -3.07 -65.81
N ASN L 85 9.59 -1.88 -65.19
CA ASN L 85 10.85 -1.20 -64.86
C ASN L 85 11.56 -1.92 -63.71
N LEU L 86 12.64 -2.63 -64.05
CA LEU L 86 13.39 -3.46 -63.10
C LEU L 86 14.53 -2.72 -62.39
N GLY L 87 14.84 -1.51 -62.84
CA GLY L 87 15.88 -0.70 -62.22
C GLY L 87 16.67 0.12 -63.22
N ALA L 88 16.79 1.42 -62.97
CA ALA L 88 17.63 2.30 -63.74
C ALA L 88 18.53 3.08 -62.81
N ALA L 89 19.74 3.37 -63.25
CA ALA L 89 20.70 4.12 -62.46
C ALA L 89 21.66 4.90 -63.34
N VAL L 90 22.30 5.90 -62.75
CA VAL L 90 23.26 6.74 -63.47
C VAL L 90 24.51 6.94 -62.61
N ALA L 91 25.65 7.13 -63.28
CA ALA L 91 26.89 7.48 -62.60
C ALA L 91 27.57 8.63 -63.35
N ILE L 92 27.57 9.80 -62.73
CA ILE L 92 28.32 10.95 -63.21
C ILE L 92 29.76 10.78 -62.73
N LEU L 93 30.68 10.51 -63.66
CA LEU L 93 32.10 10.37 -63.34
C LEU L 93 32.79 11.73 -63.34
N GLY L 94 33.64 11.92 -62.34
CA GLY L 94 34.41 13.16 -62.16
C GLY L 94 35.53 12.92 -61.17
N GLY L 95 36.25 13.99 -60.85
CA GLY L 95 37.41 13.90 -59.96
C GLY L 95 38.43 15.00 -60.21
N PRO L 96 39.63 14.87 -59.63
CA PRO L 96 40.63 15.95 -59.75
C PRO L 96 41.04 16.26 -61.20
N GLY L 97 41.41 15.22 -61.95
CA GLY L 97 41.92 15.40 -63.31
C GLY L 97 40.91 15.91 -64.33
N THR L 98 41.16 15.60 -65.61
CA THR L 98 40.35 16.10 -66.71
C THR L 98 39.19 15.19 -67.13
N VAL L 99 39.09 14.00 -66.54
CA VAL L 99 38.13 13.00 -67.00
C VAL L 99 36.75 13.29 -66.43
N GLN L 100 35.74 13.27 -67.30
CA GLN L 100 34.35 13.40 -66.86
C GLN L 100 33.38 12.78 -67.88
N GLY L 101 32.36 12.09 -67.39
CA GLY L 101 31.40 11.40 -68.24
C GLY L 101 30.11 11.04 -67.53
N VAL L 102 29.22 10.36 -68.26
CA VAL L 102 27.95 9.88 -67.70
C VAL L 102 27.66 8.47 -68.21
N VAL L 103 27.63 7.50 -67.29
CA VAL L 103 27.33 6.11 -67.61
C VAL L 103 25.97 5.77 -67.01
N ARG L 104 25.15 5.08 -67.80
CA ARG L 104 23.78 4.75 -67.41
C ARG L 104 23.57 3.25 -67.39
N PHE L 105 22.83 2.81 -66.38
CA PHE L 105 22.56 1.41 -66.13
C PHE L 105 21.08 1.22 -66.33
N LEU L 106 20.70 0.13 -66.99
CA LEU L 106 19.30 -0.24 -67.15
C LEU L 106 19.17 -1.75 -67.04
N GLN L 107 18.27 -2.20 -66.17
CA GLN L 107 18.01 -3.63 -65.99
C GLN L 107 16.97 -4.08 -67.02
N LEU L 108 17.43 -4.76 -68.06
CA LEU L 108 16.59 -5.19 -69.18
C LEU L 108 15.70 -6.36 -68.79
N THR L 109 16.30 -7.34 -68.11
CA THR L 109 15.59 -8.52 -67.57
C THR L 109 16.20 -8.80 -66.20
N PRO L 110 15.57 -9.71 -65.40
CA PRO L 110 16.17 -10.07 -64.11
C PRO L 110 17.60 -10.63 -64.18
N GLU L 111 17.95 -11.23 -65.32
CA GLU L 111 19.26 -11.84 -65.54
C GLU L 111 20.16 -11.06 -66.54
N ARG L 112 19.77 -9.84 -66.93
CA ARG L 112 20.57 -9.04 -67.88
C ARG L 112 20.46 -7.52 -67.67
N CYS L 113 21.62 -6.84 -67.68
CA CYS L 113 21.71 -5.40 -67.41
C CYS L 113 22.45 -4.68 -68.54
N LEU L 114 21.86 -3.61 -69.05
CA LEU L 114 22.48 -2.74 -70.06
C LEU L 114 23.32 -1.68 -69.35
N ILE L 115 24.57 -1.54 -69.76
CA ILE L 115 25.45 -0.47 -69.28
C ILE L 115 25.89 0.31 -70.52
N GLU L 116 25.73 1.62 -70.48
CA GLU L 116 25.89 2.47 -71.65
C GLU L 116 26.34 3.87 -71.24
N GLY L 117 27.38 4.39 -71.90
CA GLY L 117 27.93 5.69 -71.51
C GLY L 117 28.89 6.33 -72.48
N THR L 118 29.23 7.58 -72.18
CA THR L 118 30.17 8.39 -72.94
C THR L 118 31.08 9.13 -71.96
N ILE L 119 32.40 9.00 -72.14
CA ILE L 119 33.40 9.55 -71.20
C ILE L 119 34.46 10.36 -71.95
N ASP L 120 34.67 11.61 -71.55
CA ASP L 120 35.63 12.52 -72.20
C ASP L 120 36.84 12.78 -71.32
N GLY L 121 37.89 13.32 -71.95
CA GLY L 121 39.11 13.72 -71.24
C GLY L 121 40.09 12.61 -70.95
N LEU L 122 39.91 11.45 -71.58
CA LEU L 122 40.83 10.32 -71.40
C LEU L 122 42.00 10.42 -72.35
N GLU L 123 43.07 9.71 -72.05
CA GLU L 123 44.14 9.50 -73.04
C GLU L 123 43.63 8.56 -74.12
N PRO L 124 44.21 8.63 -75.34
CA PRO L 124 43.91 7.59 -76.32
C PRO L 124 44.38 6.20 -75.82
N GLY L 125 43.50 5.21 -75.91
CA GLY L 125 43.84 3.84 -75.53
C GLY L 125 42.76 3.19 -74.68
N LEU L 126 43.11 2.05 -74.09
CA LEU L 126 42.19 1.25 -73.27
C LEU L 126 42.30 1.63 -71.79
N HIS L 127 41.14 1.88 -71.18
CA HIS L 127 41.05 2.22 -69.76
C HIS L 127 40.11 1.22 -69.09
N GLY L 128 40.52 0.68 -67.95
CA GLY L 128 39.69 -0.23 -67.18
C GLY L 128 38.46 0.46 -66.61
N LEU L 129 37.36 -0.29 -66.52
CA LEU L 129 36.10 0.22 -65.96
C LEU L 129 35.58 -0.80 -64.95
N HIS L 130 35.31 -0.33 -63.73
CA HIS L 130 35.02 -1.22 -62.62
C HIS L 130 34.04 -0.63 -61.63
N VAL L 131 33.11 -1.45 -61.13
CA VAL L 131 32.22 -1.06 -60.03
C VAL L 131 32.95 -1.42 -58.75
N HIS L 132 33.35 -0.40 -57.99
CA HIS L 132 33.95 -0.62 -56.68
C HIS L 132 32.83 -0.65 -55.64
N GLN L 133 33.11 -1.15 -54.43
CA GLN L 133 32.04 -1.50 -53.49
C GLN L 133 31.39 -0.35 -52.71
N TYR L 134 32.12 0.72 -52.44
CA TYR L 134 31.56 1.85 -51.69
C TYR L 134 31.32 3.08 -52.56
N GLY L 135 30.34 3.89 -52.18
CA GLY L 135 30.08 5.19 -52.77
C GLY L 135 30.56 6.30 -51.84
N ASP L 136 31.82 6.18 -51.42
CA ASP L 136 32.45 7.12 -50.50
C ASP L 136 33.42 7.98 -51.31
N LEU L 137 33.01 9.21 -51.61
CA LEU L 137 33.85 10.15 -52.36
C LEU L 137 34.53 11.18 -51.45
N THR L 138 34.68 10.88 -50.15
CA THR L 138 35.26 11.83 -49.22
C THR L 138 36.71 12.12 -49.56
N ASN L 139 37.42 11.08 -50.01
CA ASN L 139 38.78 11.19 -50.47
C ASN L 139 38.86 10.86 -51.96
N ASN L 140 37.92 11.44 -52.73
CA ASN L 140 37.76 11.12 -54.14
C ASN L 140 37.66 9.60 -54.35
N CYS L 141 38.33 9.06 -55.36
CA CYS L 141 38.15 7.66 -55.74
C CYS L 141 38.90 6.70 -54.84
N ASN L 142 39.84 7.21 -54.03
CA ASN L 142 40.62 6.38 -53.12
C ASN L 142 39.79 5.80 -51.97
N SER L 143 38.72 6.49 -51.58
CA SER L 143 37.83 6.03 -50.51
C SER L 143 36.77 4.99 -50.95
N CYS L 144 36.69 4.71 -52.25
CA CYS L 144 35.65 3.84 -52.81
C CYS L 144 35.80 2.32 -52.55
N GLY L 145 36.86 1.90 -51.87
CA GLY L 145 37.06 0.49 -51.58
C GLY L 145 37.56 -0.25 -52.80
N ASN L 146 37.36 -1.56 -52.83
CA ASN L 146 37.89 -2.41 -53.92
C ASN L 146 36.84 -2.82 -54.94
N HIS L 147 37.29 -3.48 -56.00
CA HIS L 147 36.37 -4.00 -57.01
C HIS L 147 35.25 -4.78 -56.30
N PHE L 148 34.00 -4.42 -56.57
CA PHE L 148 32.84 -5.07 -55.95
C PHE L 148 32.86 -6.56 -56.27
N ASN L 149 32.89 -7.38 -55.21
CA ASN L 149 33.16 -8.81 -55.35
C ASN L 149 32.42 -9.68 -54.33
N PRO L 150 31.07 -9.64 -54.35
CA PRO L 150 30.26 -10.34 -53.35
C PRO L 150 30.44 -11.87 -53.31
N ASP L 151 30.75 -12.47 -54.47
CA ASP L 151 30.98 -13.92 -54.56
C ASP L 151 32.38 -14.36 -54.13
N GLY L 152 33.31 -13.42 -53.95
CA GLY L 152 34.69 -13.76 -53.60
C GLY L 152 35.45 -14.43 -54.73
N ALA L 153 35.18 -13.98 -55.96
CA ALA L 153 35.85 -14.50 -57.14
C ALA L 153 37.19 -13.81 -57.33
N SER L 154 37.97 -14.32 -58.29
CA SER L 154 39.26 -13.74 -58.67
C SER L 154 39.02 -12.76 -59.81
N HIS L 155 39.98 -11.88 -60.10
CA HIS L 155 39.78 -10.85 -61.15
C HIS L 155 39.77 -11.44 -62.55
N GLY L 156 38.87 -10.94 -63.39
CA GLY L 156 38.79 -11.34 -64.80
C GLY L 156 38.14 -10.29 -65.67
N GLY L 157 38.07 -10.57 -66.97
CA GLY L 157 37.34 -9.71 -67.92
C GLY L 157 35.86 -10.08 -67.97
N PRO L 158 35.04 -9.32 -68.71
CA PRO L 158 33.63 -9.69 -68.96
C PRO L 158 33.45 -11.05 -69.64
N GLN L 159 34.47 -11.50 -70.36
CA GLN L 159 34.51 -12.85 -70.94
C GLN L 159 34.37 -13.94 -69.88
N ASP L 160 35.13 -13.78 -68.81
CA ASP L 160 35.32 -14.85 -67.82
C ASP L 160 34.13 -14.90 -66.88
N SER L 161 33.65 -16.12 -66.60
CA SER L 161 32.60 -16.32 -65.62
C SER L 161 33.19 -16.15 -64.21
N ASP L 162 34.40 -16.66 -64.01
CA ASP L 162 35.17 -16.41 -62.79
C ASP L 162 35.74 -14.98 -62.84
N ARG L 163 34.90 -14.03 -62.48
CA ARG L 163 35.26 -12.62 -62.40
C ARG L 163 34.57 -11.97 -61.22
N HIS L 164 35.04 -10.77 -60.85
CA HIS L 164 34.33 -9.94 -59.88
C HIS L 164 33.08 -9.40 -60.58
N ARG L 165 31.99 -9.21 -59.83
CA ARG L 165 30.77 -8.64 -60.40
C ARG L 165 31.01 -7.24 -60.96
N GLY L 166 31.88 -6.46 -60.31
CA GLY L 166 32.26 -5.15 -60.79
C GLY L 166 33.14 -5.08 -62.03
N ASP L 167 33.69 -6.21 -62.51
CA ASP L 167 34.59 -6.23 -63.66
C ASP L 167 33.86 -6.03 -64.99
N LEU L 168 33.90 -4.81 -65.52
CA LEU L 168 33.31 -4.49 -66.81
C LEU L 168 34.34 -4.39 -67.94
N GLY L 169 35.59 -4.71 -67.65
CA GLY L 169 36.63 -4.79 -68.66
C GLY L 169 37.15 -3.43 -69.08
N ASN L 170 37.47 -3.33 -70.37
CA ASN L 170 38.10 -2.13 -70.91
C ASN L 170 37.14 -1.27 -71.70
N VAL L 171 37.58 -0.05 -71.97
CA VAL L 171 36.80 0.96 -72.65
C VAL L 171 37.80 1.76 -73.48
N ARG L 172 37.64 1.76 -74.80
CA ARG L 172 38.59 2.42 -75.68
C ARG L 172 38.24 3.89 -75.85
N ALA L 173 39.25 4.75 -75.80
CA ALA L 173 39.09 6.18 -76.05
C ALA L 173 39.77 6.52 -77.37
N ASP L 174 39.06 7.25 -78.24
CA ASP L 174 39.58 7.65 -79.55
C ASP L 174 40.71 8.69 -79.45
N ALA L 175 41.20 9.18 -80.60
CA ALA L 175 42.24 10.22 -80.63
C ALA L 175 41.87 11.48 -79.83
N ASP L 176 40.61 11.90 -79.92
CA ASP L 176 40.13 13.09 -79.20
C ASP L 176 39.92 12.88 -77.69
N GLY L 177 40.05 11.65 -77.20
CA GLY L 177 39.91 11.33 -75.78
C GLY L 177 38.50 10.93 -75.37
N ARG L 178 37.60 10.77 -76.34
CA ARG L 178 36.21 10.38 -76.09
C ARG L 178 36.09 8.86 -76.17
N ALA L 179 35.46 8.27 -75.15
CA ALA L 179 35.22 6.83 -75.08
C ALA L 179 33.74 6.56 -74.95
N ILE L 180 33.12 6.10 -76.04
CA ILE L 180 31.72 5.68 -76.05
C ILE L 180 31.69 4.16 -75.97
N PHE L 181 30.68 3.62 -75.28
CA PHE L 181 30.51 2.18 -75.16
C PHE L 181 29.07 1.83 -74.81
N ARG L 182 28.71 0.58 -75.10
CA ARG L 182 27.37 0.08 -74.87
C ARG L 182 27.49 -1.43 -74.80
N MET L 183 27.12 -2.01 -73.66
CA MET L 183 27.42 -3.41 -73.34
C MET L 183 26.32 -3.98 -72.46
N GLU L 184 26.19 -5.31 -72.48
CA GLU L 184 25.28 -6.02 -71.59
C GLU L 184 26.09 -6.92 -70.66
N ASP L 185 25.65 -7.01 -69.41
CA ASP L 185 26.32 -7.82 -68.39
C ASP L 185 25.28 -8.73 -67.75
N GLU L 186 25.66 -9.97 -67.50
CA GLU L 186 24.75 -11.02 -67.00
C GLU L 186 24.94 -11.35 -65.51
N GLN L 187 25.86 -10.66 -64.84
CA GLN L 187 26.06 -10.80 -63.38
C GLN L 187 25.84 -9.50 -62.58
N LEU L 188 26.16 -8.35 -63.17
CA LEU L 188 25.87 -7.05 -62.56
C LEU L 188 24.37 -6.76 -62.61
N LYS L 189 23.80 -6.40 -61.46
CA LYS L 189 22.37 -6.07 -61.33
C LYS L 189 22.22 -4.69 -60.71
N VAL L 190 21.27 -3.90 -61.21
CA VAL L 190 21.16 -2.47 -60.87
C VAL L 190 21.05 -2.21 -59.38
N TRP L 191 20.04 -2.79 -58.73
CA TRP L 191 19.80 -2.58 -57.27
C TRP L 191 20.79 -3.32 -56.35
N ASP L 192 21.66 -4.15 -56.90
CA ASP L 192 22.81 -4.67 -56.15
C ASP L 192 24.02 -3.73 -56.14
N VAL L 193 24.01 -2.69 -56.99
CA VAL L 193 25.08 -1.69 -57.05
C VAL L 193 24.64 -0.22 -56.85
N ILE L 194 23.35 0.00 -56.58
CA ILE L 194 22.87 1.32 -56.17
C ILE L 194 23.62 1.75 -54.91
N GLY L 195 24.21 2.94 -54.95
CA GLY L 195 24.96 3.48 -53.82
C GLY L 195 26.41 3.03 -53.73
N ARG L 196 26.86 2.20 -54.68
CA ARG L 196 28.27 1.88 -54.81
C ARG L 196 28.84 2.85 -55.84
N SER L 197 30.07 2.63 -56.30
CA SER L 197 30.71 3.56 -57.24
C SER L 197 31.17 2.90 -58.54
N LEU L 198 31.13 3.67 -59.62
CA LEU L 198 31.75 3.30 -60.89
C LEU L 198 33.03 4.10 -61.02
N ILE L 199 34.12 3.42 -61.39
CA ILE L 199 35.45 4.02 -61.49
C ILE L 199 36.08 3.68 -62.83
N ILE L 200 36.76 4.65 -63.43
CA ILE L 200 37.56 4.45 -64.64
C ILE L 200 39.05 4.61 -64.29
N ASP L 201 39.86 3.70 -64.80
CA ASP L 201 41.29 3.60 -64.44
C ASP L 201 42.22 4.23 -65.48
N GLU L 202 43.44 4.53 -65.04
CA GLU L 202 44.49 5.22 -65.82
C GLU L 202 44.86 4.47 -67.09
N GLY L 203 45.17 3.19 -66.91
CA GLY L 203 45.63 2.33 -67.99
C GLY L 203 44.80 1.07 -68.17
N GLU L 204 45.36 0.13 -68.91
CA GLU L 204 44.66 -1.04 -69.40
C GLU L 204 44.52 -2.12 -68.33
N ASP L 205 43.29 -2.50 -68.03
CA ASP L 205 42.95 -3.74 -67.32
C ASP L 205 43.44 -4.95 -68.12
N ASP L 206 44.30 -5.77 -67.51
CA ASP L 206 44.88 -6.96 -68.16
C ASP L 206 44.05 -8.24 -67.99
N LEU L 207 42.84 -8.10 -67.42
CA LEU L 207 41.85 -9.18 -67.37
C LEU L 207 42.35 -10.44 -66.64
N GLY L 208 43.25 -10.26 -65.67
CA GLY L 208 43.83 -11.37 -64.94
C GLY L 208 44.82 -12.24 -65.70
N ARG L 209 45.27 -11.77 -66.87
CA ARG L 209 46.12 -12.56 -67.76
C ARG L 209 47.55 -12.03 -67.90
N GLY L 210 47.89 -10.95 -67.21
CA GLY L 210 49.18 -10.28 -67.37
C GLY L 210 50.35 -10.91 -66.63
N GLY L 211 50.06 -11.83 -65.70
CA GLY L 211 51.12 -12.52 -64.94
C GLY L 211 51.80 -11.66 -63.89
N HIS L 212 51.14 -10.58 -63.48
CA HIS L 212 51.68 -9.57 -62.55
C HIS L 212 50.97 -9.80 -61.21
N PRO L 213 51.58 -9.36 -60.09
CA PRO L 213 50.93 -9.53 -58.77
C PRO L 213 49.51 -8.97 -58.65
N LEU L 214 49.28 -7.78 -59.18
CA LEU L 214 47.94 -7.15 -59.22
C LEU L 214 47.01 -7.61 -60.38
N SER L 215 47.39 -8.61 -61.16
CA SER L 215 46.54 -9.11 -62.25
C SER L 215 45.24 -9.75 -61.75
N LYS L 216 45.37 -10.73 -60.87
CA LYS L 216 44.20 -11.41 -60.30
C LYS L 216 43.50 -10.64 -59.16
N ILE L 217 44.05 -9.49 -58.75
CA ILE L 217 43.37 -8.61 -57.79
C ILE L 217 42.67 -7.44 -58.54
N THR L 218 43.44 -6.60 -59.22
CA THR L 218 42.90 -5.41 -59.89
C THR L 218 43.01 -5.43 -61.41
N GLY L 219 43.73 -6.40 -61.97
CA GLY L 219 44.06 -6.37 -63.40
C GLY L 219 45.14 -5.35 -63.78
N ASN L 220 45.87 -4.84 -62.78
CA ASN L 220 46.98 -3.91 -62.99
C ASN L 220 46.70 -2.71 -63.91
N SER L 221 45.51 -2.12 -63.77
CA SER L 221 45.10 -0.99 -64.62
C SER L 221 45.60 0.40 -64.14
N GLY L 222 46.45 0.45 -63.12
CA GLY L 222 47.08 1.71 -62.71
C GLY L 222 46.17 2.57 -61.85
N GLU L 223 46.44 3.87 -61.81
CA GLU L 223 45.73 4.79 -60.93
C GLU L 223 44.25 4.95 -61.31
N ARG L 224 43.46 5.43 -60.37
CA ARG L 224 42.03 5.67 -60.59
C ARG L 224 41.87 7.10 -61.13
N LEU L 225 41.28 7.26 -62.31
CA LEU L 225 41.17 8.59 -62.92
C LEU L 225 39.96 9.36 -62.48
N ALA L 226 38.82 8.70 -62.46
CA ALA L 226 37.55 9.35 -62.13
C ALA L 226 36.54 8.34 -61.59
N CYS L 227 35.59 8.85 -60.83
CA CYS L 227 34.60 8.01 -60.17
C CYS L 227 33.32 8.77 -59.92
N GLY L 228 32.25 8.02 -59.68
CA GLY L 228 30.97 8.57 -59.33
C GLY L 228 30.12 7.52 -58.65
N ILE L 229 29.16 7.96 -57.86
CA ILE L 229 28.27 7.05 -57.15
C ILE L 229 27.18 6.60 -58.13
N ILE L 230 26.93 5.29 -58.17
CA ILE L 230 25.86 4.73 -58.97
C ILE L 230 24.53 5.06 -58.28
N ALA L 231 23.84 6.07 -58.84
CA ALA L 231 22.67 6.70 -58.22
C ALA L 231 21.37 6.26 -58.88
N ARG L 232 20.30 6.14 -58.10
CA ARG L 232 18.97 5.79 -58.63
C ARG L 232 18.50 6.82 -59.65
N SER L 233 18.03 6.34 -60.80
CA SER L 233 17.40 7.21 -61.82
C SER L 233 15.99 6.73 -62.14
N ALA L 234 15.24 7.60 -62.79
CA ALA L 234 13.84 7.34 -63.10
C ALA L 234 13.63 6.35 -64.26
N GLY L 235 12.67 5.45 -64.08
CA GLY L 235 12.12 4.64 -65.15
C GLY L 235 11.20 5.49 -66.02
N LEU L 236 10.52 4.86 -66.97
CA LEU L 236 9.62 5.58 -67.87
C LEU L 236 8.40 6.12 -67.13
N PHE L 237 8.15 7.42 -67.31
CA PHE L 237 7.00 8.11 -66.73
C PHE L 237 6.96 8.12 -65.20
N GLN L 238 8.12 7.98 -64.54
CA GLN L 238 8.19 7.95 -63.07
C GLN L 238 8.52 9.31 -62.45
N ASN L 239 8.94 10.26 -63.28
CA ASN L 239 9.36 11.58 -62.81
C ASN L 239 8.60 12.69 -63.57
N PRO L 240 7.54 13.23 -62.96
CA PRO L 240 6.87 14.42 -63.50
C PRO L 240 7.53 15.71 -62.99
N LYS L 241 8.07 16.51 -63.92
CA LYS L 241 8.81 17.76 -63.61
C LYS L 241 9.23 18.43 -64.95
N GLN L 242 9.88 19.58 -64.89
CA GLN L 242 10.37 20.29 -66.10
C GLN L 242 11.32 21.43 -65.76
N ALA M 1 42.49 45.02 -7.93
CA ALA M 1 43.27 45.79 -8.97
C ALA M 1 44.61 46.25 -8.42
N THR M 2 45.53 46.53 -9.34
CA THR M 2 46.85 47.03 -8.99
C THR M 2 46.83 48.56 -8.89
N LYS M 3 46.13 49.21 -9.82
CA LYS M 3 46.04 50.68 -9.87
C LYS M 3 44.60 51.12 -10.08
N ALA M 4 44.35 52.40 -9.78
CA ALA M 4 43.04 53.02 -9.96
C ALA M 4 43.21 54.53 -10.12
N VAL M 5 42.19 55.18 -10.66
CA VAL M 5 42.23 56.62 -10.96
C VAL M 5 40.85 57.22 -10.73
N CYS M 6 40.80 58.53 -10.48
CA CYS M 6 39.53 59.24 -10.29
C CYS M 6 39.65 60.65 -10.85
N VAL M 7 38.66 61.04 -11.66
CA VAL M 7 38.58 62.39 -12.21
C VAL M 7 37.54 63.18 -11.39
N LEU M 8 38.03 64.07 -10.54
CA LEU M 8 37.16 64.96 -9.77
C LEU M 8 36.62 66.08 -10.66
N LYS M 9 35.30 66.27 -10.63
CA LYS M 9 34.62 67.34 -11.35
C LYS M 9 33.49 67.87 -10.48
N GLY M 10 33.11 69.12 -10.72
CA GLY M 10 31.96 69.74 -10.06
C GLY M 10 31.25 70.73 -10.96
N ASP M 11 30.22 71.37 -10.42
CA ASP M 11 29.56 72.50 -11.07
C ASP M 11 30.49 73.73 -11.06
N GLY M 12 31.27 73.88 -9.98
CA GLY M 12 32.24 74.97 -9.87
C GLY M 12 33.51 74.76 -10.66
N PRO M 13 34.56 75.56 -10.36
CA PRO M 13 35.85 75.46 -11.06
C PRO M 13 36.78 74.37 -10.52
N VAL M 14 36.34 73.61 -9.52
CA VAL M 14 37.20 72.65 -8.82
C VAL M 14 37.25 71.36 -9.64
N GLN M 15 38.45 70.99 -10.08
CA GLN M 15 38.69 69.77 -10.85
C GLN M 15 40.07 69.17 -10.53
N GLY M 16 40.23 67.88 -10.78
CA GLY M 16 41.49 67.20 -10.52
C GLY M 16 41.52 65.76 -10.97
N ILE M 17 42.73 65.21 -11.08
CA ILE M 17 42.97 63.80 -11.37
C ILE M 17 43.73 63.25 -10.17
N ILE M 18 43.22 62.14 -9.61
CA ILE M 18 43.84 61.49 -8.46
C ILE M 18 44.05 60.01 -8.75
N ASN M 19 45.28 59.55 -8.55
CA ASN M 19 45.67 58.18 -8.85
C ASN M 19 45.80 57.36 -7.58
N PHE M 20 45.61 56.05 -7.73
CA PHE M 20 45.75 55.09 -6.64
C PHE M 20 46.66 53.99 -7.14
N GLU M 21 47.41 53.38 -6.23
CA GLU M 21 48.35 52.32 -6.57
C GLU M 21 48.58 51.44 -5.37
N GLN M 22 48.49 50.14 -5.56
CA GLN M 22 48.67 49.16 -4.49
C GLN M 22 49.38 47.92 -5.03
N LYS M 23 50.68 47.82 -4.77
CA LYS M 23 51.49 46.70 -5.26
C LYS M 23 51.38 45.46 -4.37
N GLU M 24 51.15 45.65 -3.08
CA GLU M 24 50.96 44.54 -2.13
C GLU M 24 49.48 44.29 -1.93
N SER M 25 49.08 43.03 -1.84
CA SER M 25 47.71 42.65 -1.45
C SER M 25 47.49 43.07 0.00
N ASN M 26 46.41 43.80 0.26
CA ASN M 26 46.16 44.38 1.58
C ASN M 26 47.30 45.27 2.10
N GLY M 27 48.16 45.75 1.20
CA GLY M 27 49.31 46.58 1.57
C GLY M 27 48.89 48.03 1.59
N PRO M 28 49.86 48.95 1.75
CA PRO M 28 49.61 50.38 1.62
C PRO M 28 49.06 50.77 0.24
N VAL M 29 48.39 51.93 0.19
CA VAL M 29 47.86 52.48 -1.05
C VAL M 29 48.39 53.89 -1.26
N LYS M 30 49.30 54.06 -2.22
CA LYS M 30 49.80 55.38 -2.59
C LYS M 30 48.66 56.12 -3.30
N VAL M 31 48.24 57.24 -2.73
CA VAL M 31 47.26 58.13 -3.35
C VAL M 31 47.97 59.43 -3.66
N TRP M 32 47.93 59.84 -4.93
CA TRP M 32 48.54 61.10 -5.34
C TRP M 32 47.83 61.73 -6.53
N GLY M 33 48.09 63.02 -6.72
CA GLY M 33 47.48 63.79 -7.80
C GLY M 33 47.47 65.27 -7.49
N SER M 34 46.69 66.02 -8.28
CA SER M 34 46.59 67.47 -8.14
C SER M 34 45.14 67.94 -8.34
N ILE M 35 44.63 68.68 -7.35
CA ILE M 35 43.32 69.32 -7.43
C ILE M 35 43.59 70.82 -7.58
N LYS M 36 42.74 71.52 -8.34
CA LYS M 36 42.93 72.95 -8.58
C LYS M 36 41.62 73.73 -8.53
N GLY M 37 41.73 75.05 -8.54
CA GLY M 37 40.57 75.95 -8.45
C GLY M 37 39.95 76.01 -7.07
N LEU M 38 40.74 75.67 -6.05
CA LEU M 38 40.29 75.65 -4.66
C LEU M 38 40.60 76.98 -3.97
N THR M 39 39.97 77.19 -2.81
CA THR M 39 40.39 78.25 -1.90
C THR M 39 41.68 77.81 -1.21
N GLU M 40 42.40 78.75 -0.60
CA GLU M 40 43.62 78.43 0.13
C GLU M 40 43.27 77.78 1.46
N GLY M 41 43.96 76.70 1.80
CA GLY M 41 43.81 76.03 3.10
C GLY M 41 43.27 74.62 3.05
N LEU M 42 42.73 74.15 4.18
CA LEU M 42 42.29 72.75 4.35
C LEU M 42 40.91 72.46 3.73
N HIS M 43 40.81 71.33 3.03
CA HIS M 43 39.56 70.84 2.42
C HIS M 43 39.39 69.35 2.70
N GLY M 44 38.18 68.93 3.03
CA GLY M 44 37.88 67.52 3.34
C GLY M 44 38.09 66.62 2.14
N PHE M 45 38.66 65.43 2.38
CA PHE M 45 39.01 64.48 1.33
C PHE M 45 38.46 63.10 1.73
N HIS M 46 37.30 62.72 1.19
CA HIS M 46 36.52 61.56 1.66
C HIS M 46 36.10 60.60 0.55
N VAL M 47 35.96 59.33 0.92
CA VAL M 47 35.42 58.30 0.05
C VAL M 47 34.05 57.88 0.61
N HIS M 48 33.02 57.99 -0.22
CA HIS M 48 31.65 57.63 0.17
C HIS M 48 31.39 56.14 -0.03
N GLU M 49 30.31 55.64 0.56
CA GLU M 49 29.98 54.21 0.52
C GLU M 49 29.63 53.73 -0.90
N PHE M 50 28.95 54.58 -1.66
CA PHE M 50 28.55 54.27 -3.04
C PHE M 50 29.23 55.17 -4.05
N GLY M 51 29.15 54.77 -5.32
CA GLY M 51 29.61 55.57 -6.46
C GLY M 51 28.48 56.21 -7.26
N ASP M 52 27.24 55.98 -6.84
CA ASP M 52 26.07 56.55 -7.48
C ASP M 52 26.06 58.05 -7.24
N ASN M 53 26.02 58.83 -8.33
CA ASN M 53 25.96 60.29 -8.24
C ASN M 53 24.81 60.87 -9.09
N THR M 54 23.74 60.09 -9.24
CA THR M 54 22.54 60.53 -9.97
C THR M 54 21.75 61.58 -9.20
N ALA M 55 21.84 61.55 -7.87
CA ALA M 55 21.27 62.58 -7.00
C ALA M 55 22.33 63.08 -6.00
N GLY M 56 23.49 63.46 -6.53
CA GLY M 56 24.57 64.07 -5.74
C GLY M 56 25.06 63.22 -4.57
N ALA M 57 25.14 63.84 -3.39
CA ALA M 57 25.58 63.15 -2.17
C ALA M 57 24.52 62.29 -1.48
N THR M 58 23.25 62.44 -1.87
CA THR M 58 22.16 61.60 -1.33
C THR M 58 22.31 60.15 -1.82
N SER M 59 22.50 60.01 -3.14
CA SER M 59 22.69 58.72 -3.78
C SER M 59 24.04 58.08 -3.48
N ALA M 60 25.06 58.91 -3.26
CA ALA M 60 26.39 58.42 -2.87
C ALA M 60 26.44 57.81 -1.47
N GLY M 61 25.45 58.12 -0.63
CA GLY M 61 25.35 57.53 0.71
C GLY M 61 26.28 58.19 1.72
N PRO M 62 26.43 57.60 2.92
CA PRO M 62 27.35 58.15 3.91
C PRO M 62 28.81 57.93 3.52
N HIS M 63 29.73 58.31 4.39
CA HIS M 63 31.13 57.96 4.21
C HIS M 63 31.31 56.43 4.26
N PHE M 64 32.31 55.92 3.54
CA PHE M 64 32.54 54.47 3.41
C PHE M 64 32.95 53.88 4.75
N ASN M 65 32.16 52.92 5.26
CA ASN M 65 32.27 52.52 6.67
C ASN M 65 31.85 51.07 6.93
N PRO M 66 32.65 50.10 6.47
CA PRO M 66 32.31 48.68 6.64
C PRO M 66 32.40 48.16 8.09
N LEU M 67 33.19 48.82 8.95
CA LEU M 67 33.33 48.40 10.35
C LEU M 67 32.46 49.19 11.35
N SER M 68 31.61 50.09 10.85
CA SER M 68 30.70 50.90 11.68
C SER M 68 31.37 51.57 12.88
N ARG M 69 32.30 52.47 12.58
CA ARG M 69 32.96 53.33 13.56
C ARG M 69 32.40 54.75 13.42
N LYS M 70 32.92 55.67 14.23
CA LYS M 70 32.65 57.09 14.05
C LYS M 70 33.72 57.67 13.14
N HIS M 71 33.43 58.82 12.52
CA HIS M 71 34.39 59.58 11.71
C HIS M 71 35.65 59.93 12.51
N GLY M 72 36.81 59.79 11.86
CA GLY M 72 38.08 60.27 12.41
C GLY M 72 39.02 60.76 11.33
N GLY M 73 40.23 61.13 11.73
CA GLY M 73 41.31 61.42 10.79
C GLY M 73 41.94 60.11 10.32
N PRO M 74 42.78 60.16 9.28
CA PRO M 74 43.45 58.94 8.79
C PRO M 74 44.23 58.18 9.87
N LYS M 75 44.90 58.92 10.75
CA LYS M 75 45.74 58.34 11.80
C LYS M 75 44.97 57.71 12.98
N ASP M 76 43.70 58.08 13.18
CA ASP M 76 42.87 57.50 14.24
C ASP M 76 42.52 56.04 13.95
N GLU M 77 42.44 55.22 15.00
CA GLU M 77 41.92 53.86 14.88
C GLU M 77 40.40 53.92 14.69
N GLU M 78 39.74 54.75 15.50
CA GLU M 78 38.31 55.04 15.32
C GLU M 78 38.14 56.02 14.15
N ARG M 79 37.82 55.46 12.98
CA ARG M 79 37.62 56.22 11.75
C ARG M 79 36.76 55.41 10.79
N HIS M 80 36.06 56.08 9.90
CA HIS M 80 35.46 55.42 8.76
C HIS M 80 36.62 55.10 7.80
N VAL M 81 36.53 53.95 7.10
CA VAL M 81 37.55 53.55 6.10
C VAL M 81 37.75 54.65 5.05
N GLY M 82 36.66 55.32 4.67
CA GLY M 82 36.71 56.41 3.71
C GLY M 82 37.25 57.75 4.17
N ASP M 83 37.73 57.85 5.41
CA ASP M 83 38.35 59.08 5.93
C ASP M 83 39.83 59.21 5.53
N LEU M 84 40.11 60.08 4.56
CA LEU M 84 41.48 60.42 4.18
C LEU M 84 41.77 61.88 4.55
N GLY M 85 41.24 62.34 5.68
CA GLY M 85 41.57 63.66 6.25
C GLY M 85 41.38 64.87 5.34
N ASN M 86 42.40 65.74 5.33
CA ASN M 86 42.37 66.99 4.57
C ASN M 86 43.46 67.05 3.51
N VAL M 87 43.20 67.84 2.48
CA VAL M 87 44.20 68.19 1.47
C VAL M 87 44.45 69.70 1.59
N THR M 88 45.68 70.12 1.36
CA THR M 88 46.07 71.53 1.54
C THR M 88 46.31 72.19 0.19
N ALA M 89 45.49 73.20 -0.11
CA ALA M 89 45.62 73.99 -1.33
C ALA M 89 46.45 75.24 -1.06
N ASP M 90 47.41 75.52 -1.93
CA ASP M 90 48.31 76.69 -1.80
C ASP M 90 47.60 78.01 -2.14
N LYS M 91 48.33 79.13 -2.03
CA LYS M 91 47.80 80.46 -2.43
C LYS M 91 47.26 80.55 -3.87
N ASP M 92 47.74 79.70 -4.78
CA ASP M 92 47.21 79.61 -6.17
C ASP M 92 45.98 78.71 -6.33
N GLY M 93 45.56 78.03 -5.26
CA GLY M 93 44.40 77.13 -5.30
C GLY M 93 44.66 75.72 -5.79
N VAL M 94 45.94 75.32 -5.87
CA VAL M 94 46.35 73.98 -6.31
C VAL M 94 46.77 73.16 -5.09
N ALA M 95 46.08 72.06 -4.84
CA ALA M 95 46.41 71.12 -3.76
C ALA M 95 47.12 69.91 -4.35
N ASP M 96 48.38 69.74 -3.99
CA ASP M 96 49.21 68.63 -4.48
C ASP M 96 49.05 67.46 -3.51
N VAL M 97 48.23 66.48 -3.89
CA VAL M 97 47.89 65.36 -3.02
C VAL M 97 49.03 64.34 -3.03
N SER M 98 49.35 63.80 -1.85
CA SER M 98 50.35 62.73 -1.72
C SER M 98 50.18 62.03 -0.36
N ILE M 99 49.19 61.15 -0.31
CA ILE M 99 48.83 60.37 0.87
C ILE M 99 49.30 58.92 0.67
N GLU M 100 49.53 58.24 1.79
CA GLU M 100 49.74 56.81 1.81
C GLU M 100 48.87 56.25 2.94
N ASP M 101 47.99 55.33 2.61
CA ASP M 101 46.99 54.81 3.56
C ASP M 101 46.92 53.29 3.48
N SER M 102 46.97 52.63 4.65
CA SER M 102 46.88 51.17 4.78
C SER M 102 45.50 50.67 5.19
N VAL M 103 44.60 51.58 5.57
CA VAL M 103 43.23 51.21 5.94
C VAL M 103 42.40 50.95 4.68
N ILE M 104 42.48 51.86 3.72
CA ILE M 104 41.84 51.64 2.40
C ILE M 104 42.57 50.55 1.62
N SER M 105 41.93 50.11 0.53
CA SER M 105 42.49 49.07 -0.33
C SER M 105 41.86 49.14 -1.72
N LEU M 106 42.49 48.44 -2.67
CA LEU M 106 41.93 48.22 -4.00
C LEU M 106 41.44 46.78 -4.17
N SER M 107 41.22 46.09 -3.05
CA SER M 107 40.57 44.78 -3.01
C SER M 107 40.05 44.46 -1.60
N GLY M 108 39.19 43.45 -1.52
CA GLY M 108 38.63 43.00 -0.24
C GLY M 108 37.45 43.84 0.22
N ASP M 109 37.11 43.70 1.51
CA ASP M 109 35.99 44.43 2.13
C ASP M 109 36.22 45.93 2.29
N HIS M 110 37.47 46.37 2.18
CA HIS M 110 37.80 47.79 2.19
C HIS M 110 38.08 48.36 0.77
N CYS M 111 37.82 47.57 -0.28
CA CYS M 111 38.04 48.00 -1.68
C CYS M 111 37.32 49.31 -1.95
N ILE M 112 38.06 50.35 -2.32
CA ILE M 112 37.47 51.66 -2.58
C ILE M 112 37.07 51.86 -4.03
N ILE M 113 37.39 50.90 -4.91
CA ILE M 113 36.97 50.96 -6.31
C ILE M 113 35.44 50.92 -6.41
N GLY M 114 34.91 51.70 -7.34
CA GLY M 114 33.47 51.81 -7.57
C GLY M 114 32.74 52.80 -6.68
N ARG M 115 33.47 53.60 -5.91
CA ARG M 115 32.90 54.52 -4.93
C ARG M 115 33.28 55.96 -5.24
N THR M 116 32.49 56.91 -4.73
CA THR M 116 32.68 58.33 -4.99
C THR M 116 33.74 58.92 -4.05
N LEU M 117 34.82 59.43 -4.63
CA LEU M 117 35.78 60.28 -3.91
C LEU M 117 35.26 61.71 -4.00
N VAL M 118 35.39 62.48 -2.91
CA VAL M 118 34.91 63.86 -2.86
C VAL M 118 35.97 64.78 -2.26
N VAL M 119 36.01 66.02 -2.75
CA VAL M 119 36.76 67.10 -2.10
C VAL M 119 35.72 68.13 -1.62
N HIS M 120 35.80 68.51 -0.34
CA HIS M 120 34.75 69.29 0.34
C HIS M 120 35.08 70.79 0.48
N GLU M 121 34.07 71.59 0.83
CA GLU M 121 34.17 73.06 0.94
C GLU M 121 35.15 73.53 2.02
N LYS M 122 34.90 73.09 3.25
CA LYS M 122 35.65 73.51 4.45
C LYS M 122 36.62 72.44 4.93
N ALA M 123 37.36 72.75 6.00
CA ALA M 123 38.27 71.82 6.64
C ALA M 123 37.52 70.70 7.39
N ASP M 124 38.04 69.48 7.29
CA ASP M 124 37.58 68.34 8.09
C ASP M 124 38.14 68.46 9.52
N ASP M 125 37.26 68.38 10.52
CA ASP M 125 37.69 68.49 11.93
C ASP M 125 38.24 67.20 12.56
N LEU M 126 38.29 66.10 11.78
CA LEU M 126 38.89 64.82 12.17
C LEU M 126 38.15 64.11 13.32
N GLY M 127 36.84 64.34 13.40
CA GLY M 127 36.00 63.73 14.44
C GLY M 127 36.14 64.31 15.84
N LYS M 128 36.73 65.50 15.96
CA LYS M 128 36.98 66.13 17.26
C LYS M 128 36.34 67.53 17.33
N GLY M 129 35.10 67.61 16.86
CA GLY M 129 34.28 68.82 16.96
C GLY M 129 33.32 68.82 18.13
N GLY M 130 33.15 67.67 18.79
CA GLY M 130 32.33 67.57 20.00
C GLY M 130 30.82 67.63 19.82
N ASN M 131 30.34 67.35 18.61
CA ASN M 131 28.91 67.32 18.31
C ASN M 131 28.62 66.20 17.31
N GLU M 132 27.34 65.90 17.10
CA GLU M 132 26.93 64.74 16.31
C GLU M 132 27.38 64.80 14.84
N GLU M 133 27.44 65.99 14.25
CA GLU M 133 27.85 66.15 12.85
C GLU M 133 29.36 65.90 12.63
N SER M 134 30.16 66.13 13.67
CA SER M 134 31.59 65.81 13.63
C SER M 134 31.82 64.30 13.49
N THR M 135 30.97 63.49 14.11
CA THR M 135 31.11 62.02 14.05
C THR M 135 30.59 61.37 12.75
N LYS M 136 29.81 62.11 11.95
CA LYS M 136 29.32 61.59 10.67
C LYS M 136 30.19 62.05 9.50
N THR M 137 30.14 63.36 9.22
CA THR M 137 30.83 63.95 8.07
C THR M 137 32.09 64.75 8.41
N GLY M 138 32.28 65.08 9.68
CA GLY M 138 33.41 65.92 10.11
C GLY M 138 33.28 67.41 9.81
N ASN M 139 32.06 67.87 9.53
CA ASN M 139 31.76 69.27 9.21
C ASN M 139 32.63 69.84 8.09
N ALA M 140 32.89 69.02 7.08
CA ALA M 140 33.73 69.41 5.96
C ALA M 140 33.03 70.36 4.99
N GLY M 141 31.69 70.38 5.02
CA GLY M 141 30.90 71.31 4.21
C GLY M 141 30.35 70.65 2.97
N SER M 142 29.98 71.47 1.99
CA SER M 142 29.32 70.99 0.77
C SER M 142 30.30 70.29 -0.17
N ARG M 143 29.76 69.59 -1.16
CA ARG M 143 30.55 68.95 -2.21
C ARG M 143 31.07 70.02 -3.18
N LEU M 144 32.39 70.18 -3.29
CA LEU M 144 32.98 71.06 -4.30
C LEU M 144 33.16 70.31 -5.61
N ALA M 145 33.79 69.14 -5.53
CA ALA M 145 34.01 68.29 -6.69
C ALA M 145 34.05 66.82 -6.29
N ALA M 146 33.62 65.94 -7.20
CA ALA M 146 33.55 64.51 -6.93
C ALA M 146 33.68 63.68 -8.20
N GLY M 147 33.95 62.39 -8.02
CA GLY M 147 34.10 61.46 -9.13
C GLY M 147 34.20 60.02 -8.66
N VAL M 148 33.82 59.08 -9.53
CA VAL M 148 33.91 57.65 -9.20
C VAL M 148 35.35 57.17 -9.36
N ILE M 149 35.78 56.32 -8.42
CA ILE M 149 37.09 55.67 -8.46
C ILE M 149 36.99 54.48 -9.41
N GLY M 150 37.69 54.58 -10.55
CA GLY M 150 37.70 53.52 -11.56
C GLY M 150 39.01 52.74 -11.61
N ILE M 151 38.97 51.58 -12.26
CA ILE M 151 40.13 50.71 -12.44
C ILE M 151 41.03 51.32 -13.51
N ALA M 152 42.34 51.32 -13.23
CA ALA M 152 43.36 51.84 -14.16
C ALA M 152 44.25 50.70 -14.68
N GLN M 153 44.86 50.92 -15.86
CA GLN M 153 45.77 49.94 -16.46
C GLN M 153 47.10 49.88 -15.70
N GLY N 9 10.32 41.40 -19.56
CA GLY N 9 11.49 41.11 -18.69
C GLY N 9 11.11 40.64 -17.30
N THR N 10 12.06 40.74 -16.36
CA THR N 10 11.88 40.29 -14.98
C THR N 10 11.44 41.46 -14.09
N LEU N 11 10.73 41.13 -13.01
CA LEU N 11 10.37 42.10 -11.96
C LEU N 11 11.63 42.71 -11.34
N ALA N 12 11.56 44.01 -11.07
CA ALA N 12 12.59 44.73 -10.32
C ALA N 12 11.90 45.65 -9.31
N THR N 13 12.34 45.58 -8.05
CA THR N 13 11.80 46.44 -7.00
C THR N 13 12.61 47.73 -6.96
N LEU N 14 11.93 48.87 -7.14
CA LEU N 14 12.55 50.19 -7.07
C LEU N 14 12.14 50.86 -5.76
N GLU N 15 13.12 51.33 -4.99
CA GLU N 15 12.86 52.10 -3.76
C GLU N 15 13.14 53.58 -4.01
N PHE N 16 12.08 54.35 -4.24
CA PHE N 16 12.18 55.81 -4.37
C PHE N 16 11.96 56.50 -3.03
N ALA N 17 12.64 57.63 -2.83
CA ALA N 17 12.38 58.53 -1.71
C ALA N 17 11.63 59.74 -2.24
N VAL N 18 10.32 59.77 -1.95
CA VAL N 18 9.44 60.86 -2.37
C VAL N 18 9.10 61.69 -1.13
N GLN N 19 9.24 63.02 -1.24
CA GLN N 19 8.79 63.91 -0.18
C GLN N 19 7.27 64.04 -0.27
N MET N 20 6.62 63.98 0.89
CA MET N 20 5.16 64.05 0.98
C MET N 20 4.74 64.14 2.45
N THR N 21 3.96 65.16 2.79
CA THR N 21 3.54 65.42 4.17
C THR N 21 2.06 65.07 4.41
N ALA N 22 1.19 65.45 3.48
CA ALA N 22 -0.25 65.21 3.61
C ALA N 22 -0.63 63.76 3.30
N GLN N 23 -1.82 63.37 3.76
CA GLN N 23 -2.44 62.09 3.37
C GLN N 23 -3.00 62.17 1.94
N SER N 24 -3.40 63.36 1.52
CA SER N 24 -3.84 63.60 0.14
C SER N 24 -2.71 63.46 -0.88
N ALA N 25 -1.48 63.74 -0.47
CA ALA N 25 -0.28 63.48 -1.28
C ALA N 25 -0.08 61.98 -1.50
N VAL N 26 -0.22 61.18 -0.44
CA VAL N 26 -0.10 59.70 -0.51
C VAL N 26 -1.07 59.09 -1.54
N ASP N 27 -2.29 59.64 -1.63
CA ASP N 27 -3.26 59.21 -2.64
C ASP N 27 -2.84 59.55 -4.08
N ALA N 28 -2.21 60.72 -4.25
CA ALA N 28 -1.74 61.16 -5.58
C ALA N 28 -0.64 60.25 -6.13
N VAL N 29 0.37 59.98 -5.32
CA VAL N 29 1.48 59.07 -5.71
C VAL N 29 1.01 57.64 -5.98
N ARG N 30 0.11 57.14 -5.14
CA ARG N 30 -0.46 55.80 -5.32
C ARG N 30 -1.27 55.71 -6.62
N LYS N 31 -2.06 56.74 -6.91
CA LYS N 31 -2.89 56.81 -8.11
C LYS N 31 -2.07 56.85 -9.39
N SER N 32 -0.99 57.63 -9.40
CA SER N 32 -0.13 57.78 -10.58
C SER N 32 0.49 56.46 -11.07
N LEU N 33 0.83 55.56 -10.15
CA LEU N 33 1.48 54.28 -10.48
C LEU N 33 0.53 53.08 -10.62
N GLN N 34 -0.47 53.00 -9.75
CA GLN N 34 -1.36 51.83 -9.69
C GLN N 34 -2.26 51.78 -10.92
N GLY N 35 -2.35 50.61 -11.55
CA GLY N 35 -3.09 50.44 -12.80
C GLY N 35 -2.37 50.86 -14.08
N VAL N 36 -1.08 51.15 -14.00
CA VAL N 36 -0.25 51.47 -15.17
C VAL N 36 0.40 50.17 -15.67
N ALA N 37 0.52 50.04 -17.00
CA ALA N 37 1.09 48.84 -17.62
C ALA N 37 2.52 48.59 -17.13
N GLY N 38 2.78 47.35 -16.70
CA GLY N 38 4.09 46.95 -16.19
C GLY N 38 4.43 47.41 -14.78
N VAL N 39 3.41 47.58 -13.94
CA VAL N 39 3.59 47.89 -12.51
C VAL N 39 2.71 46.94 -11.69
N GLN N 40 3.31 45.95 -11.05
CA GLN N 40 2.54 44.96 -10.30
C GLN N 40 2.11 45.49 -8.95
N ASP N 41 3.07 45.87 -8.11
CA ASP N 41 2.81 46.28 -6.73
C ASP N 41 3.31 47.70 -6.48
N VAL N 42 2.61 48.41 -5.60
CA VAL N 42 3.03 49.70 -5.06
C VAL N 42 2.89 49.60 -3.53
N GLU N 43 3.74 50.30 -2.79
CA GLU N 43 3.77 50.18 -1.32
C GLU N 43 4.32 51.45 -0.65
N VAL N 44 3.43 52.43 -0.44
CA VAL N 44 3.80 53.75 0.09
C VAL N 44 3.87 53.73 1.61
N HIS N 45 4.78 54.54 2.17
CA HIS N 45 4.96 54.68 3.62
C HIS N 45 5.07 56.17 4.01
N GLU N 47 5.47 57.04 7.07
CA GLU N 47 6.41 57.62 8.02
C GLU N 47 7.81 57.78 7.44
N ASP N 48 8.22 56.86 6.57
CA ASP N 48 9.58 56.82 6.02
C ASP N 48 9.82 57.69 4.77
N GLN N 49 8.75 58.28 4.20
CA GLN N 49 8.83 59.00 2.93
C GLN N 49 9.44 58.12 1.82
N MET N 50 8.83 56.95 1.64
CA MET N 50 9.32 55.90 0.75
C MET N 50 8.20 55.38 -0.15
N VAL N 51 8.56 54.98 -1.37
CA VAL N 51 7.63 54.35 -2.32
C VAL N 51 8.34 53.18 -3.01
N LEU N 52 8.04 51.95 -2.57
CA LEU N 52 8.51 50.73 -3.25
C LEU N 52 7.61 50.46 -4.45
N VAL N 53 8.22 50.06 -5.57
CA VAL N 53 7.49 49.77 -6.79
C VAL N 53 8.07 48.51 -7.44
N HIS N 54 7.33 47.41 -7.39
CA HIS N 54 7.71 46.19 -8.09
C HIS N 54 7.22 46.37 -9.53
N THR N 55 8.15 46.32 -10.49
CA THR N 55 7.85 46.72 -11.88
C THR N 55 8.77 46.08 -12.92
N THR N 56 8.30 46.09 -14.17
CA THR N 56 9.12 45.76 -15.35
C THR N 56 9.46 47.00 -16.20
N LEU N 57 8.97 48.17 -15.81
CA LEU N 57 9.28 49.40 -16.55
C LEU N 57 10.67 49.89 -16.18
N PRO N 58 11.28 50.72 -17.05
CA PRO N 58 12.54 51.36 -16.66
C PRO N 58 12.35 52.33 -15.48
N SER N 59 13.36 52.40 -14.61
CA SER N 59 13.36 53.32 -13.46
C SER N 59 13.16 54.81 -13.82
N GLN N 60 13.61 55.21 -15.01
CA GLN N 60 13.45 56.59 -15.48
C GLN N 60 11.98 56.92 -15.84
N GLU N 61 11.27 55.93 -16.39
CA GLU N 61 9.83 56.09 -16.70
C GLU N 61 8.97 56.12 -15.43
N VAL N 62 9.31 55.29 -14.45
CA VAL N 62 8.61 55.26 -13.16
C VAL N 62 8.85 56.55 -12.37
N GLN N 63 10.07 57.10 -12.45
CA GLN N 63 10.40 58.38 -11.81
C GLN N 63 9.66 59.56 -12.44
N ALA N 64 9.50 59.54 -13.76
CA ALA N 64 8.72 60.56 -14.48
C ALA N 64 7.22 60.54 -14.11
N LEU N 65 6.69 59.36 -13.80
CA LEU N 65 5.31 59.23 -13.31
C LEU N 65 5.14 59.79 -11.89
N LEU N 66 6.12 59.55 -11.03
CA LEU N 66 6.10 60.11 -9.67
C LEU N 66 6.31 61.63 -9.68
N GLU N 67 7.33 62.08 -10.40
CA GLU N 67 7.64 63.52 -10.51
C GLU N 67 6.60 64.23 -11.37
N GLY N 68 6.28 65.47 -11.00
CA GLY N 68 5.23 66.26 -11.66
C GLY N 68 3.92 66.22 -10.90
N THR N 69 3.41 65.02 -10.66
CA THR N 69 2.12 64.82 -9.97
C THR N 69 2.19 65.16 -8.48
N GLY N 70 3.10 64.50 -7.76
CA GLY N 70 3.25 64.67 -6.32
C GLY N 70 4.69 64.83 -5.90
N ARG N 71 5.28 65.99 -6.23
CA ARG N 71 6.60 66.43 -5.73
C ARG N 71 7.79 65.60 -6.28
N GLN N 72 9.02 65.96 -5.89
CA GLN N 72 10.24 65.31 -6.42
C GLN N 72 10.41 63.87 -5.91
N ALA N 73 11.14 63.07 -6.69
CA ALA N 73 11.34 61.63 -6.42
C ALA N 73 12.74 61.19 -6.82
N VAL N 74 13.49 60.66 -5.84
CA VAL N 74 14.89 60.28 -6.01
C VAL N 74 15.03 58.77 -5.80
N LEU N 75 15.65 58.07 -6.76
CA LEU N 75 15.85 56.62 -6.66
C LEU N 75 16.95 56.29 -5.65
N LYS N 76 16.58 55.55 -4.60
CA LYS N 76 17.45 55.29 -3.45
C LYS N 76 17.87 53.84 -3.25
N GLY N 77 17.23 52.90 -3.94
CA GLY N 77 17.54 51.49 -3.78
C GLY N 77 16.98 50.67 -4.92
N MET N 78 17.60 49.52 -5.17
CA MET N 78 17.21 48.66 -6.28
C MET N 78 17.56 47.21 -5.99
N GLY N 79 16.55 46.34 -6.00
CA GLY N 79 16.74 44.91 -5.73
C GLY N 79 15.80 44.04 -6.53
N SER N 80 15.98 42.72 -6.41
CA SER N 80 15.12 41.73 -7.08
C SER N 80 13.83 41.56 -6.29
N GLY N 81 13.02 40.58 -6.69
CA GLY N 81 11.84 40.17 -5.90
C GLY N 81 12.28 39.62 -4.56
N GLN N 82 12.55 40.53 -3.62
CA GLN N 82 13.08 40.28 -2.25
C GLN N 82 14.37 39.42 -2.07
N LEU N 83 14.44 38.24 -2.70
CA LEU N 83 15.58 37.29 -2.60
C LEU N 83 16.98 37.94 -2.65
N GLN N 84 17.45 38.42 -1.49
CA GLN N 84 18.80 39.00 -1.31
C GLN N 84 19.04 40.31 -2.08
N ASN N 85 20.23 40.87 -1.90
CA ASN N 85 20.79 41.91 -2.77
C ASN N 85 22.10 41.35 -3.33
N LEU N 86 22.05 40.87 -4.58
CA LEU N 86 23.21 40.24 -5.25
C LEU N 86 24.13 41.24 -5.97
N GLY N 87 23.76 42.52 -6.02
CA GLY N 87 24.62 43.54 -6.60
C GLY N 87 23.84 44.53 -7.45
N ALA N 88 24.07 45.82 -7.19
CA ALA N 88 23.49 46.91 -7.97
C ALA N 88 24.58 47.89 -8.37
N ALA N 89 24.36 48.58 -9.49
CA ALA N 89 25.33 49.55 -9.99
C ALA N 89 24.70 50.52 -10.99
N VAL N 90 25.41 51.61 -11.24
CA VAL N 90 24.94 52.67 -12.13
C VAL N 90 26.10 53.27 -12.92
N ALA N 91 25.81 53.74 -14.13
CA ALA N 91 26.79 54.40 -14.98
C ALA N 91 26.18 55.66 -15.58
N ILE N 92 26.74 56.82 -15.21
CA ILE N 92 26.32 58.10 -15.77
C ILE N 92 27.16 58.39 -17.00
N LEU N 93 26.55 58.30 -18.18
CA LEU N 93 27.25 58.52 -19.45
C LEU N 93 27.36 60.01 -19.79
N GLY N 94 28.56 60.43 -20.16
CA GLY N 94 28.83 61.80 -20.59
C GLY N 94 30.13 61.89 -21.37
N GLY N 95 30.45 63.10 -21.83
CA GLY N 95 31.66 63.32 -22.62
C GLY N 95 31.76 64.74 -23.15
N PRO N 96 32.54 64.92 -24.25
CA PRO N 96 32.60 66.24 -24.89
C PRO N 96 31.30 66.64 -25.61
N GLY N 97 30.65 65.70 -26.28
CA GLY N 97 29.46 65.98 -27.08
C GLY N 97 28.18 66.19 -26.29
N THR N 98 27.05 65.99 -26.97
CA THR N 98 25.71 66.17 -26.39
C THR N 98 25.14 64.91 -25.69
N VAL N 99 25.84 63.79 -25.81
CA VAL N 99 25.30 62.49 -25.40
C VAL N 99 25.37 62.35 -23.88
N GLN N 100 24.21 62.15 -23.26
CA GLN N 100 24.10 62.02 -21.80
C GLN N 100 23.00 61.03 -21.43
N GLY N 101 23.32 60.16 -20.47
CA GLY N 101 22.35 59.15 -20.00
C GLY N 101 22.72 58.49 -18.69
N VAL N 102 21.82 57.64 -18.21
CA VAL N 102 21.99 56.88 -16.98
C VAL N 102 21.61 55.42 -17.27
N VAL N 103 22.50 54.49 -16.93
CA VAL N 103 22.28 53.06 -17.15
C VAL N 103 22.47 52.33 -15.84
N ARG N 104 21.47 51.55 -15.43
CA ARG N 104 21.48 50.86 -14.14
C ARG N 104 21.60 49.36 -14.33
N PHE N 105 22.45 48.76 -13.52
CA PHE N 105 22.70 47.32 -13.50
C PHE N 105 22.07 46.75 -12.23
N LEU N 106 21.51 45.55 -12.34
CA LEU N 106 20.91 44.88 -11.19
C LEU N 106 21.02 43.38 -11.34
N GLN N 107 21.73 42.75 -10.41
CA GLN N 107 21.90 41.31 -10.40
C GLN N 107 20.61 40.67 -9.87
N LEU N 108 19.81 40.10 -10.78
CA LEU N 108 18.51 39.50 -10.42
C LEU N 108 18.69 38.17 -9.71
N THR N 109 19.52 37.30 -10.28
CA THR N 109 19.94 36.02 -9.69
C THR N 109 21.45 35.90 -9.93
N PRO N 110 22.11 34.90 -9.32
CA PRO N 110 23.56 34.76 -9.52
C PRO N 110 24.03 34.70 -10.98
N GLU N 111 23.21 34.15 -11.87
CA GLU N 111 23.57 33.98 -13.28
C GLU N 111 22.76 34.86 -14.26
N ARG N 112 22.12 35.93 -13.76
CA ARG N 112 21.32 36.81 -14.62
C ARG N 112 21.29 38.26 -14.12
N CYS N 113 21.68 39.20 -14.98
CA CYS N 113 21.88 40.60 -14.64
C CYS N 113 21.00 41.50 -15.49
N LEU N 114 20.06 42.20 -14.87
CA LEU N 114 19.25 43.21 -15.55
C LEU N 114 20.09 44.44 -15.84
N ILE N 115 20.04 44.90 -17.09
CA ILE N 115 20.64 46.17 -17.50
C ILE N 115 19.51 47.02 -18.11
N GLU N 116 19.43 48.27 -17.69
CA GLU N 116 18.29 49.12 -18.02
C GLU N 116 18.69 50.60 -17.95
N GLY N 117 18.35 51.37 -18.99
CA GLY N 117 18.80 52.76 -19.07
C GLY N 117 18.17 53.61 -20.16
N THR N 118 18.47 54.91 -20.08
CA THR N 118 17.92 55.92 -20.99
C THR N 118 19.04 56.89 -21.39
N ILE N 119 19.28 57.03 -22.69
CA ILE N 119 20.36 57.89 -23.22
C ILE N 119 19.80 58.88 -24.25
N ASP N 120 20.11 60.17 -24.06
CA ASP N 120 19.64 61.26 -24.93
C ASP N 120 20.80 61.91 -25.68
N GLY N 121 20.45 62.67 -26.71
CA GLY N 121 21.43 63.42 -27.51
C GLY N 121 22.18 62.61 -28.55
N LEU N 122 21.63 61.45 -28.92
CA LEU N 122 22.20 60.60 -29.97
C LEU N 122 21.58 60.91 -31.32
N GLU N 123 22.30 60.60 -32.39
CA GLU N 123 21.71 60.59 -33.74
C GLU N 123 20.65 59.49 -33.80
N PRO N 124 19.61 59.66 -34.61
CA PRO N 124 18.70 58.53 -34.80
C PRO N 124 19.44 57.32 -35.37
N GLY N 125 19.14 56.13 -34.84
CA GLY N 125 19.69 54.88 -35.36
C GLY N 125 20.33 54.01 -34.30
N LEU N 126 21.01 52.97 -34.76
CA LEU N 126 21.63 51.97 -33.89
C LEU N 126 23.02 52.40 -33.43
N HIS N 127 23.25 52.33 -32.12
CA HIS N 127 24.54 52.67 -31.49
C HIS N 127 25.01 51.48 -30.65
N GLY N 128 26.27 51.09 -30.83
CA GLY N 128 26.87 50.02 -30.04
C GLY N 128 27.12 50.43 -28.61
N LEU N 129 26.77 49.53 -27.68
CA LEU N 129 26.94 49.74 -26.24
C LEU N 129 27.85 48.64 -25.71
N HIS N 130 28.91 49.02 -25.01
CA HIS N 130 29.87 48.06 -24.50
C HIS N 130 30.43 48.43 -23.14
N VAL N 131 30.67 47.42 -22.31
CA VAL N 131 31.45 47.57 -21.10
C VAL N 131 32.92 47.39 -21.49
N HIS N 132 33.74 48.44 -21.29
CA HIS N 132 35.19 48.37 -21.52
C HIS N 132 35.90 48.06 -20.20
N GLN N 133 37.17 47.65 -20.29
CA GLN N 133 37.84 47.04 -19.13
C GLN N 133 38.27 48.00 -18.03
N TYR N 134 38.68 49.22 -18.39
CA TYR N 134 39.13 50.21 -17.42
C TYR N 134 38.08 51.28 -17.15
N GLY N 135 38.16 51.88 -15.97
CA GLY N 135 37.34 53.05 -15.59
C GLY N 135 38.19 54.31 -15.53
N ASP N 136 39.01 54.49 -16.56
CA ASP N 136 39.96 55.58 -16.64
C ASP N 136 39.36 56.63 -17.57
N LEU N 137 38.81 57.69 -16.96
CA LEU N 137 38.18 58.78 -17.71
C LEU N 137 39.11 59.97 -17.91
N THR N 138 40.41 59.76 -17.72
CA THR N 138 41.36 60.86 -17.67
C THR N 138 41.50 61.51 -19.06
N ASN N 139 41.42 60.69 -20.11
CA ASN N 139 41.43 61.15 -21.50
C ASN N 139 40.07 60.89 -22.19
N ASN N 140 39.00 61.26 -21.48
CA ASN N 140 37.61 60.89 -21.82
C ASN N 140 37.49 59.38 -22.07
N CYS N 141 36.84 58.96 -23.16
CA CYS N 141 36.56 57.55 -23.40
C CYS N 141 37.73 56.78 -24.00
N ASN N 142 38.74 57.50 -24.50
CA ASN N 142 39.89 56.89 -25.17
C ASN N 142 40.93 56.26 -24.24
N SER N 143 40.83 56.54 -22.94
CA SER N 143 41.68 55.91 -21.92
C SER N 143 41.04 54.66 -21.28
N CYS N 144 39.78 54.36 -21.62
CA CYS N 144 39.04 53.21 -21.05
C CYS N 144 39.42 51.80 -21.54
N GLY N 145 40.39 51.69 -22.46
CA GLY N 145 40.85 50.39 -22.95
C GLY N 145 39.91 49.78 -24.00
N ASN N 146 39.98 48.46 -24.15
CA ASN N 146 39.14 47.76 -25.12
C ASN N 146 37.91 47.16 -24.44
N HIS N 147 37.05 46.54 -25.24
CA HIS N 147 35.90 45.80 -24.73
C HIS N 147 36.30 44.80 -23.64
N PHE N 148 35.57 44.79 -22.53
CA PHE N 148 35.81 43.85 -21.44
C PHE N 148 35.67 42.39 -21.91
N ASN N 149 36.79 41.67 -21.92
CA ASN N 149 36.90 40.34 -22.52
C ASN N 149 37.73 39.40 -21.65
N PRO N 150 37.24 39.08 -20.45
CA PRO N 150 37.99 38.22 -19.54
C PRO N 150 38.15 36.76 -19.99
N ASP N 151 37.26 36.27 -20.86
CA ASP N 151 37.38 34.91 -21.42
C ASP N 151 38.12 34.84 -22.76
N GLY N 152 38.72 35.95 -23.21
CA GLY N 152 39.43 35.97 -24.49
C GLY N 152 38.60 35.52 -25.68
N ALA N 153 37.32 35.87 -25.66
CA ALA N 153 36.40 35.54 -26.74
C ALA N 153 36.62 36.47 -27.93
N SER N 154 36.01 36.14 -29.06
CA SER N 154 35.93 37.04 -30.20
C SER N 154 34.77 38.01 -29.97
N HIS N 155 34.73 39.11 -30.71
CA HIS N 155 33.61 40.05 -30.60
C HIS N 155 32.33 39.46 -31.22
N GLY N 156 31.19 39.75 -30.59
CA GLY N 156 29.88 39.37 -31.10
C GLY N 156 28.76 40.21 -30.51
N GLY N 157 27.53 39.83 -30.83
CA GLY N 157 26.33 40.47 -30.28
C GLY N 157 25.76 39.64 -29.15
N PRO N 158 24.66 40.11 -28.52
CA PRO N 158 24.06 39.41 -27.38
C PRO N 158 23.49 38.01 -27.66
N GLN N 159 23.09 37.76 -28.91
CA GLN N 159 22.64 36.43 -29.34
C GLN N 159 23.77 35.41 -29.46
N ASP N 160 25.02 35.87 -29.50
CA ASP N 160 26.19 34.99 -29.59
C ASP N 160 26.68 34.63 -28.19
N SER N 161 26.94 33.34 -27.96
CA SER N 161 27.59 32.90 -26.72
C SER N 161 29.09 33.23 -26.74
N ASP N 162 29.73 33.04 -27.91
CA ASP N 162 31.11 33.51 -28.13
C ASP N 162 31.09 35.02 -28.43
N ARG N 163 31.05 35.79 -27.35
CA ARG N 163 31.14 37.25 -27.39
C ARG N 163 32.02 37.70 -26.26
N HIS N 164 32.49 38.95 -26.33
CA HIS N 164 33.13 39.57 -25.18
C HIS N 164 32.03 39.76 -24.13
N ARG N 165 32.37 39.65 -22.85
CA ARG N 165 31.39 39.84 -21.77
C ARG N 165 30.74 41.21 -21.82
N GLY N 166 31.52 42.21 -22.23
CA GLY N 166 31.03 43.56 -22.38
C GLY N 166 30.22 43.86 -23.63
N ASP N 167 29.97 42.88 -24.49
CA ASP N 167 29.16 43.12 -25.69
C ASP N 167 27.68 43.11 -25.37
N LEU N 168 27.10 44.31 -25.26
CA LEU N 168 25.66 44.47 -25.02
C LEU N 168 24.89 44.77 -26.31
N GLY N 169 25.58 44.69 -27.45
CA GLY N 169 24.93 44.85 -28.74
C GLY N 169 24.59 46.30 -29.06
N ASN N 170 23.51 46.47 -29.82
CA ASN N 170 23.05 47.79 -30.25
C ASN N 170 21.89 48.31 -29.42
N VAL N 171 21.73 49.63 -29.48
CA VAL N 171 20.68 50.35 -28.79
C VAL N 171 20.12 51.35 -29.79
N ARG N 172 18.80 51.36 -29.95
CA ARG N 172 18.14 52.19 -30.95
C ARG N 172 17.75 53.55 -30.40
N ALA N 173 18.22 54.60 -31.06
CA ALA N 173 17.83 55.97 -30.75
C ALA N 173 16.73 56.39 -31.73
N ASP N 174 15.67 57.00 -31.20
CA ASP N 174 14.53 57.49 -32.00
C ASP N 174 14.84 58.81 -32.74
N ALA N 175 13.85 59.41 -33.39
CA ALA N 175 13.99 60.70 -34.08
C ALA N 175 14.42 61.84 -33.16
N ASP N 176 13.96 61.80 -31.90
CA ASP N 176 14.32 62.81 -30.89
C ASP N 176 15.72 62.61 -30.29
N GLY N 177 16.31 61.43 -30.49
CA GLY N 177 17.66 61.11 -30.00
C GLY N 177 17.67 60.40 -28.65
N ARG N 178 16.50 59.95 -28.21
CA ARG N 178 16.36 59.17 -26.98
C ARG N 178 16.40 57.69 -27.32
N ALA N 179 17.10 56.93 -26.48
CA ALA N 179 17.22 55.49 -26.62
C ALA N 179 16.92 54.81 -25.29
N ILE N 180 15.73 54.24 -25.17
CA ILE N 180 15.30 53.51 -23.99
C ILE N 180 15.48 52.02 -24.28
N PHE N 181 16.09 51.30 -23.33
CA PHE N 181 16.34 49.86 -23.47
C PHE N 181 16.31 49.14 -22.12
N ARG N 182 15.95 47.86 -22.16
CA ARG N 182 15.90 47.01 -20.98
C ARG N 182 16.19 45.58 -21.41
N MET N 183 17.21 44.99 -20.81
CA MET N 183 17.76 43.73 -21.27
C MET N 183 18.40 42.95 -20.13
N GLU N 184 18.34 41.63 -20.22
CA GLU N 184 19.01 40.75 -19.27
C GLU N 184 20.20 40.13 -19.96
N ASP N 185 21.30 39.99 -19.22
CA ASP N 185 22.53 39.39 -19.72
C ASP N 185 22.94 38.29 -18.74
N GLU N 186 23.28 37.12 -19.27
CA GLU N 186 23.57 35.94 -18.44
C GLU N 186 25.06 35.67 -18.24
N GLN N 187 25.93 36.45 -18.90
CA GLN N 187 27.38 36.39 -18.69
C GLN N 187 27.96 37.60 -17.96
N LEU N 188 27.32 38.76 -18.10
CA LEU N 188 27.71 39.96 -17.35
C LEU N 188 27.23 39.81 -15.91
N LYS N 189 28.15 40.04 -14.97
CA LYS N 189 27.84 40.07 -13.55
C LYS N 189 28.28 41.41 -12.96
N VAL N 190 27.44 41.96 -12.08
CA VAL N 190 27.65 43.31 -11.52
C VAL N 190 28.99 43.40 -10.79
N TRP N 191 29.31 42.40 -9.98
CA TRP N 191 30.58 42.35 -9.22
C TRP N 191 31.83 42.35 -10.09
N ASP N 192 31.77 41.67 -11.24
CA ASP N 192 32.93 41.54 -12.09
C ASP N 192 33.20 42.81 -12.93
N VAL N 193 32.24 43.72 -13.01
CA VAL N 193 32.39 45.00 -13.76
C VAL N 193 32.32 46.30 -12.92
N ILE N 194 32.36 46.21 -11.59
CA ILE N 194 32.42 47.42 -10.75
C ILE N 194 33.74 48.13 -11.05
N GLY N 195 33.68 49.44 -11.21
CA GLY N 195 34.88 50.24 -11.47
C GLY N 195 35.39 50.23 -12.89
N ARG N 196 34.69 49.54 -13.79
CA ARG N 196 35.03 49.55 -15.21
C ARG N 196 34.10 50.57 -15.88
N SER N 197 34.19 50.71 -17.20
CA SER N 197 33.43 51.74 -17.91
C SER N 197 32.38 51.17 -18.86
N LEU N 198 31.26 51.88 -18.96
CA LEU N 198 30.23 51.64 -19.97
C LEU N 198 30.33 52.77 -20.98
N ILE N 199 30.36 52.43 -22.26
CA ILE N 199 30.59 53.40 -23.35
C ILE N 199 29.53 53.20 -24.44
N ILE N 200 29.09 54.31 -25.04
CA ILE N 200 28.19 54.24 -26.20
C ILE N 200 28.90 54.84 -27.43
N ASP N 201 28.77 54.15 -28.56
CA ASP N 201 29.58 54.42 -29.75
C ASP N 201 28.87 55.33 -30.77
N GLU N 202 29.65 55.80 -31.74
CA GLU N 202 29.18 56.67 -32.82
C GLU N 202 28.17 55.96 -33.71
N GLY N 203 28.53 54.79 -34.20
CA GLY N 203 27.73 54.04 -35.15
C GLY N 203 27.34 52.62 -34.76
N GLU N 204 26.91 51.86 -35.76
CA GLU N 204 26.35 50.53 -35.57
C GLU N 204 27.45 49.48 -35.35
N ASP N 205 27.38 48.80 -34.21
CA ASP N 205 28.07 47.52 -33.99
C ASP N 205 27.57 46.46 -34.98
N ASP N 206 28.47 45.92 -35.81
CA ASP N 206 28.12 44.86 -36.76
C ASP N 206 28.07 43.44 -36.17
N LEU N 207 28.27 43.31 -34.85
CA LEU N 207 28.08 42.06 -34.12
C LEU N 207 29.01 40.94 -34.61
N GLY N 208 30.21 41.31 -35.05
CA GLY N 208 31.16 40.35 -35.60
C GLY N 208 30.79 39.77 -36.95
N ARG N 209 29.90 40.44 -37.68
CA ARG N 209 29.40 39.94 -38.95
C ARG N 209 29.68 40.86 -40.14
N GLY N 210 30.48 41.91 -39.94
CA GLY N 210 30.68 42.93 -40.98
C GLY N 210 31.67 42.57 -42.07
N GLY N 211 32.47 41.52 -41.84
CA GLY N 211 33.53 41.13 -42.77
C GLY N 211 34.70 42.11 -42.82
N HIS N 212 34.84 42.91 -41.78
CA HIS N 212 35.80 44.03 -41.72
C HIS N 212 36.89 43.64 -40.72
N PRO N 213 38.13 44.12 -40.92
CA PRO N 213 39.19 43.85 -39.94
C PRO N 213 38.85 44.11 -38.46
N LEU N 214 38.00 45.10 -38.18
CA LEU N 214 37.56 45.38 -36.80
C LEU N 214 36.29 44.64 -36.36
N SER N 215 35.55 44.02 -37.28
CA SER N 215 34.30 43.28 -36.95
C SER N 215 34.46 42.32 -35.77
N LYS N 216 35.49 41.50 -35.83
CA LYS N 216 35.81 40.55 -34.73
C LYS N 216 36.61 41.15 -33.56
N ILE N 217 36.98 42.43 -33.66
CA ILE N 217 37.64 43.16 -32.56
C ILE N 217 36.66 44.10 -31.85
N THR N 218 36.09 45.05 -32.58
CA THR N 218 35.18 46.04 -31.99
C THR N 218 33.77 46.08 -32.59
N GLY N 219 33.51 45.28 -33.62
CA GLY N 219 32.27 45.41 -34.40
C GLY N 219 32.17 46.67 -35.26
N ASN N 220 33.30 47.35 -35.50
CA ASN N 220 33.38 48.52 -36.40
C ASN N 220 32.34 49.62 -36.15
N SER N 221 32.10 49.92 -34.87
CA SER N 221 31.07 50.88 -34.47
C SER N 221 31.54 52.35 -34.44
N GLY N 222 32.73 52.64 -34.96
CA GLY N 222 33.22 54.01 -35.06
C GLY N 222 33.68 54.58 -33.72
N GLU N 223 33.62 55.90 -33.60
CA GLU N 223 34.18 56.63 -32.44
C GLU N 223 33.35 56.39 -31.17
N ARG N 224 33.95 56.67 -30.02
CA ARG N 224 33.28 56.55 -28.72
C ARG N 224 32.67 57.90 -28.33
N LEU N 225 31.34 57.98 -28.24
CA LEU N 225 30.66 59.26 -27.99
C LEU N 225 30.59 59.66 -26.53
N ALA N 226 30.18 58.73 -25.67
CA ALA N 226 30.00 59.01 -24.24
C ALA N 226 30.38 57.81 -23.38
N CYS N 227 30.97 58.08 -22.22
CA CYS N 227 31.38 57.04 -21.29
C CYS N 227 31.08 57.42 -19.86
N GLY N 228 31.09 56.42 -19.00
CA GLY N 228 30.88 56.60 -17.57
C GLY N 228 31.32 55.35 -16.82
N ILE N 229 31.80 55.55 -15.59
CA ILE N 229 32.29 54.44 -14.77
C ILE N 229 31.09 53.70 -14.17
N ILE N 230 31.14 52.37 -14.22
CA ILE N 230 30.13 51.53 -13.57
C ILE N 230 30.41 51.60 -12.07
N ALA N 231 29.57 52.36 -11.38
CA ALA N 231 29.78 52.68 -9.97
C ALA N 231 28.81 51.88 -9.11
N ARG N 232 29.21 51.59 -7.87
CA ARG N 232 28.36 50.87 -6.90
C ARG N 232 27.16 51.72 -6.51
N SER N 233 25.97 51.13 -6.50
CA SER N 233 24.76 51.82 -6.04
C SER N 233 24.05 50.99 -4.98
N ALA N 234 23.10 51.60 -4.29
CA ALA N 234 22.44 50.98 -3.13
C ALA N 234 21.40 49.96 -3.51
N GLY N 235 21.38 48.85 -2.76
CA GLY N 235 20.27 47.90 -2.79
C GLY N 235 19.07 48.43 -2.01
N LEU N 236 18.10 47.55 -1.74
CA LEU N 236 16.92 47.94 -0.97
C LEU N 236 17.29 48.13 0.50
N PHE N 237 16.90 49.29 1.04
CA PHE N 237 17.09 49.64 2.47
C PHE N 237 18.56 49.74 2.90
N GLN N 238 19.44 50.07 1.96
CA GLN N 238 20.89 50.15 2.20
C GLN N 238 21.43 51.59 2.30
N ASN N 239 20.61 52.58 1.93
CA ASN N 239 20.98 53.99 2.01
C ASN N 239 20.01 54.74 2.94
N PRO N 240 20.48 55.19 4.12
CA PRO N 240 19.58 55.82 5.09
C PRO N 240 19.39 57.35 4.94
N LYS N 241 20.09 57.98 3.98
CA LYS N 241 20.04 59.46 3.80
C LYS N 241 18.64 60.03 3.47
N GLN N 242 18.52 61.36 3.54
CA GLN N 242 17.26 62.09 3.30
C GLN N 242 17.39 63.09 2.14
N ILE N 243 16.29 63.79 1.81
CA ILE N 243 16.27 64.81 0.74
C ILE N 243 15.77 66.16 1.27
N ALA O 1 20.37 -16.53 38.09
CA ALA O 1 20.66 -16.86 39.51
C ALA O 1 20.60 -15.62 40.40
N THR O 2 19.97 -15.75 41.57
CA THR O 2 19.86 -14.64 42.53
C THR O 2 21.15 -14.44 43.35
N LYS O 3 21.90 -15.52 43.61
CA LYS O 3 23.19 -15.44 44.32
C LYS O 3 24.32 -16.15 43.56
N ALA O 4 25.54 -15.78 43.90
CA ALA O 4 26.74 -16.45 43.40
C ALA O 4 27.91 -16.28 44.36
N VAL O 5 28.91 -17.14 44.23
CA VAL O 5 30.06 -17.12 45.14
C VAL O 5 31.34 -17.53 44.41
N CYS O 6 32.48 -17.02 44.89
CA CYS O 6 33.80 -17.31 44.29
C CYS O 6 34.86 -17.48 45.36
N VAL O 7 35.53 -18.63 45.34
CA VAL O 7 36.68 -18.90 46.20
C VAL O 7 37.95 -18.52 45.44
N LEU O 8 38.65 -17.49 45.92
CA LEU O 8 39.92 -17.09 45.33
C LEU O 8 41.09 -17.89 45.91
N LYS O 9 41.89 -18.48 45.03
CA LYS O 9 43.13 -19.19 45.39
C LYS O 9 44.24 -18.88 44.40
N GLY O 10 45.48 -19.02 44.85
CA GLY O 10 46.66 -18.83 44.00
C GLY O 10 47.88 -19.55 44.56
N ASP O 11 49.06 -19.14 44.13
CA ASP O 11 50.31 -19.77 44.59
C ASP O 11 50.55 -19.48 46.06
N GLY O 12 50.70 -18.20 46.39
CA GLY O 12 51.14 -17.77 47.70
C GLY O 12 50.03 -17.72 48.72
N PRO O 13 50.12 -16.79 49.69
CA PRO O 13 49.17 -16.77 50.80
C PRO O 13 47.83 -16.07 50.49
N VAL O 14 47.65 -15.55 49.28
CA VAL O 14 46.45 -14.79 48.96
C VAL O 14 45.29 -15.74 48.77
N GLN O 15 44.27 -15.60 49.61
CA GLN O 15 43.01 -16.34 49.47
C GLN O 15 41.84 -15.55 50.03
N GLY O 16 40.66 -15.79 49.47
CA GLY O 16 39.45 -15.11 49.90
C GLY O 16 38.19 -15.77 49.41
N ILE O 17 37.07 -15.31 49.93
CA ILE O 17 35.75 -15.74 49.45
C ILE O 17 34.97 -14.47 49.16
N ILE O 18 34.49 -14.34 47.92
CA ILE O 18 33.69 -13.20 47.48
C ILE O 18 32.30 -13.70 47.14
N ASN O 19 31.28 -13.04 47.70
CA ASN O 19 29.86 -13.32 47.44
C ASN O 19 29.25 -12.33 46.46
N PHE O 20 28.18 -12.74 45.80
CA PHE O 20 27.42 -11.88 44.91
C PHE O 20 25.94 -12.09 45.21
N GLU O 21 25.17 -11.01 45.21
CA GLU O 21 23.71 -11.09 45.39
C GLU O 21 23.01 -10.00 44.60
N GLN O 22 21.95 -10.39 43.89
CA GLN O 22 21.18 -9.51 43.01
C GLN O 22 19.70 -9.86 43.14
N LYS O 23 18.95 -9.06 43.88
CA LYS O 23 17.52 -9.31 44.12
C LYS O 23 16.65 -8.77 42.98
N GLU O 24 16.92 -7.53 42.56
CA GLU O 24 16.28 -6.95 41.37
C GLU O 24 16.80 -7.60 40.08
N SER O 25 15.90 -7.92 39.15
CA SER O 25 16.31 -8.35 37.81
C SER O 25 17.00 -7.19 37.11
N ASN O 26 18.27 -7.41 36.73
CA ASN O 26 19.12 -6.38 36.14
C ASN O 26 19.38 -5.17 37.06
N GLY O 27 19.25 -5.40 38.36
CA GLY O 27 19.49 -4.36 39.35
C GLY O 27 20.95 -4.37 39.76
N PRO O 28 21.28 -3.62 40.83
CA PRO O 28 22.62 -3.65 41.40
C PRO O 28 23.00 -5.05 41.89
N VAL O 29 24.28 -5.38 41.78
CA VAL O 29 24.83 -6.59 42.36
C VAL O 29 25.67 -6.18 43.57
N LYS O 30 25.38 -6.75 44.74
CA LYS O 30 26.21 -6.55 45.93
C LYS O 30 27.35 -7.54 45.87
N VAL O 31 28.59 -7.03 45.85
CA VAL O 31 29.79 -7.87 45.91
C VAL O 31 30.43 -7.67 47.28
N TRP O 32 30.41 -8.71 48.12
CA TRP O 32 30.98 -8.61 49.46
C TRP O 32 31.76 -9.86 49.82
N GLY O 33 32.75 -9.70 50.68
CA GLY O 33 33.56 -10.82 51.14
C GLY O 33 34.85 -10.37 51.76
N SER O 34 35.79 -11.30 51.93
CA SER O 34 37.11 -10.99 52.49
C SER O 34 38.21 -11.69 51.70
N ILE O 35 39.35 -11.01 51.55
CA ILE O 35 40.56 -11.57 50.94
C ILE O 35 41.71 -11.31 51.92
N LYS O 36 42.48 -12.35 52.24
CA LYS O 36 43.61 -12.23 53.18
C LYS O 36 44.95 -12.60 52.54
N GLY O 37 46.05 -12.31 53.24
CA GLY O 37 47.40 -12.57 52.73
C GLY O 37 47.94 -11.57 51.70
N LEU O 38 47.29 -10.40 51.60
CA LEU O 38 47.68 -9.34 50.67
C LEU O 38 48.70 -8.40 51.30
N THR O 39 49.40 -7.61 50.48
CA THR O 39 50.19 -6.49 51.00
C THR O 39 49.25 -5.35 51.31
N GLU O 40 49.66 -4.40 52.14
CA GLU O 40 48.81 -3.25 52.46
C GLU O 40 48.60 -2.40 51.21
N GLY O 41 47.41 -1.81 51.09
CA GLY O 41 47.09 -0.88 50.00
C GLY O 41 46.13 -1.44 48.98
N LEU O 42 46.12 -0.82 47.80
CA LEU O 42 45.15 -1.15 46.75
C LEU O 42 45.56 -2.37 45.93
N HIS O 43 44.57 -3.10 45.44
CA HIS O 43 44.77 -4.24 44.51
C HIS O 43 43.65 -4.33 43.50
N GLY O 44 44.02 -4.47 42.22
CA GLY O 44 43.06 -4.58 41.13
C GLY O 44 42.13 -5.77 41.28
N PHE O 45 40.89 -5.60 40.81
CA PHE O 45 39.81 -6.56 41.04
C PHE O 45 38.96 -6.65 39.77
N HIS O 46 39.14 -7.76 39.03
CA HIS O 46 38.56 -7.90 37.68
C HIS O 46 37.86 -9.23 37.41
N VAL O 47 36.79 -9.18 36.62
CA VAL O 47 36.18 -10.36 36.04
C VAL O 47 36.72 -10.51 34.60
N HIS O 48 37.17 -11.72 34.28
CA HIS O 48 37.64 -12.07 32.93
C HIS O 48 36.52 -12.67 32.08
N GLU O 49 36.74 -12.72 30.78
CA GLU O 49 35.72 -13.18 29.82
C GLU O 49 35.38 -14.68 29.99
N PHE O 50 36.39 -15.50 30.27
CA PHE O 50 36.20 -16.92 30.47
C PHE O 50 36.55 -17.34 31.90
N GLY O 51 35.98 -18.46 32.32
CA GLY O 51 36.31 -19.10 33.60
C GLY O 51 37.35 -20.21 33.52
N ASP O 52 37.83 -20.52 32.32
CA ASP O 52 38.84 -21.56 32.10
C ASP O 52 40.17 -21.17 32.74
N ASN O 53 40.59 -21.92 33.76
CA ASN O 53 41.88 -21.71 34.45
C ASN O 53 42.88 -22.85 34.25
N THR O 54 42.75 -23.58 33.14
CA THR O 54 43.64 -24.69 32.79
C THR O 54 45.04 -24.19 32.41
N ALA O 55 45.10 -23.10 31.66
CA ALA O 55 46.34 -22.46 31.26
C ALA O 55 46.47 -21.05 31.87
N GLY O 56 46.11 -20.94 33.15
CA GLY O 56 46.20 -19.67 33.88
C GLY O 56 45.47 -18.51 33.21
N ALA O 57 46.15 -17.38 33.10
CA ALA O 57 45.56 -16.16 32.53
C ALA O 57 45.29 -16.23 31.02
N THR O 58 46.02 -17.09 30.31
CA THR O 58 45.86 -17.23 28.85
C THR O 58 44.50 -17.80 28.48
N SER O 59 44.05 -18.81 29.22
CA SER O 59 42.77 -19.47 28.95
C SER O 59 41.57 -18.68 29.45
N ALA O 60 41.78 -17.80 30.43
CA ALA O 60 40.71 -16.94 30.97
C ALA O 60 40.30 -15.80 30.03
N GLY O 61 41.17 -15.47 29.07
CA GLY O 61 40.89 -14.42 28.10
C GLY O 61 41.21 -13.04 28.67
N PRO O 62 40.83 -11.97 27.95
CA PRO O 62 40.96 -10.62 28.48
C PRO O 62 39.86 -10.33 29.51
N HIS O 63 39.79 -9.07 29.95
CA HIS O 63 38.72 -8.63 30.85
C HIS O 63 37.36 -8.76 30.17
N PHE O 64 36.34 -9.09 30.96
CA PHE O 64 34.99 -9.33 30.43
C PHE O 64 34.44 -8.03 29.83
N ASN O 65 34.10 -8.09 28.55
CA ASN O 65 33.93 -6.89 27.74
C ASN O 65 32.98 -7.11 26.53
N PRO O 66 31.69 -7.36 26.81
CA PRO O 66 30.72 -7.58 25.75
C PRO O 66 30.45 -6.34 24.89
N LEU O 67 30.59 -5.14 25.46
CA LEU O 67 30.37 -3.89 24.72
C LEU O 67 31.67 -3.30 24.12
N SER O 68 32.71 -4.11 23.95
CA SER O 68 33.95 -3.72 23.23
C SER O 68 34.48 -2.31 23.58
N ARG O 69 34.60 -2.04 24.88
CA ARG O 69 35.13 -0.77 25.37
C ARG O 69 36.60 -0.88 25.77
N LYS O 70 37.17 0.25 26.19
CA LYS O 70 38.49 0.30 26.80
C LYS O 70 38.35 0.15 28.32
N HIS O 71 39.44 -0.23 28.97
CA HIS O 71 39.50 -0.37 30.44
C HIS O 71 39.22 0.98 31.11
N GLY O 72 38.45 0.95 32.20
CA GLY O 72 38.32 2.09 33.12
C GLY O 72 38.05 1.67 34.55
N GLY O 73 37.72 2.65 35.39
CA GLY O 73 37.24 2.38 36.74
C GLY O 73 35.75 2.05 36.71
N PRO O 74 35.22 1.45 37.80
CA PRO O 74 33.79 1.14 37.92
C PRO O 74 32.86 2.34 37.66
N LYS O 75 33.24 3.50 38.18
CA LYS O 75 32.44 4.72 38.08
C LYS O 75 32.36 5.31 36.67
N ASP O 76 33.32 4.97 35.82
CA ASP O 76 33.38 5.49 34.45
C ASP O 76 32.30 4.88 33.54
N GLU O 77 31.90 5.63 32.50
CA GLU O 77 31.05 5.12 31.43
C GLU O 77 31.89 4.22 30.53
N GLU O 78 33.07 4.71 30.15
CA GLU O 78 34.04 3.90 29.39
C GLU O 78 34.74 2.92 30.33
N ARG O 79 34.30 1.66 30.26
CA ARG O 79 34.88 0.58 31.06
C ARG O 79 34.51 -0.79 30.49
N HIS O 80 35.33 -1.79 30.81
CA HIS O 80 34.95 -3.17 30.58
C HIS O 80 33.90 -3.53 31.63
N VAL O 81 33.00 -4.45 31.30
CA VAL O 81 31.98 -4.89 32.24
C VAL O 81 32.66 -5.46 33.48
N GLY O 82 33.75 -6.20 33.28
CA GLY O 82 34.52 -6.78 34.39
C GLY O 82 35.39 -5.86 35.23
N ASP O 83 35.31 -4.54 35.04
CA ASP O 83 36.12 -3.58 35.81
C ASP O 83 35.51 -3.21 37.17
N LEU O 84 35.93 -3.90 38.24
CA LEU O 84 35.46 -3.62 39.61
C LEU O 84 36.48 -2.83 40.44
N GLY O 85 37.36 -2.08 39.76
CA GLY O 85 38.31 -1.20 40.43
C GLY O 85 39.30 -1.95 41.30
N ASN O 86 39.50 -1.44 42.52
CA ASN O 86 40.45 -2.00 43.46
C ASN O 86 39.77 -2.45 44.74
N VAL O 87 40.46 -3.32 45.48
CA VAL O 87 40.09 -3.62 46.86
C VAL O 87 41.25 -3.14 47.72
N THR O 88 40.95 -2.58 48.90
CA THR O 88 41.99 -2.05 49.80
C THR O 88 42.26 -3.06 50.92
N ALA O 89 43.52 -3.49 51.03
CA ALA O 89 43.94 -4.36 52.13
C ALA O 89 44.55 -3.52 53.26
N ASP O 90 44.26 -3.90 54.51
CA ASP O 90 44.79 -3.21 55.70
C ASP O 90 46.19 -3.71 56.07
N LYS O 91 46.79 -3.07 57.07
CA LYS O 91 48.12 -3.46 57.61
C LYS O 91 48.31 -4.95 57.98
N ASP O 92 47.22 -5.67 58.28
CA ASP O 92 47.29 -7.13 58.47
C ASP O 92 47.15 -7.94 57.18
N GLY O 93 46.94 -7.26 56.04
CA GLY O 93 46.82 -7.92 54.74
C GLY O 93 45.43 -8.42 54.40
N VAL O 94 44.41 -7.85 55.06
CA VAL O 94 43.02 -8.27 54.90
C VAL O 94 42.22 -7.15 54.22
N ALA O 95 41.60 -7.49 53.09
CA ALA O 95 40.74 -6.56 52.38
C ALA O 95 39.29 -7.02 52.52
N ASP O 96 38.55 -6.37 53.42
CA ASP O 96 37.11 -6.62 53.58
C ASP O 96 36.42 -5.90 52.43
N VAL O 97 35.96 -6.69 51.45
CA VAL O 97 35.39 -6.16 50.22
C VAL O 97 33.91 -5.84 50.41
N SER O 98 33.47 -4.73 49.83
CA SER O 98 32.07 -4.32 49.93
C SER O 98 31.77 -3.32 48.80
N ILE O 99 31.39 -3.87 47.65
CA ILE O 99 31.17 -3.12 46.42
C ILE O 99 29.71 -3.25 46.00
N GLU O 100 29.23 -2.24 45.28
CA GLU O 100 27.98 -2.32 44.54
C GLU O 100 28.26 -1.92 43.10
N ASP O 101 27.63 -2.64 42.17
CA ASP O 101 27.85 -2.38 40.75
C ASP O 101 26.61 -2.83 39.98
N SER O 102 26.18 -1.98 39.05
CA SER O 102 25.02 -2.24 38.20
C SER O 102 25.39 -2.52 36.75
N VAL O 103 26.66 -2.40 36.39
CA VAL O 103 27.13 -2.81 35.06
C VAL O 103 27.23 -4.34 35.00
N ILE O 104 27.90 -4.95 35.98
CA ILE O 104 27.89 -6.42 36.06
C ILE O 104 26.47 -6.91 36.35
N SER O 105 26.27 -8.22 36.25
CA SER O 105 24.97 -8.83 36.53
C SER O 105 25.11 -10.32 36.79
N LEU O 106 24.05 -10.94 37.31
CA LEU O 106 23.96 -12.40 37.43
C LEU O 106 22.97 -12.96 36.40
N SER O 107 22.59 -12.15 35.41
CA SER O 107 21.85 -12.64 34.24
C SER O 107 22.06 -11.70 33.05
N GLY O 108 21.71 -12.19 31.86
CA GLY O 108 21.80 -11.40 30.63
C GLY O 108 23.20 -11.39 30.02
N ASP O 109 23.35 -10.57 28.99
CA ASP O 109 24.63 -10.44 28.27
C ASP O 109 25.80 -10.03 29.15
N HIS O 110 25.50 -9.41 30.30
CA HIS O 110 26.51 -9.01 31.27
C HIS O 110 26.67 -10.00 32.46
N CYS O 111 26.12 -11.21 32.33
CA CYS O 111 26.18 -12.21 33.40
C CYS O 111 27.63 -12.62 33.65
N ILE O 112 28.07 -12.49 34.90
CA ILE O 112 29.46 -12.80 35.32
C ILE O 112 29.68 -14.22 35.86
N ILE O 113 28.60 -15.00 35.98
CA ILE O 113 28.69 -16.40 36.43
C ILE O 113 29.43 -17.23 35.38
N GLY O 114 30.23 -18.19 35.86
CA GLY O 114 31.06 -19.04 35.00
C GLY O 114 32.30 -18.36 34.47
N ARG O 115 32.71 -17.26 35.09
CA ARG O 115 33.88 -16.49 34.65
C ARG O 115 34.86 -16.32 35.79
N THR O 116 36.12 -16.03 35.46
CA THR O 116 37.18 -15.96 36.46
C THR O 116 37.25 -14.57 37.06
N LEU O 117 37.19 -14.53 38.39
CA LEU O 117 37.40 -13.32 39.20
C LEU O 117 38.85 -13.35 39.71
N VAL O 118 39.56 -12.22 39.57
CA VAL O 118 40.99 -12.15 39.87
C VAL O 118 41.30 -10.99 40.80
N VAL O 119 42.15 -11.24 41.81
CA VAL O 119 42.79 -10.16 42.58
C VAL O 119 44.28 -10.06 42.20
N HIS O 120 44.77 -8.82 42.05
CA HIS O 120 46.06 -8.53 41.42
C HIS O 120 47.15 -8.01 42.38
N GLU O 121 48.37 -7.93 41.87
CA GLU O 121 49.57 -7.55 42.63
C GLU O 121 49.61 -6.08 43.04
N LYS O 122 49.21 -5.19 42.13
CA LYS O 122 49.34 -3.74 42.31
C LYS O 122 47.98 -3.06 42.16
N ALA O 123 48.00 -1.74 42.29
CA ALA O 123 46.83 -0.91 42.04
C ALA O 123 46.48 -0.87 40.55
N ASP O 124 45.25 -1.25 40.23
CA ASP O 124 44.60 -0.91 38.96
C ASP O 124 44.55 0.62 38.79
N ASP O 125 45.19 1.13 37.75
CA ASP O 125 45.21 2.59 37.47
C ASP O 125 43.95 3.15 36.79
N LEU O 126 42.97 2.29 36.53
CA LEU O 126 41.62 2.68 36.12
C LEU O 126 41.58 3.36 34.74
N GLY O 127 42.48 2.94 33.85
CA GLY O 127 42.56 3.51 32.50
C GLY O 127 43.19 4.89 32.40
N LYS O 128 43.75 5.40 33.49
CA LYS O 128 44.38 6.71 33.53
C LYS O 128 45.90 6.60 33.67
N GLY O 129 46.46 5.47 33.21
CA GLY O 129 47.90 5.21 33.31
C GLY O 129 48.77 5.93 32.29
N GLY O 130 48.16 6.44 31.22
CA GLY O 130 48.88 7.16 30.19
C GLY O 130 49.74 6.27 29.30
N ASN O 131 49.22 5.09 28.95
CA ASN O 131 49.85 4.21 27.96
C ASN O 131 48.84 3.21 27.39
N GLU O 132 49.28 2.38 26.45
CA GLU O 132 48.38 1.40 25.81
C GLU O 132 47.89 0.30 26.75
N GLU O 133 48.77 -0.18 27.63
CA GLU O 133 48.42 -1.27 28.55
C GLU O 133 47.44 -0.83 29.63
N SER O 134 47.41 0.46 29.96
CA SER O 134 46.41 1.00 30.90
C SER O 134 44.97 0.85 30.39
N THR O 135 44.79 0.91 29.08
CA THR O 135 43.47 0.78 28.47
C THR O 135 43.04 -0.67 28.21
N LYS O 136 43.89 -1.64 28.56
CA LYS O 136 43.57 -3.07 28.47
C LYS O 136 43.47 -3.72 29.85
N THR O 137 44.56 -3.74 30.60
CA THR O 137 44.62 -4.37 31.93
C THR O 137 44.68 -3.40 33.14
N GLY O 138 44.88 -2.12 32.88
CA GLY O 138 45.08 -1.13 33.96
C GLY O 138 46.37 -1.25 34.73
N ASN O 139 47.37 -1.96 34.17
CA ASN O 139 48.68 -2.18 34.80
C ASN O 139 48.60 -2.63 36.27
N ALA O 140 47.72 -3.59 36.54
CA ALA O 140 47.51 -4.11 37.90
C ALA O 140 48.58 -5.11 38.34
N GLY O 141 49.48 -5.50 37.42
CA GLY O 141 50.59 -6.41 37.75
C GLY O 141 50.13 -7.84 37.67
N SER O 142 50.85 -8.71 38.38
CA SER O 142 50.60 -10.16 38.31
C SER O 142 49.34 -10.59 39.08
N ARG O 143 48.82 -11.74 38.67
CA ARG O 143 47.68 -12.36 39.33
C ARG O 143 48.15 -12.97 40.65
N LEU O 144 47.49 -12.61 41.76
CA LEU O 144 47.82 -13.19 43.07
C LEU O 144 46.93 -14.37 43.40
N ALA O 145 45.63 -14.21 43.17
CA ALA O 145 44.66 -15.28 43.37
C ALA O 145 43.53 -15.17 42.36
N ALA O 146 42.81 -16.29 42.19
CA ALA O 146 41.72 -16.35 41.24
C ALA O 146 40.74 -17.48 41.57
N GLY O 147 39.56 -17.40 40.95
CA GLY O 147 38.55 -18.44 41.06
C GLY O 147 37.42 -18.22 40.07
N VAL O 148 36.58 -19.24 39.89
CA VAL O 148 35.41 -19.15 39.03
C VAL O 148 34.19 -18.72 39.86
N ILE O 149 33.41 -17.80 39.31
CA ILE O 149 32.16 -17.37 39.94
C ILE O 149 31.07 -18.41 39.65
N GLY O 150 30.65 -19.14 40.67
CA GLY O 150 29.59 -20.16 40.53
C GLY O 150 28.28 -19.73 41.16
N ILE O 151 27.20 -20.45 40.84
CA ILE O 151 25.88 -20.19 41.39
C ILE O 151 25.87 -20.70 42.82
N ALA O 152 25.21 -19.97 43.72
CA ALA O 152 25.10 -20.34 45.12
C ALA O 152 23.64 -20.44 45.50
N GLN O 153 23.36 -21.15 46.59
CA GLN O 153 21.99 -21.32 47.08
C GLN O 153 21.45 -20.00 47.62
N GLN P 8 35.09 -43.20 17.20
CA GLN P 8 33.84 -43.90 17.63
C GLN P 8 32.63 -42.95 17.65
N GLY P 9 32.80 -41.77 18.24
CA GLY P 9 31.73 -40.78 18.42
C GLY P 9 31.74 -39.65 17.39
N THR P 10 31.23 -38.49 17.80
CA THR P 10 31.14 -37.31 16.93
C THR P 10 32.49 -36.59 16.86
N LEU P 11 32.72 -35.90 15.74
CA LEU P 11 33.91 -35.08 15.53
C LEU P 11 33.86 -33.81 16.39
N ALA P 12 35.04 -33.32 16.74
CA ALA P 12 35.21 -32.07 17.46
C ALA P 12 36.47 -31.35 16.97
N THR P 13 36.35 -30.05 16.70
CA THR P 13 37.50 -29.23 16.27
C THR P 13 38.22 -28.69 17.51
N LEU P 14 39.48 -29.06 17.69
CA LEU P 14 40.30 -28.58 18.80
C LEU P 14 41.31 -27.53 18.31
N GLU P 15 41.26 -26.33 18.89
CA GLU P 15 42.19 -25.25 18.54
C GLU P 15 43.30 -25.10 19.59
N PHE P 16 44.50 -25.57 19.25
CA PHE P 16 45.68 -25.45 20.10
C PHE P 16 46.57 -24.26 19.67
N ALA P 17 47.14 -23.58 20.65
CA ALA P 17 48.22 -22.61 20.40
C ALA P 17 49.53 -23.35 20.66
N VAL P 18 50.29 -23.59 19.59
CA VAL P 18 51.59 -24.28 19.68
C VAL P 18 52.67 -23.32 19.18
N GLN P 19 53.70 -23.10 20.01
CA GLN P 19 54.83 -22.26 19.62
C GLN P 19 55.74 -23.03 18.66
N MET P 20 56.07 -22.39 17.54
CA MET P 20 56.89 -23.00 16.50
C MET P 20 57.29 -21.97 15.45
N THR P 21 58.51 -21.44 15.58
CA THR P 21 59.02 -20.40 14.69
C THR P 21 59.51 -20.97 13.35
N ALA P 22 60.25 -22.07 13.41
CA ALA P 22 60.86 -22.68 12.21
C ALA P 22 59.88 -23.48 11.36
N GLN P 23 60.27 -23.73 10.12
CA GLN P 23 59.55 -24.61 9.19
C GLN P 23 59.77 -26.08 9.54
N SER P 24 60.91 -26.39 10.16
CA SER P 24 61.19 -27.74 10.68
C SER P 24 60.31 -28.12 11.88
N ALA P 25 59.85 -27.13 12.63
CA ALA P 25 58.87 -27.34 13.70
C ALA P 25 57.49 -27.74 13.16
N VAL P 26 57.07 -27.10 12.06
CA VAL P 26 55.77 -27.38 11.41
C VAL P 26 55.66 -28.83 10.93
N ASP P 27 56.78 -29.38 10.45
CA ASP P 27 56.83 -30.76 9.96
C ASP P 27 56.77 -31.79 11.10
N ALA P 28 57.27 -31.45 12.28
CA ALA P 28 57.23 -32.34 13.46
C ALA P 28 55.83 -32.48 14.05
N VAL P 29 55.14 -31.34 14.25
CA VAL P 29 53.74 -31.34 14.74
C VAL P 29 52.78 -32.05 13.79
N ARG P 30 52.87 -31.74 12.50
CA ARG P 30 52.02 -32.37 11.49
C ARG P 30 52.25 -33.89 11.42
N LYS P 31 53.48 -34.33 11.64
CA LYS P 31 53.83 -35.76 11.65
C LYS P 31 53.27 -36.51 12.87
N SER P 32 53.28 -35.86 14.03
CA SER P 32 52.81 -36.49 15.28
C SER P 32 51.29 -36.74 15.34
N LEU P 33 50.52 -36.02 14.52
CA LEU P 33 49.05 -36.18 14.45
C LEU P 33 48.53 -36.92 13.20
N GLN P 34 49.14 -36.66 12.04
CA GLN P 34 48.63 -37.19 10.77
C GLN P 34 48.94 -38.68 10.59
N GLY P 35 47.89 -39.48 10.38
CA GLY P 35 47.98 -40.94 10.32
C GLY P 35 47.70 -41.66 11.65
N VAL P 36 47.24 -40.92 12.66
CA VAL P 36 46.93 -41.48 13.99
C VAL P 36 45.46 -41.90 14.03
N ALA P 37 45.16 -42.91 14.85
CA ALA P 37 43.80 -43.43 15.01
C ALA P 37 42.83 -42.39 15.58
N GLY P 38 41.89 -41.95 14.73
CA GLY P 38 40.84 -41.00 15.14
C GLY P 38 41.22 -39.54 15.02
N VAL P 39 41.92 -39.19 13.94
CA VAL P 39 42.26 -37.80 13.62
C VAL P 39 42.09 -37.58 12.12
N GLN P 40 40.99 -36.94 11.71
CA GLN P 40 40.67 -36.78 10.29
C GLN P 40 41.55 -35.72 9.63
N ASP P 41 41.46 -34.50 10.15
CA ASP P 41 42.15 -33.35 9.58
C ASP P 41 43.17 -32.79 10.56
N VAL P 42 44.24 -32.21 10.01
CA VAL P 42 45.14 -31.34 10.76
C VAL P 42 45.33 -30.10 9.87
N GLU P 43 45.51 -28.95 10.50
CA GLU P 43 45.52 -27.69 9.76
C GLU P 43 46.38 -26.64 10.50
N VAL P 44 47.68 -26.69 10.23
CA VAL P 44 48.67 -25.82 10.90
C VAL P 44 48.74 -24.46 10.20
N HIS P 45 48.93 -23.39 10.98
CA HIS P 45 49.14 -22.04 10.47
C HIS P 45 50.33 -21.41 11.18
N LEU P 46 51.43 -21.21 10.45
CA LEU P 46 52.68 -20.68 11.02
C LEU P 46 52.58 -19.22 11.48
N GLU P 47 51.73 -18.45 10.83
CA GLU P 47 51.50 -17.04 11.17
C GLU P 47 50.87 -16.90 12.55
N ASP P 48 49.75 -17.61 12.76
CA ASP P 48 48.95 -17.50 13.98
C ASP P 48 49.36 -18.44 15.11
N GLN P 49 50.40 -19.26 14.88
CA GLN P 49 50.89 -20.25 15.86
C GLN P 49 49.78 -21.19 16.33
N MET P 50 48.93 -21.58 15.40
CA MET P 50 47.70 -22.32 15.66
C MET P 50 47.77 -23.70 15.04
N VAL P 51 47.11 -24.67 15.69
CA VAL P 51 46.93 -26.03 15.15
C VAL P 51 45.47 -26.47 15.39
N LEU P 52 44.68 -26.48 14.32
CA LEU P 52 43.32 -27.05 14.35
C LEU P 52 43.40 -28.57 14.12
N VAL P 53 42.62 -29.32 14.89
CA VAL P 53 42.62 -30.79 14.83
C VAL P 53 41.18 -31.29 14.92
N HIS P 54 40.63 -31.76 13.79
CA HIS P 54 39.31 -32.41 13.76
C HIS P 54 39.53 -33.84 14.22
N THR P 55 38.88 -34.24 15.32
CA THR P 55 39.17 -35.53 15.96
C THR P 55 38.01 -36.08 16.81
N THR P 56 38.08 -37.38 17.08
CA THR P 56 37.22 -38.06 18.03
C THR P 56 37.96 -38.47 19.31
N LEU P 57 39.25 -38.12 19.42
CA LEU P 57 40.05 -38.42 20.62
C LEU P 57 39.77 -37.40 21.73
N PRO P 58 40.13 -37.74 22.98
CA PRO P 58 40.14 -36.72 24.05
C PRO P 58 41.19 -35.62 23.78
N SER P 59 40.84 -34.39 24.13
CA SER P 59 41.73 -33.23 23.98
C SER P 59 43.01 -33.31 24.82
N GLN P 60 42.95 -34.04 25.94
CA GLN P 60 44.15 -34.29 26.76
C GLN P 60 45.14 -35.23 26.04
N GLU P 61 44.63 -36.20 25.30
CA GLU P 61 45.44 -37.15 24.51
C GLU P 61 46.08 -36.51 23.28
N VAL P 62 45.36 -35.60 22.62
CA VAL P 62 45.90 -34.85 21.47
C VAL P 62 46.95 -33.83 21.93
N GLN P 63 46.81 -33.30 23.16
CA GLN P 63 47.82 -32.40 23.75
C GLN P 63 49.12 -33.15 24.09
N ALA P 64 48.99 -34.39 24.56
CA ALA P 64 50.16 -35.25 24.85
C ALA P 64 51.01 -35.55 23.59
N LEU P 65 50.34 -35.77 22.46
CA LEU P 65 51.03 -35.98 21.18
C LEU P 65 51.79 -34.74 20.69
N LEU P 66 51.19 -33.56 20.86
CA LEU P 66 51.83 -32.28 20.47
C LEU P 66 53.01 -31.94 21.39
N GLU P 67 52.80 -32.07 22.70
CA GLU P 67 53.89 -31.86 23.69
C GLU P 67 54.99 -32.93 23.63
N GLY P 68 54.68 -34.10 23.09
CA GLY P 68 55.65 -35.18 22.90
C GLY P 68 56.83 -34.88 21.97
N THR P 69 56.63 -33.97 21.01
CA THR P 69 57.68 -33.56 20.07
C THR P 69 58.13 -32.11 20.35
N GLY P 70 58.63 -31.89 21.56
CA GLY P 70 59.34 -30.65 21.92
C GLY P 70 58.48 -29.55 22.51
N ARG P 71 57.85 -28.76 21.64
CA ARG P 71 57.15 -27.53 22.02
C ARG P 71 55.94 -27.75 22.94
N GLN P 72 55.61 -26.76 23.76
CA GLN P 72 54.42 -26.81 24.62
C GLN P 72 53.14 -26.53 23.80
N ALA P 73 52.02 -27.11 24.25
CA ALA P 73 50.73 -27.03 23.54
C ALA P 73 49.60 -26.70 24.52
N VAL P 74 48.96 -25.55 24.31
CA VAL P 74 47.86 -25.06 25.14
C VAL P 74 46.58 -25.05 24.29
N LEU P 75 45.50 -25.63 24.82
CA LEU P 75 44.21 -25.65 24.12
C LEU P 75 43.50 -24.31 24.30
N LYS P 76 43.27 -23.61 23.19
CA LYS P 76 42.68 -22.26 23.21
C LYS P 76 41.23 -22.17 22.74
N GLY P 77 40.73 -23.19 22.04
CA GLY P 77 39.37 -23.17 21.52
C GLY P 77 38.78 -24.55 21.32
N MET P 78 37.45 -24.60 21.13
CA MET P 78 36.74 -25.85 20.90
C MET P 78 35.41 -25.61 20.19
N GLY P 79 35.10 -26.44 19.18
CA GLY P 79 33.87 -26.29 18.38
C GLY P 79 33.49 -27.51 17.57
N SER P 80 32.36 -27.41 16.86
CA SER P 80 31.90 -28.46 15.97
C SER P 80 32.65 -28.39 14.64
N LEU P 83 30.32 -25.60 12.53
CA LEU P 83 28.90 -25.52 12.86
C LEU P 83 28.57 -24.36 13.83
N GLN P 84 29.56 -23.53 14.16
CA GLN P 84 29.45 -22.38 15.11
C GLN P 84 29.38 -22.80 16.58
N ASN P 85 29.59 -21.81 17.46
CA ASN P 85 29.69 -22.05 18.90
C ASN P 85 28.33 -21.95 19.63
N LEU P 86 27.77 -23.13 19.95
CA LEU P 86 26.55 -23.24 20.76
C LEU P 86 26.84 -23.31 22.27
N GLY P 87 28.11 -23.28 22.67
CA GLY P 87 28.49 -23.29 24.09
C GLY P 87 29.63 -24.26 24.35
N ALA P 88 30.64 -23.80 25.08
CA ALA P 88 31.79 -24.65 25.49
C ALA P 88 32.18 -24.31 26.91
N ALA P 89 32.50 -25.34 27.70
CA ALA P 89 32.88 -25.17 29.11
C ALA P 89 33.96 -26.14 29.57
N VAL P 90 34.48 -25.89 30.77
CA VAL P 90 35.51 -26.73 31.40
C VAL P 90 35.33 -26.78 32.93
N ALA P 91 35.60 -27.94 33.50
CA ALA P 91 35.60 -28.14 34.95
C ALA P 91 36.95 -28.72 35.36
N ILE P 92 37.71 -27.97 36.15
CA ILE P 92 38.95 -28.46 36.75
C ILE P 92 38.57 -29.08 38.10
N LEU P 93 38.74 -30.39 38.23
CA LEU P 93 38.36 -31.11 39.45
C LEU P 93 39.50 -31.09 40.45
N GLY P 94 39.18 -30.76 41.71
CA GLY P 94 40.13 -30.78 42.83
C GLY P 94 39.39 -30.89 44.16
N GLY P 95 40.14 -30.78 45.25
CA GLY P 95 39.56 -30.86 46.60
C GLY P 95 40.58 -31.13 47.68
N PRO P 96 40.20 -31.92 48.71
CA PRO P 96 41.16 -32.27 49.78
C PRO P 96 42.16 -33.37 49.39
N GLY P 97 41.71 -34.42 48.71
CA GLY P 97 42.51 -35.62 48.46
C GLY P 97 43.47 -35.57 47.27
N THR P 98 43.75 -36.75 46.73
CA THR P 98 44.72 -36.93 45.63
C THR P 98 44.10 -36.87 44.24
N VAL P 99 42.78 -36.74 44.15
CA VAL P 99 42.06 -36.77 42.87
C VAL P 99 42.21 -35.41 42.17
N GLN P 100 42.52 -35.44 40.88
CA GLN P 100 42.46 -34.23 40.05
C GLN P 100 42.35 -34.55 38.56
N GLY P 101 41.68 -33.66 37.84
CA GLY P 101 41.43 -33.85 36.41
C GLY P 101 40.73 -32.68 35.74
N VAL P 102 40.66 -32.75 34.41
CA VAL P 102 40.01 -31.74 33.59
C VAL P 102 38.94 -32.45 32.73
N VAL P 103 37.70 -31.94 32.79
CA VAL P 103 36.57 -32.44 31.99
C VAL P 103 36.01 -31.26 31.18
N ARG P 104 35.93 -31.43 29.86
CA ARG P 104 35.44 -30.39 28.96
C ARG P 104 34.04 -30.70 28.48
N PHE P 105 33.29 -29.64 28.20
CA PHE P 105 31.92 -29.73 27.72
C PHE P 105 31.83 -28.99 26.39
N LEU P 106 31.20 -29.61 25.40
CA LEU P 106 30.99 -28.98 24.09
C LEU P 106 29.58 -29.26 23.57
N GLN P 107 28.83 -28.19 23.32
CA GLN P 107 27.50 -28.30 22.73
C GLN P 107 27.65 -28.48 21.21
N LEU P 108 27.49 -29.73 20.75
CA LEU P 108 27.67 -30.08 19.34
C LEU P 108 26.49 -29.61 18.49
N THR P 109 25.28 -29.86 19.00
CA THR P 109 24.03 -29.39 18.39
C THR P 109 23.12 -28.90 19.52
N PRO P 110 22.00 -28.22 19.19
CA PRO P 110 21.10 -27.75 20.26
C PRO P 110 20.60 -28.83 21.22
N GLU P 111 20.48 -30.07 20.75
CA GLU P 111 19.94 -31.18 21.56
C GLU P 111 20.99 -32.24 21.95
N ARG P 112 22.29 -31.96 21.78
CA ARG P 112 23.35 -32.95 22.05
C ARG P 112 24.63 -32.31 22.57
N CYS P 113 25.15 -32.85 23.68
CA CYS P 113 26.31 -32.28 24.37
C CYS P 113 27.43 -33.29 24.57
N LEU P 114 28.61 -32.99 24.04
CA LEU P 114 29.82 -33.81 24.24
C LEU P 114 30.44 -33.52 25.60
N ILE P 115 30.69 -34.59 26.37
CA ILE P 115 31.40 -34.50 27.65
C ILE P 115 32.62 -35.42 27.56
N GLU P 116 33.78 -34.90 27.97
CA GLU P 116 35.05 -35.55 27.68
C GLU P 116 36.13 -35.06 28.64
N GLY P 117 36.87 -36.00 29.24
CA GLY P 117 37.85 -35.65 30.27
C GLY P 117 38.79 -36.76 30.69
N THR P 118 39.77 -36.38 31.51
CA THR P 118 40.77 -37.28 32.07
C THR P 118 40.94 -36.94 33.55
N ILE P 119 40.73 -37.93 34.43
CA ILE P 119 40.78 -37.74 35.89
C ILE P 119 41.77 -38.74 36.47
N ASP P 120 42.69 -38.25 37.30
CA ASP P 120 43.75 -39.06 37.92
C ASP P 120 43.58 -39.13 39.43
N GLY P 121 44.35 -40.01 40.06
CA GLY P 121 44.38 -40.13 41.52
C GLY P 121 43.19 -40.84 42.14
N LEU P 122 42.48 -41.63 41.34
CA LEU P 122 41.32 -42.40 41.81
C LEU P 122 41.76 -43.79 42.23
N GLU P 123 40.96 -44.44 43.07
CA GLU P 123 41.09 -45.89 43.27
C GLU P 123 40.77 -46.56 41.94
N PRO P 124 41.31 -47.75 41.68
CA PRO P 124 40.81 -48.46 40.49
C PRO P 124 39.35 -48.86 40.68
N GLY P 125 38.55 -48.78 39.61
CA GLY P 125 37.14 -49.18 39.64
C GLY P 125 36.19 -48.11 39.12
N LEU P 126 34.91 -48.29 39.41
CA LEU P 126 33.85 -47.41 38.92
C LEU P 126 33.55 -46.27 39.88
N HIS P 127 33.47 -45.05 39.37
CA HIS P 127 33.18 -43.87 40.18
C HIS P 127 32.02 -43.08 39.56
N GLY P 128 31.06 -42.69 40.39
CA GLY P 128 29.94 -41.86 39.94
C GLY P 128 30.41 -40.48 39.54
N LEU P 129 29.90 -40.00 38.40
CA LEU P 129 30.21 -38.67 37.88
C LEU P 129 28.91 -37.91 37.72
N HIS P 130 28.81 -36.72 38.31
CA HIS P 130 27.55 -35.99 38.40
C HIS P 130 27.70 -34.48 38.35
N VAL P 131 26.73 -33.82 37.73
CA VAL P 131 26.59 -32.38 37.77
C VAL P 131 25.64 -32.07 38.92
N HIS P 132 26.18 -31.47 39.98
CA HIS P 132 25.39 -30.96 41.10
C HIS P 132 25.00 -29.53 40.79
N GLN P 133 23.98 -29.01 41.48
CA GLN P 133 23.32 -27.76 41.09
C GLN P 133 24.07 -26.46 41.38
N TYR P 134 24.84 -26.42 42.46
CA TYR P 134 25.60 -25.20 42.84
C TYR P 134 27.09 -25.33 42.53
N GLY P 135 27.69 -24.19 42.16
CA GLY P 135 29.14 -24.05 42.02
C GLY P 135 29.70 -23.32 43.23
N ASP P 136 29.42 -23.89 44.41
CA ASP P 136 29.83 -23.33 45.70
C ASP P 136 30.94 -24.23 46.26
N LEU P 137 32.17 -23.72 46.31
CA LEU P 137 33.31 -24.49 46.85
C LEU P 137 33.77 -24.03 48.23
N THR P 138 32.93 -23.28 48.95
CA THR P 138 33.31 -22.74 50.27
C THR P 138 33.57 -23.83 51.31
N ASN P 139 32.92 -24.99 51.14
CA ASN P 139 33.17 -26.17 51.96
C ASN P 139 33.52 -27.36 51.06
N ASN P 140 34.44 -27.13 50.13
CA ASN P 140 34.80 -28.11 49.10
C ASN P 140 33.54 -28.61 48.37
N CYS P 141 33.37 -29.94 48.24
CA CYS P 141 32.23 -30.49 47.49
C CYS P 141 30.94 -30.56 48.28
N ASN P 142 31.00 -30.39 49.61
CA ASN P 142 29.81 -30.48 50.46
C ASN P 142 28.84 -29.31 50.34
N SER P 143 29.31 -28.17 49.83
CA SER P 143 28.47 -26.99 49.64
C SER P 143 27.83 -26.89 48.26
N CYS P 144 28.12 -27.85 47.37
CA CYS P 144 27.62 -27.85 45.98
C CYS P 144 26.14 -28.29 45.79
N GLY P 145 25.42 -28.59 46.87
CA GLY P 145 24.02 -29.03 46.76
C GLY P 145 23.88 -30.43 46.17
N ASN P 146 22.65 -30.79 45.80
CA ASN P 146 22.36 -32.12 45.26
C ASN P 146 22.50 -32.18 43.73
N HIS P 147 22.40 -33.38 43.19
CA HIS P 147 22.43 -33.61 41.74
C HIS P 147 21.49 -32.65 41.04
N PHE P 148 21.93 -32.11 39.90
CA PHE P 148 21.17 -31.13 39.14
C PHE P 148 19.93 -31.79 38.55
N ASN P 149 18.76 -31.33 38.99
CA ASN P 149 17.49 -31.99 38.68
C ASN P 149 16.34 -30.99 38.45
N PRO P 150 16.44 -30.20 37.37
CA PRO P 150 15.39 -29.22 37.07
C PRO P 150 14.04 -29.83 36.67
N ASP P 151 14.03 -31.08 36.23
CA ASP P 151 12.79 -31.75 35.82
C ASP P 151 12.11 -32.55 36.93
N GLY P 152 12.68 -32.51 38.14
CA GLY P 152 12.10 -33.22 39.27
C GLY P 152 12.02 -34.73 39.07
N ALA P 153 12.98 -35.27 38.33
CA ALA P 153 13.05 -36.69 38.05
C ALA P 153 13.63 -37.45 39.24
N SER P 154 13.58 -38.77 39.14
CA SER P 154 14.23 -39.66 40.10
C SER P 154 15.66 -39.91 39.60
N HIS P 155 16.51 -40.50 40.44
CA HIS P 155 17.89 -40.82 40.03
C HIS P 155 17.92 -42.03 39.11
N GLY P 156 18.79 -41.98 38.09
CA GLY P 156 19.04 -43.09 37.18
C GLY P 156 20.39 -43.01 36.53
N GLY P 157 20.64 -43.91 35.58
CA GLY P 157 21.85 -43.91 34.77
C GLY P 157 21.61 -43.16 33.46
N PRO P 158 22.66 -43.01 32.62
CA PRO P 158 22.55 -42.36 31.30
C PRO P 158 21.54 -43.00 30.34
N GLN P 159 21.47 -44.32 30.36
CA GLN P 159 20.50 -45.08 29.55
C GLN P 159 19.03 -44.83 29.93
N ASP P 160 18.76 -44.43 31.18
CA ASP P 160 17.41 -44.12 31.65
C ASP P 160 17.02 -42.71 31.26
N SER P 161 15.87 -42.55 30.61
CA SER P 161 15.34 -41.23 30.30
C SER P 161 14.85 -40.53 31.57
N ASP P 162 14.27 -41.32 32.49
CA ASP P 162 13.94 -40.86 33.84
C ASP P 162 15.19 -40.84 34.73
N ARG P 163 15.95 -39.76 34.60
CA ARG P 163 17.14 -39.52 35.41
C ARG P 163 17.23 -38.03 35.74
N HIS P 164 18.09 -37.69 36.68
CA HIS P 164 18.45 -36.29 36.92
C HIS P 164 19.29 -35.83 35.72
N ARG P 165 19.12 -34.57 35.33
CA ARG P 165 19.90 -34.00 34.22
C ARG P 165 21.40 -34.13 34.44
N GLY P 166 21.83 -34.04 35.69
CA GLY P 166 23.24 -34.21 36.04
C GLY P 166 23.81 -35.62 36.03
N ASP P 167 22.96 -36.65 35.94
CA ASP P 167 23.42 -38.05 36.00
C ASP P 167 24.20 -38.47 34.75
N LEU P 168 25.52 -38.52 34.88
CA LEU P 168 26.41 -39.00 33.82
C LEU P 168 26.83 -40.45 34.04
N GLY P 169 26.33 -41.08 35.11
CA GLY P 169 26.59 -42.48 35.39
C GLY P 169 27.96 -42.72 35.96
N ASN P 170 28.59 -43.81 35.53
CA ASN P 170 29.90 -44.20 36.03
C ASN P 170 31.03 -43.88 35.06
N VAL P 171 32.24 -43.87 35.63
CA VAL P 171 33.48 -43.66 34.90
C VAL P 171 34.48 -44.65 35.51
N ARG P 172 35.20 -45.35 34.64
CA ARG P 172 36.11 -46.43 35.04
C ARG P 172 37.54 -45.92 35.18
N ALA P 173 38.14 -46.18 36.35
CA ALA P 173 39.54 -45.86 36.61
C ALA P 173 40.39 -47.13 36.53
N ASP P 174 41.43 -47.09 35.69
CA ASP P 174 42.33 -48.24 35.48
C ASP P 174 43.21 -48.53 36.72
N ALA P 175 44.10 -49.52 36.60
CA ALA P 175 45.04 -49.88 37.69
C ALA P 175 45.90 -48.71 38.19
N ASP P 176 46.28 -47.82 37.27
CA ASP P 176 47.10 -46.65 37.61
C ASP P 176 46.31 -45.49 38.24
N GLY P 177 44.98 -45.59 38.30
CA GLY P 177 44.12 -44.54 38.86
C GLY P 177 43.59 -43.52 37.87
N ARG P 178 44.03 -43.60 36.61
CA ARG P 178 43.56 -42.69 35.57
C ARG P 178 42.22 -43.18 35.04
N ALA P 179 41.30 -42.23 34.83
CA ALA P 179 39.99 -42.51 34.25
C ALA P 179 39.75 -41.55 33.08
N ILE P 180 39.84 -42.09 31.88
CA ILE P 180 39.53 -41.37 30.64
C ILE P 180 38.11 -41.75 30.25
N PHE P 181 37.38 -40.78 29.69
CA PHE P 181 36.03 -41.03 29.19
C PHE P 181 35.61 -39.97 28.16
N ARG P 182 34.67 -40.37 27.31
CA ARG P 182 34.13 -39.50 26.28
C ARG P 182 32.71 -39.98 25.97
N MET P 183 31.74 -39.09 26.14
CA MET P 183 30.33 -39.45 26.13
C MET P 183 29.51 -38.29 25.57
N GLU P 184 28.36 -38.62 24.97
CA GLU P 184 27.40 -37.62 24.51
C GLU P 184 26.13 -37.76 25.33
N ASP P 185 25.62 -36.62 25.80
CA ASP P 185 24.38 -36.57 26.59
C ASP P 185 23.40 -35.70 25.82
N GLU P 186 22.14 -36.15 25.75
CA GLU P 186 21.11 -35.48 24.97
C GLU P 186 20.17 -34.58 25.80
N GLN P 187 20.21 -34.70 27.13
CA GLN P 187 19.42 -33.83 28.03
C GLN P 187 20.24 -32.69 28.67
N LEU P 188 21.51 -32.96 28.98
CA LEU P 188 22.40 -31.94 29.56
C LEU P 188 22.78 -30.94 28.48
N LYS P 189 22.62 -29.65 28.79
CA LYS P 189 22.99 -28.55 27.89
C LYS P 189 24.02 -27.67 28.57
N VAL P 190 25.00 -27.21 27.80
CA VAL P 190 26.17 -26.48 28.36
C VAL P 190 25.75 -25.25 29.17
N TRP P 191 25.05 -24.32 28.54
CA TRP P 191 24.66 -23.07 29.21
C TRP P 191 23.54 -23.21 30.25
N ASP P 192 22.93 -24.39 30.34
CA ASP P 192 22.04 -24.72 31.45
C ASP P 192 22.81 -25.16 32.71
N VAL P 193 24.10 -25.47 32.57
CA VAL P 193 24.97 -25.85 33.70
C VAL P 193 26.26 -25.00 33.87
N ILE P 194 26.32 -23.82 33.24
CA ILE P 194 27.39 -22.85 33.46
C ILE P 194 27.27 -22.32 34.89
N GLY P 195 28.33 -22.44 35.67
CA GLY P 195 28.35 -21.99 37.07
C GLY P 195 27.88 -23.01 38.09
N ARG P 196 27.55 -24.21 37.63
CA ARG P 196 27.23 -25.33 38.51
C ARG P 196 28.50 -26.15 38.63
N SER P 197 28.46 -27.21 39.46
CA SER P 197 29.65 -28.03 39.70
C SER P 197 29.53 -29.40 39.04
N LEU P 198 30.69 -29.98 38.71
CA LEU P 198 30.85 -31.37 38.32
C LEU P 198 31.58 -32.05 39.46
N ILE P 199 31.06 -33.17 39.96
CA ILE P 199 31.63 -33.87 41.13
C ILE P 199 31.83 -35.35 40.84
N ILE P 200 33.02 -35.87 41.17
CA ILE P 200 33.32 -37.30 41.08
C ILE P 200 33.29 -37.97 42.47
N ASP P 201 32.57 -39.08 42.55
CA ASP P 201 32.28 -39.76 43.83
C ASP P 201 33.28 -40.87 44.16
N GLU P 202 33.23 -41.34 45.41
CA GLU P 202 34.13 -42.37 45.93
C GLU P 202 33.85 -43.74 45.31
N GLY P 203 32.59 -44.16 45.35
CA GLY P 203 32.19 -45.48 44.90
C GLY P 203 31.34 -45.49 43.64
N GLU P 204 30.75 -46.65 43.39
CA GLU P 204 29.94 -46.89 42.21
C GLU P 204 28.53 -46.34 42.38
N ASP P 205 28.15 -45.42 41.50
CA ASP P 205 26.74 -45.05 41.26
C ASP P 205 25.97 -46.30 40.83
N ASP P 206 24.97 -46.71 41.63
CA ASP P 206 24.16 -47.90 41.30
C ASP P 206 23.05 -47.65 40.28
N LEU P 207 22.93 -46.41 39.79
CA LEU P 207 21.97 -46.07 38.74
C LEU P 207 20.50 -46.26 39.16
N GLY P 208 20.22 -46.11 40.46
CA GLY P 208 18.87 -46.29 41.00
C GLY P 208 18.37 -47.72 41.07
N ARG P 209 19.28 -48.69 40.98
CA ARG P 209 18.93 -50.11 40.92
C ARG P 209 19.44 -50.90 42.14
N GLY P 210 19.95 -50.22 43.16
CA GLY P 210 20.54 -50.88 44.31
C GLY P 210 19.57 -51.35 45.38
N GLY P 211 18.36 -50.78 45.39
CA GLY P 211 17.36 -51.06 46.43
C GLY P 211 17.69 -50.45 47.79
N HIS P 212 18.51 -49.40 47.77
CA HIS P 212 19.03 -48.74 48.97
C HIS P 212 18.30 -47.40 49.14
N PRO P 213 18.15 -46.89 50.40
CA PRO P 213 17.45 -45.61 50.60
C PRO P 213 17.92 -44.47 49.69
N LEU P 214 19.23 -44.34 49.53
CA LEU P 214 19.85 -43.37 48.63
C LEU P 214 19.93 -43.74 47.13
N SER P 215 19.53 -44.95 46.74
CA SER P 215 19.62 -45.36 45.31
C SER P 215 18.88 -44.39 44.39
N LYS P 216 17.59 -44.16 44.65
CA LYS P 216 16.79 -43.22 43.85
C LYS P 216 17.08 -41.71 44.14
N ILE P 217 17.91 -41.41 45.13
CA ILE P 217 18.33 -40.04 45.44
C ILE P 217 19.73 -39.76 44.84
N THR P 218 20.76 -40.42 45.36
CA THR P 218 22.16 -40.20 44.90
C THR P 218 22.79 -41.34 44.07
N GLY P 219 22.15 -42.50 44.03
CA GLY P 219 22.78 -43.68 43.45
C GLY P 219 23.78 -44.39 44.36
N ASN P 220 23.91 -43.92 45.60
CA ASN P 220 24.68 -44.59 46.66
C ASN P 220 26.16 -44.82 46.34
N SER P 221 26.79 -43.79 45.78
CA SER P 221 28.20 -43.82 45.42
C SER P 221 29.13 -43.28 46.53
N GLY P 222 28.61 -43.10 47.75
CA GLY P 222 29.43 -42.70 48.89
C GLY P 222 29.85 -41.23 48.88
N GLU P 223 31.04 -40.97 49.39
CA GLU P 223 31.52 -39.58 49.59
C GLU P 223 31.97 -38.91 48.30
N ARG P 224 31.92 -37.58 48.31
CA ARG P 224 32.36 -36.77 47.17
C ARG P 224 33.87 -36.58 47.27
N LEU P 225 34.63 -37.06 46.28
CA LEU P 225 36.09 -36.98 46.31
C LEU P 225 36.63 -35.64 45.81
N ALA P 226 36.24 -35.26 44.58
CA ALA P 226 36.77 -34.05 43.93
C ALA P 226 35.68 -33.31 43.14
N CYS P 227 35.83 -31.99 43.04
CA CYS P 227 34.82 -31.15 42.39
C CYS P 227 35.41 -29.90 41.74
N GLY P 228 34.60 -29.24 40.91
CA GLY P 228 35.01 -28.06 40.17
C GLY P 228 33.86 -27.41 39.42
N ILE P 229 33.92 -26.08 39.29
CA ILE P 229 32.84 -25.32 38.67
C ILE P 229 32.93 -25.46 37.17
N ILE P 230 31.78 -25.69 36.54
CA ILE P 230 31.69 -25.78 35.09
C ILE P 230 31.79 -24.34 34.60
N ALA P 231 33.01 -23.96 34.20
CA ALA P 231 33.35 -22.59 33.84
C ALA P 231 33.30 -22.36 32.33
N ARG P 232 32.99 -21.13 31.92
CA ARG P 232 32.95 -20.77 30.50
C ARG P 232 34.34 -20.92 29.89
N SER P 233 34.40 -21.46 28.67
CA SER P 233 35.66 -21.60 27.93
C SER P 233 35.44 -21.20 26.48
N ALA P 234 36.52 -20.81 25.81
CA ALA P 234 36.43 -20.22 24.49
C ALA P 234 36.04 -21.21 23.40
N GLY P 235 35.16 -20.74 22.51
CA GLY P 235 34.87 -21.42 21.25
C GLY P 235 35.99 -21.18 20.25
N LEU P 236 35.77 -21.59 19.00
CA LEU P 236 36.79 -21.46 17.96
C LEU P 236 37.12 -19.99 17.64
N PHE P 237 38.41 -19.67 17.70
CA PHE P 237 38.96 -18.35 17.37
C PHE P 237 38.40 -17.19 18.21
N GLN P 238 37.92 -17.50 19.42
CA GLN P 238 37.33 -16.50 20.31
C GLN P 238 38.32 -15.91 21.31
N ASN P 239 39.43 -16.61 21.57
CA ASN P 239 40.46 -16.15 22.51
C ASN P 239 41.82 -15.97 21.81
N PRO P 240 42.24 -14.71 21.58
CA PRO P 240 43.57 -14.40 21.07
C PRO P 240 44.56 -14.11 22.20
N ALA Q 1 6.41 -26.36 69.69
CA ALA Q 1 7.10 -25.89 68.46
C ALA Q 1 8.33 -25.05 68.80
N THR Q 2 9.02 -24.56 67.77
CA THR Q 2 10.08 -23.57 67.94
C THR Q 2 9.49 -22.18 68.19
N LYS Q 3 8.39 -21.85 67.51
CA LYS Q 3 7.73 -20.54 67.62
C LYS Q 3 6.23 -20.65 67.90
N ALA Q 4 5.67 -19.59 68.48
CA ALA Q 4 4.25 -19.47 68.76
C ALA Q 4 3.85 -17.99 68.86
N VAL Q 5 2.55 -17.70 68.72
CA VAL Q 5 2.07 -16.32 68.62
C VAL Q 5 0.65 -16.19 69.19
N CYS Q 6 0.29 -14.99 69.63
CA CYS Q 6 -1.02 -14.73 70.23
C CYS Q 6 -1.48 -13.30 69.93
N VAL Q 7 -2.75 -13.16 69.54
CA VAL Q 7 -3.35 -11.86 69.21
C VAL Q 7 -4.36 -11.51 70.30
N LEU Q 8 -3.99 -10.56 71.16
CA LEU Q 8 -4.85 -10.13 72.27
C LEU Q 8 -5.95 -9.19 71.78
N LYS Q 9 -7.18 -9.45 72.20
CA LYS Q 9 -8.34 -8.61 71.86
C LYS Q 9 -9.42 -8.72 72.94
N GLY Q 10 -10.26 -7.69 73.03
CA GLY Q 10 -11.36 -7.65 74.01
C GLY Q 10 -12.52 -6.79 73.57
N ASP Q 11 -13.33 -6.38 74.55
CA ASP Q 11 -14.51 -5.56 74.31
C ASP Q 11 -14.11 -4.09 74.19
N GLY Q 12 -13.25 -3.63 75.10
CA GLY Q 12 -12.77 -2.25 75.13
C GLY Q 12 -11.75 -1.90 74.06
N PRO Q 13 -10.89 -0.89 74.33
CA PRO Q 13 -9.93 -0.41 73.33
C PRO Q 13 -8.61 -1.20 73.20
N VAL Q 14 -8.38 -2.19 74.06
CA VAL Q 14 -7.07 -2.87 74.17
C VAL Q 14 -6.87 -3.90 73.05
N GLN Q 15 -5.65 -3.95 72.53
CA GLN Q 15 -5.22 -5.00 71.59
C GLN Q 15 -3.69 -5.09 71.50
N GLY Q 16 -3.18 -6.28 71.20
CA GLY Q 16 -1.73 -6.51 71.08
C GLY Q 16 -1.35 -7.82 70.40
N ILE Q 17 -0.07 -7.90 70.00
CA ILE Q 17 0.49 -9.11 69.37
C ILE Q 17 1.74 -9.52 70.15
N ILE Q 18 1.74 -10.74 70.70
CA ILE Q 18 2.85 -11.28 71.50
C ILE Q 18 3.46 -12.49 70.80
N ASN Q 19 4.79 -12.59 70.85
CA ASN Q 19 5.56 -13.60 70.10
C ASN Q 19 6.42 -14.46 71.01
N PHE Q 20 6.30 -15.78 70.86
CA PHE Q 20 7.05 -16.77 71.66
C PHE Q 20 8.10 -17.48 70.79
N GLU Q 21 9.25 -17.77 71.37
CA GLU Q 21 10.33 -18.47 70.66
C GLU Q 21 11.23 -19.25 71.63
N GLN Q 22 11.37 -20.55 71.38
CA GLN Q 22 12.15 -21.46 72.21
C GLN Q 22 13.02 -22.37 71.34
N LYS Q 23 14.33 -22.14 71.35
CA LYS Q 23 15.27 -22.87 70.49
C LYS Q 23 15.76 -24.18 71.11
N GLU Q 24 15.96 -24.19 72.42
CA GLU Q 24 16.34 -25.40 73.18
C GLU Q 24 15.12 -26.08 73.78
N SER Q 25 15.14 -27.41 73.85
CA SER Q 25 14.08 -28.19 74.50
C SER Q 25 14.20 -28.04 76.01
N ASN Q 26 13.12 -27.55 76.64
CA ASN Q 26 13.15 -27.13 78.05
C ASN Q 26 14.28 -26.11 78.30
N GLY Q 27 14.34 -25.10 77.42
CA GLY Q 27 15.25 -23.97 77.55
C GLY Q 27 14.44 -22.68 77.70
N PRO Q 28 15.11 -21.52 77.56
CA PRO Q 28 14.39 -20.24 77.67
C PRO Q 28 13.32 -20.04 76.57
N VAL Q 29 12.29 -19.27 76.91
CA VAL Q 29 11.22 -18.88 75.99
C VAL Q 29 11.21 -17.35 75.92
N LYS Q 30 11.66 -16.82 74.79
CA LYS Q 30 11.70 -15.38 74.57
C LYS Q 30 10.29 -14.87 74.24
N VAL Q 31 9.66 -14.20 75.21
CA VAL Q 31 8.31 -13.66 75.04
C VAL Q 31 8.44 -12.15 74.77
N TRP Q 32 8.17 -11.74 73.53
CA TRP Q 32 8.31 -10.33 73.12
C TRP Q 32 7.12 -9.89 72.26
N GLY Q 33 6.81 -8.60 72.31
CA GLY Q 33 5.69 -8.03 71.56
C GLY Q 33 5.30 -6.64 71.98
N SER Q 34 4.04 -6.28 71.72
CA SER Q 34 3.51 -4.95 72.03
C SER Q 34 2.01 -4.98 72.30
N ILE Q 35 1.58 -4.25 73.33
CA ILE Q 35 0.17 -4.07 73.68
C ILE Q 35 -0.12 -2.57 73.75
N LYS Q 36 -1.36 -2.16 73.49
CA LYS Q 36 -1.78 -0.75 73.57
C LYS Q 36 -3.22 -0.57 74.06
N GLY Q 37 -3.57 0.68 74.37
CA GLY Q 37 -4.91 1.04 74.84
C GLY Q 37 -5.14 0.90 76.34
N LEU Q 38 -4.06 0.62 77.08
CA LEU Q 38 -4.15 0.39 78.52
C LEU Q 38 -4.11 1.71 79.28
N THR Q 39 -4.43 1.65 80.58
CA THR Q 39 -4.12 2.74 81.50
C THR Q 39 -2.63 2.66 81.82
N GLU Q 40 -2.03 3.79 82.19
CA GLU Q 40 -0.59 3.78 82.53
C GLU Q 40 -0.31 2.94 83.78
N GLY Q 41 0.87 2.36 83.83
CA GLY Q 41 1.34 1.61 84.98
C GLY Q 41 0.86 0.16 85.05
N LEU Q 42 1.81 -0.74 85.31
CA LEU Q 42 1.59 -2.13 85.76
C LEU Q 42 0.21 -2.78 85.54
N HIS Q 43 0.18 -3.77 84.63
CA HIS Q 43 -1.00 -4.62 84.42
C HIS Q 43 -0.59 -6.10 84.49
N GLY Q 44 -1.43 -6.91 85.11
CA GLY Q 44 -1.18 -8.35 85.26
C GLY Q 44 -1.15 -9.05 83.91
N PHE Q 45 -0.28 -10.05 83.79
CA PHE Q 45 0.04 -10.70 82.52
C PHE Q 45 0.14 -12.21 82.77
N HIS Q 46 -0.97 -12.92 82.53
CA HIS Q 46 -1.12 -14.32 82.95
C HIS Q 46 -1.51 -15.25 81.81
N VAL Q 47 -1.09 -16.51 81.93
CA VAL Q 47 -1.48 -17.58 81.01
C VAL Q 47 -2.45 -18.48 81.77
N HIS Q 48 -3.71 -18.52 81.33
CA HIS Q 48 -4.72 -19.40 81.95
C HIS Q 48 -4.48 -20.86 81.55
N GLU Q 49 -5.11 -21.79 82.27
CA GLU Q 49 -4.85 -23.22 82.08
C GLU Q 49 -5.40 -23.75 80.76
N PHE Q 50 -6.52 -23.18 80.29
CA PHE Q 50 -7.16 -23.59 79.06
C PHE Q 50 -7.25 -22.41 78.09
N GLY Q 51 -7.42 -22.72 76.81
CA GLY Q 51 -7.57 -21.72 75.75
C GLY Q 51 -9.00 -21.41 75.33
N ASP Q 52 -9.97 -22.00 76.03
CA ASP Q 52 -11.38 -21.76 75.76
C ASP Q 52 -11.75 -20.36 76.23
N ASN Q 53 -12.27 -19.54 75.31
CA ASN Q 53 -12.69 -18.18 75.61
C ASN Q 53 -14.15 -17.91 75.20
N THR Q 54 -14.98 -18.96 75.26
CA THR Q 54 -16.39 -18.87 74.90
C THR Q 54 -17.24 -18.23 76.01
N ALA Q 55 -16.68 -18.12 77.21
CA ALA Q 55 -17.32 -17.39 78.31
C ALA Q 55 -16.26 -16.65 79.15
N GLY Q 56 -15.33 -15.99 78.47
CA GLY Q 56 -14.26 -15.23 79.12
C GLY Q 56 -13.38 -16.05 80.06
N ALA Q 57 -13.21 -15.55 81.28
CA ALA Q 57 -12.32 -16.17 82.28
C ALA Q 57 -12.88 -17.45 82.91
N THR Q 58 -14.19 -17.68 82.81
CA THR Q 58 -14.81 -18.89 83.38
C THR Q 58 -14.32 -20.13 82.62
N SER Q 59 -14.48 -20.11 81.31
CA SER Q 59 -14.08 -21.23 80.44
C SER Q 59 -12.55 -21.36 80.32
N ALA Q 60 -11.83 -20.25 80.45
CA ALA Q 60 -10.37 -20.24 80.48
C ALA Q 60 -9.80 -20.85 81.77
N GLY Q 61 -10.50 -20.66 82.88
CA GLY Q 61 -10.16 -21.30 84.14
C GLY Q 61 -9.12 -20.55 84.97
N PRO Q 62 -8.50 -21.25 85.96
CA PRO Q 62 -7.44 -20.60 86.74
C PRO Q 62 -6.16 -20.45 85.94
N HIS Q 63 -5.14 -19.87 86.57
CA HIS Q 63 -3.83 -19.72 85.92
C HIS Q 63 -3.18 -21.09 85.69
N PHE Q 64 -2.38 -21.19 84.64
CA PHE Q 64 -1.77 -22.47 84.24
C PHE Q 64 -0.80 -22.93 85.32
N ASN Q 65 -1.14 -24.06 85.94
CA ASN Q 65 -0.50 -24.51 87.18
C ASN Q 65 -0.48 -26.05 87.25
N PRO Q 66 0.38 -26.69 86.45
CA PRO Q 66 0.48 -28.15 86.46
C PRO Q 66 1.14 -28.75 87.72
N LEU Q 67 1.92 -27.97 88.46
CA LEU Q 67 2.59 -28.45 89.68
C LEU Q 67 1.79 -28.21 90.98
N SER Q 68 0.62 -27.57 90.88
CA SER Q 68 -0.25 -27.28 92.03
C SER Q 68 0.41 -26.43 93.13
N ARG Q 69 1.11 -25.37 92.69
CA ARG Q 69 1.72 -24.40 93.58
C ARG Q 69 0.69 -23.33 93.97
N LYS Q 70 1.14 -22.25 94.60
CA LYS Q 70 0.31 -21.05 94.84
C LYS Q 70 0.87 -19.86 94.06
N HIS Q 71 0.00 -18.89 93.76
CA HIS Q 71 0.34 -17.74 92.92
C HIS Q 71 1.62 -17.03 93.39
N GLY Q 72 2.43 -16.59 92.42
CA GLY Q 72 3.59 -15.71 92.69
C GLY Q 72 4.02 -14.90 91.49
N GLY Q 73 5.22 -14.33 91.58
CA GLY Q 73 5.85 -13.61 90.47
C GLY Q 73 6.74 -14.55 89.66
N PRO Q 74 7.25 -14.08 88.49
CA PRO Q 74 8.18 -14.87 87.67
C PRO Q 74 9.45 -15.35 88.38
N LYS Q 75 10.06 -14.47 89.17
CA LYS Q 75 11.32 -14.77 89.86
C LYS Q 75 11.17 -15.64 91.11
N ASP Q 76 9.99 -15.63 91.74
CA ASP Q 76 9.72 -16.49 92.91
C ASP Q 76 9.67 -17.97 92.52
N GLU Q 77 10.18 -18.83 93.42
CA GLU Q 77 10.15 -20.29 93.24
C GLU Q 77 8.72 -20.81 93.32
N GLU Q 78 7.98 -20.34 94.33
CA GLU Q 78 6.55 -20.62 94.47
C GLU Q 78 5.78 -19.72 93.49
N ARG Q 79 5.23 -20.35 92.43
CA ARG Q 79 4.48 -19.64 91.39
C ARG Q 79 3.66 -20.62 90.54
N HIS Q 80 2.55 -20.13 89.96
CA HIS Q 80 1.87 -20.84 88.88
C HIS Q 80 2.74 -20.65 87.63
N VAL Q 81 2.72 -21.64 86.73
CA VAL Q 81 3.58 -21.61 85.53
C VAL Q 81 3.20 -20.45 84.60
N GLY Q 82 1.91 -20.12 84.53
CA GLY Q 82 1.43 -18.98 83.75
C GLY Q 82 1.76 -17.59 84.27
N ASP Q 83 2.28 -17.49 85.50
CA ASP Q 83 2.67 -16.21 86.09
C ASP Q 83 3.85 -15.59 85.35
N LEU Q 84 3.55 -14.68 84.43
CA LEU Q 84 4.58 -13.87 83.76
C LEU Q 84 4.63 -12.43 84.34
N GLY Q 85 3.92 -12.20 85.43
CA GLY Q 85 4.05 -10.97 86.20
C GLY Q 85 3.37 -9.79 85.56
N ASN Q 86 4.13 -8.70 85.40
CA ASN Q 86 3.58 -7.38 85.10
C ASN Q 86 4.14 -6.77 83.82
N VAL Q 87 3.30 -6.66 82.80
CA VAL Q 87 3.54 -5.70 81.72
C VAL Q 87 3.24 -4.31 82.25
N THR Q 88 3.90 -3.29 81.69
CA THR Q 88 3.81 -1.92 82.21
C THR Q 88 3.64 -0.90 81.07
N ALA Q 89 2.61 -0.06 81.18
CA ALA Q 89 2.23 0.89 80.12
C ALA Q 89 2.64 2.32 80.45
N ASP Q 90 3.06 3.08 79.43
CA ASP Q 90 3.60 4.45 79.61
C ASP Q 90 2.56 5.50 80.00
N GLY Q 93 -0.49 4.84 76.64
CA GLY Q 93 -0.87 3.54 77.17
C GLY Q 93 -0.34 2.34 76.39
N VAL Q 94 0.88 2.45 75.88
CA VAL Q 94 1.53 1.37 75.11
C VAL Q 94 2.56 0.67 75.98
N ALA Q 95 2.42 -0.66 76.08
CA ALA Q 95 3.32 -1.52 76.87
C ALA Q 95 4.17 -2.40 75.95
N ASP Q 96 5.47 -2.13 75.90
CA ASP Q 96 6.40 -2.94 75.10
C ASP Q 96 6.88 -4.10 75.93
N VAL Q 97 6.51 -5.31 75.53
CA VAL Q 97 6.78 -6.53 76.29
C VAL Q 97 8.13 -7.12 75.86
N SER Q 98 8.90 -7.57 76.84
CA SER Q 98 10.21 -8.18 76.60
C SER Q 98 10.60 -9.07 77.78
N ILE Q 99 10.00 -10.26 77.82
CA ILE Q 99 10.19 -11.24 78.90
C ILE Q 99 11.03 -12.41 78.40
N GLU Q 100 11.83 -12.98 79.29
CA GLU Q 100 12.42 -14.30 79.12
C GLU Q 100 12.06 -15.14 80.36
N ASP Q 101 11.90 -16.44 80.15
CA ASP Q 101 11.36 -17.33 81.18
C ASP Q 101 11.76 -18.78 80.92
N SER Q 102 12.09 -19.51 81.99
CA SER Q 102 12.40 -20.96 81.91
C SER Q 102 11.37 -21.87 82.62
N VAL Q 103 10.32 -21.29 83.18
CA VAL Q 103 9.24 -22.07 83.81
C VAL Q 103 8.25 -22.49 82.72
N ILE Q 104 7.83 -21.52 81.90
CA ILE Q 104 7.03 -21.84 80.69
C ILE Q 104 7.87 -22.56 79.63
N SER Q 105 7.16 -23.20 78.70
CA SER Q 105 7.78 -23.97 77.61
C SER Q 105 6.83 -24.06 76.42
N LEU Q 106 7.34 -24.57 75.31
CA LEU Q 106 6.55 -24.88 74.11
C LEU Q 106 6.45 -26.39 73.88
N SER Q 107 6.84 -27.18 74.88
CA SER Q 107 6.58 -28.62 74.93
C SER Q 107 6.75 -29.15 76.36
N GLY Q 108 6.28 -30.37 76.58
CA GLY Q 108 6.28 -30.99 77.91
C GLY Q 108 5.04 -30.61 78.68
N ASP Q 109 5.06 -30.90 79.99
CA ASP Q 109 3.96 -30.56 80.89
C ASP Q 109 3.81 -29.06 81.18
N HIS Q 110 4.83 -28.26 80.82
CA HIS Q 110 4.76 -26.80 80.94
C HIS Q 110 4.47 -26.09 79.59
N CYS Q 111 3.89 -26.83 78.63
CA CYS Q 111 3.60 -26.31 77.29
C CYS Q 111 2.44 -25.32 77.34
N ILE Q 112 2.73 -24.05 77.11
CA ILE Q 112 1.70 -23.00 77.13
C ILE Q 112 0.95 -22.82 75.80
N ILE Q 113 1.27 -23.63 74.79
CA ILE Q 113 0.52 -23.63 73.53
C ILE Q 113 -0.89 -24.18 73.78
N GLY Q 114 -1.87 -23.63 73.05
CA GLY Q 114 -3.28 -24.00 73.19
C GLY Q 114 -4.01 -23.34 74.35
N ARG Q 115 -3.34 -22.42 75.05
CA ARG Q 115 -3.87 -21.81 76.26
C ARG Q 115 -4.02 -20.32 76.07
N THR Q 116 -4.91 -19.70 76.86
CA THR Q 116 -5.18 -18.27 76.77
C THR Q 116 -4.06 -17.46 77.43
N LEU Q 117 -3.74 -16.31 76.83
CA LEU Q 117 -2.91 -15.28 77.44
C LEU Q 117 -3.84 -14.11 77.78
N VAL Q 118 -3.71 -13.56 78.99
CA VAL Q 118 -4.56 -12.46 79.46
C VAL Q 118 -3.72 -11.24 79.85
N VAL Q 119 -4.30 -10.05 79.67
CA VAL Q 119 -3.76 -8.82 80.23
C VAL Q 119 -4.87 -8.14 81.06
N HIS Q 120 -4.59 -7.90 82.34
CA HIS Q 120 -5.62 -7.57 83.35
C HIS Q 120 -5.78 -6.06 83.60
N GLU Q 121 -6.86 -5.72 84.31
CA GLU Q 121 -7.21 -4.32 84.63
C GLU Q 121 -6.14 -3.66 85.49
N LYS Q 122 -5.88 -4.26 86.65
CA LYS Q 122 -4.97 -3.72 87.66
C LYS Q 122 -3.63 -4.44 87.64
N ALA Q 123 -2.72 -3.98 88.49
CA ALA Q 123 -1.42 -4.63 88.69
C ALA Q 123 -1.57 -5.96 89.43
N ASP Q 124 -0.83 -6.96 88.98
CA ASP Q 124 -0.63 -8.20 89.74
C ASP Q 124 0.24 -7.93 90.97
N ASP Q 125 -0.23 -8.33 92.15
CA ASP Q 125 0.51 -8.11 93.43
C ASP Q 125 1.54 -9.22 93.78
N LEU Q 126 1.76 -10.16 92.84
CA LEU Q 126 2.82 -11.18 92.94
C LEU Q 126 2.66 -12.16 94.11
N GLY Q 127 1.42 -12.40 94.54
CA GLY Q 127 1.15 -13.30 95.66
C GLY Q 127 1.72 -12.82 96.98
N LYS Q 128 1.62 -11.51 97.24
CA LYS Q 128 2.13 -10.87 98.46
C LYS Q 128 1.10 -9.88 99.05
N GLY Q 129 -0.18 -10.20 98.89
CA GLY Q 129 -1.28 -9.37 99.41
C GLY Q 129 -1.75 -9.77 100.81
N GLY Q 130 -1.41 -11.00 101.23
CA GLY Q 130 -1.79 -11.51 102.54
C GLY Q 130 -3.27 -11.90 102.63
N ASN Q 131 -3.79 -12.49 101.57
CA ASN Q 131 -5.18 -12.97 101.53
C ASN Q 131 -5.38 -14.03 100.43
N GLU Q 132 -6.52 -14.70 100.48
CA GLU Q 132 -6.77 -15.88 99.64
C GLU Q 132 -6.83 -15.59 98.13
N GLU Q 133 -7.32 -14.40 97.77
CA GLU Q 133 -7.41 -13.99 96.36
C GLU Q 133 -6.04 -13.68 95.75
N SER Q 134 -5.13 -13.11 96.55
CA SER Q 134 -3.76 -12.86 96.12
C SER Q 134 -3.00 -14.14 95.76
N THR Q 135 -3.26 -15.21 96.51
CA THR Q 135 -2.62 -16.53 96.27
C THR Q 135 -3.26 -17.34 95.11
N LYS Q 136 -4.37 -16.86 94.54
CA LYS Q 136 -5.01 -17.48 93.38
C LYS Q 136 -4.83 -16.64 92.10
N THR Q 137 -5.40 -15.44 92.09
CA THR Q 137 -5.38 -14.54 90.92
C THR Q 137 -4.39 -13.37 91.01
N GLY Q 138 -3.95 -13.03 92.23
CA GLY Q 138 -3.04 -11.90 92.45
C GLY Q 138 -3.69 -10.52 92.47
N ASN Q 139 -5.03 -10.48 92.55
CA ASN Q 139 -5.80 -9.23 92.58
C ASN Q 139 -5.51 -8.27 91.42
N ALA Q 140 -5.32 -8.84 90.22
CA ALA Q 140 -5.19 -8.06 89.00
C ALA Q 140 -6.58 -7.60 88.50
N GLY Q 141 -7.63 -8.30 88.93
CA GLY Q 141 -9.01 -7.94 88.63
C GLY Q 141 -9.53 -8.58 87.36
N SER Q 142 -10.28 -7.80 86.58
CA SER Q 142 -10.92 -8.28 85.35
C SER Q 142 -9.98 -8.19 84.14
N ARG Q 143 -10.14 -9.11 83.20
CA ARG Q 143 -9.35 -9.15 81.97
C ARG Q 143 -9.80 -8.06 81.00
N LEU Q 144 -8.84 -7.39 80.36
CA LEU Q 144 -9.12 -6.35 79.35
C LEU Q 144 -9.05 -6.90 77.92
N ALA Q 145 -8.05 -7.72 77.63
CA ALA Q 145 -7.93 -8.41 76.35
C ALA Q 145 -7.33 -9.81 76.52
N ALA Q 146 -7.75 -10.73 75.63
CA ALA Q 146 -7.29 -12.11 75.69
C ALA Q 146 -7.31 -12.83 74.32
N GLY Q 147 -6.28 -13.65 74.09
CA GLY Q 147 -6.14 -14.42 72.86
C GLY Q 147 -5.40 -15.72 73.10
N VAL Q 148 -5.67 -16.71 72.25
CA VAL Q 148 -5.09 -18.05 72.38
C VAL Q 148 -3.67 -18.08 71.84
N ILE Q 149 -2.81 -18.87 72.49
CA ILE Q 149 -1.41 -19.05 72.07
C ILE Q 149 -1.29 -20.21 71.08
N GLY Q 150 -1.32 -19.89 69.78
CA GLY Q 150 -1.19 -20.87 68.71
C GLY Q 150 0.23 -21.03 68.17
N ILE Q 151 0.44 -22.07 67.37
CA ILE Q 151 1.74 -22.36 66.77
C ILE Q 151 2.01 -21.34 65.66
N ALA Q 152 3.27 -20.94 65.52
CA ALA Q 152 3.72 -20.02 64.48
C ALA Q 152 4.65 -20.73 63.49
N GLN Q 153 4.81 -20.13 62.31
CA GLN Q 153 5.61 -20.71 61.24
C GLN Q 153 7.11 -20.62 61.51
N GLY R 9 -25.06 -41.22 66.88
CA GLY R 9 -23.59 -41.27 67.11
C GLY R 9 -23.21 -41.85 68.45
N THR R 10 -22.09 -41.37 69.00
CA THR R 10 -21.58 -41.82 70.30
C THR R 10 -21.97 -40.83 71.42
N LEU R 11 -22.06 -41.35 72.64
CA LEU R 11 -22.34 -40.53 73.83
C LEU R 11 -21.15 -39.62 74.16
N ALA R 12 -21.46 -38.37 74.51
CA ALA R 12 -20.49 -37.41 75.00
C ALA R 12 -21.02 -36.83 76.32
N THR R 13 -20.16 -36.78 77.33
CA THR R 13 -20.51 -36.21 78.64
C THR R 13 -20.13 -34.73 78.65
N LEU R 14 -21.13 -33.86 78.70
CA LEU R 14 -20.97 -32.41 78.75
C LEU R 14 -21.12 -31.91 80.19
N GLU R 15 -20.09 -31.22 80.70
CA GLU R 15 -20.13 -30.60 82.03
C GLU R 15 -20.44 -29.10 81.91
N PHE R 16 -21.70 -28.75 82.17
CA PHE R 16 -22.13 -27.34 82.17
C PHE R 16 -22.11 -26.76 83.59
N ALA R 17 -21.57 -25.56 83.72
CA ALA R 17 -21.71 -24.78 84.95
C ALA R 17 -22.94 -23.89 84.79
N VAL R 18 -23.96 -24.19 85.60
CA VAL R 18 -25.23 -23.46 85.58
C VAL R 18 -25.45 -22.85 86.95
N GLN R 19 -25.74 -21.55 86.99
CA GLN R 19 -26.05 -20.87 88.24
C GLN R 19 -27.49 -21.21 88.66
N MET R 20 -27.66 -21.47 89.96
CA MET R 20 -28.92 -21.93 90.51
C MET R 20 -28.84 -21.91 92.04
N THR R 21 -29.41 -20.86 92.64
CA THR R 21 -29.40 -20.68 94.09
C THR R 21 -30.41 -21.60 94.79
N ALA R 22 -31.60 -21.71 94.22
CA ALA R 22 -32.70 -22.47 94.82
C ALA R 22 -32.66 -23.96 94.44
N GLN R 23 -33.56 -24.72 95.07
CA GLN R 23 -33.85 -26.11 94.72
C GLN R 23 -34.83 -26.15 93.54
N SER R 24 -35.66 -25.11 93.42
CA SER R 24 -36.56 -24.93 92.27
C SER R 24 -35.84 -24.74 90.94
N ALA R 25 -34.63 -24.18 90.99
CA ALA R 25 -33.77 -24.03 89.82
C ALA R 25 -33.19 -25.37 89.34
N VAL R 26 -32.86 -26.26 90.28
CA VAL R 26 -32.41 -27.63 89.98
C VAL R 26 -33.52 -28.44 89.27
N ASP R 27 -34.77 -28.24 89.71
CA ASP R 27 -35.93 -28.93 89.13
C ASP R 27 -36.28 -28.41 87.73
N ALA R 28 -36.16 -27.11 87.52
CA ALA R 28 -36.37 -26.48 86.22
C ALA R 28 -35.31 -26.90 85.20
N VAL R 29 -34.05 -26.94 85.65
CA VAL R 29 -32.91 -27.41 84.85
C VAL R 29 -33.05 -28.89 84.47
N ARG R 30 -33.48 -29.71 85.44
CA ARG R 30 -33.68 -31.16 85.21
C ARG R 30 -34.83 -31.45 84.24
N LYS R 31 -35.94 -30.73 84.40
CA LYS R 31 -37.12 -30.91 83.56
C LYS R 31 -36.89 -30.48 82.10
N SER R 32 -36.04 -29.48 81.89
CA SER R 32 -35.71 -29.00 80.55
C SER R 32 -34.94 -30.01 79.69
N LEU R 33 -34.13 -30.86 80.34
CA LEU R 33 -33.30 -31.87 79.66
C LEU R 33 -33.90 -33.28 79.63
N GLN R 34 -34.60 -33.67 80.69
CA GLN R 34 -35.06 -35.04 80.85
C GLN R 34 -36.30 -35.32 79.99
N GLY R 35 -36.31 -36.47 79.32
CA GLY R 35 -37.33 -36.81 78.33
C GLY R 35 -37.17 -36.12 76.97
N VAL R 36 -35.97 -35.62 76.67
CA VAL R 36 -35.66 -34.97 75.39
C VAL R 36 -34.84 -35.94 74.53
N ALA R 37 -35.08 -35.90 73.22
CA ALA R 37 -34.43 -36.80 72.26
C ALA R 37 -32.91 -36.68 72.28
N GLY R 38 -32.24 -37.81 72.54
CA GLY R 38 -30.79 -37.88 72.58
C GLY R 38 -30.18 -37.33 73.87
N VAL R 39 -30.80 -37.65 75.00
CA VAL R 39 -30.28 -37.30 76.33
C VAL R 39 -30.46 -38.53 77.23
N GLN R 40 -29.41 -39.31 77.44
CA GLN R 40 -29.50 -40.54 78.23
C GLN R 40 -29.56 -40.28 79.74
N ASP R 41 -28.63 -39.47 80.26
CA ASP R 41 -28.53 -39.19 81.70
C ASP R 41 -28.45 -37.69 81.96
N VAL R 42 -29.01 -37.26 83.10
CA VAL R 42 -28.83 -35.91 83.64
C VAL R 42 -28.46 -36.05 85.11
N GLU R 43 -27.54 -35.21 85.59
CA GLU R 43 -26.95 -35.37 86.92
C GLU R 43 -26.57 -34.00 87.53
N VAL R 44 -27.56 -33.34 88.12
CA VAL R 44 -27.39 -31.98 88.66
C VAL R 44 -26.80 -32.04 90.06
N HIS R 45 -25.85 -31.15 90.34
CA HIS R 45 -25.23 -30.99 91.67
C HIS R 45 -25.36 -29.52 92.08
N LEU R 46 -26.21 -29.24 93.06
CA LEU R 46 -26.49 -27.87 93.52
C LEU R 46 -25.26 -27.20 94.13
N GLU R 47 -24.52 -27.95 94.96
CA GLU R 47 -23.34 -27.42 95.68
C GLU R 47 -22.19 -27.01 94.74
N ASP R 48 -21.91 -27.83 93.74
CA ASP R 48 -20.84 -27.55 92.76
C ASP R 48 -21.25 -26.55 91.67
N GLN R 49 -22.55 -26.28 91.52
CA GLN R 49 -23.11 -25.46 90.43
C GLN R 49 -22.83 -26.10 89.07
N MET R 50 -23.14 -27.40 88.98
CA MET R 50 -22.72 -28.25 87.85
C MET R 50 -23.91 -29.03 87.30
N VAL R 51 -23.86 -29.31 86.00
CA VAL R 51 -24.84 -30.19 85.33
C VAL R 51 -24.07 -31.10 84.36
N LEU R 52 -24.04 -32.40 84.66
CA LEU R 52 -23.51 -33.41 83.72
C LEU R 52 -24.63 -33.94 82.83
N VAL R 53 -24.36 -34.04 81.54
CA VAL R 53 -25.35 -34.52 80.55
C VAL R 53 -24.69 -35.49 79.57
N HIS R 54 -25.02 -36.78 79.68
CA HIS R 54 -24.62 -37.78 78.69
C HIS R 54 -25.57 -37.64 77.50
N THR R 55 -25.03 -37.31 76.33
CA THR R 55 -25.85 -36.93 75.17
C THR R 55 -25.18 -37.16 73.81
N THR R 56 -26.01 -37.44 72.81
CA THR R 56 -25.62 -37.49 71.39
C THR R 56 -25.97 -36.19 70.63
N LEU R 57 -26.59 -35.23 71.31
CA LEU R 57 -26.89 -33.93 70.72
C LEU R 57 -25.64 -33.05 70.69
N PRO R 58 -25.67 -31.96 69.89
CA PRO R 58 -24.60 -30.96 69.97
C PRO R 58 -24.64 -30.17 71.28
N SER R 59 -23.47 -29.82 71.80
CA SER R 59 -23.33 -28.97 72.99
C SER R 59 -24.08 -27.63 72.92
N GLN R 60 -24.07 -27.00 71.75
CA GLN R 60 -24.73 -25.71 71.53
C GLN R 60 -26.26 -25.82 71.70
N GLU R 61 -26.83 -26.96 71.31
CA GLU R 61 -28.27 -27.23 71.45
C GLU R 61 -28.66 -27.54 72.89
N VAL R 62 -27.82 -28.31 73.58
CA VAL R 62 -28.02 -28.62 75.01
C VAL R 62 -27.82 -27.36 75.87
N GLN R 63 -26.95 -26.45 75.42
CA GLN R 63 -26.79 -25.14 76.08
C GLN R 63 -28.06 -24.28 75.95
N ALA R 64 -28.72 -24.33 74.79
CA ALA R 64 -29.96 -23.59 74.55
C ALA R 64 -31.13 -24.09 75.39
N LEU R 65 -31.20 -25.42 75.61
CA LEU R 65 -32.20 -26.02 76.51
C LEU R 65 -32.05 -25.55 77.96
N LEU R 66 -30.81 -25.45 78.43
CA LEU R 66 -30.51 -24.95 79.78
C LEU R 66 -30.75 -23.44 79.91
N GLU R 67 -30.23 -22.66 78.95
CA GLU R 67 -30.46 -21.21 78.91
C GLU R 67 -31.91 -20.80 78.64
N GLY R 68 -32.67 -21.69 77.98
CA GLY R 68 -34.10 -21.48 77.69
C GLY R 68 -35.01 -21.31 78.91
N THR R 69 -34.64 -21.90 80.05
CA THR R 69 -35.42 -21.80 81.29
C THR R 69 -34.73 -20.87 82.32
N GLY R 70 -34.36 -19.66 81.87
CA GLY R 70 -33.85 -18.60 82.74
C GLY R 70 -32.34 -18.50 82.83
N ARG R 71 -31.76 -19.16 83.85
CA ARG R 71 -30.33 -19.04 84.20
C ARG R 71 -29.39 -19.34 83.05
N GLN R 72 -28.21 -18.70 83.07
CA GLN R 72 -27.19 -18.91 82.03
C GLN R 72 -26.48 -20.26 82.21
N ALA R 73 -25.94 -20.78 81.11
CA ALA R 73 -25.25 -22.09 81.09
C ALA R 73 -23.95 -22.02 80.28
N VAL R 74 -22.83 -22.13 80.98
CA VAL R 74 -21.49 -22.13 80.39
C VAL R 74 -20.94 -23.56 80.39
N LEU R 75 -20.48 -24.04 79.23
CA LEU R 75 -19.84 -25.37 79.15
C LEU R 75 -18.42 -25.28 79.72
N LYS R 76 -18.16 -26.08 80.75
CA LYS R 76 -16.87 -26.08 81.48
C LYS R 76 -16.01 -27.33 81.30
N GLY R 77 -16.55 -28.38 80.69
CA GLY R 77 -15.83 -29.65 80.55
C GLY R 77 -16.46 -30.56 79.52
N MET R 78 -15.69 -31.54 79.07
CA MET R 78 -16.13 -32.45 78.02
C MET R 78 -15.32 -33.74 78.06
N GLY R 79 -16.02 -34.88 78.05
CA GLY R 79 -15.38 -36.20 78.12
C GLY R 79 -16.21 -37.27 77.43
N SER R 80 -15.61 -38.45 77.25
CA SER R 80 -16.30 -39.61 76.64
C SER R 80 -17.31 -40.20 77.64
N GLY R 81 -17.92 -41.35 77.30
CA GLY R 81 -18.83 -42.05 78.21
C GLY R 81 -18.13 -42.54 79.49
N GLN R 82 -17.80 -41.57 80.35
CA GLN R 82 -16.92 -41.74 81.53
C GLN R 82 -15.74 -42.73 81.37
N LEU R 83 -15.02 -42.60 80.26
CA LEU R 83 -13.71 -43.26 80.08
C LEU R 83 -12.66 -42.25 80.51
N GLN R 84 -11.40 -42.46 80.11
CA GLN R 84 -10.36 -41.43 80.30
C GLN R 84 -10.72 -40.14 79.53
N ASN R 85 -10.22 -38.99 79.98
CA ASN R 85 -10.50 -37.70 79.32
C ASN R 85 -9.91 -37.60 77.91
N LEU R 86 -8.66 -38.03 77.73
CA LEU R 86 -8.04 -38.21 76.41
C LEU R 86 -7.79 -36.96 75.53
N GLY R 87 -8.39 -35.82 75.84
CA GLY R 87 -8.20 -34.58 75.07
C GLY R 87 -9.53 -33.93 74.69
N ALA R 88 -9.63 -32.62 74.93
CA ALA R 88 -10.77 -31.82 74.49
C ALA R 88 -10.27 -30.46 74.01
N ALA R 89 -10.99 -29.87 73.05
CA ALA R 89 -10.57 -28.59 72.45
C ALA R 89 -11.73 -27.83 71.81
N VAL R 90 -11.46 -26.58 71.45
CA VAL R 90 -12.48 -25.69 70.88
C VAL R 90 -11.85 -24.66 69.94
N ALA R 91 -12.63 -24.23 68.95
CA ALA R 91 -12.21 -23.20 68.00
C ALA R 91 -13.32 -22.17 67.82
N ILE R 92 -13.07 -20.94 68.24
CA ILE R 92 -13.99 -19.82 68.06
C ILE R 92 -13.63 -19.17 66.72
N LEU R 93 -14.46 -19.42 65.71
CA LEU R 93 -14.20 -18.93 64.35
C LEU R 93 -14.66 -17.49 64.21
N GLY R 94 -13.79 -16.65 63.66
CA GLY R 94 -14.08 -15.24 63.40
C GLY R 94 -13.21 -14.71 62.28
N GLY R 95 -13.41 -13.44 61.92
CA GLY R 95 -12.68 -12.85 60.80
C GLY R 95 -13.16 -11.46 60.40
N PRO R 96 -12.79 -11.01 59.18
CA PRO R 96 -13.16 -9.67 58.71
C PRO R 96 -14.66 -9.51 58.36
N GLY R 97 -15.28 -10.55 57.80
CA GLY R 97 -16.70 -10.53 57.43
C GLY R 97 -17.67 -10.89 58.55
N THR R 98 -18.85 -11.36 58.16
CA THR R 98 -19.95 -11.67 59.08
C THR R 98 -19.89 -13.08 59.69
N VAL R 99 -19.03 -13.96 59.16
CA VAL R 99 -19.01 -15.36 59.57
C VAL R 99 -18.40 -15.52 60.96
N GLN R 100 -19.09 -16.27 61.80
CA GLN R 100 -18.58 -16.62 63.13
C GLN R 100 -19.25 -17.87 63.66
N GLY R 101 -18.54 -18.59 64.53
CA GLY R 101 -19.07 -19.81 65.12
C GLY R 101 -18.14 -20.43 66.13
N VAL R 102 -18.61 -21.52 66.72
CA VAL R 102 -17.86 -22.30 67.71
C VAL R 102 -17.89 -23.76 67.30
N VAL R 103 -16.71 -24.37 67.15
CA VAL R 103 -16.57 -25.79 66.83
C VAL R 103 -15.78 -26.45 67.95
N ARG R 104 -16.30 -27.58 68.45
CA ARG R 104 -15.67 -28.32 69.55
C ARG R 104 -15.18 -29.72 69.14
N PHE R 105 -14.02 -30.08 69.69
CA PHE R 105 -13.33 -31.33 69.40
C PHE R 105 -13.29 -32.13 70.69
N LEU R 106 -13.73 -33.38 70.64
CA LEU R 106 -13.67 -34.29 71.79
C LEU R 106 -13.08 -35.63 71.36
N GLN R 107 -12.01 -36.05 72.03
CA GLN R 107 -11.39 -37.34 71.78
C GLN R 107 -12.18 -38.40 72.55
N LEU R 108 -12.97 -39.20 71.83
CA LEU R 108 -13.84 -40.20 72.45
C LEU R 108 -13.04 -41.42 72.93
N THR R 109 -12.28 -42.00 72.01
CA THR R 109 -11.41 -43.14 72.30
C THR R 109 -10.05 -42.82 71.69
N PRO R 110 -8.99 -43.58 72.02
CA PRO R 110 -7.65 -43.26 71.50
C PRO R 110 -7.55 -43.09 69.97
N GLU R 111 -8.40 -43.79 69.22
CA GLU R 111 -8.39 -43.80 67.76
C GLU R 111 -9.60 -43.11 67.10
N ARG R 112 -10.39 -42.35 67.85
CA ARG R 112 -11.59 -41.70 67.31
C ARG R 112 -11.90 -40.37 68.01
N CYS R 113 -12.27 -39.36 67.21
CA CYS R 113 -12.44 -37.99 67.67
C CYS R 113 -13.75 -37.39 67.17
N LEU R 114 -14.63 -37.03 68.10
CA LEU R 114 -15.85 -36.28 67.78
C LEU R 114 -15.49 -34.83 67.42
N ILE R 115 -16.16 -34.30 66.40
CA ILE R 115 -16.07 -32.89 66.01
C ILE R 115 -17.51 -32.40 65.84
N GLU R 116 -17.82 -31.25 66.41
CA GLU R 116 -19.21 -30.79 66.53
C GLU R 116 -19.24 -29.27 66.70
N GLY R 117 -20.03 -28.59 65.88
CA GLY R 117 -20.06 -27.13 65.88
C GLY R 117 -21.27 -26.50 65.23
N THR R 118 -21.36 -25.18 65.41
CA THR R 118 -22.42 -24.35 64.83
C THR R 118 -21.80 -23.06 64.30
N ILE R 119 -22.13 -22.69 63.06
CA ILE R 119 -21.52 -21.53 62.38
C ILE R 119 -22.61 -20.70 61.70
N ASP R 120 -22.66 -19.40 62.02
CA ASP R 120 -23.61 -18.44 61.43
C ASP R 120 -22.94 -17.53 60.40
N GLY R 121 -23.76 -16.79 59.68
CA GLY R 121 -23.29 -15.76 58.75
C GLY R 121 -22.81 -16.26 57.39
N LEU R 122 -23.08 -17.53 57.08
CA LEU R 122 -22.64 -18.15 55.82
C LEU R 122 -23.67 -17.93 54.72
N GLU R 123 -23.23 -18.05 53.47
CA GLU R 123 -24.15 -18.17 52.34
C GLU R 123 -24.88 -19.53 52.45
N PRO R 124 -26.10 -19.63 51.88
CA PRO R 124 -26.67 -20.98 51.78
C PRO R 124 -25.83 -21.84 50.85
N GLY R 125 -25.58 -23.09 51.24
CA GLY R 125 -24.80 -24.03 50.43
C GLY R 125 -23.67 -24.70 51.20
N LEU R 126 -22.80 -25.37 50.45
CA LEU R 126 -21.71 -26.16 51.03
C LEU R 126 -20.42 -25.35 51.15
N HIS R 127 -19.80 -25.43 52.33
CA HIS R 127 -18.58 -24.71 52.66
C HIS R 127 -17.52 -25.68 53.18
N GLY R 128 -16.33 -25.62 52.59
CA GLY R 128 -15.22 -26.49 53.00
C GLY R 128 -14.69 -26.15 54.37
N LEU R 129 -14.54 -27.16 55.21
CA LEU R 129 -14.02 -27.01 56.58
C LEU R 129 -12.71 -27.79 56.69
N HIS R 130 -11.67 -27.14 57.18
CA HIS R 130 -10.34 -27.75 57.26
C HIS R 130 -9.56 -27.30 58.50
N VAL R 131 -8.73 -28.21 59.02
CA VAL R 131 -7.71 -27.87 60.01
C VAL R 131 -6.44 -27.50 59.25
N HIS R 132 -6.01 -26.24 59.39
CA HIS R 132 -4.74 -25.76 58.83
C HIS R 132 -3.65 -25.85 59.91
N GLN R 133 -2.39 -25.90 59.47
CA GLN R 133 -1.28 -26.34 60.33
C GLN R 133 -0.85 -25.35 61.42
N TYR R 134 -0.95 -24.05 61.17
CA TYR R 134 -0.54 -23.03 62.17
C TYR R 134 -1.75 -22.32 62.79
N GLY R 135 -1.54 -21.78 64.00
CA GLY R 135 -2.56 -20.97 64.72
C GLY R 135 -2.17 -19.50 64.81
N ASP R 136 -1.82 -18.94 63.66
CA ASP R 136 -1.31 -17.58 63.53
C ASP R 136 -2.42 -16.72 62.92
N LEU R 137 -2.96 -15.79 63.71
CA LEU R 137 -3.99 -14.84 63.23
C LEU R 137 -3.48 -13.40 63.12
N THR R 138 -2.19 -13.22 62.84
CA THR R 138 -1.61 -11.90 62.62
C THR R 138 -2.11 -11.28 61.30
N ASN R 139 -2.31 -12.11 60.29
CA ASN R 139 -2.85 -11.70 58.99
C ASN R 139 -4.18 -12.41 58.72
N ASN R 140 -5.05 -12.41 59.73
CA ASN R 140 -6.31 -13.16 59.71
C ASN R 140 -6.06 -14.63 59.37
N CYS R 141 -6.76 -15.18 58.37
CA CYS R 141 -6.64 -16.60 58.02
C CYS R 141 -5.51 -16.87 57.05
N ASN R 142 -4.97 -15.83 56.42
CA ASN R 142 -3.93 -16.00 55.40
C ASN R 142 -2.57 -16.46 55.94
N SER R 143 -2.33 -16.19 57.23
CA SER R 143 -1.10 -16.62 57.92
C SER R 143 -1.18 -18.01 58.58
N CYS R 144 -2.31 -18.71 58.45
CA CYS R 144 -2.50 -20.06 59.04
C CYS R 144 -1.81 -21.22 58.30
N GLY R 145 -1.19 -20.97 57.16
CA GLY R 145 -0.51 -22.03 56.39
C GLY R 145 -1.48 -22.88 55.59
N ASN R 146 -1.05 -24.08 55.22
CA ASN R 146 -1.87 -25.02 54.42
C ASN R 146 -2.66 -25.98 55.29
N HIS R 147 -3.49 -26.80 54.64
CA HIS R 147 -4.23 -27.88 55.32
C HIS R 147 -3.25 -28.79 56.08
N PHE R 148 -3.63 -29.19 57.29
CA PHE R 148 -2.80 -30.01 58.15
C PHE R 148 -2.54 -31.38 57.52
N ASN R 149 -1.28 -31.67 57.21
CA ASN R 149 -0.90 -32.81 56.37
C ASN R 149 0.41 -33.48 56.80
N PRO R 150 0.45 -34.06 58.02
CA PRO R 150 1.66 -34.74 58.50
C PRO R 150 2.06 -36.01 57.73
N ASP R 151 1.08 -36.73 57.16
CA ASP R 151 1.37 -37.95 56.40
C ASP R 151 1.74 -37.74 54.91
N GLY R 152 1.86 -36.48 54.48
CA GLY R 152 2.21 -36.16 53.09
C GLY R 152 1.23 -36.75 52.09
N ALA R 153 -0.05 -36.65 52.42
CA ALA R 153 -1.14 -37.20 51.60
C ALA R 153 -1.64 -36.18 50.59
N SER R 154 -2.40 -36.67 49.61
CA SER R 154 -3.12 -35.83 48.66
C SER R 154 -4.41 -35.34 49.33
N HIS R 155 -5.05 -34.32 48.75
CA HIS R 155 -6.34 -33.80 49.27
C HIS R 155 -7.49 -34.78 48.99
N GLY R 156 -8.44 -34.82 49.91
CA GLY R 156 -9.66 -35.61 49.73
C GLY R 156 -10.75 -35.27 50.73
N GLY R 157 -11.91 -35.91 50.57
CA GLY R 157 -13.01 -35.78 51.52
C GLY R 157 -12.88 -36.80 52.65
N PRO R 158 -13.78 -36.72 53.66
CA PRO R 158 -13.78 -37.62 54.84
C PRO R 158 -13.81 -39.11 54.51
N GLN R 159 -14.55 -39.47 53.47
CA GLN R 159 -14.66 -40.86 53.01
C GLN R 159 -13.37 -41.44 52.40
N ASP R 160 -12.41 -40.58 52.03
CA ASP R 160 -11.11 -41.03 51.50
C ASP R 160 -10.10 -41.21 52.64
N SER R 161 -9.49 -42.39 52.73
CA SER R 161 -8.41 -42.60 53.69
C SER R 161 -7.17 -41.80 53.27
N ASP R 162 -6.86 -41.81 51.96
CA ASP R 162 -5.83 -40.94 51.40
C ASP R 162 -6.34 -39.50 51.35
N ARG R 163 -6.26 -38.83 52.50
CA ARG R 163 -6.63 -37.42 52.63
C ARG R 163 -5.67 -36.71 53.57
N HIS R 164 -5.73 -35.38 53.57
CA HIS R 164 -5.01 -34.61 54.58
C HIS R 164 -5.74 -34.81 55.90
N ARG R 165 -4.99 -34.93 56.98
CA ARG R 165 -5.55 -35.11 58.32
C ARG R 165 -6.50 -33.98 58.67
N GLY R 166 -6.25 -32.79 58.13
CA GLY R 166 -7.14 -31.65 58.31
C GLY R 166 -8.44 -31.63 57.51
N ASP R 167 -8.62 -32.57 56.58
CA ASP R 167 -9.79 -32.59 55.70
C ASP R 167 -11.05 -33.09 56.39
N LEU R 168 -11.92 -32.15 56.76
CA LEU R 168 -13.20 -32.46 57.40
C LEU R 168 -14.38 -32.44 56.41
N GLY R 169 -14.11 -32.05 55.16
CA GLY R 169 -15.11 -32.09 54.10
C GLY R 169 -15.98 -30.86 54.06
N ASN R 170 -17.24 -31.05 53.67
CA ASN R 170 -18.20 -29.95 53.52
C ASN R 170 -19.16 -29.87 54.69
N VAL R 171 -19.66 -28.66 54.90
CA VAL R 171 -20.67 -28.37 55.91
C VAL R 171 -21.75 -27.53 55.23
N ARG R 172 -22.98 -28.05 55.19
CA ARG R 172 -24.10 -27.36 54.55
C ARG R 172 -24.65 -26.28 55.46
N ALA R 173 -24.97 -25.14 54.84
CA ALA R 173 -25.60 -24.01 55.53
C ALA R 173 -27.03 -23.86 55.00
N ASP R 174 -27.99 -23.77 55.91
CA ASP R 174 -29.42 -23.58 55.54
C ASP R 174 -29.69 -22.15 55.05
N ALA R 175 -30.91 -21.91 54.59
CA ALA R 175 -31.29 -20.59 54.04
C ALA R 175 -31.06 -19.38 54.94
N ASP R 176 -31.05 -19.57 56.27
CA ASP R 176 -30.70 -18.49 57.21
C ASP R 176 -29.19 -18.17 57.25
N GLY R 177 -28.37 -19.14 56.84
CA GLY R 177 -26.91 -19.04 56.90
C GLY R 177 -26.28 -19.83 58.05
N ARG R 178 -27.12 -20.52 58.84
CA ARG R 178 -26.64 -21.36 59.93
C ARG R 178 -26.24 -22.74 59.39
N ALA R 179 -25.14 -23.27 59.92
CA ALA R 179 -24.65 -24.61 59.58
C ALA R 179 -24.33 -25.38 60.86
N ILE R 180 -25.16 -26.38 61.17
CA ILE R 180 -24.98 -27.25 62.34
C ILE R 180 -24.48 -28.60 61.85
N PHE R 181 -23.43 -29.11 62.48
CA PHE R 181 -22.86 -30.40 62.12
C PHE R 181 -22.32 -31.16 63.33
N ARG R 182 -22.22 -32.47 63.17
CA ARG R 182 -21.67 -33.37 64.19
C ARG R 182 -21.14 -34.59 63.46
N MET R 183 -19.87 -34.92 63.70
CA MET R 183 -19.14 -35.88 62.87
C MET R 183 -17.99 -36.48 63.66
N GLU R 184 -17.65 -37.73 63.34
CA GLU R 184 -16.52 -38.42 63.95
C GLU R 184 -15.42 -38.62 62.91
N ASP R 185 -14.18 -38.41 63.32
CA ASP R 185 -13.00 -38.60 62.46
C ASP R 185 -12.02 -39.55 63.18
N GLU R 186 -11.48 -40.51 62.42
CA GLU R 186 -10.65 -41.57 63.00
C GLU R 186 -9.16 -41.36 62.81
N GLN R 187 -8.78 -40.32 62.04
CA GLN R 187 -7.38 -39.94 61.85
C GLN R 187 -7.01 -38.68 62.64
N LEU R 188 -7.92 -37.71 62.68
CA LEU R 188 -7.73 -36.50 63.48
C LEU R 188 -7.72 -36.86 64.96
N LYS R 189 -6.71 -36.36 65.67
CA LYS R 189 -6.60 -36.54 67.12
C LYS R 189 -6.42 -35.17 67.77
N VAL R 190 -7.07 -34.95 68.91
CA VAL R 190 -7.09 -33.65 69.59
C VAL R 190 -5.67 -33.16 69.90
N TRP R 191 -4.84 -34.04 70.45
CA TRP R 191 -3.43 -33.73 70.75
C TRP R 191 -2.63 -33.22 69.56
N ASP R 192 -2.89 -33.85 68.41
CA ASP R 192 -2.19 -33.57 67.17
C ASP R 192 -2.38 -32.13 66.67
N VAL R 193 -3.53 -31.51 67.00
CA VAL R 193 -3.95 -30.20 66.45
C VAL R 193 -4.07 -29.03 67.46
N ILE R 194 -3.64 -29.23 68.71
CA ILE R 194 -3.67 -28.15 69.71
C ILE R 194 -2.76 -27.03 69.23
N GLY R 195 -3.27 -25.80 69.28
CA GLY R 195 -2.52 -24.63 68.84
C GLY R 195 -2.49 -24.38 67.34
N ARG R 196 -3.16 -25.25 66.56
CA ARG R 196 -3.31 -25.08 65.12
C ARG R 196 -4.68 -24.42 64.88
N SER R 197 -5.03 -24.17 63.62
CA SER R 197 -6.28 -23.46 63.32
C SER R 197 -7.33 -24.32 62.60
N LEU R 198 -8.60 -24.02 62.88
CA LEU R 198 -9.73 -24.51 62.09
C LEU R 198 -10.20 -23.36 61.22
N ILE R 199 -10.51 -23.64 59.96
CA ILE R 199 -10.91 -22.60 59.00
C ILE R 199 -12.11 -23.06 58.16
N ILE R 200 -13.09 -22.17 58.00
CA ILE R 200 -14.23 -22.41 57.10
C ILE R 200 -14.08 -21.57 55.82
N ASP R 201 -14.22 -22.24 54.67
CA ASP R 201 -13.92 -21.66 53.35
C ASP R 201 -15.19 -21.11 52.68
N GLU R 202 -14.96 -20.33 51.62
CA GLU R 202 -16.03 -19.61 50.90
C GLU R 202 -17.00 -20.54 50.15
N GLY R 203 -16.44 -21.35 49.26
CA GLY R 203 -17.21 -22.23 48.39
C GLY R 203 -17.14 -23.69 48.79
N GLU R 204 -17.58 -24.54 47.86
CA GLU R 204 -17.64 -25.98 48.07
C GLU R 204 -16.29 -26.65 47.78
N ASP R 205 -15.76 -27.34 48.79
CA ASP R 205 -14.72 -28.37 48.64
C ASP R 205 -15.14 -29.47 47.63
N ASP R 206 -14.36 -29.64 46.55
CA ASP R 206 -14.59 -30.71 45.57
C ASP R 206 -14.01 -32.09 45.95
N LEU R 207 -13.38 -32.18 47.13
CA LEU R 207 -12.91 -33.46 47.71
C LEU R 207 -11.88 -34.18 46.84
N GLY R 208 -11.05 -33.42 46.14
CA GLY R 208 -10.07 -33.97 45.22
C GLY R 208 -10.62 -34.49 43.91
N ARG R 209 -11.89 -34.21 43.60
CA ARG R 209 -12.56 -34.80 42.43
C ARG R 209 -12.93 -33.79 41.33
N GLY R 210 -12.57 -32.52 41.49
CA GLY R 210 -12.99 -31.46 40.57
C GLY R 210 -12.25 -31.37 39.24
N GLY R 211 -11.14 -32.10 39.08
CA GLY R 211 -10.32 -32.02 37.87
C GLY R 211 -9.61 -30.69 37.67
N HIS R 212 -9.44 -29.94 38.76
CA HIS R 212 -8.95 -28.56 38.73
C HIS R 212 -7.55 -28.54 39.37
N PRO R 213 -6.66 -27.63 38.94
CA PRO R 213 -5.31 -27.59 39.50
C PRO R 213 -5.21 -27.59 41.03
N LEU R 214 -6.12 -26.90 41.71
CA LEU R 214 -6.23 -26.91 43.17
C LEU R 214 -7.11 -28.02 43.80
N SER R 215 -7.59 -28.99 43.02
CA SER R 215 -8.47 -30.04 43.56
C SER R 215 -7.73 -30.96 44.51
N LYS R 216 -6.58 -31.47 44.09
CA LYS R 216 -5.75 -32.34 44.92
C LYS R 216 -4.89 -31.58 45.95
N ILE R 217 -4.88 -30.25 45.90
CA ILE R 217 -4.19 -29.42 46.90
C ILE R 217 -5.16 -28.93 47.98
N THR R 218 -6.15 -28.10 47.60
CA THR R 218 -7.12 -27.52 48.54
C THR R 218 -8.59 -27.92 48.33
N GLY R 219 -8.89 -28.51 47.18
CA GLY R 219 -10.28 -28.81 46.80
C GLY R 219 -11.04 -27.62 46.24
N ASN R 220 -10.32 -26.56 45.85
CA ASN R 220 -10.88 -25.40 45.14
C ASN R 220 -12.11 -24.77 45.82
N SER R 221 -12.08 -24.66 47.15
CA SER R 221 -13.18 -24.07 47.92
C SER R 221 -13.05 -22.54 48.12
N GLY R 222 -12.19 -21.87 47.34
CA GLY R 222 -12.17 -20.41 47.33
C GLY R 222 -11.51 -19.81 48.55
N GLU R 223 -11.95 -18.59 48.89
CA GLU R 223 -11.31 -17.78 49.96
C GLU R 223 -11.65 -18.28 51.36
N ARG R 224 -10.83 -17.88 52.32
CA ARG R 224 -11.02 -18.26 53.72
C ARG R 224 -11.85 -17.20 54.43
N LEU R 225 -13.06 -17.55 54.84
CA LEU R 225 -14.00 -16.58 55.44
C LEU R 225 -13.67 -16.32 56.90
N ALA R 226 -13.58 -17.39 57.68
CA ALA R 226 -13.38 -17.31 59.12
C ALA R 226 -12.42 -18.40 59.61
N CYS R 227 -11.67 -18.06 60.66
CA CYS R 227 -10.68 -18.97 61.25
C CYS R 227 -10.54 -18.68 62.74
N GLY R 228 -9.97 -19.65 63.44
CA GLY R 228 -9.74 -19.57 64.87
C GLY R 228 -8.78 -20.66 65.31
N ILE R 229 -8.20 -20.50 66.49
CA ILE R 229 -7.19 -21.43 66.97
C ILE R 229 -7.89 -22.58 67.71
N ILE R 230 -7.47 -23.80 67.42
CA ILE R 230 -7.91 -24.98 68.15
C ILE R 230 -7.21 -24.95 69.51
N ALA R 231 -7.96 -24.48 70.51
CA ALA R 231 -7.44 -24.23 71.84
C ALA R 231 -7.81 -25.36 72.79
N ARG R 232 -6.92 -25.64 73.75
CA ARG R 232 -7.20 -26.60 74.84
C ARG R 232 -8.46 -26.16 75.59
N SER R 233 -9.39 -27.09 75.79
CA SER R 233 -10.53 -26.87 76.66
C SER R 233 -10.56 -27.98 77.70
N ALA R 234 -11.22 -27.71 78.81
CA ALA R 234 -11.16 -28.59 79.97
C ALA R 234 -11.85 -29.93 79.73
N GLY R 235 -11.38 -30.95 80.43
CA GLY R 235 -12.04 -32.25 80.49
C GLY R 235 -13.07 -32.25 81.61
N LEU R 236 -13.53 -33.44 82.00
CA LEU R 236 -14.45 -33.58 83.12
C LEU R 236 -13.75 -33.26 84.44
N PHE R 237 -14.34 -32.30 85.18
CA PHE R 237 -13.89 -31.90 86.54
C PHE R 237 -12.48 -31.30 86.60
N GLN R 238 -11.98 -30.79 85.48
CA GLN R 238 -10.62 -30.22 85.40
C GLN R 238 -10.57 -28.69 85.62
N ASN R 239 -11.74 -28.07 85.85
CA ASN R 239 -11.83 -26.61 85.92
C ASN R 239 -12.78 -26.12 87.05
N PRO R 240 -12.28 -26.08 88.30
CA PRO R 240 -13.02 -25.50 89.43
C PRO R 240 -12.77 -24.00 89.58
N ALA S 1 -3.87 -45.17 58.59
CA ALA S 1 -3.18 -45.13 57.27
C ALA S 1 -4.07 -45.64 56.14
N THR S 2 -3.58 -45.51 54.91
CA THR S 2 -4.25 -46.09 53.73
C THR S 2 -3.70 -47.49 53.38
N LYS S 3 -2.46 -47.77 53.77
CA LYS S 3 -1.83 -49.09 53.54
C LYS S 3 -1.08 -49.61 54.76
N ALA S 4 -1.00 -50.94 54.86
CA ALA S 4 -0.18 -51.61 55.86
C ALA S 4 0.45 -52.87 55.30
N VAL S 5 1.50 -53.35 55.97
CA VAL S 5 2.22 -54.53 55.56
C VAL S 5 2.73 -55.31 56.78
N CYS S 6 2.82 -56.62 56.65
CA CYS S 6 3.25 -57.50 57.73
C CYS S 6 4.10 -58.64 57.18
N VAL S 7 5.34 -58.73 57.66
CA VAL S 7 6.23 -59.84 57.34
C VAL S 7 6.01 -60.92 58.40
N LEU S 8 5.59 -62.11 57.98
CA LEU S 8 5.33 -63.25 58.87
C LEU S 8 6.55 -64.16 58.96
N LYS S 9 6.98 -64.47 60.19
CA LYS S 9 8.17 -65.32 60.44
C LYS S 9 7.91 -66.34 61.54
N GLY S 10 8.54 -67.51 61.39
CA GLY S 10 8.40 -68.62 62.35
C GLY S 10 9.73 -69.29 62.69
N ASP S 11 9.71 -70.09 63.77
CA ASP S 11 10.89 -70.90 64.16
C ASP S 11 11.22 -72.02 63.14
N GLY S 12 10.19 -72.51 62.43
CA GLY S 12 10.36 -73.45 61.32
C GLY S 12 10.53 -72.72 59.98
N PRO S 13 10.32 -73.43 58.85
CA PRO S 13 10.47 -72.85 57.50
C PRO S 13 9.25 -72.07 56.94
N VAL S 14 8.30 -71.70 57.80
CA VAL S 14 7.10 -70.97 57.39
C VAL S 14 7.42 -69.48 57.34
N GLN S 15 7.17 -68.86 56.19
CA GLN S 15 7.42 -67.41 56.00
C GLN S 15 6.45 -66.81 54.97
N GLY S 16 6.26 -65.50 55.03
CA GLY S 16 5.38 -64.81 54.09
C GLY S 16 5.26 -63.32 54.31
N ILE S 17 4.62 -62.64 53.34
CA ILE S 17 4.31 -61.22 53.44
C ILE S 17 2.82 -61.06 53.17
N ILE S 18 2.16 -60.23 53.99
CA ILE S 18 0.74 -59.93 53.83
C ILE S 18 0.58 -58.41 53.75
N ASN S 19 -0.16 -57.95 52.74
CA ASN S 19 -0.43 -56.53 52.51
C ASN S 19 -1.86 -56.17 52.87
N PHE S 20 -2.07 -54.89 53.23
CA PHE S 20 -3.40 -54.38 53.54
C PHE S 20 -3.59 -53.05 52.82
N GLU S 21 -4.77 -52.84 52.23
CA GLU S 21 -5.09 -51.58 51.56
C GLU S 21 -6.56 -51.21 51.78
N GLN S 22 -6.80 -49.99 52.25
CA GLN S 22 -8.14 -49.51 52.57
C GLN S 22 -8.30 -48.09 52.03
N LYS S 23 -9.00 -47.95 50.92
CA LYS S 23 -9.20 -46.64 50.26
C LYS S 23 -10.40 -45.85 50.82
N GLU S 24 -11.48 -46.55 51.19
CA GLU S 24 -12.63 -45.93 51.87
C GLU S 24 -12.34 -45.84 53.36
N SER S 25 -12.72 -44.72 53.98
CA SER S 25 -12.65 -44.58 55.44
C SER S 25 -13.65 -45.53 56.07
N ASN S 26 -13.20 -46.34 57.02
CA ASN S 26 -13.98 -47.47 57.57
C ASN S 26 -14.61 -48.36 56.49
N GLY S 27 -13.86 -48.56 55.40
CA GLY S 27 -14.33 -49.33 54.25
C GLY S 27 -13.84 -50.76 54.35
N PRO S 28 -13.98 -51.51 53.23
CA PRO S 28 -13.39 -52.84 53.16
C PRO S 28 -11.86 -52.79 53.14
N VAL S 29 -11.23 -53.64 53.94
CA VAL S 29 -9.78 -53.82 53.92
C VAL S 29 -9.49 -54.99 52.99
N LYS S 30 -8.67 -54.76 51.97
CA LYS S 30 -8.25 -55.83 51.05
C LYS S 30 -6.95 -56.40 51.60
N VAL S 31 -7.01 -57.64 52.09
CA VAL S 31 -5.83 -58.34 52.62
C VAL S 31 -5.37 -59.33 51.55
N TRP S 32 -4.15 -59.14 51.05
CA TRP S 32 -3.58 -60.08 50.09
C TRP S 32 -2.09 -60.28 50.32
N GLY S 33 -1.57 -61.38 49.80
CA GLY S 33 -0.15 -61.70 49.93
C GLY S 33 0.11 -63.16 49.66
N SER S 34 1.15 -63.70 50.26
CA SER S 34 1.43 -65.13 50.17
C SER S 34 2.28 -65.64 51.33
N ILE S 35 1.93 -66.82 51.81
CA ILE S 35 2.61 -67.51 52.88
C ILE S 35 3.08 -68.84 52.30
N LYS S 36 4.32 -69.23 52.58
CA LYS S 36 4.84 -70.52 52.13
C LYS S 36 5.37 -71.34 53.31
N GLY S 37 5.73 -72.59 53.04
CA GLY S 37 6.26 -73.49 54.06
C GLY S 37 5.21 -74.21 54.90
N LEU S 38 3.92 -73.96 54.67
CA LEU S 38 2.85 -74.57 55.46
C LEU S 38 2.60 -76.00 54.99
N THR S 39 1.95 -76.79 55.85
CA THR S 39 1.38 -78.08 55.43
C THR S 39 0.15 -77.78 54.60
N GLU S 40 -0.20 -78.71 53.71
CA GLU S 40 -1.34 -78.53 52.83
C GLU S 40 -2.64 -78.52 53.65
N GLY S 41 -3.55 -77.61 53.31
CA GLY S 41 -4.85 -77.52 53.96
C GLY S 41 -5.08 -76.20 54.66
N LEU S 42 -6.07 -76.19 55.56
CA LEU S 42 -6.52 -74.96 56.22
C LEU S 42 -5.65 -74.63 57.43
N HIS S 43 -5.41 -73.33 57.62
CA HIS S 43 -4.61 -72.80 58.73
C HIS S 43 -5.25 -71.51 59.23
N GLY S 44 -5.55 -71.46 60.52
CA GLY S 44 -6.12 -70.27 61.15
C GLY S 44 -5.30 -69.01 60.88
N PHE S 45 -5.99 -67.89 60.71
CA PHE S 45 -5.38 -66.64 60.26
C PHE S 45 -5.98 -65.49 61.06
N HIS S 46 -5.31 -65.11 62.16
CA HIS S 46 -5.87 -64.21 63.18
C HIS S 46 -4.98 -63.01 63.51
N VAL S 47 -5.63 -61.92 63.91
CA VAL S 47 -4.98 -60.72 64.43
C VAL S 47 -5.12 -60.69 65.96
N HIS S 48 -4.00 -60.83 66.67
CA HIS S 48 -3.98 -60.79 68.13
C HIS S 48 -4.07 -59.35 68.64
N GLU S 49 -4.37 -59.19 69.93
CA GLU S 49 -4.65 -57.86 70.49
C GLU S 49 -3.42 -56.95 70.57
N PHE S 50 -2.25 -57.53 70.80
CA PHE S 50 -1.02 -56.75 70.95
C PHE S 50 0.01 -57.12 69.89
N GLY S 51 0.92 -56.18 69.64
CA GLY S 51 2.07 -56.40 68.77
C GLY S 51 3.31 -56.92 69.49
N ASP S 52 3.27 -56.95 70.82
CA ASP S 52 4.38 -57.37 71.68
C ASP S 52 4.68 -58.86 71.44
N ASN S 53 5.84 -59.15 70.86
CA ASN S 53 6.30 -60.53 70.65
C ASN S 53 7.65 -60.78 71.32
N THR S 54 7.85 -60.16 72.49
CA THR S 54 9.04 -60.39 73.31
C THR S 54 8.93 -61.74 74.02
N ALA S 55 7.72 -62.07 74.46
CA ALA S 55 7.40 -63.38 75.06
C ALA S 55 6.32 -64.13 74.26
N GLY S 56 6.50 -64.20 72.94
CA GLY S 56 5.63 -65.00 72.07
C GLY S 56 4.17 -64.59 72.09
N ALA S 57 3.27 -65.58 72.15
CA ALA S 57 1.83 -65.36 72.20
C ALA S 57 1.34 -64.91 73.59
N THR S 58 2.11 -65.19 74.64
CA THR S 58 1.75 -64.76 76.01
C THR S 58 1.79 -63.24 76.19
N SER S 59 2.59 -62.55 75.36
CA SER S 59 2.64 -61.08 75.32
C SER S 59 1.72 -60.48 74.24
N ALA S 60 1.53 -61.20 73.14
CA ALA S 60 0.58 -60.79 72.09
C ALA S 60 -0.88 -60.77 72.56
N GLY S 61 -1.20 -61.56 73.58
CA GLY S 61 -2.54 -61.54 74.17
C GLY S 61 -3.54 -62.35 73.38
N PRO S 62 -4.84 -62.21 73.69
CA PRO S 62 -5.88 -62.95 72.99
C PRO S 62 -6.15 -62.38 71.59
N HIS S 63 -7.15 -62.92 70.90
CA HIS S 63 -7.53 -62.41 69.58
C HIS S 63 -8.14 -61.02 69.75
N PHE S 64 -7.79 -60.11 68.84
CA PHE S 64 -8.23 -58.71 68.91
C PHE S 64 -9.76 -58.63 68.94
N ASN S 65 -10.29 -58.07 70.03
CA ASN S 65 -11.69 -58.22 70.40
C ASN S 65 -12.21 -57.03 71.22
N PRO S 66 -12.37 -55.85 70.57
CA PRO S 66 -12.89 -54.66 71.27
C PRO S 66 -14.38 -54.71 71.65
N LEU S 67 -15.17 -55.58 71.02
CA LEU S 67 -16.60 -55.74 71.34
C LEU S 67 -16.92 -56.94 72.25
N SER S 68 -15.90 -57.54 72.86
CA SER S 68 -16.04 -58.58 73.90
C SER S 68 -16.79 -59.86 73.46
N ARG S 69 -16.74 -60.19 72.18
CA ARG S 69 -17.52 -61.28 71.61
C ARG S 69 -16.87 -62.66 71.84
N LYS S 70 -17.58 -63.69 71.42
CA LYS S 70 -17.04 -65.04 71.29
C LYS S 70 -16.40 -65.18 69.91
N HIS S 71 -15.65 -66.27 69.72
CA HIS S 71 -14.95 -66.53 68.46
C HIS S 71 -15.96 -66.86 67.36
N GLY S 72 -15.64 -66.44 66.13
CA GLY S 72 -16.40 -66.82 64.94
C GLY S 72 -15.55 -66.82 63.67
N GLY S 73 -16.20 -67.15 62.56
CA GLY S 73 -15.60 -67.00 61.23
C GLY S 73 -15.80 -65.58 60.73
N PRO S 74 -15.11 -65.21 59.63
CA PRO S 74 -15.25 -63.84 59.08
C PRO S 74 -16.68 -63.45 58.70
N LYS S 75 -17.42 -64.41 58.14
CA LYS S 75 -18.80 -64.17 57.72
C LYS S 75 -19.78 -64.03 58.89
N ASP S 76 -19.50 -64.70 60.02
CA ASP S 76 -20.36 -64.64 61.21
C ASP S 76 -20.48 -63.22 61.78
N GLU S 77 -21.67 -62.86 62.26
CA GLU S 77 -21.85 -61.59 62.98
C GLU S 77 -21.26 -61.70 64.39
N GLU S 78 -21.47 -62.83 65.05
CA GLU S 78 -20.84 -63.11 66.35
C GLU S 78 -19.39 -63.59 66.15
N ARG S 79 -18.45 -62.66 66.25
CA ARG S 79 -17.02 -62.93 66.02
C ARG S 79 -16.15 -61.93 66.77
N HIS S 80 -14.88 -62.29 66.98
CA HIS S 80 -13.87 -61.31 67.37
C HIS S 80 -13.53 -60.48 66.12
N VAL S 81 -13.04 -59.26 66.33
CA VAL S 81 -12.60 -58.40 65.20
C VAL S 81 -11.41 -59.02 64.48
N GLY S 82 -10.50 -59.65 65.23
CA GLY S 82 -9.32 -60.30 64.65
C GLY S 82 -9.51 -61.65 63.97
N ASP S 83 -10.76 -62.12 63.85
CA ASP S 83 -11.08 -63.39 63.20
C ASP S 83 -11.17 -63.27 61.67
N LEU S 84 -10.08 -63.63 60.98
CA LEU S 84 -10.07 -63.71 59.51
C LEU S 84 -10.10 -65.15 59.00
N GLY S 85 -10.67 -66.07 59.79
CA GLY S 85 -10.90 -67.44 59.36
C GLY S 85 -9.63 -68.21 59.04
N ASN S 86 -9.63 -68.91 57.90
CA ASN S 86 -8.51 -69.74 57.47
C ASN S 86 -7.88 -69.27 56.16
N VAL S 87 -6.68 -69.78 55.90
CA VAL S 87 -6.03 -69.69 54.59
C VAL S 87 -5.75 -71.10 54.08
N THR S 88 -5.85 -71.30 52.77
CA THR S 88 -5.70 -72.60 52.16
C THR S 88 -4.31 -72.71 51.53
N ALA S 89 -3.49 -73.61 52.05
CA ALA S 89 -2.21 -73.96 51.42
C ALA S 89 -2.41 -75.08 50.42
N ASP S 90 -1.73 -74.97 49.27
CA ASP S 90 -1.77 -75.98 48.22
C ASP S 90 -0.83 -77.15 48.54
N LYS S 91 -0.84 -78.18 47.69
CA LYS S 91 0.07 -79.33 47.84
C LYS S 91 1.56 -78.98 48.01
N ASP S 92 2.02 -77.88 47.40
CA ASP S 92 3.42 -77.42 47.56
C ASP S 92 3.68 -76.60 48.85
N GLY S 93 2.66 -76.39 49.66
CA GLY S 93 2.78 -75.60 50.89
C GLY S 93 2.66 -74.09 50.75
N VAL S 94 2.17 -73.61 49.61
CA VAL S 94 2.04 -72.19 49.31
C VAL S 94 0.58 -71.75 49.49
N ALA S 95 0.35 -70.70 50.28
CA ALA S 95 -0.99 -70.18 50.57
C ALA S 95 -1.15 -68.75 50.07
N ASP S 96 -1.63 -68.61 48.82
CA ASP S 96 -1.94 -67.29 48.26
C ASP S 96 -3.18 -66.75 48.95
N VAL S 97 -3.08 -65.54 49.49
CA VAL S 97 -4.18 -64.94 50.25
C VAL S 97 -4.80 -63.79 49.45
N SER S 98 -6.13 -63.69 49.51
CA SER S 98 -6.86 -62.64 48.81
C SER S 98 -8.21 -62.40 49.50
N ILE S 99 -8.14 -62.01 50.76
CA ILE S 99 -9.31 -61.73 51.60
C ILE S 99 -9.79 -60.28 51.40
N GLU S 100 -11.09 -60.08 51.61
CA GLU S 100 -11.73 -58.78 51.82
C GLU S 100 -12.53 -58.88 53.12
N ASP S 101 -12.38 -57.91 54.01
CA ASP S 101 -13.08 -57.91 55.29
C ASP S 101 -13.44 -56.48 55.68
N SER S 102 -14.68 -56.28 56.12
CA SER S 102 -15.20 -54.97 56.54
C SER S 102 -15.16 -54.73 58.05
N VAL S 103 -14.99 -55.78 58.84
CA VAL S 103 -14.97 -55.65 60.31
C VAL S 103 -13.66 -55.00 60.79
N ILE S 104 -12.53 -55.41 60.21
CA ILE S 104 -11.24 -54.74 60.45
C ILE S 104 -11.16 -53.39 59.74
N SER S 105 -10.21 -52.59 60.19
CA SER S 105 -9.95 -51.26 59.64
C SER S 105 -8.47 -50.94 59.84
N LEU S 106 -8.00 -49.89 59.16
CA LEU S 106 -6.67 -49.34 59.40
C LEU S 106 -6.79 -47.98 60.12
N SER S 107 -7.92 -47.78 60.80
CA SER S 107 -8.23 -46.55 61.53
C SER S 107 -9.48 -46.77 62.37
N GLY S 108 -9.52 -46.13 63.54
CA GLY S 108 -10.64 -46.26 64.48
C GLY S 108 -10.39 -47.34 65.52
N ASP S 109 -11.45 -47.74 66.21
CA ASP S 109 -11.37 -48.75 67.28
C ASP S 109 -11.06 -50.14 66.76
N HIS S 110 -11.34 -50.39 65.48
CA HIS S 110 -11.02 -51.67 64.85
C HIS S 110 -9.71 -51.58 64.04
N CYS S 111 -8.84 -50.62 64.37
CA CYS S 111 -7.54 -50.46 63.70
C CYS S 111 -6.63 -51.63 64.07
N ILE S 112 -6.11 -52.32 63.06
CA ILE S 112 -5.25 -53.50 63.26
C ILE S 112 -3.76 -53.18 63.14
N ILE S 113 -3.43 -51.93 62.83
CA ILE S 113 -2.03 -51.50 62.74
C ILE S 113 -1.39 -51.62 64.12
N GLY S 114 -0.12 -52.02 64.15
CA GLY S 114 0.61 -52.22 65.40
C GLY S 114 0.27 -53.47 66.20
N ARG S 115 -0.38 -54.44 65.56
CA ARG S 115 -0.75 -55.71 66.21
C ARG S 115 -0.10 -56.87 65.50
N THR S 116 -0.17 -58.04 66.14
CA THR S 116 0.42 -59.27 65.62
C THR S 116 -0.59 -60.03 64.76
N LEU S 117 -0.23 -60.27 63.50
CA LEU S 117 -0.95 -61.19 62.61
C LEU S 117 -0.30 -62.55 62.74
N VAL S 118 -1.12 -63.59 62.82
CA VAL S 118 -0.65 -64.97 63.07
C VAL S 118 -1.25 -65.97 62.08
N VAL S 119 -0.44 -66.94 61.68
CA VAL S 119 -0.92 -68.11 60.92
C VAL S 119 -0.65 -69.35 61.79
N HIS S 120 -1.71 -70.10 62.09
CA HIS S 120 -1.69 -71.19 63.08
C HIS S 120 -1.52 -72.58 62.44
N GLU S 121 -1.17 -73.56 63.27
CA GLU S 121 -0.84 -74.93 62.84
C GLU S 121 -2.04 -75.69 62.27
N LYS S 122 -3.09 -75.81 63.05
CA LYS S 122 -4.30 -76.54 62.66
C LYS S 122 -5.31 -75.58 62.03
N ALA S 123 -6.38 -76.16 61.52
CA ALA S 123 -7.49 -75.40 60.95
C ALA S 123 -8.35 -74.77 62.04
N ASP S 124 -8.54 -73.45 61.96
CA ASP S 124 -9.58 -72.75 62.71
C ASP S 124 -10.98 -73.29 62.37
N ASP S 125 -11.75 -73.64 63.40
CA ASP S 125 -13.09 -74.25 63.24
C ASP S 125 -14.27 -73.26 63.26
N LEU S 126 -13.99 -71.95 63.23
CA LEU S 126 -14.99 -70.90 63.08
C LEU S 126 -16.05 -70.83 64.20
N GLY S 127 -15.65 -71.23 65.40
CA GLY S 127 -16.51 -71.15 66.60
C GLY S 127 -17.47 -72.30 66.86
N LYS S 128 -17.57 -73.25 65.93
CA LYS S 128 -18.56 -74.33 66.02
C LYS S 128 -18.00 -75.68 66.53
N GLY S 129 -16.88 -75.63 67.26
CA GLY S 129 -16.28 -76.84 67.82
C GLY S 129 -16.99 -77.44 69.01
N GLY S 130 -17.88 -76.68 69.65
CA GLY S 130 -18.73 -77.19 70.73
C GLY S 130 -18.04 -77.47 72.06
N ASN S 131 -16.88 -76.86 72.28
CA ASN S 131 -16.15 -76.92 73.55
C ASN S 131 -15.63 -75.53 73.88
N GLU S 132 -15.08 -75.36 75.08
CA GLU S 132 -14.73 -74.03 75.58
C GLU S 132 -13.62 -73.34 74.77
N GLU S 133 -12.68 -74.12 74.25
CA GLU S 133 -11.55 -73.57 73.47
C GLU S 133 -11.95 -73.04 72.09
N SER S 134 -12.99 -73.62 71.48
CA SER S 134 -13.50 -73.19 70.17
C SER S 134 -14.06 -71.76 70.16
N THR S 135 -14.67 -71.34 71.27
CA THR S 135 -15.21 -69.97 71.39
C THR S 135 -14.18 -68.90 71.74
N LYS S 136 -12.90 -69.27 71.93
CA LYS S 136 -11.81 -68.31 72.20
C LYS S 136 -10.77 -68.27 71.08
N THR S 137 -10.13 -69.41 70.81
CA THR S 137 -9.05 -69.53 69.81
C THR S 137 -9.39 -70.33 68.54
N GLY S 138 -10.58 -70.95 68.50
CA GLY S 138 -10.99 -71.79 67.38
C GLY S 138 -10.25 -73.12 67.23
N ASN S 139 -9.55 -73.56 68.29
CA ASN S 139 -8.70 -74.76 68.28
C ASN S 139 -7.68 -74.82 67.13
N ALA S 140 -7.20 -73.65 66.73
CA ALA S 140 -6.29 -73.53 65.59
C ALA S 140 -4.88 -74.06 65.89
N GLY S 141 -4.58 -74.34 67.15
CA GLY S 141 -3.31 -74.94 67.53
C GLY S 141 -2.23 -73.89 67.72
N SER S 142 -0.98 -74.33 67.65
CA SER S 142 0.18 -73.49 67.93
C SER S 142 0.45 -72.45 66.83
N ARG S 143 1.07 -71.35 67.24
CA ARG S 143 1.62 -70.34 66.34
C ARG S 143 2.65 -71.00 65.42
N LEU S 144 2.43 -70.93 64.09
CA LEU S 144 3.44 -71.35 63.12
C LEU S 144 4.33 -70.18 62.72
N ALA S 145 3.71 -69.06 62.39
CA ALA S 145 4.43 -67.83 62.06
C ALA S 145 3.64 -66.61 62.47
N ALA S 146 4.34 -65.59 62.94
CA ALA S 146 3.75 -64.34 63.41
C ALA S 146 4.51 -63.15 62.85
N GLY S 147 3.92 -61.97 63.00
CA GLY S 147 4.56 -60.73 62.56
C GLY S 147 3.76 -59.52 62.96
N VAL S 148 4.43 -58.38 63.07
CA VAL S 148 3.76 -57.15 63.44
C VAL S 148 3.24 -56.45 62.18
N ILE S 149 2.00 -55.97 62.26
CA ILE S 149 1.36 -55.23 61.17
C ILE S 149 1.80 -53.76 61.24
N GLY S 150 2.48 -53.29 60.21
CA GLY S 150 3.07 -51.94 60.19
C GLY S 150 2.58 -51.07 59.04
N ILE S 151 2.68 -49.75 59.23
CA ILE S 151 2.24 -48.76 58.25
C ILE S 151 3.18 -48.81 57.04
N ALA S 152 2.58 -48.86 55.85
CA ALA S 152 3.32 -48.90 54.59
C ALA S 152 3.17 -47.61 53.81
N GLN S 153 4.09 -47.37 52.89
CA GLN S 153 4.02 -46.24 51.98
C GLN S 153 2.90 -46.45 50.96
N GLY T 9 14.93 -39.39 86.78
CA GLY T 9 13.88 -39.97 85.89
C GLY T 9 12.54 -40.17 86.58
N THR T 10 11.47 -40.29 85.78
CA THR T 10 10.11 -40.46 86.27
C THR T 10 9.84 -41.92 86.64
N LEU T 11 9.00 -42.11 87.67
CA LEU T 11 8.65 -43.45 88.14
C LEU T 11 7.68 -44.12 87.17
N ALA T 12 7.99 -45.36 86.82
CA ALA T 12 7.14 -46.20 85.96
C ALA T 12 6.80 -47.48 86.69
N THR T 13 5.56 -47.95 86.52
CA THR T 13 5.07 -49.18 87.17
C THR T 13 5.26 -50.37 86.21
N LEU T 14 5.96 -51.41 86.67
CA LEU T 14 6.24 -52.62 85.86
C LEU T 14 5.51 -53.86 86.40
N GLU T 15 4.51 -54.34 85.66
CA GLU T 15 3.80 -55.57 86.02
C GLU T 15 4.53 -56.79 85.45
N PHE T 16 5.23 -57.51 86.32
CA PHE T 16 5.85 -58.80 85.95
C PHE T 16 4.94 -59.97 86.26
N ALA T 17 5.19 -61.11 85.61
CA ALA T 17 4.57 -62.38 85.92
C ALA T 17 5.67 -63.32 86.40
N VAL T 18 5.66 -63.63 87.70
CA VAL T 18 6.71 -64.45 88.33
C VAL T 18 6.05 -65.62 89.06
N GLN T 19 6.60 -66.82 88.87
CA GLN T 19 6.03 -68.05 89.46
C GLN T 19 6.51 -68.26 90.90
N GLN T 23 5.56 -69.50 99.71
CA GLN T 23 5.75 -68.35 100.60
C GLN T 23 7.22 -67.98 100.78
N SER T 24 8.11 -68.97 100.79
CA SER T 24 9.56 -68.73 100.81
C SER T 24 10.08 -68.13 99.50
N ALA T 25 9.36 -68.40 98.41
CA ALA T 25 9.60 -67.73 97.12
C ALA T 25 9.30 -66.22 97.17
N VAL T 26 8.22 -65.85 97.87
CA VAL T 26 7.82 -64.43 98.03
C VAL T 26 8.87 -63.61 98.79
N ASP T 27 9.54 -64.24 99.76
CA ASP T 27 10.63 -63.60 100.52
C ASP T 27 11.92 -63.44 99.72
N ALA T 28 12.21 -64.38 98.82
CA ALA T 28 13.37 -64.30 97.91
C ALA T 28 13.19 -63.23 96.82
N VAL T 29 11.97 -63.13 96.28
CA VAL T 29 11.64 -62.10 95.27
C VAL T 29 11.65 -60.69 95.86
N ARG T 30 11.01 -60.51 97.02
CA ARG T 30 10.96 -59.21 97.71
C ARG T 30 12.33 -58.71 98.18
N LYS T 31 13.22 -59.65 98.53
CA LYS T 31 14.59 -59.31 98.96
C LYS T 31 15.47 -58.82 97.81
N SER T 32 15.31 -59.41 96.62
CA SER T 32 16.15 -59.07 95.46
C SER T 32 15.92 -57.66 94.89
N LEU T 33 14.72 -57.10 95.07
CA LEU T 33 14.36 -55.76 94.58
C LEU T 33 14.39 -54.65 95.64
N GLN T 34 13.98 -54.97 96.87
CA GLN T 34 13.87 -53.98 97.95
C GLN T 34 15.26 -53.63 98.49
N GLY T 35 15.47 -52.35 98.79
CA GLY T 35 16.78 -51.83 99.19
C GLY T 35 17.81 -51.79 98.05
N VAL T 36 17.33 -51.52 96.83
CA VAL T 36 18.19 -51.41 95.63
C VAL T 36 18.04 -50.00 95.07
N ALA T 37 19.11 -49.50 94.43
CA ALA T 37 19.14 -48.14 93.87
C ALA T 37 18.12 -47.95 92.74
N GLY T 38 17.14 -47.09 92.98
CA GLY T 38 16.11 -46.75 92.00
C GLY T 38 14.90 -47.67 91.98
N VAL T 39 14.47 -48.14 93.16
CA VAL T 39 13.28 -48.99 93.30
C VAL T 39 12.48 -48.49 94.50
N GLN T 40 11.38 -47.76 94.23
CA GLN T 40 10.61 -47.12 95.31
C GLN T 40 9.68 -48.09 96.03
N ASP T 41 8.77 -48.72 95.29
CA ASP T 41 7.77 -49.62 95.89
C ASP T 41 7.80 -50.98 95.20
N VAL T 42 7.66 -52.04 96.00
CA VAL T 42 7.47 -53.41 95.50
C VAL T 42 6.15 -53.93 96.08
N GLU T 43 5.45 -54.77 95.33
CA GLU T 43 4.09 -55.20 95.70
C GLU T 43 3.77 -56.59 95.13
N VAL T 44 4.22 -57.62 95.83
CA VAL T 44 4.07 -59.02 95.39
C VAL T 44 2.66 -59.51 95.75
N HIS T 45 2.09 -60.34 94.87
CA HIS T 45 0.81 -61.02 95.10
C HIS T 45 0.99 -62.51 94.82
N LEU T 46 0.91 -63.34 95.85
CA LEU T 46 1.13 -64.78 95.73
C LEU T 46 -0.03 -65.53 95.03
N GLU T 47 -1.22 -64.93 94.99
CA GLU T 47 -2.38 -65.53 94.32
C GLU T 47 -2.27 -65.36 92.81
N ASP T 48 -2.05 -64.12 92.38
CA ASP T 48 -2.03 -63.76 90.94
C ASP T 48 -0.70 -64.01 90.21
N GLN T 49 0.35 -64.41 90.94
CA GLN T 49 1.72 -64.56 90.40
C GLN T 49 2.23 -63.26 89.77
N MET T 50 2.00 -62.15 90.48
CA MET T 50 2.28 -60.79 89.99
C MET T 50 3.36 -60.12 90.86
N VAL T 51 4.16 -59.26 90.24
CA VAL T 51 5.10 -58.40 90.96
C VAL T 51 5.06 -56.99 90.34
N LEU T 52 4.41 -56.06 91.01
CA LEU T 52 4.44 -54.64 90.62
C LEU T 52 5.68 -53.99 91.20
N VAL T 53 6.33 -53.14 90.40
CA VAL T 53 7.59 -52.48 90.77
C VAL T 53 7.55 -51.01 90.29
N HIS T 54 7.51 -50.07 91.21
CA HIS T 54 7.61 -48.63 90.89
C HIS T 54 9.09 -48.26 90.92
N THR T 55 9.64 -47.96 89.76
CA THR T 55 11.09 -47.82 89.59
C THR T 55 11.48 -46.78 88.54
N THR T 56 12.72 -46.31 88.65
CA THR T 56 13.36 -45.48 87.62
C THR T 56 14.42 -46.27 86.83
N LEU T 57 14.60 -47.56 87.14
CA LEU T 57 15.54 -48.41 86.39
C LEU T 57 14.91 -48.87 85.07
N PRO T 58 15.75 -49.34 84.11
CA PRO T 58 15.21 -50.01 82.92
C PRO T 58 14.51 -51.33 83.28
N SER T 59 13.56 -51.73 82.44
CA SER T 59 12.81 -52.98 82.65
C SER T 59 13.70 -54.23 82.55
N GLN T 60 14.71 -54.17 81.69
CA GLN T 60 15.67 -55.27 81.51
C GLN T 60 16.53 -55.53 82.76
N GLU T 61 16.91 -54.47 83.48
CA GLU T 61 17.69 -54.57 84.72
C GLU T 61 16.89 -55.16 85.89
N VAL T 62 15.61 -54.77 85.99
CA VAL T 62 14.70 -55.29 87.03
C VAL T 62 14.33 -56.76 86.77
N GLN T 63 14.24 -57.16 85.50
CA GLN T 63 14.01 -58.56 85.10
C GLN T 63 15.20 -59.47 85.43
N ALA T 64 16.41 -58.93 85.31
CA ALA T 64 17.64 -59.66 85.66
C ALA T 64 17.74 -59.94 87.17
N LEU T 65 17.40 -58.94 87.98
CA LEU T 65 17.40 -59.05 89.45
C LEU T 65 16.39 -60.09 89.97
N LEU T 66 15.25 -60.24 89.27
CA LEU T 66 14.26 -61.26 89.60
C LEU T 66 14.74 -62.66 89.18
N GLU T 67 15.10 -62.80 87.91
CA GLU T 67 15.60 -64.07 87.35
C GLU T 67 17.10 -64.20 87.64
N ARG T 71 13.78 -68.97 89.46
CA ARG T 71 12.52 -68.79 88.74
C ARG T 71 12.70 -67.88 87.51
N GLN T 72 11.61 -67.72 86.75
CA GLN T 72 11.58 -66.81 85.60
C GLN T 72 10.64 -65.63 85.84
N ALA T 73 10.88 -64.55 85.11
CA ALA T 73 10.04 -63.35 85.17
C ALA T 73 9.76 -62.85 83.75
N VAL T 74 8.49 -62.59 83.46
CA VAL T 74 8.04 -62.08 82.15
C VAL T 74 7.25 -60.79 82.37
N LEU T 75 7.65 -59.71 81.69
CA LEU T 75 6.97 -58.42 81.79
C LEU T 75 5.64 -58.46 81.05
N LYS T 76 4.52 -58.23 81.76
CA LYS T 76 3.16 -58.32 81.21
C LYS T 76 2.40 -56.99 81.14
N GLY T 77 2.99 -55.90 81.62
CA GLY T 77 2.33 -54.60 81.61
C GLY T 77 3.24 -53.46 81.98
N MET T 78 2.84 -52.24 81.63
CA MET T 78 3.63 -51.04 81.89
C MET T 78 2.73 -49.80 81.97
N GLY T 79 2.81 -49.06 83.06
CA GLY T 79 2.00 -47.85 83.28
C GLY T 79 2.69 -46.82 84.16
N SER T 80 1.94 -45.82 84.63
CA SER T 80 2.48 -44.74 85.47
C SER T 80 1.79 -44.62 86.85
N GLY T 81 0.53 -44.20 86.84
CA GLY T 81 -0.22 -43.96 88.08
C GLY T 81 -0.70 -45.24 88.73
N ASN T 85 -3.16 -45.35 81.89
CA ASN T 85 -2.44 -45.73 80.68
C ASN T 85 -2.82 -44.87 79.49
N LEU T 86 -1.89 -44.03 79.05
CA LEU T 86 -2.04 -43.14 77.89
C LEU T 86 -1.39 -43.68 76.61
N GLY T 87 -0.87 -44.91 76.65
CA GLY T 87 -0.22 -45.54 75.50
C GLY T 87 1.05 -46.29 75.88
N ALA T 88 1.15 -47.54 75.45
CA ALA T 88 2.33 -48.38 75.67
C ALA T 88 2.70 -49.10 74.38
N ALA T 89 4.00 -49.26 74.14
CA ALA T 89 4.49 -49.92 72.93
C ALA T 89 5.90 -50.47 73.09
N VAL T 90 6.26 -51.39 72.20
CA VAL T 90 7.56 -52.05 72.21
C VAL T 90 8.07 -52.24 70.79
N ALA T 91 9.40 -52.24 70.64
CA ALA T 91 10.05 -52.47 69.34
C ALA T 91 11.18 -53.47 69.52
N ILE T 92 11.05 -54.64 68.89
CA ILE T 92 12.07 -55.66 68.91
C ILE T 92 12.99 -55.45 67.71
N LEU T 93 14.20 -54.99 67.96
CA LEU T 93 15.18 -54.75 66.91
C LEU T 93 15.82 -56.07 66.45
N GLY T 94 16.01 -56.21 65.14
CA GLY T 94 16.65 -57.39 64.54
C GLY T 94 17.11 -57.16 63.12
N GLY T 95 17.36 -58.25 62.39
CA GLY T 95 17.68 -58.18 60.96
C GLY T 95 19.05 -58.74 60.60
N PRO T 96 19.78 -58.06 59.67
CA PRO T 96 20.97 -58.66 59.04
C PRO T 96 22.18 -58.85 59.98
N GLY T 97 22.53 -57.82 60.74
CA GLY T 97 23.75 -57.85 61.55
C GLY T 97 23.67 -58.71 62.79
N THR T 98 24.61 -58.49 63.71
CA THR T 98 24.60 -59.10 65.04
C THR T 98 23.85 -58.25 66.08
N VAL T 99 23.27 -57.13 65.64
CA VAL T 99 22.59 -56.19 66.53
C VAL T 99 21.16 -56.65 66.81
N GLN T 100 20.77 -56.60 68.08
CA GLN T 100 19.41 -56.91 68.50
C GLN T 100 19.13 -56.35 69.89
N GLY T 101 17.89 -55.96 70.12
CA GLY T 101 17.50 -55.35 71.38
C GLY T 101 16.01 -55.14 71.50
N VAL T 102 15.59 -54.68 72.68
CA VAL T 102 14.20 -54.37 72.96
C VAL T 102 14.16 -52.96 73.51
N VAL T 103 13.26 -52.14 72.96
CA VAL T 103 13.06 -50.76 73.39
C VAL T 103 11.57 -50.61 73.69
N ARG T 104 11.24 -49.98 74.82
CA ARG T 104 9.86 -49.83 75.26
C ARG T 104 9.46 -48.37 75.42
N PHE T 105 8.26 -48.06 74.91
CA PHE T 105 7.73 -46.70 74.90
C PHE T 105 6.55 -46.66 75.89
N LEU T 106 6.44 -45.57 76.63
CA LEU T 106 5.35 -45.38 77.60
C LEU T 106 4.98 -43.91 77.68
N GLN T 107 3.71 -43.61 77.37
CA GLN T 107 3.19 -42.24 77.47
C GLN T 107 2.90 -41.92 78.93
N LEU T 108 3.78 -41.15 79.56
CA LEU T 108 3.67 -40.81 80.98
C LEU T 108 2.51 -39.85 81.19
N THR T 109 2.61 -38.68 80.55
CA THR T 109 1.54 -37.68 80.52
C THR T 109 1.27 -37.41 79.04
N PRO T 110 0.16 -36.71 78.71
CA PRO T 110 -0.11 -36.38 77.30
C PRO T 110 1.03 -35.70 76.53
N GLU T 111 1.88 -34.94 77.24
CA GLU T 111 2.99 -34.19 76.63
C GLU T 111 4.39 -34.76 76.93
N ARG T 112 4.47 -36.00 77.41
CA ARG T 112 5.77 -36.62 77.75
C ARG T 112 5.76 -38.14 77.60
N CYS T 113 6.83 -38.68 77.01
CA CYS T 113 6.93 -40.09 76.66
C CYS T 113 8.24 -40.70 77.11
N LEU T 114 8.18 -41.70 77.97
CA LEU T 114 9.36 -42.46 78.38
C LEU T 114 9.77 -43.44 77.28
N ILE T 115 11.07 -43.47 76.98
CA ILE T 115 11.64 -44.38 76.01
C ILE T 115 12.86 -45.02 76.67
N GLU T 116 12.83 -46.34 76.86
CA GLU T 116 13.92 -47.06 77.53
C GLU T 116 14.17 -48.41 76.88
N GLY T 117 15.43 -48.80 76.82
CA GLY T 117 15.80 -50.05 76.18
C GLY T 117 17.22 -50.54 76.45
N THR T 118 17.51 -51.73 75.93
CA THR T 118 18.82 -52.37 76.02
C THR T 118 19.08 -53.03 74.66
N ILE T 119 20.21 -52.69 74.04
CA ILE T 119 20.57 -53.18 72.69
C ILE T 119 21.99 -53.72 72.73
N ASP T 120 22.16 -54.97 72.30
CA ASP T 120 23.46 -55.63 72.24
C ASP T 120 23.95 -55.73 70.80
N GLY T 121 25.18 -56.24 70.63
CA GLY T 121 25.74 -56.53 69.32
C GLY T 121 26.31 -55.35 68.56
N LEU T 122 26.39 -54.19 69.21
CA LEU T 122 26.86 -52.95 68.58
C LEU T 122 28.36 -52.84 68.72
N GLU T 123 28.98 -52.04 67.85
CA GLU T 123 30.38 -51.64 68.04
C GLU T 123 30.47 -50.74 69.26
N PRO T 124 31.67 -50.61 69.87
CA PRO T 124 31.80 -49.60 70.92
C PRO T 124 31.68 -48.18 70.36
N GLY T 125 30.92 -47.33 71.05
CA GLY T 125 30.80 -45.91 70.68
C GLY T 125 29.37 -45.44 70.58
N LEU T 126 29.20 -44.28 69.91
CA LEU T 126 27.90 -43.65 69.72
C LEU T 126 27.20 -44.17 68.47
N HIS T 127 25.91 -44.50 68.60
CA HIS T 127 25.07 -45.01 67.50
C HIS T 127 23.77 -44.19 67.41
N GLY T 128 23.39 -43.81 66.19
CA GLY T 128 22.18 -43.01 65.99
C GLY T 128 20.92 -43.83 66.19
N LEU T 129 19.94 -43.27 66.91
CA LEU T 129 18.65 -43.92 67.14
C LEU T 129 17.52 -43.03 66.61
N HIS T 130 16.74 -43.55 65.66
CA HIS T 130 15.68 -42.77 64.99
C HIS T 130 14.40 -43.58 64.76
N VAL T 131 13.26 -42.90 64.91
CA VAL T 131 11.96 -43.46 64.53
C VAL T 131 11.69 -43.05 63.08
N HIS T 132 11.73 -44.02 62.18
CA HIS T 132 11.42 -43.78 60.76
C HIS T 132 9.90 -43.91 60.53
N GLN T 133 9.43 -43.43 59.39
CA GLN T 133 7.97 -43.25 59.17
C GLN T 133 7.15 -44.53 58.91
N TYR T 134 7.72 -45.50 58.20
CA TYR T 134 7.00 -46.74 57.86
C TYR T 134 7.47 -47.96 58.68
N GLY T 135 6.53 -48.87 58.93
CA GLY T 135 6.83 -50.18 59.53
C GLY T 135 6.85 -51.29 58.48
N ASP T 136 7.63 -51.06 57.42
CA ASP T 136 7.77 -51.97 56.30
C ASP T 136 9.13 -52.66 56.42
N LEU T 137 9.12 -53.95 56.77
CA LEU T 137 10.34 -54.76 56.88
C LEU T 137 10.53 -55.74 55.71
N THR T 138 9.87 -55.49 54.58
CA THR T 138 9.99 -56.38 53.41
C THR T 138 11.41 -56.41 52.83
N ASN T 139 12.10 -55.27 52.91
CA ASN T 139 13.50 -55.16 52.49
C ASN T 139 14.38 -54.83 53.70
N ASN T 140 14.10 -55.48 54.83
CA ASN T 140 14.71 -55.15 56.12
C ASN T 140 14.57 -53.64 56.43
N CYS T 141 15.62 -52.98 56.93
CA CYS T 141 15.51 -51.59 57.36
C CYS T 141 15.45 -50.61 56.19
N ASN T 142 15.85 -51.04 55.00
CA ASN T 142 15.87 -50.17 53.81
C ASN T 142 14.51 -49.71 53.29
N SER T 143 13.45 -50.46 53.61
CA SER T 143 12.07 -50.11 53.21
C SER T 143 11.28 -49.31 54.25
N CYS T 144 11.90 -48.97 55.38
CA CYS T 144 11.23 -48.20 56.44
C CYS T 144 11.08 -46.68 56.17
N GLY T 145 11.64 -46.20 55.07
CA GLY T 145 11.53 -44.79 54.71
C GLY T 145 12.46 -43.91 55.53
N ASN T 146 12.20 -42.61 55.49
CA ASN T 146 13.02 -41.61 56.19
C ASN T 146 12.58 -41.37 57.64
N HIS T 147 13.36 -40.56 58.35
CA HIS T 147 13.06 -40.16 59.73
C HIS T 147 11.67 -39.54 59.85
N PHE T 148 10.89 -40.01 60.81
CA PHE T 148 9.51 -39.55 61.01
C PHE T 148 9.47 -38.04 61.25
N ASN T 149 8.86 -37.32 60.30
CA ASN T 149 8.96 -35.86 60.24
C ASN T 149 7.63 -35.19 59.84
N PRO T 150 6.60 -35.31 60.70
CA PRO T 150 5.29 -34.75 60.36
C PRO T 150 5.25 -33.22 60.32
N ASP T 151 6.00 -32.57 61.19
CA ASP T 151 6.07 -31.09 61.23
C ASP T 151 6.90 -30.45 60.10
N GLY T 152 7.56 -31.26 59.26
CA GLY T 152 8.38 -30.74 58.16
C GLY T 152 9.63 -30.02 58.65
N ALA T 153 10.18 -30.50 59.76
CA ALA T 153 11.33 -29.88 60.41
C ALA T 153 12.63 -30.27 59.73
N SER T 154 13.74 -29.72 60.22
CA SER T 154 15.09 -30.10 59.82
C SER T 154 15.65 -31.09 60.84
N HIS T 155 16.73 -31.78 60.47
CA HIS T 155 17.35 -32.76 61.38
C HIS T 155 18.08 -32.07 62.54
N GLY T 156 17.93 -32.64 63.73
CA GLY T 156 18.66 -32.20 64.91
C GLY T 156 18.79 -33.30 65.96
N GLY T 157 19.33 -32.93 67.11
CA GLY T 157 19.39 -33.82 68.29
C GLY T 157 18.23 -33.57 69.25
N PRO T 158 18.15 -34.33 70.35
CA PRO T 158 17.07 -34.21 71.34
C PRO T 158 16.90 -32.82 71.96
N GLN T 159 18.02 -32.14 72.22
CA GLN T 159 18.00 -30.78 72.77
C GLN T 159 17.45 -29.71 71.81
N ASP T 160 17.48 -29.99 70.50
CA ASP T 160 16.99 -29.04 69.47
C ASP T 160 15.48 -29.15 69.35
N SER T 161 14.77 -28.03 69.52
CA SER T 161 13.32 -28.00 69.32
C SER T 161 12.97 -28.19 67.84
N ASP T 162 13.77 -27.58 66.96
CA ASP T 162 13.74 -27.86 65.53
C ASP T 162 14.47 -29.18 65.25
N ARG T 163 13.71 -30.27 65.34
CA ARG T 163 14.18 -31.61 65.01
C ARG T 163 13.04 -32.40 64.39
N HIS T 164 13.37 -33.52 63.74
CA HIS T 164 12.33 -34.46 63.28
C HIS T 164 11.81 -35.17 64.52
N ARG T 165 10.50 -35.38 64.59
CA ARG T 165 9.86 -36.05 65.73
C ARG T 165 10.52 -37.38 66.11
N GLY T 166 11.05 -38.09 65.10
CA GLY T 166 11.80 -39.33 65.31
C GLY T 166 13.27 -39.20 65.67
N ASP T 167 13.77 -38.00 65.95
CA ASP T 167 15.16 -37.79 66.38
C ASP T 167 15.33 -38.01 67.88
N LEU T 168 15.85 -39.18 68.25
CA LEU T 168 16.15 -39.51 69.65
C LEU T 168 17.65 -39.37 69.99
N GLY T 169 18.44 -38.90 69.03
CA GLY T 169 19.85 -38.61 69.25
C GLY T 169 20.69 -39.85 69.21
N ASN T 170 21.75 -39.86 70.00
CA ASN T 170 22.67 -40.99 70.07
C ASN T 170 22.44 -41.86 71.29
N VAL T 171 23.02 -43.05 71.24
CA VAL T 171 22.90 -44.07 72.26
C VAL T 171 24.28 -44.74 72.34
N ARG T 172 24.93 -44.63 73.50
CA ARG T 172 26.30 -45.09 73.66
C ARG T 172 26.33 -46.60 73.90
N ALA T 173 27.24 -47.29 73.21
CA ALA T 173 27.44 -48.72 73.40
C ALA T 173 28.79 -48.94 74.10
N ASP T 174 28.78 -49.70 75.19
CA ASP T 174 29.99 -49.94 75.99
C ASP T 174 30.99 -50.88 75.28
N ALA T 175 32.08 -51.24 75.97
CA ALA T 175 33.10 -52.15 75.43
C ALA T 175 32.55 -53.54 75.06
N ASP T 176 31.57 -54.03 75.82
CA ASP T 176 30.94 -55.34 75.56
C ASP T 176 30.00 -55.35 74.35
N GLY T 177 29.60 -54.17 73.85
CA GLY T 177 28.64 -54.03 72.75
C GLY T 177 27.23 -53.68 73.21
N ARG T 178 27.00 -53.68 74.52
CA ARG T 178 25.70 -53.33 75.10
C ARG T 178 25.49 -51.82 75.13
N ALA T 179 24.25 -51.40 74.91
CA ALA T 179 23.87 -50.00 75.00
C ALA T 179 22.55 -49.87 75.77
N ILE T 180 22.63 -49.46 77.03
CA ILE T 180 21.45 -49.23 77.87
C ILE T 180 21.14 -47.74 77.85
N PHE T 181 19.86 -47.40 77.77
CA PHE T 181 19.41 -46.00 77.77
C PHE T 181 18.00 -45.83 78.32
N ARG T 182 17.71 -44.60 78.76
CA ARG T 182 16.42 -44.24 79.34
C ARG T 182 16.29 -42.72 79.20
N MET T 183 15.25 -42.29 78.49
CA MET T 183 15.10 -40.89 78.08
C MET T 183 13.63 -40.53 77.95
N GLU T 184 13.28 -39.28 78.21
CA GLU T 184 11.90 -38.79 78.15
C GLU T 184 11.78 -37.73 77.07
N ASP T 185 11.01 -38.03 76.02
CA ASP T 185 10.85 -37.12 74.88
C ASP T 185 9.47 -36.46 74.91
N GLU T 186 9.46 -35.15 74.65
CA GLU T 186 8.25 -34.34 74.75
C GLU T 186 7.49 -34.30 73.42
N GLN T 187 8.21 -34.25 72.30
CA GLN T 187 7.57 -34.19 70.98
C GLN T 187 7.05 -35.54 70.49
N LEU T 188 7.78 -36.62 70.78
CA LEU T 188 7.34 -37.97 70.44
C LEU T 188 6.11 -38.38 71.27
N LYS T 189 5.14 -39.00 70.61
CA LYS T 189 3.94 -39.56 71.27
C LYS T 189 3.74 -40.99 70.81
N VAL T 190 3.23 -41.84 71.69
CA VAL T 190 3.12 -43.28 71.44
C VAL T 190 2.14 -43.60 70.31
N TRP T 191 0.95 -43.00 70.32
CA TRP T 191 -0.07 -43.27 69.28
C TRP T 191 0.28 -42.66 67.93
N ASP T 192 1.13 -41.64 67.94
CA ASP T 192 1.59 -41.02 66.71
C ASP T 192 2.59 -41.91 65.95
N VAL T 193 3.22 -42.87 66.65
CA VAL T 193 4.21 -43.79 66.06
C VAL T 193 3.89 -45.29 66.21
N ILE T 194 2.66 -45.66 66.55
CA ILE T 194 2.21 -47.06 66.47
C ILE T 194 2.26 -47.49 65.01
N GLY T 195 2.95 -48.61 64.75
CA GLY T 195 3.03 -49.17 63.39
C GLY T 195 4.13 -48.63 62.51
N ARG T 196 4.93 -47.70 63.05
CA ARG T 196 6.12 -47.20 62.38
C ARG T 196 7.30 -48.00 62.92
N SER T 197 8.51 -47.65 62.55
CA SER T 197 9.70 -48.42 62.93
C SER T 197 10.72 -47.61 63.74
N LEU T 198 11.37 -48.28 64.70
CA LEU T 198 12.56 -47.74 65.37
C LEU T 198 13.77 -48.36 64.68
N ILE T 199 14.79 -47.55 64.42
CA ILE T 199 16.01 -48.03 63.76
C ILE T 199 17.25 -47.48 64.47
N ILE T 200 18.24 -48.34 64.67
CA ILE T 200 19.57 -47.95 65.16
C ILE T 200 20.58 -47.97 64.00
N ASP T 201 21.44 -46.96 63.98
CA ASP T 201 22.34 -46.72 62.85
C ASP T 201 23.78 -47.12 63.17
N GLU T 202 24.57 -47.33 62.12
CA GLU T 202 25.96 -47.78 62.20
C GLU T 202 26.85 -46.83 63.02
N GLY T 203 26.93 -45.59 62.57
CA GLY T 203 27.82 -44.59 63.17
C GLY T 203 27.08 -43.56 64.00
N GLU T 204 27.72 -42.41 64.17
CA GLU T 204 27.24 -41.37 65.07
C GLU T 204 26.33 -40.36 64.36
N ASP T 205 25.17 -40.10 64.97
CA ASP T 205 24.26 -39.03 64.55
C ASP T 205 24.88 -37.69 64.93
N ASP T 206 25.31 -36.91 63.92
CA ASP T 206 25.97 -35.62 64.15
C ASP T 206 25.05 -34.47 64.60
N LEU T 207 23.74 -34.73 64.67
CA LEU T 207 22.76 -33.77 65.22
C LEU T 207 22.65 -32.48 64.39
N GLY T 208 22.79 -32.60 63.06
CA GLY T 208 22.65 -31.46 62.16
C GLY T 208 23.78 -30.43 62.15
N ARG T 209 24.92 -30.79 62.75
CA ARG T 209 26.03 -29.85 62.97
C ARG T 209 27.34 -30.23 62.27
N GLY T 210 27.34 -31.30 61.47
CA GLY T 210 28.55 -31.80 60.82
C GLY T 210 28.98 -31.09 59.53
N GLY T 211 28.12 -30.22 58.99
CA GLY T 211 28.44 -29.51 57.75
C GLY T 211 28.58 -30.38 56.52
N HIS T 212 27.90 -31.52 56.53
CA HIS T 212 27.98 -32.53 55.47
C HIS T 212 26.58 -32.59 54.85
N PRO T 213 26.46 -32.97 53.55
CA PRO T 213 25.14 -32.94 52.90
C PRO T 213 24.01 -33.59 53.69
N LEU T 214 24.24 -34.82 54.14
CA LEU T 214 23.26 -35.55 54.94
C LEU T 214 23.05 -35.07 56.40
N SER T 215 23.86 -34.13 56.89
CA SER T 215 23.76 -33.67 58.29
C SER T 215 22.37 -33.14 58.65
N LYS T 216 21.80 -32.31 57.77
CA LYS T 216 20.44 -31.77 57.97
C LYS T 216 19.30 -32.67 57.43
N ILE T 217 19.64 -33.84 56.87
CA ILE T 217 18.65 -34.84 56.44
C ILE T 217 18.65 -36.06 57.37
N THR T 218 19.80 -36.73 57.50
CA THR T 218 19.93 -37.93 58.37
C THR T 218 20.91 -37.82 59.56
N GLY T 219 21.75 -36.79 59.58
CA GLY T 219 22.84 -36.69 60.56
C GLY T 219 24.08 -37.53 60.25
N ASN T 220 24.13 -38.11 59.05
CA ASN T 220 25.30 -38.85 58.56
C ASN T 220 25.77 -40.00 59.44
N SER T 221 24.82 -40.71 60.06
CA SER T 221 25.11 -41.84 60.94
C SER T 221 25.32 -43.17 60.18
N GLY T 222 25.48 -43.11 58.86
CA GLY T 222 25.85 -44.27 58.07
C GLY T 222 24.68 -45.22 57.84
N GLU T 223 24.99 -46.50 57.70
CA GLU T 223 23.98 -47.52 57.38
C GLU T 223 22.99 -47.76 58.52
N ARG T 224 21.92 -48.48 58.21
CA ARG T 224 20.91 -48.87 59.18
C ARG T 224 21.23 -50.29 59.63
N LEU T 225 21.61 -50.46 60.91
CA LEU T 225 22.03 -51.78 61.40
C LEU T 225 20.85 -52.71 61.69
N ALA T 226 19.99 -52.29 62.61
CA ALA T 226 18.86 -53.12 63.06
C ALA T 226 17.59 -52.28 63.20
N CYS T 227 16.44 -52.93 63.02
CA CYS T 227 15.14 -52.27 63.05
C CYS T 227 14.01 -53.16 63.54
N GLY T 228 12.90 -52.53 63.94
CA GLY T 228 11.72 -53.24 64.43
C GLY T 228 10.51 -52.33 64.45
N ILE T 229 9.32 -52.92 64.36
CA ILE T 229 8.07 -52.15 64.30
C ILE T 229 7.65 -51.78 65.71
N ILE T 230 7.27 -50.51 65.89
CA ILE T 230 6.77 -50.03 67.17
C ILE T 230 5.37 -50.61 67.35
N ALA T 231 5.32 -51.69 68.13
CA ALA T 231 4.17 -52.56 68.26
C ALA T 231 3.41 -52.26 69.55
N ARG T 232 2.08 -52.21 69.49
CA ARG T 232 1.23 -52.00 70.67
C ARG T 232 1.56 -53.02 71.75
N SER T 233 1.77 -52.56 72.98
CA SER T 233 2.03 -53.44 74.12
C SER T 233 1.04 -53.14 75.25
N ALA T 234 0.85 -54.13 76.10
CA ALA T 234 -0.17 -54.07 77.14
C ALA T 234 0.18 -53.05 78.22
N GLY T 235 -0.81 -52.24 78.58
CA GLY T 235 -0.75 -51.41 79.78
C GLY T 235 -0.87 -52.29 81.03
N LEU T 236 -1.23 -51.67 82.15
CA LEU T 236 -1.36 -52.41 83.40
C LEU T 236 -2.63 -53.25 83.41
N PHE T 237 -2.48 -54.51 83.82
CA PHE T 237 -3.57 -55.47 83.97
C PHE T 237 -4.35 -55.80 82.68
N GLN T 238 -3.79 -55.46 81.51
CA GLN T 238 -4.48 -55.62 80.23
C GLN T 238 -4.25 -56.97 79.53
N ASN T 239 -3.51 -57.87 80.16
CA ASN T 239 -3.26 -59.20 79.62
C ASN T 239 -3.37 -60.29 80.72
N PRO T 240 -4.60 -60.54 81.22
CA PRO T 240 -4.83 -61.62 82.17
C PRO T 240 -5.04 -62.97 81.47
N ALA U 1 27.28 -18.78 -61.46
CA ALA U 1 28.32 -18.24 -62.39
C ALA U 1 29.27 -19.34 -62.89
N THR U 2 30.31 -19.66 -62.12
CA THR U 2 31.41 -20.52 -62.61
C THR U 2 31.10 -22.01 -62.62
N LYS U 3 30.45 -22.52 -61.57
CA LYS U 3 30.10 -23.94 -61.45
C LYS U 3 28.73 -24.12 -60.81
N ALA U 4 28.10 -25.25 -61.11
CA ALA U 4 26.88 -25.67 -60.43
C ALA U 4 26.86 -27.18 -60.26
N VAL U 5 25.94 -27.67 -59.43
CA VAL U 5 25.83 -29.09 -59.15
C VAL U 5 24.41 -29.46 -58.74
N CYS U 6 23.97 -30.62 -59.20
CA CYS U 6 22.63 -31.13 -58.95
C CYS U 6 22.77 -32.54 -58.39
N VAL U 7 22.12 -32.78 -57.25
CA VAL U 7 22.04 -34.12 -56.68
C VAL U 7 20.65 -34.64 -57.00
N LEU U 8 20.60 -35.71 -57.77
CA LEU U 8 19.34 -36.31 -58.19
C LEU U 8 18.85 -37.33 -57.15
N LYS U 9 17.55 -37.25 -56.82
CA LYS U 9 16.90 -38.19 -55.89
C LYS U 9 15.44 -38.45 -56.28
N GLY U 10 14.90 -39.53 -55.74
CA GLY U 10 13.48 -39.87 -55.90
C GLY U 10 13.03 -40.92 -54.90
N ASP U 11 11.83 -41.44 -55.09
CA ASP U 11 11.31 -42.57 -54.29
C ASP U 11 12.06 -43.85 -54.61
N GLY U 12 12.28 -44.07 -55.91
CA GLY U 12 12.93 -45.29 -56.39
C GLY U 12 14.42 -45.35 -56.14
N PRO U 13 15.10 -46.33 -56.77
CA PRO U 13 16.54 -46.52 -56.59
C PRO U 13 17.44 -45.57 -57.40
N VAL U 14 16.86 -44.71 -58.24
CA VAL U 14 17.66 -43.82 -59.10
C VAL U 14 18.27 -42.68 -58.27
N GLN U 15 19.54 -42.38 -58.55
CA GLN U 15 20.32 -41.41 -57.79
C GLN U 15 21.63 -41.08 -58.54
N GLY U 16 22.09 -39.84 -58.41
CA GLY U 16 23.33 -39.42 -59.05
C GLY U 16 23.81 -38.05 -58.62
N ILE U 17 24.91 -37.60 -59.21
CA ILE U 17 25.41 -36.24 -59.02
C ILE U 17 25.87 -35.71 -60.38
N ILE U 18 25.23 -34.64 -60.86
CA ILE U 18 25.54 -34.02 -62.14
C ILE U 18 26.17 -32.65 -61.94
N ASN U 19 27.41 -32.50 -62.40
CA ASN U 19 28.16 -31.26 -62.30
C ASN U 19 27.99 -30.39 -63.54
N PHE U 20 28.17 -29.09 -63.35
CA PHE U 20 28.15 -28.11 -64.44
C PHE U 20 29.37 -27.20 -64.30
N GLU U 21 29.93 -26.77 -65.43
CA GLU U 21 31.05 -25.82 -65.44
C GLU U 21 30.99 -24.97 -66.69
N GLN U 22 31.43 -23.72 -66.55
CA GLN U 22 31.38 -22.74 -67.65
C GLN U 22 32.41 -21.65 -67.39
N LYS U 23 33.52 -21.69 -68.10
CA LYS U 23 34.62 -20.74 -67.89
C LYS U 23 34.42 -19.40 -68.63
N GLU U 24 33.71 -19.43 -69.77
CA GLU U 24 33.38 -18.22 -70.55
C GLU U 24 31.91 -17.84 -70.41
N SER U 25 31.62 -16.53 -70.40
CA SER U 25 30.25 -16.02 -70.35
C SER U 25 29.55 -16.33 -71.67
N ASN U 26 28.43 -17.03 -71.58
CA ASN U 26 27.69 -17.50 -72.75
C ASN U 26 28.51 -18.42 -73.68
N GLY U 27 29.56 -19.05 -73.14
CA GLY U 27 30.35 -20.04 -73.85
C GLY U 27 29.75 -21.41 -73.59
N PRO U 28 30.45 -22.49 -73.95
CA PRO U 28 29.89 -23.83 -73.71
C PRO U 28 29.79 -24.18 -72.21
N VAL U 29 28.86 -25.08 -71.88
CA VAL U 29 28.68 -25.60 -70.53
C VAL U 29 28.93 -27.11 -70.55
N LYS U 30 29.96 -27.56 -69.83
CA LYS U 30 30.22 -28.99 -69.66
C LYS U 30 29.28 -29.51 -68.58
N VAL U 31 28.49 -30.52 -68.92
CA VAL U 31 27.62 -31.20 -67.96
C VAL U 31 28.13 -32.63 -67.84
N TRP U 32 28.67 -32.97 -66.68
CA TRP U 32 29.21 -34.32 -66.45
C TRP U 32 28.80 -34.87 -65.09
N GLY U 33 28.87 -36.19 -64.97
CA GLY U 33 28.50 -36.85 -63.73
C GLY U 33 28.15 -38.31 -63.93
N SER U 34 27.48 -38.87 -62.92
CA SER U 34 27.14 -40.30 -62.89
C SER U 34 25.78 -40.49 -62.25
N ILE U 35 24.90 -41.24 -62.92
CA ILE U 35 23.62 -41.67 -62.37
C ILE U 35 23.67 -43.19 -62.31
N LYS U 36 23.01 -43.78 -61.31
CA LYS U 36 22.89 -45.22 -61.22
C LYS U 36 21.50 -45.63 -60.72
N GLY U 37 21.21 -46.94 -60.83
CA GLY U 37 19.90 -47.48 -60.49
C GLY U 37 18.85 -47.34 -61.58
N LEU U 38 19.29 -47.09 -62.81
CA LEU U 38 18.40 -46.96 -63.97
C LEU U 38 18.23 -48.32 -64.65
N THR U 39 17.25 -48.42 -65.55
CA THR U 39 17.16 -49.57 -66.45
C THR U 39 18.23 -49.43 -67.54
N GLU U 40 18.42 -50.47 -68.35
CA GLU U 40 19.40 -50.38 -69.42
C GLU U 40 18.82 -49.56 -70.57
N GLY U 41 19.68 -48.76 -71.22
CA GLY U 41 19.29 -47.97 -72.39
C GLY U 41 19.08 -46.49 -72.12
N LEU U 42 18.49 -45.81 -73.12
CA LEU U 42 18.37 -44.35 -73.11
C LEU U 42 17.30 -43.88 -72.14
N HIS U 43 17.57 -42.76 -71.46
CA HIS U 43 16.60 -42.08 -70.59
C HIS U 43 16.61 -40.58 -70.91
N GLY U 44 15.42 -39.98 -70.94
CA GLY U 44 15.28 -38.54 -71.16
C GLY U 44 15.88 -37.72 -70.04
N PHE U 45 16.51 -36.61 -70.38
CA PHE U 45 17.35 -35.85 -69.46
C PHE U 45 17.11 -34.36 -69.72
N HIS U 46 16.31 -33.72 -68.85
CA HIS U 46 15.74 -32.39 -69.13
C HIS U 46 15.82 -31.43 -67.95
N VAL U 47 15.89 -30.13 -68.28
CA VAL U 47 15.83 -29.05 -67.30
C VAL U 47 14.44 -28.41 -67.34
N HIS U 48 13.72 -28.48 -66.22
CA HIS U 48 12.41 -27.82 -66.09
C HIS U 48 12.55 -26.31 -65.82
N GLU U 49 11.48 -25.57 -66.06
CA GLU U 49 11.48 -24.10 -65.94
C GLU U 49 11.63 -23.64 -64.50
N PHE U 50 10.91 -24.27 -63.59
CA PHE U 50 10.96 -23.96 -62.16
C PHE U 50 11.65 -25.07 -61.38
N GLY U 51 12.30 -24.68 -60.29
CA GLY U 51 12.94 -25.62 -59.38
C GLY U 51 12.04 -26.10 -58.24
N ASP U 52 10.81 -25.58 -58.17
CA ASP U 52 9.82 -25.98 -57.17
C ASP U 52 9.43 -27.45 -57.37
N ASN U 53 9.76 -28.28 -56.39
CA ASN U 53 9.46 -29.72 -56.45
C ASN U 53 8.55 -30.18 -55.30
N THR U 54 7.70 -29.27 -54.83
CA THR U 54 6.68 -29.60 -53.82
C THR U 54 5.53 -30.41 -54.44
N ALA U 55 5.10 -30.01 -55.64
CA ALA U 55 4.04 -30.69 -56.39
C ALA U 55 4.56 -31.33 -57.70
N GLY U 56 5.79 -31.87 -57.65
CA GLY U 56 6.37 -32.62 -58.78
C GLY U 56 6.56 -31.82 -60.06
N ALA U 57 6.06 -32.36 -61.17
CA ALA U 57 6.10 -31.70 -62.48
C ALA U 57 5.04 -30.59 -62.67
N THR U 58 4.12 -30.44 -61.72
CA THR U 58 3.15 -29.35 -61.74
C THR U 58 3.79 -28.04 -61.25
N SER U 59 4.48 -28.09 -60.12
CA SER U 59 5.20 -26.93 -59.59
C SER U 59 6.49 -26.63 -60.36
N ALA U 60 7.14 -27.68 -60.88
CA ALA U 60 8.31 -27.53 -61.75
C ALA U 60 7.96 -26.98 -63.14
N GLY U 61 6.72 -27.16 -63.57
CA GLY U 61 6.23 -26.58 -64.82
C GLY U 61 6.74 -27.33 -66.05
N PRO U 62 6.64 -26.68 -67.23
CA PRO U 62 7.11 -27.31 -68.46
C PRO U 62 8.63 -27.31 -68.55
N HIS U 63 9.17 -27.98 -69.56
CA HIS U 63 10.61 -27.93 -69.85
C HIS U 63 11.04 -26.46 -70.04
N PHE U 64 12.17 -26.06 -69.45
CA PHE U 64 12.63 -24.66 -69.46
C PHE U 64 12.70 -24.12 -70.89
N ASN U 65 11.91 -23.08 -71.16
CA ASN U 65 11.65 -22.64 -72.53
C ASN U 65 11.34 -21.14 -72.63
N PRO U 66 12.37 -20.27 -72.45
CA PRO U 66 12.15 -18.82 -72.58
C PRO U 66 11.86 -18.36 -74.02
N LEU U 67 12.39 -19.07 -75.02
CA LEU U 67 12.24 -18.67 -76.44
C LEU U 67 10.92 -19.11 -77.11
N SER U 68 10.07 -19.82 -76.38
CA SER U 68 8.75 -20.27 -76.89
C SER U 68 8.85 -21.12 -78.17
N ARG U 69 9.77 -22.07 -78.16
CA ARG U 69 9.97 -23.02 -79.25
C ARG U 69 9.23 -24.31 -78.91
N LYS U 70 9.31 -25.29 -79.82
CA LYS U 70 8.78 -26.65 -79.61
C LYS U 70 9.92 -27.54 -79.11
N HIS U 71 9.59 -28.79 -78.77
CA HIS U 71 10.57 -29.76 -78.26
C HIS U 71 11.52 -30.25 -79.37
N GLY U 72 12.78 -30.47 -79.00
CA GLY U 72 13.77 -31.10 -79.88
C GLY U 72 14.86 -31.81 -79.09
N GLY U 73 15.89 -32.25 -79.80
CA GLY U 73 17.11 -32.76 -79.18
C GLY U 73 18.14 -31.63 -79.07
N PRO U 74 19.28 -31.90 -78.41
CA PRO U 74 20.34 -30.89 -78.23
C PRO U 74 20.85 -30.27 -79.54
N LYS U 75 20.95 -31.09 -80.58
CA LYS U 75 21.52 -30.68 -81.86
C LYS U 75 20.52 -29.90 -82.72
N ASP U 76 19.22 -30.09 -82.48
CA ASP U 76 18.17 -29.38 -83.22
C ASP U 76 18.11 -27.91 -82.83
N GLU U 77 17.79 -27.05 -83.80
CA GLU U 77 17.64 -25.60 -83.54
C GLU U 77 16.32 -25.34 -82.84
N GLU U 78 15.24 -25.93 -83.36
CA GLU U 78 13.94 -25.89 -82.71
C GLU U 78 13.95 -26.84 -81.51
N ARG U 79 14.25 -26.27 -80.34
CA ARG U 79 14.30 -26.99 -79.07
C ARG U 79 13.94 -26.08 -77.90
N HIS U 80 13.40 -26.66 -76.82
CA HIS U 80 13.29 -25.95 -75.54
C HIS U 80 14.74 -25.76 -75.02
N VAL U 81 15.00 -24.67 -74.31
CA VAL U 81 16.36 -24.41 -73.79
C VAL U 81 16.85 -25.54 -72.87
N GLY U 82 15.94 -26.12 -72.09
CA GLY U 82 16.26 -27.25 -71.23
C GLY U 82 16.29 -28.64 -71.87
N ASP U 83 16.32 -28.72 -73.21
CA ASP U 83 16.42 -30.02 -73.91
C ASP U 83 17.87 -30.51 -74.06
N LEU U 84 18.26 -31.44 -73.18
CA LEU U 84 19.58 -32.09 -73.22
C LEU U 84 19.51 -33.56 -73.64
N GLY U 85 18.51 -33.91 -74.45
CA GLY U 85 18.42 -35.22 -75.09
C GLY U 85 18.35 -36.40 -74.14
N ASN U 86 19.21 -37.39 -74.38
CA ASN U 86 19.19 -38.65 -73.66
C ASN U 86 20.47 -38.92 -72.89
N VAL U 87 20.39 -39.85 -71.93
CA VAL U 87 21.56 -40.42 -71.28
C VAL U 87 21.46 -41.93 -71.30
N THR U 88 22.59 -42.59 -71.51
CA THR U 88 22.64 -44.03 -71.74
C THR U 88 23.14 -44.77 -70.50
N ALA U 89 22.31 -45.68 -70.00
CA ALA U 89 22.65 -46.55 -68.88
C ALA U 89 23.02 -47.95 -69.37
N ASP U 90 24.18 -48.44 -68.93
CA ASP U 90 24.68 -49.76 -69.33
C ASP U 90 23.89 -50.90 -68.66
N LYS U 91 24.31 -52.14 -68.91
CA LYS U 91 23.72 -53.35 -68.27
C LYS U 91 23.61 -53.30 -66.75
N ASP U 92 24.58 -52.68 -66.09
CA ASP U 92 24.56 -52.51 -64.62
C ASP U 92 23.62 -51.41 -64.12
N GLY U 93 23.05 -50.61 -65.04
CA GLY U 93 22.13 -49.52 -64.69
C GLY U 93 22.81 -48.19 -64.40
N VAL U 94 24.09 -48.08 -64.78
CA VAL U 94 24.91 -46.90 -64.50
C VAL U 94 25.03 -46.05 -65.78
N ALA U 95 24.71 -44.76 -65.68
CA ALA U 95 24.82 -43.81 -66.79
C ALA U 95 25.95 -42.81 -66.53
N ASP U 96 27.10 -43.05 -67.17
CA ASP U 96 28.24 -42.13 -67.10
C ASP U 96 27.96 -40.93 -68.01
N VAL U 97 27.45 -39.85 -67.42
CA VAL U 97 27.00 -38.67 -68.19
C VAL U 97 28.19 -37.80 -68.61
N SER U 98 28.16 -37.31 -69.84
CA SER U 98 29.15 -36.34 -70.33
C SER U 98 28.60 -35.60 -71.55
N ILE U 99 28.34 -34.30 -71.39
CA ILE U 99 27.62 -33.49 -72.37
C ILE U 99 28.32 -32.14 -72.50
N GLU U 100 28.22 -31.52 -73.68
CA GLU U 100 28.60 -30.13 -73.89
C GLU U 100 27.47 -29.43 -74.67
N ASP U 101 27.07 -28.25 -74.21
CA ASP U 101 25.90 -27.55 -74.76
C ASP U 101 26.03 -26.04 -74.60
N SER U 102 25.77 -25.31 -75.68
CA SER U 102 25.92 -23.86 -75.74
C SER U 102 24.61 -23.09 -75.66
N VAL U 103 23.47 -23.80 -75.72
CA VAL U 103 22.16 -23.16 -75.61
C VAL U 103 21.89 -22.82 -74.15
N ILE U 104 22.15 -23.77 -73.25
CA ILE U 104 22.12 -23.51 -71.80
C ILE U 104 23.28 -22.62 -71.36
N SER U 105 23.14 -22.07 -70.16
CA SER U 105 24.14 -21.21 -69.55
C SER U 105 23.98 -21.20 -68.04
N LEU U 106 24.95 -20.62 -67.35
CA LEU U 106 24.89 -20.35 -65.90
C LEU U 106 24.86 -18.84 -65.61
N SER U 107 24.54 -18.05 -66.64
CA SER U 107 24.13 -16.65 -66.48
C SER U 107 23.33 -16.19 -67.71
N GLY U 108 22.64 -15.07 -67.58
CA GLY U 108 21.81 -14.54 -68.65
C GLY U 108 20.42 -15.14 -68.63
N ASP U 109 19.65 -14.85 -69.68
CA ASP U 109 18.27 -15.30 -69.79
C ASP U 109 18.12 -16.83 -69.89
N HIS U 110 19.19 -17.51 -70.33
CA HIS U 110 19.20 -18.99 -70.45
C HIS U 110 19.81 -19.68 -69.20
N CYS U 111 19.75 -19.02 -68.04
CA CYS U 111 20.39 -19.53 -66.83
C CYS U 111 19.60 -20.67 -66.20
N ILE U 112 20.24 -21.83 -66.06
CA ILE U 112 19.59 -23.04 -65.51
C ILE U 112 19.83 -23.23 -64.01
N ILE U 113 20.55 -22.31 -63.37
CA ILE U 113 20.67 -22.30 -61.90
C ILE U 113 19.29 -22.06 -61.28
N GLY U 114 19.01 -22.76 -60.17
CA GLY U 114 17.72 -22.67 -59.48
C GLY U 114 16.54 -23.34 -60.17
N ARG U 115 16.81 -24.32 -61.02
CA ARG U 115 15.78 -25.05 -61.76
C ARG U 115 15.97 -26.56 -61.57
N THR U 116 14.93 -27.33 -61.83
CA THR U 116 14.99 -28.78 -61.63
C THR U 116 15.59 -29.48 -62.85
N LEU U 117 16.59 -30.33 -62.60
CA LEU U 117 17.08 -31.31 -63.57
C LEU U 117 16.38 -32.62 -63.27
N VAL U 118 16.06 -33.38 -64.31
CA VAL U 118 15.25 -34.60 -64.20
C VAL U 118 15.77 -35.69 -65.13
N VAL U 119 15.85 -36.91 -64.60
CA VAL U 119 16.05 -38.11 -65.42
C VAL U 119 14.69 -38.82 -65.56
N HIS U 120 14.26 -39.01 -66.81
CA HIS U 120 12.91 -39.51 -67.13
C HIS U 120 12.91 -41.02 -67.39
N GLU U 121 11.74 -41.64 -67.21
CA GLU U 121 11.53 -43.10 -67.30
C GLU U 121 11.99 -43.75 -68.61
N LYS U 122 11.55 -43.18 -69.73
CA LYS U 122 11.73 -43.76 -71.06
C LYS U 122 12.68 -42.91 -71.90
N ALA U 123 12.89 -43.33 -73.15
CA ALA U 123 13.72 -42.58 -74.09
C ALA U 123 13.01 -41.31 -74.56
N ASP U 124 13.79 -40.26 -74.76
CA ASP U 124 13.31 -38.99 -75.29
C ASP U 124 13.37 -39.05 -76.82
N ASP U 125 12.25 -38.80 -77.49
CA ASP U 125 12.16 -38.96 -78.95
C ASP U 125 12.58 -37.74 -79.79
N LEU U 126 13.22 -36.75 -79.18
CA LEU U 126 13.76 -35.56 -79.86
C LEU U 126 12.70 -34.69 -80.56
N GLY U 127 11.45 -34.73 -80.09
CA GLY U 127 10.34 -34.03 -80.75
C GLY U 127 9.93 -34.58 -82.10
N LYS U 128 10.32 -35.82 -82.41
CA LYS U 128 10.07 -36.46 -83.70
C LYS U 128 8.96 -37.53 -83.65
N GLY U 129 8.30 -37.67 -82.50
CA GLY U 129 7.29 -38.71 -82.29
C GLY U 129 6.00 -38.56 -83.08
N GLY U 130 5.78 -37.39 -83.67
CA GLY U 130 4.67 -37.18 -84.60
C GLY U 130 3.32 -37.00 -83.93
N ASN U 131 3.29 -36.32 -82.79
CA ASN U 131 2.05 -35.97 -82.10
C ASN U 131 2.24 -34.71 -81.26
N GLU U 132 1.21 -34.30 -80.54
CA GLU U 132 1.29 -33.12 -79.66
C GLU U 132 2.21 -33.35 -78.45
N GLU U 133 2.17 -34.55 -77.88
CA GLU U 133 2.94 -34.88 -76.68
C GLU U 133 4.46 -34.84 -76.93
N SER U 134 4.88 -35.33 -78.10
CA SER U 134 6.29 -35.31 -78.49
C SER U 134 6.86 -33.88 -78.58
N THR U 135 6.05 -32.93 -79.06
CA THR U 135 6.47 -31.52 -79.13
C THR U 135 6.43 -30.77 -77.77
N LYS U 136 5.94 -31.43 -76.72
CA LYS U 136 5.93 -30.87 -75.36
C LYS U 136 7.02 -31.50 -74.47
N THR U 137 6.92 -32.82 -74.26
CA THR U 137 7.84 -33.56 -73.38
C THR U 137 8.71 -34.63 -74.07
N GLY U 138 8.43 -34.95 -75.33
CA GLY U 138 9.18 -35.98 -76.06
C GLY U 138 8.91 -37.41 -75.62
N ASN U 139 7.78 -37.64 -74.93
CA ASN U 139 7.35 -38.96 -74.50
C ASN U 139 8.36 -39.77 -73.68
N ALA U 140 9.14 -39.07 -72.86
CA ALA U 140 10.08 -39.71 -71.94
C ALA U 140 9.37 -40.28 -70.70
N GLY U 141 8.10 -39.91 -70.49
CA GLY U 141 7.27 -40.54 -69.47
C GLY U 141 7.39 -39.87 -68.11
N SER U 142 7.54 -40.68 -67.06
CA SER U 142 7.52 -40.20 -65.68
C SER U 142 8.90 -39.79 -65.17
N ARG U 143 8.90 -39.17 -64.00
CA ARG U 143 10.11 -38.70 -63.32
C ARG U 143 10.69 -39.83 -62.47
N LEU U 144 11.87 -40.33 -62.84
CA LEU U 144 12.55 -41.38 -62.04
C LEU U 144 13.25 -40.77 -60.85
N ALA U 145 14.05 -39.75 -61.13
CA ALA U 145 14.68 -38.92 -60.10
C ALA U 145 14.80 -37.48 -60.59
N ALA U 146 14.96 -36.57 -59.64
CA ALA U 146 15.05 -35.15 -59.93
C ALA U 146 15.76 -34.41 -58.80
N GLY U 147 16.15 -33.17 -59.09
CA GLY U 147 16.87 -32.34 -58.13
C GLY U 147 17.11 -30.94 -58.65
N VAL U 148 17.36 -30.01 -57.74
CA VAL U 148 17.57 -28.61 -58.08
C VAL U 148 19.04 -28.33 -58.42
N ILE U 149 19.27 -27.50 -59.43
CA ILE U 149 20.60 -27.07 -59.84
C ILE U 149 21.00 -25.84 -59.02
N GLY U 150 22.02 -25.97 -58.17
CA GLY U 150 22.48 -24.89 -57.31
C GLY U 150 23.92 -24.47 -57.56
N ILE U 151 24.26 -23.27 -57.09
CA ILE U 151 25.60 -22.68 -57.28
C ILE U 151 26.63 -23.48 -56.49
N ALA U 152 27.78 -23.74 -57.14
CA ALA U 152 28.88 -24.50 -56.54
C ALA U 152 30.14 -23.64 -56.45
N GLN U 153 31.03 -24.04 -55.53
CA GLN U 153 32.24 -23.27 -55.21
C GLN U 153 33.17 -23.08 -56.41
N ASN V 85 5.90 -9.32 -60.59
CA ASN V 85 6.83 -10.48 -60.73
C ASN V 85 8.28 -10.13 -60.37
N LEU V 86 8.49 -9.65 -59.14
CA LEU V 86 9.83 -9.27 -58.66
C LEU V 86 10.66 -10.48 -58.23
N GLY V 87 10.04 -11.66 -58.08
CA GLY V 87 10.76 -12.89 -57.74
C GLY V 87 9.98 -13.75 -56.77
N ALA V 88 10.10 -15.06 -56.94
CA ALA V 88 9.54 -16.02 -56.00
C ALA V 88 10.39 -17.29 -55.98
N ALA V 89 10.60 -17.83 -54.77
CA ALA V 89 11.45 -19.00 -54.59
C ALA V 89 10.91 -19.93 -53.54
N VAL V 90 11.52 -21.12 -53.45
CA VAL V 90 11.16 -22.14 -52.46
C VAL V 90 12.38 -22.99 -52.11
N ALA V 91 12.40 -23.48 -50.86
CA ALA V 91 13.47 -24.35 -50.39
C ALA V 91 12.85 -25.53 -49.64
N ILE V 92 13.06 -26.74 -50.17
CA ILE V 92 12.60 -27.98 -49.55
C ILE V 92 13.74 -28.52 -48.72
N LEU V 93 13.54 -28.63 -47.41
CA LEU V 93 14.64 -28.96 -46.48
C LEU V 93 14.79 -30.47 -46.22
N THR V 98 15.24 -36.83 -39.63
CA THR V 98 13.79 -36.62 -39.54
C THR V 98 13.31 -35.21 -39.90
N VAL V 99 14.22 -34.23 -39.96
CA VAL V 99 13.86 -32.82 -40.18
C VAL V 99 13.51 -32.58 -41.64
N GLN V 100 12.28 -32.17 -41.92
CA GLN V 100 11.86 -31.78 -43.28
C GLN V 100 10.88 -30.62 -43.22
N GLY V 101 10.95 -29.74 -44.23
CA GLY V 101 10.06 -28.58 -44.30
C GLY V 101 10.13 -27.84 -45.61
N VAL V 102 9.21 -26.89 -45.78
CA VAL V 102 9.10 -26.07 -46.97
C VAL V 102 9.10 -24.60 -46.55
N VAL V 103 9.96 -23.80 -47.18
CA VAL V 103 10.05 -22.36 -46.92
C VAL V 103 9.99 -21.64 -48.26
N ARG V 104 9.02 -20.72 -48.40
CA ARG V 104 8.84 -19.90 -49.62
C ARG V 104 9.33 -18.48 -49.40
N PHE V 105 9.85 -17.88 -50.47
CA PHE V 105 10.36 -16.52 -50.50
C PHE V 105 9.57 -15.76 -51.56
N LEU V 106 9.02 -14.61 -51.20
CA LEU V 106 8.29 -13.76 -52.15
C LEU V 106 8.81 -12.32 -52.03
N GLN V 107 9.46 -11.85 -53.09
CA GLN V 107 9.97 -10.48 -53.14
C GLN V 107 8.78 -9.53 -53.30
N LEU V 108 8.33 -8.93 -52.19
CA LEU V 108 7.13 -8.08 -52.20
C LEU V 108 7.37 -6.78 -52.97
N THR V 109 8.39 -6.04 -52.57
CA THR V 109 8.80 -4.81 -53.25
C THR V 109 10.29 -5.01 -53.58
N PRO V 110 10.88 -4.10 -54.38
CA PRO V 110 12.32 -4.23 -54.66
C PRO V 110 13.21 -4.34 -53.41
N GLU V 111 12.79 -3.70 -52.32
CA GLU V 111 13.57 -3.60 -51.08
C GLU V 111 13.02 -4.41 -49.89
N ARG V 112 12.06 -5.31 -50.12
CA ARG V 112 11.48 -6.11 -49.03
C ARG V 112 11.03 -7.49 -49.49
N CYS V 113 11.34 -8.51 -48.70
CA CYS V 113 11.16 -9.91 -49.08
C CYS V 113 10.47 -10.73 -47.99
N LEU V 114 9.24 -11.18 -48.28
CA LEU V 114 8.49 -12.06 -47.38
C LEU V 114 9.10 -13.45 -47.36
N ILE V 115 9.40 -13.96 -46.18
CA ILE V 115 9.89 -15.33 -45.98
C ILE V 115 8.90 -16.01 -45.05
N GLU V 116 8.32 -17.11 -45.51
CA GLU V 116 7.22 -17.79 -44.82
C GLU V 116 7.42 -19.30 -44.97
N GLY V 117 7.31 -20.06 -43.88
CA GLY V 117 7.58 -21.50 -43.92
C GLY V 117 7.13 -22.32 -42.73
N THR V 118 7.22 -23.65 -42.91
CA THR V 118 6.87 -24.66 -41.90
C THR V 118 7.96 -25.74 -41.90
N ILE V 119 8.40 -26.17 -40.72
CA ILE V 119 9.41 -27.25 -40.60
C ILE V 119 9.09 -28.19 -39.44
N ASP V 120 9.02 -29.49 -39.74
CA ASP V 120 8.69 -30.53 -38.76
C ASP V 120 9.93 -31.34 -38.36
N GLY V 121 9.77 -32.19 -37.36
CA GLY V 121 10.84 -33.09 -36.92
C GLY V 121 12.02 -32.43 -36.22
N LEU V 122 11.79 -31.28 -35.58
CA LEU V 122 12.82 -30.58 -34.81
C LEU V 122 12.64 -30.86 -33.32
N GLU V 123 13.67 -30.58 -32.53
CA GLU V 123 13.54 -30.56 -31.06
C GLU V 123 12.67 -29.37 -30.66
N PRO V 124 11.95 -29.48 -29.53
CA PRO V 124 11.32 -28.27 -28.99
C PRO V 124 12.34 -27.21 -28.60
N GLY V 125 12.21 -26.01 -29.16
CA GLY V 125 13.09 -24.88 -28.83
C GLY V 125 13.49 -24.03 -30.03
N LEU V 126 14.51 -23.20 -29.81
CA LEU V 126 15.00 -22.26 -30.82
C LEU V 126 16.08 -22.90 -31.69
N HIS V 127 15.92 -22.73 -33.02
CA HIS V 127 16.83 -23.27 -34.03
C HIS V 127 17.21 -22.16 -35.00
N GLY V 128 18.51 -21.93 -35.17
CA GLY V 128 19.00 -20.91 -36.10
C GLY V 128 18.60 -21.24 -37.53
N LEU V 129 18.31 -20.21 -38.31
CA LEU V 129 17.89 -20.35 -39.71
C LEU V 129 18.70 -19.39 -40.55
N HIS V 130 19.43 -19.91 -41.53
CA HIS V 130 20.34 -19.11 -42.33
C HIS V 130 20.37 -19.53 -43.79
N VAL V 131 20.65 -18.55 -44.64
CA VAL V 131 20.90 -18.78 -46.06
C VAL V 131 22.42 -18.88 -46.21
N HIS V 132 22.90 -20.01 -46.71
CA HIS V 132 24.33 -20.22 -46.97
C HIS V 132 24.65 -19.91 -48.44
N GLN V 133 25.92 -19.73 -48.76
CA GLN V 133 26.29 -19.13 -50.05
C GLN V 133 26.23 -20.06 -51.27
N TYR V 134 26.44 -21.36 -51.06
CA TYR V 134 26.37 -22.35 -52.14
C TYR V 134 25.14 -23.25 -51.98
N GLY V 135 24.56 -23.65 -53.11
CA GLY V 135 23.48 -24.64 -53.17
C GLY V 135 24.04 -25.96 -53.66
N ASP V 136 25.06 -26.44 -52.96
CA ASP V 136 25.77 -27.65 -53.30
C ASP V 136 25.46 -28.68 -52.22
N LEU V 137 24.78 -29.75 -52.60
CA LEU V 137 24.39 -30.81 -51.67
C LEU V 137 25.23 -32.09 -51.85
N THR V 138 26.43 -31.95 -52.43
CA THR V 138 27.30 -33.08 -52.71
C THR V 138 27.63 -33.83 -51.43
N ASN V 139 28.09 -33.07 -50.42
CA ASN V 139 28.35 -33.60 -49.09
C ASN V 139 27.27 -33.16 -48.12
N ASN V 140 26.01 -33.19 -48.57
CA ASN V 140 24.87 -32.71 -47.80
C ASN V 140 25.03 -31.22 -47.42
N CYS V 141 24.62 -30.80 -46.23
CA CYS V 141 24.77 -29.43 -45.79
C CYS V 141 26.22 -28.95 -45.62
N ASN V 142 27.17 -29.89 -45.46
CA ASN V 142 28.59 -29.55 -45.26
C ASN V 142 29.27 -28.89 -46.46
N SER V 143 28.73 -29.12 -47.66
CA SER V 143 29.23 -28.49 -48.88
C SER V 143 28.53 -27.16 -49.25
N CYS V 144 27.62 -26.68 -48.40
CA CYS V 144 26.88 -25.45 -48.70
C CYS V 144 27.65 -24.14 -48.42
N GLY V 145 28.84 -24.22 -47.82
CA GLY V 145 29.66 -23.03 -47.54
C GLY V 145 29.29 -22.39 -46.21
N ASN V 146 29.54 -21.08 -46.11
CA ASN V 146 29.21 -20.32 -44.89
C ASN V 146 27.94 -19.51 -45.08
N HIS V 147 27.54 -18.78 -44.06
CA HIS V 147 26.40 -17.87 -44.16
C HIS V 147 26.62 -16.87 -45.29
N PHE V 148 25.59 -16.69 -46.13
CA PHE V 148 25.63 -15.76 -47.26
C PHE V 148 25.97 -14.36 -46.78
N ASN V 149 27.08 -13.81 -47.26
CA ASN V 149 27.70 -12.62 -46.69
C ASN V 149 28.44 -11.74 -47.74
N PRO V 150 27.70 -11.30 -48.79
CA PRO V 150 28.32 -10.51 -49.86
C PRO V 150 28.91 -9.16 -49.41
N ASP V 151 28.38 -8.58 -48.34
CA ASP V 151 28.91 -7.31 -47.79
C ASP V 151 30.04 -7.47 -46.77
N GLY V 152 30.49 -8.70 -46.51
CA GLY V 152 31.58 -8.93 -45.57
C GLY V 152 31.25 -8.36 -44.19
N ALA V 153 30.03 -8.64 -43.73
CA ALA V 153 29.56 -8.19 -42.43
C ALA V 153 29.94 -9.19 -41.34
N SER V 154 29.67 -8.81 -40.10
CA SER V 154 29.82 -9.66 -38.94
C SER V 154 28.50 -10.41 -38.75
N HIS V 155 28.49 -11.48 -37.97
CA HIS V 155 27.24 -12.19 -37.65
C HIS V 155 26.37 -11.33 -36.73
N GLY V 156 25.06 -11.30 -37.03
CA GLY V 156 24.05 -10.76 -36.11
C GLY V 156 22.67 -11.39 -36.27
N GLY V 157 21.72 -10.93 -35.44
CA GLY V 157 20.31 -11.29 -35.59
C GLY V 157 19.59 -10.38 -36.59
N PRO V 158 18.30 -10.64 -36.85
CA PRO V 158 17.51 -9.81 -37.78
C PRO V 158 17.41 -8.34 -37.39
N GLN V 159 17.38 -8.06 -36.09
CA GLN V 159 17.33 -6.70 -35.57
C GLN V 159 18.62 -5.88 -35.78
N ASP V 160 19.73 -6.56 -36.07
CA ASP V 160 21.02 -5.91 -36.32
C ASP V 160 21.16 -5.56 -37.80
N SER V 161 21.53 -4.32 -38.10
CA SER V 161 21.82 -3.94 -39.49
C SER V 161 23.14 -4.55 -39.92
N ASP V 162 24.13 -4.56 -39.01
CA ASP V 162 25.39 -5.27 -39.22
C ASP V 162 25.19 -6.77 -38.96
N ARG V 163 24.63 -7.43 -39.97
CA ARG V 163 24.45 -8.89 -40.00
C ARG V 163 24.85 -9.42 -41.36
N HIS V 164 25.09 -10.72 -41.43
CA HIS V 164 25.25 -11.36 -42.72
C HIS V 164 23.90 -11.30 -43.42
N ARG V 165 23.90 -11.13 -44.74
CA ARG V 165 22.65 -11.04 -45.49
C ARG V 165 21.76 -12.28 -45.27
N GLY V 166 22.39 -13.44 -45.11
CA GLY V 166 21.66 -14.67 -44.83
C GLY V 166 21.28 -14.95 -43.38
N ASP V 167 21.40 -13.96 -42.48
CA ASP V 167 21.06 -14.14 -41.06
C ASP V 167 19.58 -13.88 -40.77
N LEU V 168 18.77 -14.94 -40.80
CA LEU V 168 17.35 -14.84 -40.51
C LEU V 168 17.02 -15.09 -39.05
N GLY V 169 18.03 -15.33 -38.22
CA GLY V 169 17.85 -15.45 -36.77
C GLY V 169 17.30 -16.80 -36.36
N ASN V 170 16.49 -16.81 -35.30
CA ASN V 170 15.92 -18.04 -34.76
C ASN V 170 14.50 -18.30 -35.25
N VAL V 171 14.12 -19.57 -35.11
CA VAL V 171 12.81 -20.08 -35.47
C VAL V 171 12.43 -21.07 -34.38
N ARG V 172 11.29 -20.80 -33.71
CA ARG V 172 10.87 -21.60 -32.55
C ARG V 172 10.06 -22.83 -32.97
N ALA V 173 10.47 -24.02 -32.49
CA ALA V 173 9.74 -25.26 -32.74
C ALA V 173 8.95 -25.69 -31.50
N ASP V 174 7.67 -26.01 -31.68
CA ASP V 174 6.76 -26.35 -30.57
C ASP V 174 7.03 -27.74 -29.99
N ALA V 175 6.21 -28.16 -29.03
CA ALA V 175 6.36 -29.46 -28.34
C ALA V 175 6.30 -30.68 -29.28
N ASP V 176 5.53 -30.57 -30.36
CA ASP V 176 5.47 -31.63 -31.39
C ASP V 176 6.62 -31.60 -32.40
N GLY V 177 7.44 -30.56 -32.35
CA GLY V 177 8.59 -30.43 -33.26
C GLY V 177 8.30 -29.64 -34.52
N ARG V 178 7.16 -28.95 -34.55
CA ARG V 178 6.78 -28.09 -35.67
C ARG V 178 7.17 -26.64 -35.38
N ALA V 179 7.72 -25.97 -36.38
CA ALA V 179 8.04 -24.55 -36.31
C ALA V 179 7.41 -23.84 -37.49
N ILE V 180 6.45 -22.96 -37.22
CA ILE V 180 5.82 -22.12 -38.24
C ILE V 180 6.35 -20.71 -38.04
N PHE V 181 6.67 -20.03 -39.14
CA PHE V 181 7.24 -18.67 -39.08
C PHE V 181 6.94 -17.87 -40.33
N ARG V 182 6.90 -16.55 -40.17
CA ARG V 182 6.59 -15.60 -41.24
C ARG V 182 7.32 -14.30 -40.89
N MET V 183 8.10 -13.78 -41.84
CA MET V 183 9.04 -12.70 -41.55
C MET V 183 9.47 -11.99 -42.81
N GLU V 184 9.53 -10.66 -42.75
CA GLU V 184 9.95 -9.84 -43.89
C GLU V 184 11.37 -9.36 -43.67
N ASP V 185 12.26 -9.63 -44.63
CA ASP V 185 13.66 -9.19 -44.54
C ASP V 185 13.91 -8.15 -45.62
N GLU V 186 14.56 -7.06 -45.24
CA GLU V 186 14.77 -5.90 -46.12
C GLU V 186 16.13 -5.86 -46.81
N GLN V 187 17.01 -6.81 -46.51
CA GLN V 187 18.32 -6.93 -47.18
C GLN V 187 18.43 -8.16 -48.11
N LEU V 188 17.89 -9.29 -47.66
CA LEU V 188 17.80 -10.50 -48.47
C LEU V 188 16.84 -10.24 -49.63
N LYS V 189 17.29 -10.52 -50.85
CA LYS V 189 16.46 -10.40 -52.06
C LYS V 189 16.44 -11.73 -52.80
N VAL V 190 15.33 -12.03 -53.46
CA VAL V 190 15.13 -13.36 -54.06
C VAL V 190 16.11 -13.63 -55.20
N TRP V 191 16.31 -12.65 -56.07
CA TRP V 191 17.27 -12.76 -57.19
C TRP V 191 18.70 -13.01 -56.73
N ASP V 192 19.02 -12.45 -55.58
CA ASP V 192 20.35 -12.50 -55.01
C ASP V 192 20.67 -13.89 -54.41
N VAL V 193 19.64 -14.67 -54.08
CA VAL V 193 19.79 -15.95 -53.38
C VAL V 193 19.29 -17.20 -54.14
N ILE V 194 18.84 -17.05 -55.38
CA ILE V 194 18.44 -18.19 -56.21
C ILE V 194 19.66 -19.11 -56.38
N GLY V 195 19.43 -20.41 -56.19
CA GLY V 195 20.48 -21.40 -56.35
C GLY V 195 21.46 -21.52 -55.20
N ARG V 196 21.23 -20.77 -54.13
CA ARG V 196 22.01 -20.90 -52.90
C ARG V 196 21.19 -21.80 -51.99
N SER V 197 21.61 -21.98 -50.74
CA SER V 197 20.93 -22.91 -49.83
C SER V 197 20.36 -22.24 -48.61
N LEU V 198 19.29 -22.82 -48.09
CA LEU V 198 18.71 -22.47 -46.79
C LEU V 198 18.97 -23.63 -45.85
N ILE V 199 19.50 -23.33 -44.66
CA ILE V 199 19.86 -24.34 -43.67
C ILE V 199 19.24 -23.99 -42.33
N ILE V 200 18.72 -25.02 -41.64
CA ILE V 200 18.31 -24.91 -40.25
C ILE V 200 19.29 -25.65 -39.34
N ASP V 201 19.66 -25.01 -38.23
CA ASP V 201 20.71 -25.47 -37.32
C ASP V 201 20.13 -26.22 -36.12
N GLU V 202 20.99 -26.97 -35.44
CA GLU V 202 20.64 -27.78 -34.25
C GLU V 202 20.12 -26.94 -33.08
N GLY V 203 20.93 -25.96 -32.67
CA GLY V 203 20.68 -25.18 -31.47
C GLY V 203 20.35 -23.73 -31.73
N GLU V 204 20.38 -22.95 -30.66
CA GLU V 204 20.03 -21.53 -30.69
C GLU V 204 21.20 -20.68 -31.20
N ASP V 205 20.95 -19.99 -32.31
CA ASP V 205 21.77 -18.85 -32.76
C ASP V 205 21.81 -17.74 -31.70
N ASP V 206 23.01 -17.43 -31.19
CA ASP V 206 23.17 -16.39 -30.16
C ASP V 206 23.18 -14.95 -30.69
N LEU V 207 23.02 -14.76 -32.00
CA LEU V 207 22.87 -13.43 -32.62
C LEU V 207 24.10 -12.52 -32.42
N GLY V 208 25.29 -13.13 -32.33
CA GLY V 208 26.55 -12.41 -32.12
C GLY V 208 26.79 -11.90 -30.71
N ARG V 209 25.97 -12.33 -29.75
CA ARG V 209 25.95 -11.79 -28.39
C ARG V 209 26.42 -12.77 -27.31
N GLY V 210 26.91 -13.95 -27.70
CA GLY V 210 27.27 -15.00 -26.75
C GLY V 210 28.65 -14.94 -26.13
N GLY V 211 29.47 -13.96 -26.54
CA GLY V 211 30.85 -13.87 -26.07
C GLY V 211 31.68 -15.13 -26.27
N HIS V 212 31.36 -15.89 -27.30
CA HIS V 212 31.97 -17.19 -27.61
C HIS V 212 32.72 -16.97 -28.94
N PRO V 213 33.85 -17.69 -29.19
CA PRO V 213 34.64 -17.48 -30.43
C PRO V 213 33.84 -17.51 -31.74
N LEU V 214 32.93 -18.48 -31.87
CA LEU V 214 32.03 -18.57 -33.01
C LEU V 214 30.87 -17.55 -33.06
N SER V 215 30.56 -16.86 -31.96
CA SER V 215 29.43 -15.90 -31.92
C SER V 215 29.37 -14.94 -33.10
N LYS V 216 30.48 -14.25 -33.36
CA LYS V 216 30.57 -13.31 -34.49
C LYS V 216 30.78 -13.97 -35.86
N ILE V 217 31.03 -15.28 -35.89
CA ILE V 217 31.16 -16.02 -37.16
C ILE V 217 29.84 -16.73 -37.47
N THR V 218 29.44 -17.68 -36.63
CA THR V 218 28.22 -18.51 -36.88
C THR V 218 27.04 -18.32 -35.90
N GLY V 219 27.24 -17.55 -34.83
CA GLY V 219 26.26 -17.49 -33.74
C GLY V 219 26.18 -18.74 -32.87
N ASN V 220 27.18 -19.63 -32.99
CA ASN V 220 27.32 -20.83 -32.18
C ASN V 220 26.08 -21.71 -32.10
N SER V 221 25.39 -21.84 -33.23
CA SER V 221 24.13 -22.59 -33.29
C SER V 221 24.29 -24.11 -33.51
N GLY V 222 25.52 -24.63 -33.36
CA GLY V 222 25.76 -26.07 -33.46
C GLY V 222 25.69 -26.60 -34.88
N GLU V 223 25.33 -27.87 -35.01
CA GLU V 223 25.32 -28.58 -36.29
C GLU V 223 24.23 -28.12 -37.23
N ARG V 224 24.38 -28.45 -38.51
CA ARG V 224 23.42 -28.14 -39.55
C ARG V 224 22.47 -29.32 -39.77
N LEU V 225 21.25 -29.24 -39.23
CA LEU V 225 20.33 -30.39 -39.27
C LEU V 225 19.84 -30.76 -40.66
N ALA V 226 19.42 -29.76 -41.42
CA ALA V 226 18.79 -29.99 -42.72
C ALA V 226 18.95 -28.79 -43.62
N CYS V 227 18.93 -29.02 -44.92
CA CYS V 227 19.18 -27.98 -45.91
C CYS V 227 18.45 -28.25 -47.21
N GLY V 228 18.36 -27.22 -48.04
CA GLY V 228 17.65 -27.28 -49.31
C GLY V 228 18.02 -26.11 -50.20
N ILE V 229 18.03 -26.34 -51.50
CA ILE V 229 18.46 -25.33 -52.46
C ILE V 229 17.30 -24.37 -52.77
N ILE V 230 17.60 -23.07 -52.72
CA ILE V 230 16.60 -22.01 -52.92
C ILE V 230 16.27 -21.94 -54.42
N ALA V 231 15.18 -22.62 -54.78
CA ALA V 231 14.80 -22.87 -56.18
C ALA V 231 13.80 -21.85 -56.71
N ARG V 232 13.78 -21.65 -58.02
CA ARG V 232 12.80 -20.78 -58.68
C ARG V 232 11.41 -21.38 -58.56
N SER V 233 10.41 -20.54 -58.26
CA SER V 233 8.99 -20.95 -58.27
C SER V 233 8.09 -19.84 -58.83
N ALA V 234 6.87 -20.22 -59.19
CA ALA V 234 5.94 -19.31 -59.89
C ALA V 234 5.20 -18.36 -58.94
N ALA W 1 12.60 -35.66 27.68
CA ALA W 1 11.35 -36.07 28.42
C ALA W 1 11.05 -37.56 28.26
N THR W 2 10.51 -38.16 29.31
CA THR W 2 10.17 -39.58 29.30
C THR W 2 8.80 -39.82 28.66
N LYS W 3 7.88 -38.86 28.82
CA LYS W 3 6.55 -38.93 28.22
C LYS W 3 6.17 -37.65 27.50
N ALA W 4 5.32 -37.79 26.48
CA ALA W 4 4.76 -36.67 25.75
C ALA W 4 3.34 -37.01 25.31
N VAL W 5 2.62 -36.00 24.81
CA VAL W 5 1.21 -36.17 24.43
C VAL W 5 0.83 -35.15 23.35
N CYS W 6 -0.17 -35.47 22.55
CA CYS W 6 -0.63 -34.58 21.48
C CYS W 6 -2.15 -34.65 21.36
N VAL W 7 -2.80 -33.49 21.29
CA VAL W 7 -4.26 -33.41 21.07
C VAL W 7 -4.50 -32.97 19.62
N LEU W 8 -4.91 -33.91 18.77
CA LEU W 8 -5.19 -33.62 17.35
C LEU W 8 -6.57 -32.99 17.20
N LYS W 9 -6.62 -31.80 16.58
CA LYS W 9 -7.87 -31.06 16.37
C LYS W 9 -7.91 -30.51 14.95
N GLY W 10 -9.12 -30.22 14.46
CA GLY W 10 -9.31 -29.69 13.11
C GLY W 10 -10.64 -28.99 12.91
N ASP W 11 -10.83 -28.44 11.71
CA ASP W 11 -12.08 -27.74 11.35
C ASP W 11 -13.26 -28.69 11.16
N GLY W 12 -12.97 -29.92 10.73
CA GLY W 12 -13.98 -30.97 10.57
C GLY W 12 -14.26 -31.75 11.86
N PRO W 13 -14.80 -32.98 11.73
CA PRO W 13 -15.15 -33.81 12.88
C PRO W 13 -14.01 -34.71 13.40
N VAL W 14 -12.82 -34.64 12.78
CA VAL W 14 -11.71 -35.51 13.15
C VAL W 14 -11.03 -34.95 14.40
N GLN W 15 -10.81 -35.81 15.39
CA GLN W 15 -10.11 -35.43 16.61
C GLN W 15 -9.56 -36.64 17.34
N GLY W 16 -8.56 -36.42 18.18
CA GLY W 16 -7.94 -37.51 18.94
C GLY W 16 -6.88 -37.08 19.92
N ILE W 17 -6.43 -38.05 20.71
CA ILE W 17 -5.32 -37.88 21.66
C ILE W 17 -4.31 -39.00 21.42
N ILE W 18 -3.06 -38.65 21.15
CA ILE W 18 -1.98 -39.61 20.95
C ILE W 18 -0.90 -39.45 22.03
N ASN W 19 -0.62 -40.53 22.75
CA ASN W 19 0.41 -40.54 23.80
C ASN W 19 1.76 -41.04 23.29
N PHE W 20 2.82 -40.58 23.95
CA PHE W 20 4.20 -40.95 23.65
C PHE W 20 4.89 -41.37 24.96
N GLU W 21 5.79 -42.34 24.87
CA GLU W 21 6.53 -42.81 26.04
C GLU W 21 7.84 -43.45 25.59
N GLN W 22 8.91 -43.12 26.29
CA GLN W 22 10.26 -43.58 25.95
C GLN W 22 11.10 -43.73 27.22
N LYS W 23 11.13 -44.94 27.76
CA LYS W 23 11.79 -45.18 29.05
C LYS W 23 13.32 -45.24 28.98
N GLU W 24 13.85 -45.62 27.81
CA GLU W 24 15.30 -45.65 27.59
C GLU W 24 15.75 -44.53 26.65
N SER W 25 17.01 -44.15 26.78
CA SER W 25 17.59 -43.05 26.00
C SER W 25 17.93 -43.54 24.60
N ASN W 26 17.46 -42.79 23.59
CA ASN W 26 17.47 -43.23 22.20
C ASN W 26 16.77 -44.59 21.98
N GLY W 27 15.87 -44.96 22.91
CA GLY W 27 15.20 -46.25 22.90
C GLY W 27 13.93 -46.20 22.07
N PRO W 28 13.11 -47.27 22.14
CA PRO W 28 11.83 -47.27 21.45
C PRO W 28 10.85 -46.26 22.05
N VAL W 29 10.18 -45.50 21.19
CA VAL W 29 9.08 -44.66 21.59
C VAL W 29 7.79 -45.44 21.35
N LYS W 30 7.05 -45.73 22.43
CA LYS W 30 5.71 -46.31 22.32
C LYS W 30 4.76 -45.17 22.03
N VAL W 31 4.23 -45.14 20.81
CA VAL W 31 3.21 -44.20 20.41
C VAL W 31 1.90 -44.96 20.44
N TRP W 32 0.94 -44.53 21.26
CA TRP W 32 -0.39 -45.14 21.30
C TRP W 32 -1.46 -44.08 21.52
N GLY W 33 -2.70 -44.38 21.10
CA GLY W 33 -3.81 -43.45 21.26
C GLY W 33 -5.02 -43.82 20.42
N SER W 34 -5.91 -42.84 20.24
CA SER W 34 -7.14 -43.02 19.49
C SER W 34 -7.49 -41.77 18.68
N ILE W 35 -7.97 -41.98 17.45
CA ILE W 35 -8.47 -40.90 16.59
C ILE W 35 -9.83 -41.35 16.06
N LYS W 36 -10.83 -40.47 16.18
CA LYS W 36 -12.21 -40.76 15.73
C LYS W 36 -12.66 -39.83 14.61
N GLY W 37 -13.80 -40.15 14.00
CA GLY W 37 -14.39 -39.32 12.96
C GLY W 37 -13.70 -39.36 11.61
N LEU W 38 -12.95 -40.43 11.35
CA LEU W 38 -12.25 -40.63 10.08
C LEU W 38 -13.08 -41.50 9.12
N THR W 39 -12.78 -41.41 7.83
CA THR W 39 -13.35 -42.32 6.84
C THR W 39 -12.69 -43.68 7.01
N GLU W 40 -13.43 -44.76 6.78
CA GLU W 40 -12.89 -46.10 6.94
C GLU W 40 -11.73 -46.30 5.97
N GLY W 41 -10.56 -46.64 6.51
CA GLY W 41 -9.38 -46.93 5.70
C GLY W 41 -8.09 -46.36 6.28
N LEU W 42 -7.05 -46.36 5.44
CA LEU W 42 -5.73 -45.88 5.85
C LEU W 42 -5.66 -44.36 5.81
N HIS W 43 -4.97 -43.77 6.80
CA HIS W 43 -4.78 -42.32 6.90
C HIS W 43 -3.33 -42.00 7.27
N GLY W 44 -2.71 -41.10 6.49
CA GLY W 44 -1.30 -40.74 6.66
C GLY W 44 -1.02 -40.05 7.98
N PHE W 45 0.02 -40.51 8.68
CA PHE W 45 0.30 -40.13 10.08
C PHE W 45 1.73 -39.61 10.16
N HIS W 46 1.89 -38.28 10.27
CA HIS W 46 3.20 -37.65 10.10
C HIS W 46 3.56 -36.59 11.14
N VAL W 47 4.87 -36.42 11.34
CA VAL W 47 5.44 -35.39 12.21
C VAL W 47 6.17 -34.39 11.31
N HIS W 48 5.81 -33.11 11.44
CA HIS W 48 6.41 -32.03 10.63
C HIS W 48 7.63 -31.43 11.33
N GLU W 49 8.45 -30.71 10.57
CA GLU W 49 9.68 -30.08 11.10
C GLU W 49 9.42 -29.06 12.21
N PHE W 50 8.33 -28.31 12.10
CA PHE W 50 7.98 -27.27 13.07
C PHE W 50 6.65 -27.57 13.74
N GLY W 51 6.37 -26.81 14.79
CA GLY W 51 5.08 -26.86 15.50
C GLY W 51 4.22 -25.63 15.30
N ASP W 52 4.70 -24.69 14.47
CA ASP W 52 3.98 -23.46 14.18
C ASP W 52 2.75 -23.82 13.34
N ASN W 53 1.56 -23.55 13.89
CA ASN W 53 0.29 -23.78 13.19
C ASN W 53 -0.52 -22.51 12.97
N THR W 54 0.14 -21.35 12.99
CA THR W 54 -0.50 -20.06 12.76
C THR W 54 -1.01 -19.91 11.32
N ALA W 55 -0.38 -20.61 10.38
CA ALA W 55 -0.80 -20.66 8.99
C ALA W 55 -0.94 -22.12 8.52
N GLY W 56 -1.53 -22.95 9.37
CA GLY W 56 -1.73 -24.37 9.08
C GLY W 56 -0.48 -25.09 8.59
N ALA W 57 -0.58 -25.64 7.37
CA ALA W 57 0.49 -26.48 6.81
C ALA W 57 1.75 -25.72 6.40
N THR W 58 1.61 -24.45 6.02
CA THR W 58 2.74 -23.66 5.49
C THR W 58 3.77 -23.32 6.59
N SER W 59 3.29 -22.86 7.74
CA SER W 59 4.18 -22.54 8.88
C SER W 59 4.73 -23.80 9.57
N ALA W 60 4.02 -24.92 9.48
CA ALA W 60 4.50 -26.20 10.03
C ALA W 60 5.68 -26.81 9.26
N GLY W 61 5.83 -26.43 7.99
CA GLY W 61 6.97 -26.85 7.17
C GLY W 61 6.87 -28.27 6.64
N PRO W 62 7.98 -28.79 6.07
CA PRO W 62 7.98 -30.15 5.53
C PRO W 62 7.99 -31.21 6.61
N HIS W 63 7.88 -32.47 6.21
CA HIS W 63 8.00 -33.60 7.12
C HIS W 63 9.36 -33.55 7.82
N PHE W 64 9.37 -33.70 9.14
CA PHE W 64 10.59 -33.66 9.96
C PHE W 64 11.65 -34.63 9.42
N ASN W 65 12.82 -34.09 9.07
CA ASN W 65 13.77 -34.77 8.22
C ASN W 65 15.19 -34.24 8.44
N PRO W 66 15.73 -34.43 9.65
CA PRO W 66 17.08 -33.95 9.98
C PRO W 66 18.22 -34.56 9.17
N LEU W 67 18.02 -35.75 8.61
CA LEU W 67 19.03 -36.42 7.76
C LEU W 67 18.88 -36.18 6.25
N SER W 68 17.96 -35.30 5.85
CA SER W 68 17.77 -34.90 4.44
C SER W 68 17.49 -36.08 3.50
N ARG W 69 16.70 -37.03 3.98
CA ARG W 69 16.34 -38.23 3.19
C ARG W 69 15.06 -37.98 2.39
N LYS W 70 14.64 -39.00 1.63
CA LYS W 70 13.36 -38.99 0.93
C LYS W 70 12.31 -39.74 1.76
N HIS W 71 11.05 -39.55 1.41
CA HIS W 71 9.93 -40.15 2.14
C HIS W 71 9.91 -41.68 2.01
N GLY W 72 9.60 -42.36 3.12
CA GLY W 72 9.34 -43.80 3.11
C GLY W 72 8.27 -44.18 4.13
N GLY W 73 8.09 -45.48 4.30
CA GLY W 73 7.30 -46.01 5.42
C GLY W 73 8.17 -46.14 6.65
N PRO W 74 7.58 -46.36 7.83
CA PRO W 74 8.35 -46.56 9.06
C PRO W 74 9.44 -47.64 8.96
N LYS W 75 9.15 -48.73 8.23
CA LYS W 75 10.06 -49.88 8.15
C LYS W 75 11.24 -49.66 7.19
N ASP W 76 11.17 -48.62 6.35
CA ASP W 76 12.23 -48.34 5.38
C ASP W 76 13.44 -47.66 6.02
N GLU W 77 14.61 -47.92 5.45
CA GLU W 77 15.88 -47.30 5.84
C GLU W 77 15.87 -45.84 5.37
N GLU W 78 15.50 -45.64 4.10
CA GLU W 78 15.28 -44.32 3.53
C GLU W 78 13.86 -43.88 3.88
N ARG W 79 13.77 -42.94 4.82
CA ARG W 79 12.52 -42.31 5.23
C ARG W 79 12.83 -40.98 5.90
N HIS W 80 11.82 -40.13 6.01
CA HIS W 80 11.90 -38.96 6.90
C HIS W 80 11.69 -39.46 8.32
N VAL W 81 12.34 -38.82 9.29
CA VAL W 81 12.18 -39.19 10.71
C VAL W 81 10.71 -39.10 11.12
N GLY W 82 9.98 -38.12 10.57
CA GLY W 82 8.54 -37.97 10.83
C GLY W 82 7.58 -38.91 10.12
N ASP W 83 8.10 -39.85 9.32
CA ASP W 83 7.26 -40.85 8.66
C ASP W 83 6.82 -41.96 9.62
N LEU W 84 5.69 -41.75 10.28
CA LEU W 84 5.06 -42.78 11.11
C LEU W 84 3.99 -43.57 10.35
N GLY W 85 3.92 -43.38 9.03
CA GLY W 85 3.17 -44.28 8.14
C GLY W 85 1.67 -44.04 8.12
N ASN W 86 0.91 -45.13 8.26
CA ASN W 86 -0.54 -45.11 8.24
C ASN W 86 -1.17 -45.61 9.53
N VAL W 87 -2.32 -45.03 9.86
CA VAL W 87 -3.21 -45.53 10.89
C VAL W 87 -4.50 -45.98 10.20
N THR W 88 -5.13 -47.02 10.71
CA THR W 88 -6.30 -47.61 10.06
C THR W 88 -7.55 -47.30 10.86
N ALA W 89 -8.55 -46.76 10.19
CA ALA W 89 -9.85 -46.45 10.79
C ALA W 89 -10.83 -47.58 10.52
N ASP W 90 -11.51 -48.06 11.57
CA ASP W 90 -12.52 -49.12 11.43
C ASP W 90 -13.83 -48.55 10.85
N LYS W 91 -14.81 -49.43 10.64
CA LYS W 91 -16.11 -49.04 10.05
C LYS W 91 -16.83 -47.86 10.73
N ASP W 92 -16.65 -47.71 12.04
CA ASP W 92 -17.22 -46.60 12.81
C ASP W 92 -16.32 -45.36 12.87
N GLY W 93 -15.30 -45.28 12.01
CA GLY W 93 -14.43 -44.11 11.92
C GLY W 93 -13.47 -43.88 13.07
N VAL W 94 -13.14 -44.94 13.80
CA VAL W 94 -12.19 -44.91 14.90
C VAL W 94 -10.92 -45.65 14.50
N ALA W 95 -9.78 -44.99 14.66
CA ALA W 95 -8.47 -45.59 14.46
C ALA W 95 -7.78 -45.76 15.81
N ASP W 96 -7.63 -47.01 16.25
CA ASP W 96 -6.86 -47.32 17.47
C ASP W 96 -5.38 -47.38 17.13
N VAL W 97 -4.66 -46.34 17.54
CA VAL W 97 -3.24 -46.20 17.23
C VAL W 97 -2.40 -46.98 18.24
N SER W 98 -1.41 -47.72 17.74
CA SER W 98 -0.47 -48.46 18.59
C SER W 98 0.77 -48.78 17.77
N ILE W 99 1.78 -47.94 17.90
CA ILE W 99 3.04 -48.03 17.17
C ILE W 99 4.16 -48.15 18.19
N GLU W 100 5.28 -48.74 17.75
CA GLU W 100 6.56 -48.61 18.43
C GLU W 100 7.56 -48.21 17.34
N ASP W 101 8.38 -47.21 17.63
CA ASP W 101 9.30 -46.65 16.62
C ASP W 101 10.58 -46.18 17.28
N SER W 102 11.71 -46.43 16.63
CA SER W 102 13.04 -46.11 17.16
C SER W 102 13.84 -45.07 16.36
N VAL W 103 13.28 -44.57 15.25
CA VAL W 103 13.94 -43.50 14.50
C VAL W 103 13.60 -42.17 15.20
N ILE W 104 12.30 -41.97 15.49
CA ILE W 104 11.86 -40.85 16.34
C ILE W 104 12.33 -41.04 17.79
N SER W 105 12.33 -39.95 18.54
CA SER W 105 12.81 -39.94 19.92
C SER W 105 12.16 -38.80 20.70
N LEU W 106 12.25 -38.87 22.03
CA LEU W 106 11.86 -37.78 22.91
C LEU W 106 13.07 -37.00 23.43
N SER W 107 14.23 -37.21 22.81
CA SER W 107 15.39 -36.34 23.00
C SER W 107 16.31 -36.41 21.78
N GLY W 108 17.34 -35.57 21.77
CA GLY W 108 18.37 -35.60 20.74
C GLY W 108 17.98 -34.90 19.45
N ASP W 109 18.74 -35.17 18.40
CA ASP W 109 18.50 -34.59 17.08
C ASP W 109 17.18 -35.06 16.49
N HIS W 110 16.71 -36.24 16.91
CA HIS W 110 15.43 -36.78 16.44
C HIS W 110 14.27 -36.52 17.42
N CYS W 111 14.40 -35.51 18.29
CA CYS W 111 13.33 -35.17 19.24
C CYS W 111 12.12 -34.61 18.51
N ILE W 112 10.97 -35.24 18.72
CA ILE W 112 9.71 -34.84 18.07
C ILE W 112 8.87 -33.90 18.92
N ILE W 113 9.32 -33.60 20.14
CA ILE W 113 8.61 -32.66 21.01
C ILE W 113 8.75 -31.25 20.41
N GLY W 114 7.68 -30.47 20.52
CA GLY W 114 7.61 -29.13 19.94
C GLY W 114 7.17 -29.06 18.49
N ARG W 115 6.94 -30.22 17.88
CA ARG W 115 6.60 -30.32 16.45
C ARG W 115 5.13 -30.68 16.30
N THR W 116 4.59 -30.45 15.10
CA THR W 116 3.19 -30.76 14.80
C THR W 116 3.06 -32.20 14.32
N LEU W 117 2.11 -32.93 14.92
CA LEU W 117 1.69 -34.27 14.46
C LEU W 117 0.39 -34.12 13.67
N VAL W 118 0.26 -34.87 12.58
CA VAL W 118 -0.86 -34.73 11.65
C VAL W 118 -1.44 -36.07 11.24
N VAL W 119 -2.76 -36.13 11.10
CA VAL W 119 -3.47 -37.24 10.46
C VAL W 119 -4.07 -36.72 9.14
N HIS W 120 -3.93 -37.49 8.07
CA HIS W 120 -4.22 -37.00 6.71
C HIS W 120 -5.48 -37.64 6.10
N GLU W 121 -5.92 -37.06 4.99
CA GLU W 121 -7.13 -37.50 4.27
C GLU W 121 -6.95 -38.90 3.71
N LYS W 122 -5.98 -39.06 2.81
CA LYS W 122 -5.75 -40.29 2.05
C LYS W 122 -4.57 -41.08 2.62
N ALA W 123 -4.40 -42.28 2.09
CA ALA W 123 -3.32 -43.16 2.48
C ALA W 123 -1.96 -42.60 2.09
N ASP W 124 -1.02 -42.62 3.03
CA ASP W 124 0.40 -42.46 2.76
C ASP W 124 0.90 -43.64 1.91
N ASP W 125 1.38 -43.36 0.70
CA ASP W 125 1.88 -44.42 -0.21
C ASP W 125 3.33 -44.87 0.03
N LEU W 126 3.96 -44.36 1.10
CA LEU W 126 5.26 -44.84 1.60
C LEU W 126 6.44 -44.63 0.65
N GLY W 127 6.38 -43.58 -0.16
CA GLY W 127 7.44 -43.26 -1.12
C GLY W 127 7.58 -44.22 -2.30
N LYS W 128 6.55 -45.03 -2.56
CA LYS W 128 6.53 -45.97 -3.68
C LYS W 128 5.41 -45.64 -4.69
N GLY W 129 4.91 -44.40 -4.65
CA GLY W 129 3.88 -43.95 -5.57
C GLY W 129 4.37 -43.79 -7.00
N GLY W 130 5.68 -43.60 -7.16
CA GLY W 130 6.31 -43.52 -8.48
C GLY W 130 6.30 -42.12 -9.07
N ASN W 131 6.50 -41.12 -8.21
CA ASN W 131 6.52 -39.71 -8.62
C ASN W 131 7.10 -38.83 -7.51
N GLU W 132 7.34 -37.55 -7.82
CA GLU W 132 8.06 -36.65 -6.92
C GLU W 132 7.28 -36.35 -5.64
N GLU W 133 5.96 -36.18 -5.74
CA GLU W 133 5.13 -35.87 -4.58
C GLU W 133 5.06 -37.04 -3.58
N SER W 134 5.24 -38.26 -4.10
CA SER W 134 5.37 -39.45 -3.22
C SER W 134 6.64 -39.42 -2.36
N THR W 135 7.75 -38.91 -2.90
CA THR W 135 9.02 -38.80 -2.16
C THR W 135 9.13 -37.57 -1.24
N LYS W 136 8.19 -36.64 -1.36
CA LYS W 136 8.04 -35.52 -0.42
C LYS W 136 6.98 -35.90 0.62
N THR W 137 5.70 -35.83 0.25
CA THR W 137 4.58 -35.97 1.20
C THR W 137 3.92 -37.36 1.26
N GLY W 138 4.31 -38.27 0.37
CA GLY W 138 3.67 -39.60 0.30
C GLY W 138 2.24 -39.61 -0.21
N ASN W 139 1.84 -38.55 -0.91
CA ASN W 139 0.49 -38.38 -1.48
C ASN W 139 -0.64 -38.69 -0.51
N ALA W 140 -0.51 -38.16 0.71
CA ALA W 140 -1.47 -38.41 1.77
C ALA W 140 -2.70 -37.50 1.67
N GLY W 141 -2.70 -36.52 0.76
CA GLY W 141 -3.78 -35.54 0.69
C GLY W 141 -3.68 -34.53 1.82
N SER W 142 -4.80 -33.87 2.09
CA SER W 142 -4.85 -32.72 3.00
C SER W 142 -4.90 -33.10 4.49
N ARG W 143 -4.68 -32.11 5.35
CA ARG W 143 -4.60 -32.31 6.80
C ARG W 143 -6.01 -32.29 7.40
N LEU W 144 -6.45 -33.44 7.91
CA LEU W 144 -7.76 -33.53 8.55
C LEU W 144 -7.71 -32.94 9.96
N ALA W 145 -6.76 -33.41 10.75
CA ALA W 145 -6.54 -32.92 12.11
C ALA W 145 -5.04 -32.86 12.42
N ALA W 146 -4.66 -31.88 13.24
CA ALA W 146 -3.25 -31.65 13.60
C ALA W 146 -3.12 -31.17 15.04
N GLY W 147 -1.91 -31.23 15.57
CA GLY W 147 -1.64 -30.78 16.93
C GLY W 147 -0.16 -30.83 17.29
N VAL W 148 0.26 -29.98 18.23
CA VAL W 148 1.65 -29.92 18.69
C VAL W 148 1.89 -30.99 19.75
N ILE W 149 3.10 -31.57 19.72
CA ILE W 149 3.50 -32.58 20.71
C ILE W 149 4.15 -31.90 21.90
N GLY W 150 3.54 -32.07 23.08
CA GLY W 150 4.00 -31.44 24.31
C GLY W 150 4.52 -32.42 25.35
N ILE W 151 5.37 -31.92 26.25
CA ILE W 151 5.90 -32.70 27.37
C ILE W 151 4.73 -33.05 28.29
N ALA W 152 4.69 -34.32 28.70
CA ALA W 152 3.66 -34.85 29.59
C ALA W 152 4.31 -35.23 30.92
N GLN W 153 3.51 -35.22 31.98
CA GLN W 153 3.95 -35.70 33.28
C GLN W 153 4.14 -37.20 33.23
N GLY X 9 13.47 -0.90 22.34
CA GLY X 9 13.91 -2.31 22.57
C GLY X 9 14.97 -2.79 21.59
N THR X 10 15.06 -4.12 21.44
CA THR X 10 16.02 -4.74 20.52
C THR X 10 15.37 -4.97 19.17
N LEU X 11 16.19 -4.85 18.11
CA LEU X 11 15.75 -5.17 16.75
C LEU X 11 15.47 -6.67 16.59
N ALA X 12 14.55 -6.99 15.68
CA ALA X 12 14.20 -8.37 15.36
C ALA X 12 13.83 -8.45 13.89
N THR X 13 14.42 -9.39 13.16
CA THR X 13 14.18 -9.53 11.72
C THR X 13 13.06 -10.54 11.49
N LEU X 14 11.97 -10.06 10.91
CA LEU X 14 10.78 -10.85 10.61
C LEU X 14 10.80 -11.23 9.13
N GLU X 15 10.70 -12.52 8.83
CA GLU X 15 10.64 -13.01 7.43
C GLU X 15 9.19 -13.35 7.08
N PHE X 16 8.53 -12.44 6.34
CA PHE X 16 7.17 -12.68 5.86
C PHE X 16 7.18 -13.24 4.43
N ALA X 17 6.34 -14.24 4.18
CA ALA X 17 6.03 -14.68 2.81
C ALA X 17 4.85 -13.87 2.33
N VAL X 18 5.07 -13.13 1.25
CA VAL X 18 4.04 -12.26 0.68
C VAL X 18 3.92 -12.58 -0.81
N GLN X 19 2.70 -12.90 -1.24
CA GLN X 19 2.36 -13.05 -2.65
C GLN X 19 2.41 -11.69 -3.33
N MET X 20 3.17 -11.59 -4.42
CA MET X 20 3.25 -10.37 -5.21
C MET X 20 3.75 -10.69 -6.61
N THR X 21 2.86 -10.56 -7.59
CA THR X 21 3.08 -11.03 -8.95
C THR X 21 3.64 -9.88 -9.81
N ALA X 22 2.90 -8.77 -9.83
CA ALA X 22 3.29 -7.58 -10.57
C ALA X 22 4.29 -6.73 -9.79
N GLN X 23 4.98 -5.83 -10.50
CA GLN X 23 5.89 -4.85 -9.91
C GLN X 23 5.17 -3.77 -9.07
N SER X 24 3.89 -3.52 -9.37
CA SER X 24 3.07 -2.59 -8.59
C SER X 24 2.74 -3.11 -7.18
N ALA X 25 2.68 -4.43 -7.02
CA ALA X 25 2.51 -5.08 -5.70
C ALA X 25 3.76 -4.95 -4.80
N VAL X 26 4.95 -4.89 -5.39
CA VAL X 26 6.20 -4.62 -4.65
C VAL X 26 6.22 -3.18 -4.12
N ASP X 27 5.65 -2.24 -4.88
CA ASP X 27 5.58 -0.84 -4.48
C ASP X 27 4.63 -0.65 -3.30
N ALA X 28 3.47 -1.30 -3.34
CA ALA X 28 2.47 -1.21 -2.27
C ALA X 28 2.98 -1.76 -0.93
N VAL X 29 3.63 -2.93 -1.00
CA VAL X 29 4.22 -3.60 0.18
C VAL X 29 5.31 -2.74 0.82
N ARG X 30 6.23 -2.25 -0.01
CA ARG X 30 7.32 -1.38 0.44
C ARG X 30 6.80 -0.05 1.00
N LYS X 31 5.72 0.47 0.40
CA LYS X 31 5.08 1.71 0.85
C LYS X 31 4.38 1.60 2.21
N SER X 32 3.85 0.42 2.53
CA SER X 32 3.13 0.20 3.80
C SER X 32 4.01 0.17 5.04
N LEU X 33 5.29 -0.19 4.88
CA LEU X 33 6.26 -0.27 5.98
C LEU X 33 7.26 0.90 6.05
N GLN X 34 7.64 1.45 4.90
CA GLN X 34 8.71 2.44 4.85
C GLN X 34 8.22 3.80 5.35
N GLY X 35 9.02 4.44 6.20
CA GLY X 35 8.65 5.69 6.87
C GLY X 35 7.81 5.51 8.14
N VAL X 36 7.59 4.26 8.57
CA VAL X 36 6.78 3.95 9.75
C VAL X 36 7.66 3.91 10.98
N ALA X 37 7.14 4.42 12.10
CA ALA X 37 7.89 4.51 13.35
C ALA X 37 8.12 3.12 13.94
N GLY X 38 9.39 2.75 14.09
CA GLY X 38 9.78 1.47 14.66
C GLY X 38 10.16 0.38 13.66
N VAL X 39 10.27 0.71 12.38
CA VAL X 39 10.86 -0.23 11.39
C VAL X 39 12.09 0.46 10.79
N GLN X 40 13.24 -0.21 10.87
CA GLN X 40 14.52 0.36 10.45
C GLN X 40 14.93 0.03 9.02
N ASP X 41 14.59 -1.19 8.56
CA ASP X 41 14.88 -1.61 7.19
C ASP X 41 13.75 -2.46 6.64
N VAL X 42 13.60 -2.43 5.32
CA VAL X 42 12.69 -3.31 4.59
C VAL X 42 13.47 -3.82 3.38
N GLU X 43 13.27 -5.09 3.05
CA GLU X 43 14.04 -5.75 2.00
C GLU X 43 13.14 -6.73 1.22
N VAL X 44 12.55 -6.22 0.14
CA VAL X 44 11.59 -6.99 -0.68
C VAL X 44 12.31 -7.78 -1.78
N HIS X 45 12.25 -9.11 -1.70
CA HIS X 45 12.79 -10.02 -2.71
C HIS X 45 11.65 -10.60 -3.54
N LEU X 46 11.38 -10.00 -4.69
CA LEU X 46 10.28 -10.42 -5.57
C LEU X 46 10.40 -11.88 -6.00
N GLU X 47 11.58 -12.26 -6.46
CA GLU X 47 11.86 -13.64 -6.90
C GLU X 47 11.53 -14.71 -5.85
N ASP X 48 11.84 -14.42 -4.58
CA ASP X 48 11.62 -15.38 -3.49
C ASP X 48 10.25 -15.27 -2.79
N GLN X 49 9.45 -14.27 -3.17
CA GLN X 49 8.14 -13.98 -2.54
C GLN X 49 8.27 -13.62 -1.04
N MET X 50 9.32 -12.87 -0.73
CA MET X 50 9.75 -12.64 0.65
C MET X 50 9.78 -11.15 0.98
N VAL X 51 9.55 -10.82 2.25
CA VAL X 51 9.78 -9.48 2.79
C VAL X 51 10.49 -9.63 4.12
N LEU X 52 11.74 -9.20 4.19
CA LEU X 52 12.45 -9.06 5.47
C LEU X 52 12.13 -7.69 6.06
N VAL X 53 11.91 -7.66 7.37
CA VAL X 53 11.57 -6.44 8.10
C VAL X 53 12.34 -6.40 9.42
N HIS X 54 13.32 -5.50 9.51
CA HIS X 54 14.05 -5.26 10.76
C HIS X 54 13.22 -4.27 11.57
N THR X 55 12.77 -4.68 12.75
CA THR X 55 11.80 -3.89 13.52
C THR X 55 11.80 -4.12 15.04
N THR X 56 11.32 -3.10 15.77
CA THR X 56 11.03 -3.20 17.20
C THR X 56 9.52 -3.28 17.50
N LEU X 57 8.70 -3.30 16.44
CA LEU X 57 7.25 -3.47 16.59
C LEU X 57 6.95 -4.95 16.83
N PRO X 58 5.79 -5.26 17.44
CA PRO X 58 5.35 -6.66 17.46
C PRO X 58 5.05 -7.17 16.04
N SER X 59 5.30 -8.45 15.80
CA SER X 59 5.08 -9.09 14.51
C SER X 59 3.63 -8.96 14.03
N GLN X 60 2.69 -9.08 14.95
CA GLN X 60 1.26 -9.00 14.63
C GLN X 60 0.90 -7.63 14.00
N GLU X 61 1.49 -6.57 14.52
CA GLU X 61 1.28 -5.21 13.99
C GLU X 61 1.90 -5.03 12.60
N VAL X 62 3.08 -5.60 12.37
CA VAL X 62 3.77 -5.52 11.08
C VAL X 62 3.00 -6.33 10.03
N GLN X 63 2.52 -7.50 10.45
CA GLN X 63 1.67 -8.35 9.61
C GLN X 63 0.44 -7.59 9.12
N ALA X 64 -0.21 -6.87 10.03
CA ALA X 64 -1.41 -6.09 9.72
C ALA X 64 -1.17 -4.96 8.71
N LEU X 65 0.00 -4.34 8.75
CA LEU X 65 0.37 -3.31 7.75
C LEU X 65 0.55 -3.89 6.35
N LEU X 66 1.17 -5.06 6.27
CA LEU X 66 1.32 -5.79 4.99
C LEU X 66 -0.03 -6.27 4.43
N GLU X 67 -0.85 -6.86 5.31
CA GLU X 67 -2.24 -7.26 4.98
C GLU X 67 -3.09 -6.07 4.56
N GLY X 68 -2.84 -4.90 5.16
CA GLY X 68 -3.49 -3.65 4.76
C GLY X 68 -3.46 -3.30 3.27
N THR X 69 -2.52 -3.91 2.53
CA THR X 69 -2.47 -3.80 1.06
C THR X 69 -3.17 -4.98 0.37
N GLY X 70 -4.27 -5.47 0.95
CA GLY X 70 -4.98 -6.65 0.42
C GLY X 70 -4.21 -7.93 0.67
N ARG X 71 -3.51 -8.41 -0.37
CA ARG X 71 -2.60 -9.59 -0.33
C ARG X 71 -2.07 -10.02 1.06
N GLN X 72 -2.30 -11.30 1.39
CA GLN X 72 -1.95 -11.85 2.72
C GLN X 72 -0.44 -11.97 2.94
N ALA X 73 -0.06 -11.96 4.21
CA ALA X 73 1.35 -12.00 4.63
C ALA X 73 1.50 -12.96 5.81
N VAL X 74 2.14 -14.09 5.54
CA VAL X 74 2.36 -15.14 6.52
C VAL X 74 3.80 -15.02 7.05
N LEU X 75 3.96 -14.99 8.37
CA LEU X 75 5.29 -14.95 8.98
C LEU X 75 5.94 -16.33 8.88
N LYS X 76 7.00 -16.43 8.09
CA LYS X 76 7.71 -17.70 7.82
C LYS X 76 8.99 -17.92 8.63
N GLY X 77 9.61 -16.82 9.10
CA GLY X 77 10.85 -16.91 9.87
C GLY X 77 11.01 -15.75 10.83
N MET X 78 11.93 -15.92 11.78
CA MET X 78 12.23 -14.91 12.79
C MET X 78 13.66 -15.04 13.28
N GLY X 79 14.37 -13.93 13.39
CA GLY X 79 15.78 -13.94 13.80
C GLY X 79 16.26 -12.63 14.39
N SER X 80 17.52 -12.63 14.82
CA SER X 80 18.15 -11.48 15.48
C SER X 80 19.03 -10.70 14.48
N GLY X 81 19.90 -9.82 15.00
CA GLY X 81 20.92 -9.09 14.23
C GLY X 81 21.25 -9.59 12.83
N GLN X 82 21.74 -10.83 12.74
CA GLN X 82 22.14 -11.45 11.47
C GLN X 82 21.46 -12.83 11.32
N LEU X 83 22.02 -13.69 10.46
CA LEU X 83 21.69 -15.12 10.41
C LEU X 83 22.48 -15.90 11.48
N GLN X 84 21.84 -16.17 12.62
CA GLN X 84 22.34 -17.12 13.63
C GLN X 84 21.29 -18.21 13.93
N ASN X 85 20.10 -17.77 14.38
CA ASN X 85 19.03 -18.66 14.83
C ASN X 85 19.42 -19.42 16.10
N LEU X 86 19.30 -18.72 17.24
CA LEU X 86 19.51 -19.30 18.57
C LEU X 86 18.25 -19.92 19.17
N GLY X 87 17.14 -19.94 18.41
CA GLY X 87 15.89 -20.55 18.87
C GLY X 87 14.71 -19.64 18.62
N ALA X 88 13.73 -20.14 17.89
CA ALA X 88 12.46 -19.46 17.66
C ALA X 88 11.34 -20.37 18.14
N ALA X 89 10.26 -19.77 18.63
CA ALA X 89 9.08 -20.52 19.04
C ALA X 89 7.81 -19.68 19.01
N VAL X 90 6.68 -20.37 19.15
CA VAL X 90 5.35 -19.76 19.10
C VAL X 90 4.34 -20.54 19.96
N ALA X 91 3.38 -19.82 20.52
CA ALA X 91 2.30 -20.41 21.31
C ALA X 91 0.99 -19.81 20.85
N ILE X 92 0.13 -20.64 20.28
CA ILE X 92 -1.20 -20.24 19.87
C ILE X 92 -2.12 -20.51 21.06
N LEU X 93 -2.59 -19.43 21.69
CA LEU X 93 -3.44 -19.52 22.87
C LEU X 93 -4.90 -19.67 22.46
N GLY X 94 -5.59 -20.62 23.11
CA GLY X 94 -7.01 -20.87 22.89
C GLY X 94 -7.64 -21.61 24.05
N GLY X 95 -8.91 -21.99 23.88
CA GLY X 95 -9.65 -22.71 24.93
C GLY X 95 -11.17 -22.58 24.83
N PRO X 96 -11.86 -22.71 25.98
CA PRO X 96 -13.34 -22.77 26.00
C PRO X 96 -14.07 -21.41 25.90
N GLY X 97 -13.45 -20.32 26.36
CA GLY X 97 -14.07 -18.99 26.30
C GLY X 97 -13.84 -18.29 24.98
N THR X 98 -13.62 -16.97 25.03
CA THR X 98 -13.38 -16.14 23.84
C THR X 98 -11.92 -15.71 23.66
N VAL X 99 -11.06 -16.10 24.60
CA VAL X 99 -9.68 -15.62 24.64
C VAL X 99 -8.82 -16.38 23.64
N GLN X 100 -8.20 -15.65 22.71
CA GLN X 100 -7.32 -16.25 21.69
C GLN X 100 -6.21 -15.29 21.27
N GLY X 101 -5.02 -15.84 21.03
CA GLY X 101 -3.87 -15.04 20.66
C GLY X 101 -2.67 -15.84 20.18
N VAL X 102 -1.62 -15.12 19.83
CA VAL X 102 -0.37 -15.68 19.36
C VAL X 102 0.76 -14.95 20.10
N VAL X 103 1.69 -15.72 20.66
CA VAL X 103 2.83 -15.17 21.40
C VAL X 103 4.09 -15.86 20.90
N ARG X 104 5.05 -15.06 20.43
CA ARG X 104 6.26 -15.58 19.81
C ARG X 104 7.48 -15.36 20.72
N PHE X 105 8.33 -16.38 20.78
CA PHE X 105 9.58 -16.36 21.52
C PHE X 105 10.74 -16.33 20.53
N LEU X 106 11.76 -15.53 20.80
CA LEU X 106 12.97 -15.47 19.97
C LEU X 106 14.18 -15.27 20.87
N GLN X 107 15.11 -16.21 20.81
CA GLN X 107 16.34 -16.12 21.58
C GLN X 107 17.26 -15.15 20.85
N LEU X 108 17.39 -13.93 21.38
CA LEU X 108 18.19 -12.87 20.76
C LEU X 108 19.69 -13.14 20.89
N THR X 109 20.14 -13.34 22.13
CA THR X 109 21.50 -13.77 22.45
C THR X 109 21.38 -14.99 23.36
N PRO X 110 22.50 -15.71 23.61
CA PRO X 110 22.45 -16.86 24.52
C PRO X 110 21.77 -16.62 25.88
N GLU X 111 21.90 -15.40 26.43
CA GLU X 111 21.41 -15.08 27.76
C GLU X 111 20.19 -14.13 27.77
N ARG X 112 19.55 -13.90 26.62
CA ARG X 112 18.40 -12.99 26.52
C ARG X 112 17.37 -13.44 25.49
N CYS X 113 16.09 -13.43 25.88
CA CYS X 113 15.02 -13.98 25.05
C CYS X 113 13.89 -12.97 24.90
N LEU X 114 13.56 -12.65 23.65
CA LEU X 114 12.41 -11.79 23.33
C LEU X 114 11.12 -12.59 23.41
N ILE X 115 10.15 -12.09 24.19
CA ILE X 115 8.79 -12.63 24.23
C ILE X 115 7.87 -11.50 23.79
N GLU X 116 6.92 -11.80 22.91
CA GLU X 116 6.17 -10.78 22.19
C GLU X 116 4.92 -11.38 21.58
N GLY X 117 3.78 -10.72 21.77
CA GLY X 117 2.50 -11.27 21.31
C GLY X 117 1.29 -10.37 21.45
N THR X 118 0.17 -10.88 20.95
CA THR X 118 -1.12 -10.18 20.97
C THR X 118 -2.23 -11.15 21.34
N ILE X 119 -3.06 -10.78 22.31
CA ILE X 119 -4.09 -11.66 22.88
C ILE X 119 -5.44 -10.93 22.98
N ASP X 120 -6.41 -11.39 22.19
CA ASP X 120 -7.74 -10.79 22.15
C ASP X 120 -8.71 -11.51 23.07
N GLY X 121 -9.85 -10.87 23.32
CA GLY X 121 -10.97 -11.49 24.03
C GLY X 121 -10.94 -11.46 25.54
N LEU X 122 -10.02 -10.68 26.11
CA LEU X 122 -9.86 -10.59 27.57
C LEU X 122 -10.76 -9.51 28.15
N GLU X 123 -10.95 -9.55 29.48
CA GLU X 123 -11.53 -8.41 30.21
C GLU X 123 -10.58 -7.22 30.13
N PRO X 124 -11.09 -5.98 30.26
CA PRO X 124 -10.15 -4.87 30.45
C PRO X 124 -9.40 -5.02 31.78
N GLY X 125 -8.09 -4.80 31.76
CA GLY X 125 -7.27 -4.83 32.98
C GLY X 125 -6.06 -5.74 32.89
N LEU X 126 -5.57 -6.15 34.07
CA LEU X 126 -4.32 -6.90 34.19
C LEU X 126 -4.58 -8.40 34.32
N HIS X 127 -3.89 -9.17 33.46
CA HIS X 127 -4.00 -10.63 33.41
C HIS X 127 -2.61 -11.25 33.50
N GLY X 128 -2.44 -12.18 34.45
CA GLY X 128 -1.17 -12.90 34.60
C GLY X 128 -0.86 -13.80 33.42
N LEU X 129 0.42 -13.88 33.07
CA LEU X 129 0.91 -14.68 31.93
C LEU X 129 2.12 -15.52 32.36
N HIS X 130 1.99 -16.85 32.26
CA HIS X 130 3.04 -17.75 32.72
C HIS X 130 3.30 -18.91 31.77
N VAL X 131 4.56 -19.36 31.77
CA VAL X 131 4.94 -20.61 31.13
C VAL X 131 4.79 -21.70 32.18
N HIS X 132 3.84 -22.60 31.97
CA HIS X 132 3.64 -23.77 32.85
C HIS X 132 4.52 -24.92 32.35
N GLN X 133 4.68 -25.96 33.17
CA GLN X 133 5.73 -26.96 32.93
C GLN X 133 5.41 -27.99 31.85
N TYR X 134 4.15 -28.39 31.74
CA TYR X 134 3.74 -29.43 30.76
C TYR X 134 3.04 -28.84 29.53
N GLY X 135 3.15 -29.55 28.40
CA GLY X 135 2.45 -29.19 27.17
C GLY X 135 1.23 -30.07 26.93
N ASP X 136 0.51 -30.34 28.01
CA ASP X 136 -0.61 -31.28 28.03
C ASP X 136 -1.91 -30.47 27.98
N LEU X 137 -2.57 -30.50 26.83
CA LEU X 137 -3.84 -29.80 26.61
C LEU X 137 -5.04 -30.77 26.57
N THR X 138 -4.92 -31.89 27.27
CA THR X 138 -5.90 -32.96 27.21
C THR X 138 -7.12 -32.65 28.09
N ASN X 139 -6.91 -31.94 29.19
CA ASN X 139 -7.99 -31.37 30.03
C ASN X 139 -7.99 -29.83 29.91
N ASN X 140 -7.79 -29.34 28.69
CA ASN X 140 -7.48 -27.91 28.43
C ASN X 140 -6.28 -27.43 29.27
N CYS X 141 -6.38 -26.26 29.90
CA CYS X 141 -5.25 -25.68 30.62
C CYS X 141 -5.04 -26.37 31.96
N ASN X 142 -6.05 -27.05 32.48
CA ASN X 142 -5.98 -27.68 33.81
C ASN X 142 -4.94 -28.79 33.96
N SER X 143 -4.59 -29.46 32.85
CA SER X 143 -3.58 -30.53 32.85
C SER X 143 -2.15 -30.06 32.56
N CYS X 144 -1.95 -28.76 32.35
CA CYS X 144 -0.62 -28.21 32.09
C CYS X 144 0.33 -28.18 33.31
N GLY X 145 -0.18 -28.41 34.51
CA GLY X 145 0.66 -28.41 35.70
C GLY X 145 1.02 -26.99 36.11
N ASN X 146 1.99 -26.86 37.02
CA ASN X 146 2.29 -25.56 37.64
C ASN X 146 3.32 -24.74 36.88
N HIS X 147 3.55 -23.51 37.34
CA HIS X 147 4.50 -22.59 36.72
C HIS X 147 5.88 -23.25 36.62
N PHE X 148 6.43 -23.26 35.41
CA PHE X 148 7.73 -23.87 35.12
C PHE X 148 8.81 -23.31 36.06
N ASN X 149 9.37 -24.19 36.91
CA ASN X 149 10.23 -23.77 38.02
C ASN X 149 11.41 -24.73 38.27
N PRO X 150 12.33 -24.83 37.29
CA PRO X 150 13.48 -25.73 37.42
C PRO X 150 14.41 -25.42 38.59
N ASP X 151 14.58 -24.13 38.92
CA ASP X 151 15.48 -23.71 40.00
C ASP X 151 14.85 -23.79 41.39
N GLY X 152 13.58 -24.18 41.49
CA GLY X 152 12.90 -24.31 42.78
C GLY X 152 12.77 -22.97 43.49
N ALA X 153 12.47 -21.93 42.72
CA ALA X 153 12.29 -20.59 43.26
C ALA X 153 10.90 -20.39 43.84
N SER X 154 10.72 -19.25 44.49
CA SER X 154 9.42 -18.78 44.99
C SER X 154 8.76 -17.98 43.87
N HIS X 155 7.45 -17.77 43.94
CA HIS X 155 6.75 -16.97 42.92
C HIS X 155 7.07 -15.48 43.02
N GLY X 156 7.29 -14.86 41.87
CA GLY X 156 7.54 -13.41 41.79
C GLY X 156 7.15 -12.83 40.44
N GLY X 157 7.56 -11.58 40.20
CA GLY X 157 7.34 -10.89 38.93
C GLY X 157 8.64 -10.75 38.14
N PRO X 158 8.56 -10.25 36.89
CA PRO X 158 9.74 -10.03 36.03
C PRO X 158 10.90 -9.25 36.66
N GLN X 159 10.57 -8.30 37.53
CA GLN X 159 11.57 -7.51 38.25
C GLN X 159 12.27 -8.24 39.42
N ASP X 160 11.78 -9.42 39.80
CA ASP X 160 12.40 -10.24 40.87
C ASP X 160 13.28 -11.32 40.25
N SER X 161 14.54 -11.41 40.66
CA SER X 161 15.41 -12.48 40.15
C SER X 161 15.01 -13.84 40.76
N ASP X 162 14.69 -13.83 42.07
CA ASP X 162 14.02 -14.94 42.73
C ASP X 162 12.57 -15.02 42.21
N ARG X 163 12.41 -15.69 41.08
CA ARG X 163 11.09 -15.97 40.51
C ARG X 163 11.11 -17.35 39.86
N HIS X 164 9.93 -17.92 39.62
CA HIS X 164 9.82 -19.09 38.77
C HIS X 164 10.20 -18.64 37.36
N ARG X 165 10.95 -19.47 36.65
CA ARG X 165 11.41 -19.11 35.29
C ARG X 165 10.28 -18.73 34.33
N GLY X 166 9.14 -19.39 34.49
CA GLY X 166 7.94 -19.08 33.74
C GLY X 166 7.12 -17.87 34.17
N ASP X 167 7.59 -17.09 35.14
CA ASP X 167 6.85 -15.91 35.63
C ASP X 167 7.09 -14.65 34.77
N LEU X 168 6.20 -14.45 33.79
CA LEU X 168 6.29 -13.31 32.87
C LEU X 168 5.45 -12.11 33.34
N GLY X 169 4.85 -12.23 34.52
CA GLY X 169 4.15 -11.11 35.15
C GLY X 169 2.78 -10.88 34.59
N ASN X 170 2.37 -9.62 34.56
CA ASN X 170 1.05 -9.21 34.07
C ASN X 170 1.10 -8.67 32.67
N VAL X 171 -0.06 -8.65 32.05
CA VAL X 171 -0.26 -8.17 30.69
C VAL X 171 -1.56 -7.35 30.72
N ARG X 172 -1.48 -6.12 30.22
CA ARG X 172 -2.63 -5.20 30.25
C ARG X 172 -3.49 -5.40 29.02
N ALA X 173 -4.80 -5.54 29.23
CA ALA X 173 -5.78 -5.56 28.15
C ALA X 173 -6.56 -4.24 28.17
N ASP X 174 -6.69 -3.62 26.99
CA ASP X 174 -7.39 -2.34 26.84
C ASP X 174 -8.92 -2.51 26.88
N ALA X 175 -9.65 -1.42 26.62
CA ALA X 175 -11.13 -1.44 26.61
C ALA X 175 -11.73 -2.46 25.63
N ASP X 176 -11.08 -2.63 24.47
CA ASP X 176 -11.52 -3.58 23.44
C ASP X 176 -11.15 -5.04 23.73
N GLY X 177 -10.40 -5.28 24.81
CA GLY X 177 -10.02 -6.64 25.21
C GLY X 177 -8.77 -7.17 24.54
N ARG X 178 -8.05 -6.30 23.83
CA ARG X 178 -6.78 -6.67 23.19
C ARG X 178 -5.64 -6.30 24.13
N ALA X 179 -4.66 -7.21 24.23
CA ALA X 179 -3.49 -7.02 25.07
C ALA X 179 -2.24 -7.24 24.23
N ILE X 180 -1.55 -6.16 23.88
CA ILE X 180 -0.29 -6.20 23.14
C ILE X 180 0.86 -6.08 24.13
N PHE X 181 1.96 -6.80 23.86
CA PHE X 181 3.14 -6.71 24.69
C PHE X 181 4.41 -7.14 23.94
N ARG X 182 5.55 -6.71 24.48
CA ARG X 182 6.86 -7.04 23.96
C ARG X 182 7.86 -6.86 25.09
N MET X 183 8.54 -7.95 25.46
CA MET X 183 9.39 -7.99 26.65
C MET X 183 10.59 -8.93 26.47
N GLU X 184 11.67 -8.66 27.20
CA GLU X 184 12.88 -9.45 27.14
C GLU X 184 13.18 -10.08 28.48
N ASP X 185 13.25 -11.40 28.52
CA ASP X 185 13.49 -12.15 29.76
C ASP X 185 14.90 -12.73 29.68
N GLU X 186 15.68 -12.53 30.73
CA GLU X 186 17.06 -12.98 30.77
C GLU X 186 17.23 -14.35 31.44
N GLN X 187 16.17 -14.87 32.04
CA GLN X 187 16.17 -16.21 32.65
C GLN X 187 15.51 -17.28 31.78
N LEU X 188 14.44 -16.92 31.08
CA LEU X 188 13.75 -17.84 30.17
C LEU X 188 14.61 -18.05 28.91
N LYS X 189 14.65 -19.30 28.45
CA LYS X 189 15.38 -19.67 27.22
C LYS X 189 14.48 -20.52 26.37
N VAL X 190 14.45 -20.25 25.07
CA VAL X 190 13.52 -20.92 24.14
C VAL X 190 13.69 -22.44 24.27
N TRP X 191 14.94 -22.91 24.24
CA TRP X 191 15.29 -24.34 24.33
C TRP X 191 14.75 -25.04 25.57
N ASP X 192 14.79 -24.34 26.70
CA ASP X 192 14.27 -24.88 27.98
C ASP X 192 12.75 -25.03 28.01
N VAL X 193 12.02 -24.33 27.13
CA VAL X 193 10.53 -24.31 27.16
C VAL X 193 9.80 -24.86 25.92
N ILE X 194 10.52 -25.45 24.97
CA ILE X 194 9.88 -26.10 23.81
C ILE X 194 9.06 -27.27 24.33
N GLY X 195 7.82 -27.39 23.84
CA GLY X 195 6.92 -28.43 24.30
C GLY X 195 6.29 -28.24 25.67
N ARG X 196 6.52 -27.08 26.29
CA ARG X 196 5.82 -26.70 27.52
C ARG X 196 4.67 -25.78 27.11
N SER X 197 3.92 -25.24 28.07
CA SER X 197 2.76 -24.41 27.74
C SER X 197 2.86 -22.95 28.22
N LEU X 198 2.27 -22.04 27.45
CA LEU X 198 2.03 -20.65 27.85
C LEU X 198 0.57 -20.51 28.23
N ILE X 199 0.29 -19.87 29.37
CA ILE X 199 -1.08 -19.75 29.87
C ILE X 199 -1.36 -18.30 30.30
N ILE X 200 -2.54 -17.80 29.94
CA ILE X 200 -3.01 -16.51 30.43
C ILE X 200 -4.14 -16.72 31.45
N ASP X 201 -4.13 -15.89 32.49
CA ASP X 201 -4.97 -16.09 33.67
C ASP X 201 -6.14 -15.09 33.70
N GLU X 202 -7.14 -15.42 34.50
CA GLU X 202 -8.38 -14.63 34.67
C GLU X 202 -8.12 -13.22 35.19
N GLY X 203 -7.46 -13.15 36.34
CA GLY X 203 -7.19 -11.89 37.02
C GLY X 203 -5.71 -11.57 37.17
N GLU X 204 -5.44 -10.60 38.05
CA GLU X 204 -4.11 -10.02 38.20
C GLU X 204 -3.20 -10.87 39.08
N ASP X 205 -2.09 -11.32 38.50
CA ASP X 205 -0.88 -11.74 39.24
C ASP X 205 -0.40 -10.67 40.24
N ASP X 206 -0.40 -11.02 41.52
CA ASP X 206 0.09 -10.11 42.58
C ASP X 206 1.62 -10.13 42.76
N LEU X 207 2.30 -11.01 42.03
CA LEU X 207 3.76 -11.03 41.94
C LEU X 207 4.43 -11.44 43.27
N GLY X 208 3.75 -12.29 44.03
CA GLY X 208 4.24 -12.75 45.32
C GLY X 208 4.10 -11.78 46.48
N ARG X 209 3.44 -10.65 46.24
CA ARG X 209 3.37 -9.57 47.22
C ARG X 209 1.99 -9.41 47.86
N GLY X 210 1.02 -10.23 47.46
CA GLY X 210 -0.37 -10.05 47.86
C GLY X 210 -0.71 -10.39 49.29
N GLY X 211 0.16 -11.11 49.99
CA GLY X 211 -0.08 -11.53 51.37
C GLY X 211 -1.20 -12.55 51.48
N HIS X 212 -1.35 -13.38 50.46
CA HIS X 212 -2.44 -14.33 50.34
C HIS X 212 -1.79 -15.71 50.16
N PRO X 213 -2.44 -16.82 50.62
CA PRO X 213 -1.79 -18.15 50.55
C PRO X 213 -1.21 -18.51 49.19
N LEU X 214 -1.96 -18.30 48.13
CA LEU X 214 -1.46 -18.51 46.77
C LEU X 214 -0.44 -17.48 46.23
N SER X 215 -0.17 -16.39 46.97
CA SER X 215 0.74 -15.34 46.46
C SER X 215 2.12 -15.85 46.11
N LYS X 216 2.75 -16.62 47.00
CA LYS X 216 4.08 -17.19 46.75
C LYS X 216 4.07 -18.48 45.90
N ILE X 217 2.89 -18.98 45.53
CA ILE X 217 2.73 -20.16 44.67
C ILE X 217 2.31 -19.79 43.25
N THR X 218 1.16 -19.15 43.08
CA THR X 218 0.64 -18.75 41.75
C THR X 218 0.53 -17.24 41.49
N GLY X 219 0.66 -16.43 42.53
CA GLY X 219 0.33 -15.01 42.44
C GLY X 219 -1.17 -14.70 42.47
N ASN X 220 -2.00 -15.69 42.81
CA ASN X 220 -3.44 -15.52 42.98
C ASN X 220 -4.13 -14.82 41.79
N SER X 221 -3.82 -15.29 40.59
CA SER X 221 -4.37 -14.69 39.36
C SER X 221 -5.70 -15.31 38.92
N GLY X 222 -6.30 -16.15 39.75
CA GLY X 222 -7.58 -16.77 39.44
C GLY X 222 -7.45 -17.90 38.44
N GLU X 223 -8.53 -18.17 37.72
CA GLU X 223 -8.61 -19.32 36.81
C GLU X 223 -7.72 -19.13 35.59
N ARG X 224 -7.52 -20.21 34.82
CA ARG X 224 -6.76 -20.18 33.57
C ARG X 224 -7.73 -20.03 32.40
N LEU X 225 -7.63 -18.93 31.64
CA LEU X 225 -8.58 -18.65 30.53
C LEU X 225 -8.22 -19.29 29.19
N ALA X 226 -6.94 -19.26 28.83
CA ALA X 226 -6.48 -19.81 27.57
C ALA X 226 -5.06 -20.33 27.69
N CYS X 227 -4.72 -21.28 26.83
CA CYS X 227 -3.41 -21.93 26.85
C CYS X 227 -2.99 -22.40 25.46
N GLY X 228 -1.71 -22.67 25.33
CA GLY X 228 -1.15 -23.25 24.11
C GLY X 228 0.18 -23.89 24.42
N ILE X 229 0.63 -24.76 23.51
CA ILE X 229 1.95 -25.37 23.61
C ILE X 229 2.97 -24.46 22.94
N ILE X 230 4.13 -24.31 23.57
CA ILE X 230 5.22 -23.51 23.02
C ILE X 230 5.93 -24.37 21.96
N ALA X 231 5.57 -24.13 20.71
CA ALA X 231 5.95 -24.97 19.60
C ALA X 231 7.11 -24.37 18.81
N ARG X 232 8.00 -25.23 18.31
CA ARG X 232 9.12 -24.82 17.46
C ARG X 232 8.61 -24.06 16.24
N SER X 233 9.20 -22.91 15.95
CA SER X 233 8.93 -22.22 14.69
C SER X 233 10.24 -21.99 13.96
N ALA X 234 10.14 -21.58 12.70
CA ALA X 234 11.31 -21.41 11.84
C ALA X 234 12.11 -20.15 12.14
N GLY X 235 13.44 -20.26 11.99
CA GLY X 235 14.32 -19.11 11.94
C GLY X 235 14.30 -18.47 10.56
N LEU X 236 15.25 -17.57 10.33
CA LEU X 236 15.38 -16.91 9.04
C LEU X 236 15.83 -17.91 7.98
N PHE X 237 15.09 -17.97 6.88
CA PHE X 237 15.39 -18.81 5.70
C PHE X 237 15.31 -20.33 5.93
N GLN X 238 14.70 -20.77 7.05
CA GLN X 238 14.63 -22.19 7.41
C GLN X 238 13.35 -22.90 6.95
N ASN X 239 12.42 -22.16 6.35
CA ASN X 239 11.17 -22.73 5.87
C ASN X 239 10.85 -22.29 4.43
N PRO X 240 11.68 -22.73 3.46
CA PRO X 240 11.37 -22.50 2.05
C PRO X 240 10.25 -23.41 1.58
ZN ZN Y . -24.31 -12.33 16.21
C1 PPI Z . -15.12 -7.57 2.25
C2 PPI Z . -16.14 -7.01 1.28
C3 PPI Z . -17.51 -7.01 1.91
O1 PPI Z . -15.03 -8.81 2.36
O2 PPI Z . -14.42 -6.77 2.91
C1 PPI AA . -14.31 9.43 -0.39
C2 PPI AA . -14.04 9.70 1.08
C3 PPI AA . -12.66 10.28 1.27
O1 PPI AA . -13.60 8.59 -0.98
O2 PPI AA . -15.25 10.04 -0.94
C1 GOL BA . -28.48 8.10 32.73
O1 GOL BA . -27.62 7.04 33.21
C2 GOL BA . -28.81 7.85 31.26
O2 GOL BA . -29.60 6.66 31.13
C3 GOL BA . -29.56 9.07 30.69
O3 GOL BA . -30.91 9.11 31.13
ZN ZN CA . -43.65 2.37 -15.08
ZN ZN DA . -26.23 55.78 -3.47
ZN ZN EA . -25.02 24.50 -27.70
ZN ZN FA . -54.04 39.55 -46.54
ZN ZN GA . -44.96 24.19 -11.29
ZN ZN HA . 14.69 14.16 -13.11
ZN ZN IA . 49.82 32.27 -12.55
ZN ZN JA . -28.21 -24.75 -35.94
C1 PPI KA . -37.21 -0.36 -40.68
C2 PPI KA . -37.95 -1.53 -41.28
C3 PPI KA . -38.15 -2.64 -40.26
O1 PPI KA . -36.24 0.13 -41.31
O2 PPI KA . -37.60 0.11 -39.59
ZN ZN LA . -18.50 7.66 -15.37
ZN ZN MA . 9.17 17.26 -48.49
C1 PPI NA . 23.77 32.77 -33.87
C2 PPI NA . 25.25 32.75 -33.59
C3 PPI NA . 25.87 31.38 -33.82
O1 PPI NA . 23.32 32.21 -34.90
O2 PPI NA . 23.03 33.40 -33.08
C1 PPI OA . 31.11 31.16 -33.36
C2 PPI OA . 31.04 30.48 -32.02
C3 PPI OA . 29.74 30.80 -31.32
O1 PPI OA . 30.30 30.80 -34.24
O2 PPI OA . 31.96 32.06 -33.54
ZN ZN PA . 37.95 -6.86 -60.49
ZN ZN QA . 34.09 59.57 7.94
ZN ZN RA . 33.31 43.26 -28.02
ZN ZN SA . 39.23 -3.83 32.32
ZN ZN TA . 21.28 -38.15 40.27
ZN ZN UA . -0.72 -17.23 88.95
ZN ZN VA . -6.86 -30.79 52.44
C1 PPI WA . -12.67 -43.89 47.13
C2 PPI WA . -13.05 -43.92 48.59
C3 PPI WA . -14.50 -43.54 48.79
O1 PPI WA . -13.52 -44.22 46.26
O2 PPI WA . -11.50 -43.54 46.83
ZN ZN XA . -11.08 -65.21 67.48
ZN ZN YA . 16.11 -36.89 61.89
ZN ZN ZA . 11.95 -30.13 -74.08
ZN ZN AB . 25.53 -15.23 -39.89
ZN ZN BB . 7.95 -38.09 5.08
ZN ZN CB . 5.10 -18.37 39.27
#